data_9HFZ
#
_entry.id   9HFZ
#
_cell.length_a   112.910
_cell.length_b   145.910
_cell.length_c   146.210
_cell.angle_alpha   90.000
_cell.angle_beta   95.628
_cell.angle_gamma   90.000
#
_symmetry.space_group_name_H-M   'P 1 21 1'
#
loop_
_entity.id
_entity.type
_entity.pdbx_description
1 polymer 'GMP reductase'
2 non-polymer 'INOSINIC ACID'
#
_entity_poly.entity_id   1
_entity_poly.type   'polypeptide(L)'
_entity_poly.pdbx_seq_one_letter_code
;MVRFLDGHTPAYDLTYNDVFVVPGRSDVASRFDVDLSTVDGSGTTIPVVVANMTAVAGRRMAETVARRGGIVVLPQDLPI
TAVSETVDFVKSRDLVVDTPVTLSPEDSVSDANALLHKRAHGAAVVVFEGRPIGLVTEANCAGVDRFARVRDIALSDFVT
APVGTDPREVFDLLEHAPIDVAVMTAPDGTLAGVLTRTGAIRAGIYTPAVDAKGRLRIAAAVGINGDVGAKAQALAEAGA
DLLVIDTAHGHQAKMLDAIKAVASLDLGLPLVAGNVVSAEGTRDLIEAGASIVKVGVGPGAMCTTRMMTGVGRPQFSAVV
ECAAAARQLGGHVWADGGVRHPRDVALALAAGASNVMIGSWFAGTYESPGDLLFDRDDRPYKESYGMASKRAVAARTAGD
SSFDRARKGLFEEGISTSRMSLDPARGGVEDLLDHITSGVRSTCTYVGAANLPELHEKVVLGVQSAAGFAEGHPLPAGWT
AAAKEDLEHHHHHHHH
;
_entity_poly.pdbx_strand_id   A,B,C,D,E,F,G,H
#
# COMPACT_ATOMS: atom_id res chain seq x y z
N VAL A 2 26.81 25.74 40.90
CA VAL A 2 26.76 24.84 39.74
C VAL A 2 28.13 24.18 39.57
N ARG A 3 28.34 23.08 40.30
CA ARG A 3 29.58 22.33 40.24
C ARG A 3 29.35 21.01 39.50
N PHE A 4 30.40 20.51 38.87
CA PHE A 4 30.35 19.28 38.11
C PHE A 4 31.22 18.22 38.77
N LEU A 5 30.99 16.97 38.37
CA LEU A 5 31.83 15.88 38.84
C LEU A 5 33.26 16.07 38.35
N ASP A 6 34.22 15.72 39.20
CA ASP A 6 35.63 15.90 38.87
C ASP A 6 35.98 15.18 37.57
N GLY A 7 36.44 15.95 36.59
CA GLY A 7 36.80 15.44 35.28
C GLY A 7 35.85 15.88 34.17
N HIS A 8 34.60 16.18 34.51
CA HIS A 8 33.59 16.55 33.52
C HIS A 8 33.78 18.00 33.09
N THR A 9 34.90 18.24 32.40
CA THR A 9 35.23 19.53 31.80
C THR A 9 35.37 19.31 30.30
N PRO A 10 34.26 19.22 29.56
CA PRO A 10 34.34 18.90 28.15
C PRO A 10 34.88 20.06 27.32
N ALA A 11 35.48 19.72 26.19
CA ALA A 11 35.99 20.71 25.25
C ALA A 11 34.91 21.26 24.33
N TYR A 12 33.71 21.46 24.85
CA TYR A 12 32.58 21.96 24.08
C TYR A 12 31.53 22.48 25.04
N ASP A 13 30.54 23.19 24.48
CA ASP A 13 29.43 23.68 25.26
C ASP A 13 28.33 22.62 25.33
N LEU A 14 27.49 22.74 26.35
CA LEU A 14 26.52 21.71 26.71
C LEU A 14 25.11 22.18 26.40
N THR A 15 24.32 21.29 25.80
CA THR A 15 22.89 21.51 25.64
C THR A 15 22.16 20.86 26.81
N TYR A 16 20.83 20.94 26.80
CA TYR A 16 20.05 20.25 27.81
C TYR A 16 20.20 18.74 27.72
N ASN A 17 20.47 18.22 26.51
CA ASN A 17 20.69 16.80 26.32
C ASN A 17 22.10 16.35 26.69
N ASP A 18 23.00 17.29 26.99
CA ASP A 18 24.39 16.95 27.29
C ASP A 18 24.66 16.68 28.76
N VAL A 19 23.77 17.08 29.66
CA VAL A 19 24.04 17.06 31.08
C VAL A 19 22.98 16.26 31.82
N PHE A 20 23.34 15.84 33.04
CA PHE A 20 22.44 15.16 33.94
C PHE A 20 22.72 15.63 35.36
N VAL A 21 21.74 15.43 36.24
CA VAL A 21 21.83 15.85 37.63
C VAL A 21 22.05 14.63 38.51
N VAL A 22 23.10 14.66 39.33
CA VAL A 22 23.38 13.59 40.27
C VAL A 22 22.59 13.83 41.55
N PRO A 23 21.84 12.84 42.03
CA PRO A 23 21.09 13.04 43.27
C PRO A 23 22.02 13.16 44.48
N GLY A 24 21.59 13.95 45.46
CA GLY A 24 22.32 14.15 46.68
C GLY A 24 21.49 13.83 47.91
N ARG A 25 22.13 13.93 49.06
CA ARG A 25 21.45 13.69 50.33
C ARG A 25 20.36 14.73 50.54
N SER A 26 19.18 14.27 50.96
CA SER A 26 18.02 15.13 51.02
C SER A 26 17.19 14.83 52.27
N ASP A 27 16.63 15.88 52.86
CA ASP A 27 15.61 15.75 53.89
C ASP A 27 14.27 16.34 53.44
N VAL A 28 14.10 16.52 52.14
CA VAL A 28 12.85 17.00 51.55
C VAL A 28 12.08 15.78 51.06
N ALA A 29 11.00 15.44 51.77
CA ALA A 29 10.26 14.23 51.45
C ALA A 29 9.29 14.44 50.29
N SER A 30 8.40 15.42 50.40
CA SER A 30 7.31 15.61 49.46
C SER A 30 7.62 16.72 48.47
N ARG A 31 7.08 16.59 47.26
CA ARG A 31 7.15 17.67 46.28
C ARG A 31 6.54 18.95 46.82
N PHE A 32 5.49 18.84 47.63
CA PHE A 32 4.77 20.01 48.13
C PHE A 32 5.56 20.79 49.16
N ASP A 33 6.66 20.24 49.69
CA ASP A 33 7.52 20.97 50.60
C ASP A 33 8.45 21.94 49.87
N VAL A 34 8.56 21.84 48.56
CA VAL A 34 9.45 22.68 47.76
C VAL A 34 8.75 23.98 47.42
N ASP A 35 9.49 25.08 47.57
CA ASP A 35 8.98 26.41 47.24
C ASP A 35 9.48 26.79 45.85
N LEU A 36 8.55 26.88 44.90
CA LEU A 36 8.89 27.22 43.52
C LEU A 36 8.81 28.71 43.24
N SER A 37 8.69 29.54 44.28
CA SER A 37 8.60 30.98 44.10
C SER A 37 9.92 31.54 43.56
N THR A 38 9.82 32.61 42.80
CA THR A 38 10.98 33.29 42.23
C THR A 38 11.31 34.55 43.01
N VAL A 39 12.57 34.98 42.90
CA VAL A 39 13.08 36.14 43.62
C VAL A 39 13.67 37.17 42.66
N ASP A 40 13.24 37.14 41.39
CA ASP A 40 13.74 38.05 40.37
C ASP A 40 12.85 39.27 40.17
N GLY A 41 11.81 39.43 40.99
CA GLY A 41 10.92 40.57 40.89
C GLY A 41 9.76 40.40 39.94
N SER A 42 9.67 39.26 39.23
CA SER A 42 8.54 39.03 38.33
C SER A 42 7.24 38.81 39.10
N GLY A 43 7.32 38.29 40.33
CA GLY A 43 6.15 38.00 41.11
C GLY A 43 5.55 36.63 40.89
N THR A 44 6.19 35.78 40.09
CA THR A 44 5.68 34.45 39.82
C THR A 44 5.95 33.51 40.98
N THR A 45 5.01 32.59 41.23
CA THR A 45 5.18 31.56 42.24
C THR A 45 5.62 30.23 41.67
N ILE A 46 5.65 30.09 40.35
CA ILE A 46 6.24 28.93 39.68
C ILE A 46 7.21 29.44 38.63
N PRO A 47 8.30 28.72 38.33
CA PRO A 47 9.30 29.20 37.37
C PRO A 47 8.92 28.98 35.91
N VAL A 48 7.75 29.48 35.53
CA VAL A 48 7.22 29.33 34.17
C VAL A 48 6.84 30.70 33.65
N VAL A 49 7.43 31.09 32.53
CA VAL A 49 7.11 32.33 31.83
C VAL A 49 6.73 32.00 30.39
N VAL A 50 5.65 32.60 29.90
CA VAL A 50 5.17 32.36 28.55
C VAL A 50 5.80 33.40 27.61
N ALA A 51 6.31 32.92 26.48
CA ALA A 51 7.03 33.78 25.56
C ALA A 51 6.11 34.80 24.90
N ASN A 52 6.70 35.94 24.52
CA ASN A 52 5.98 37.02 23.86
C ASN A 52 5.79 36.67 22.37
N MET A 53 4.89 35.73 22.14
CA MET A 53 4.58 35.25 20.79
C MET A 53 3.07 35.26 20.61
N THR A 54 2.62 35.79 19.47
CA THR A 54 1.18 35.87 19.20
C THR A 54 0.54 34.50 19.14
N ALA A 55 1.31 33.47 18.77
CA ALA A 55 0.78 32.11 18.74
C ALA A 55 0.58 31.52 20.12
N VAL A 56 1.09 32.17 21.17
CA VAL A 56 1.06 31.60 22.51
C VAL A 56 0.42 32.58 23.49
N ALA A 57 0.72 33.87 23.33
CA ALA A 57 0.38 34.88 24.33
C ALA A 57 -0.95 35.54 23.99
N GLY A 58 -2.04 34.82 24.30
CA GLY A 58 -3.37 35.36 24.21
C GLY A 58 -3.92 35.76 25.59
N ARG A 59 -5.13 36.33 25.57
CA ARG A 59 -5.75 36.74 26.81
C ARG A 59 -6.25 35.55 27.61
N ARG A 60 -6.67 34.48 26.93
CA ARG A 60 -6.99 33.25 27.65
C ARG A 60 -5.74 32.62 28.24
N MET A 61 -4.57 32.90 27.63
CA MET A 61 -3.32 32.39 28.17
C MET A 61 -2.91 33.19 29.41
N ALA A 62 -2.95 34.52 29.32
CA ALA A 62 -2.53 35.36 30.43
C ALA A 62 -3.37 35.10 31.68
N GLU A 63 -4.67 34.86 31.49
CA GLU A 63 -5.53 34.53 32.62
C GLU A 63 -5.17 33.19 33.23
N THR A 64 -4.87 32.19 32.39
CA THR A 64 -4.72 30.83 32.88
C THR A 64 -3.43 30.65 33.68
N VAL A 65 -2.31 31.21 33.20
CA VAL A 65 -1.03 30.98 33.87
C VAL A 65 -0.90 31.84 35.12
N ALA A 66 -1.34 33.10 35.04
CA ALA A 66 -1.25 34.00 36.19
C ALA A 66 -2.03 33.46 37.38
N ARG A 67 -3.18 32.83 37.12
CA ARG A 67 -3.93 32.18 38.19
C ARG A 67 -3.15 31.01 38.79
N ARG A 68 -2.34 30.33 37.99
CA ARG A 68 -1.55 29.20 38.45
C ARG A 68 -0.14 29.60 38.88
N GLY A 69 0.16 30.90 38.92
CA GLY A 69 1.41 31.38 39.45
C GLY A 69 2.44 31.80 38.42
N GLY A 70 2.18 31.58 37.13
CA GLY A 70 3.08 32.01 36.09
C GLY A 70 2.80 33.43 35.64
N ILE A 71 3.46 33.81 34.54
CA ILE A 71 3.26 35.12 33.94
C ILE A 71 3.36 34.97 32.42
N VAL A 72 2.57 35.77 31.71
CA VAL A 72 2.54 35.75 30.26
C VAL A 72 2.95 37.13 29.76
N VAL A 73 3.90 37.15 28.83
CA VAL A 73 4.41 38.39 28.24
C VAL A 73 3.67 38.62 26.94
N LEU A 74 2.93 39.72 26.85
CA LEU A 74 2.23 40.03 25.62
C LEU A 74 3.22 40.31 24.50
N PRO A 75 2.94 39.88 23.27
CA PRO A 75 3.89 40.09 22.18
C PRO A 75 4.06 41.56 21.85
N GLN A 76 5.27 41.92 21.44
CA GLN A 76 5.57 43.29 21.05
C GLN A 76 4.78 43.68 19.80
N ASP A 77 4.64 44.99 19.61
CA ASP A 77 3.93 45.62 18.51
C ASP A 77 2.42 45.41 18.57
N LEU A 78 1.91 44.76 19.62
CA LEU A 78 0.47 44.67 19.80
C LEU A 78 -0.11 46.06 20.01
N PRO A 79 -1.18 46.43 19.33
CA PRO A 79 -1.74 47.78 19.50
C PRO A 79 -2.11 48.04 20.96
N ILE A 80 -1.85 49.27 21.40
CA ILE A 80 -2.03 49.62 22.81
C ILE A 80 -3.51 49.52 23.20
N THR A 81 -4.41 49.74 22.25
CA THR A 81 -5.83 49.56 22.53
C THR A 81 -6.15 48.09 22.82
N ALA A 82 -5.52 47.17 22.09
CA ALA A 82 -5.72 45.75 22.35
C ALA A 82 -5.03 45.33 23.65
N VAL A 83 -3.89 45.93 23.98
CA VAL A 83 -3.22 45.62 25.25
C VAL A 83 -4.08 46.06 26.42
N SER A 84 -4.62 47.27 26.36
CA SER A 84 -5.44 47.79 27.45
C SER A 84 -6.66 46.90 27.69
N GLU A 85 -7.34 46.48 26.62
CA GLU A 85 -8.46 45.56 26.78
C GLU A 85 -8.01 44.19 27.28
N THR A 86 -6.82 43.74 26.85
CA THR A 86 -6.31 42.46 27.33
C THR A 86 -5.91 42.55 28.80
N VAL A 87 -5.21 43.63 29.19
CA VAL A 87 -4.79 43.78 30.58
C VAL A 87 -6.00 43.88 31.49
N ASP A 88 -6.99 44.70 31.11
CA ASP A 88 -8.19 44.85 31.94
C ASP A 88 -8.92 43.53 32.11
N PHE A 89 -8.91 42.68 31.08
CA PHE A 89 -9.54 41.37 31.20
C PHE A 89 -8.84 40.51 32.25
N VAL A 90 -7.50 40.43 32.17
CA VAL A 90 -6.74 39.61 33.11
C VAL A 90 -6.83 40.18 34.52
N LYS A 91 -6.83 41.51 34.65
CA LYS A 91 -6.90 42.13 35.96
C LYS A 91 -8.29 42.02 36.58
N SER A 92 -9.29 41.54 35.84
CA SER A 92 -10.65 41.40 36.34
C SER A 92 -11.04 39.95 36.61
N ARG A 93 -10.13 38.99 36.40
CA ARG A 93 -10.45 37.60 36.59
C ARG A 93 -10.36 37.20 38.06
N ASP A 94 -11.16 36.21 38.44
CA ASP A 94 -11.13 35.70 39.80
C ASP A 94 -9.85 34.92 40.05
N LEU A 95 -9.36 34.99 41.28
CA LEU A 95 -8.12 34.31 41.63
C LEU A 95 -8.27 32.79 41.69
N VAL A 96 -9.50 32.29 41.78
CA VAL A 96 -9.77 30.86 41.87
C VAL A 96 -10.71 30.40 40.75
N VAL A 97 -11.78 31.14 40.53
CA VAL A 97 -12.79 30.75 39.55
C VAL A 97 -12.30 31.15 38.15
N ASP A 98 -12.42 30.23 37.21
CA ASP A 98 -11.96 30.44 35.84
C ASP A 98 -13.11 30.91 34.96
N THR A 99 -12.75 31.50 33.82
CA THR A 99 -13.73 32.06 32.90
C THR A 99 -14.12 31.02 31.87
N PRO A 100 -15.39 30.63 31.77
CA PRO A 100 -15.79 29.63 30.79
C PRO A 100 -16.09 30.24 29.43
N VAL A 101 -16.17 29.36 28.42
CA VAL A 101 -16.72 29.75 27.13
C VAL A 101 -18.22 29.94 27.27
N THR A 102 -18.74 31.02 26.73
CA THR A 102 -20.16 31.36 26.85
C THR A 102 -20.86 31.15 25.51
N LEU A 103 -22.15 30.83 25.59
CA LEU A 103 -22.96 30.57 24.42
C LEU A 103 -24.29 31.30 24.54
N SER A 104 -24.83 31.69 23.39
CA SER A 104 -26.18 32.23 23.34
C SER A 104 -27.16 31.16 22.88
N PRO A 105 -28.39 31.16 23.37
CA PRO A 105 -29.38 30.17 22.92
C PRO A 105 -29.64 30.19 21.42
N GLU A 106 -29.32 31.30 20.73
CA GLU A 106 -29.54 31.41 19.30
C GLU A 106 -28.31 31.09 18.47
N ASP A 107 -27.17 30.81 19.11
CA ASP A 107 -25.99 30.41 18.37
C ASP A 107 -26.20 29.03 17.75
N SER A 108 -25.33 28.70 16.79
CA SER A 108 -25.39 27.41 16.12
C SER A 108 -24.49 26.39 16.80
N VAL A 109 -24.88 25.11 16.68
CA VAL A 109 -24.05 24.03 17.19
C VAL A 109 -22.66 24.07 16.54
N SER A 110 -22.63 24.36 15.23
CA SER A 110 -21.37 24.59 14.53
C SER A 110 -20.42 25.47 15.34
N ASP A 111 -20.94 26.55 15.91
CA ASP A 111 -20.12 27.41 16.76
C ASP A 111 -19.83 26.75 18.10
N ALA A 112 -20.85 26.15 18.72
CA ALA A 112 -20.69 25.53 20.04
C ALA A 112 -19.57 24.49 20.04
N ASN A 113 -19.47 23.71 18.97
CA ASN A 113 -18.36 22.76 18.86
C ASN A 113 -17.03 23.47 18.76
N ALA A 114 -16.96 24.53 17.96
CA ALA A 114 -15.70 25.26 17.80
C ALA A 114 -15.35 26.05 19.05
N LEU A 115 -16.34 26.71 19.66
CA LEU A 115 -16.09 27.45 20.89
C LEU A 115 -15.69 26.55 22.05
N LEU A 116 -16.09 25.27 22.01
CA LEU A 116 -15.82 24.38 23.13
C LEU A 116 -14.33 24.21 23.37
N HIS A 117 -13.55 24.08 22.31
CA HIS A 117 -12.13 23.77 22.41
C HIS A 117 -11.27 24.97 22.75
N LYS A 118 -11.87 26.09 23.15
CA LYS A 118 -11.10 27.23 23.62
C LYS A 118 -10.74 27.13 25.09
N ARG A 119 -11.38 26.25 25.83
CA ARG A 119 -11.09 26.01 27.24
C ARG A 119 -10.93 24.52 27.48
N ALA A 120 -10.39 24.18 28.63
CA ALA A 120 -10.23 22.79 29.05
C ALA A 120 -11.33 22.33 29.98
N HIS A 121 -12.42 23.10 30.08
CA HIS A 121 -13.51 22.77 31.00
C HIS A 121 -14.38 21.63 30.49
N GLY A 122 -14.32 21.33 29.19
CA GLY A 122 -15.14 20.28 28.63
C GLY A 122 -16.61 20.59 28.53
N ALA A 123 -17.02 21.82 28.81
CA ALA A 123 -18.41 22.22 28.70
C ALA A 123 -18.49 23.73 28.62
N ALA A 124 -19.49 24.22 27.88
CA ALA A 124 -19.74 25.63 27.72
C ALA A 124 -21.04 26.01 28.42
N VAL A 125 -21.08 27.24 28.95
CA VAL A 125 -22.24 27.74 29.68
C VAL A 125 -23.04 28.64 28.75
N VAL A 126 -24.29 28.27 28.50
CA VAL A 126 -25.19 29.13 27.72
C VAL A 126 -25.76 30.20 28.63
N VAL A 127 -25.71 31.45 28.18
CA VAL A 127 -26.00 32.61 29.02
C VAL A 127 -27.15 33.40 28.41
N PHE A 128 -28.07 33.84 29.26
CA PHE A 128 -29.12 34.79 28.88
C PHE A 128 -29.02 35.98 29.82
N GLU A 129 -28.61 37.13 29.26
CA GLU A 129 -28.46 38.37 30.02
C GLU A 129 -27.60 38.17 31.26
N GLY A 130 -26.43 37.57 31.06
CA GLY A 130 -25.47 37.38 32.13
C GLY A 130 -25.73 36.20 33.05
N ARG A 131 -26.83 35.49 32.88
CA ARG A 131 -27.14 34.41 33.82
C ARG A 131 -27.07 33.05 33.15
N PRO A 132 -26.52 32.05 33.84
CA PRO A 132 -26.41 30.70 33.25
C PRO A 132 -27.76 30.00 33.21
N ILE A 133 -28.03 29.31 32.11
CA ILE A 133 -29.28 28.59 31.95
C ILE A 133 -29.04 27.14 31.58
N GLY A 134 -27.79 26.77 31.33
CA GLY A 134 -27.50 25.39 31.00
C GLY A 134 -26.05 25.18 30.62
N LEU A 135 -25.72 23.92 30.36
CA LEU A 135 -24.40 23.49 29.94
C LEU A 135 -24.47 22.77 28.60
N VAL A 136 -23.42 22.91 27.80
CA VAL A 136 -23.30 22.23 26.52
C VAL A 136 -21.98 21.48 26.48
N THR A 137 -22.03 20.19 26.17
CA THR A 137 -20.86 19.34 26.05
C THR A 137 -20.71 18.89 24.60
N GLU A 138 -19.51 18.39 24.28
CA GLU A 138 -19.29 17.84 22.95
C GLU A 138 -20.18 16.64 22.68
N ALA A 139 -20.48 15.85 23.71
CA ALA A 139 -21.44 14.76 23.56
C ALA A 139 -22.82 15.29 23.20
N ASN A 140 -23.19 16.45 23.75
CA ASN A 140 -24.48 17.03 23.41
C ASN A 140 -24.54 17.46 21.95
N CYS A 141 -23.40 17.78 21.35
CA CYS A 141 -23.34 18.23 19.96
C CYS A 141 -23.25 17.07 18.98
N ALA A 142 -22.87 15.87 19.43
CA ALA A 142 -22.74 14.74 18.53
C ALA A 142 -24.11 14.24 18.08
N GLY A 143 -24.21 13.86 16.81
CA GLY A 143 -25.41 13.28 16.27
C GLY A 143 -26.55 14.24 16.00
N VAL A 144 -26.35 15.53 16.20
CA VAL A 144 -27.38 16.53 15.94
C VAL A 144 -26.97 17.36 14.73
N ASP A 145 -27.95 18.03 14.15
CA ASP A 145 -27.69 18.93 13.02
C ASP A 145 -26.78 20.08 13.46
N ARG A 146 -25.71 20.31 12.70
CA ARG A 146 -24.76 21.36 13.05
C ARG A 146 -25.38 22.75 12.94
N PHE A 147 -26.51 22.89 12.26
CA PHE A 147 -27.21 24.17 12.16
C PHE A 147 -28.32 24.32 13.19
N ALA A 148 -28.36 23.42 14.18
CA ALA A 148 -29.33 23.54 15.26
C ALA A 148 -28.87 24.61 16.25
N ARG A 149 -29.80 25.05 17.10
CA ARG A 149 -29.50 26.08 18.06
C ARG A 149 -29.03 25.46 19.38
N VAL A 150 -28.31 26.26 20.15
CA VAL A 150 -27.78 25.80 21.44
C VAL A 150 -28.92 25.41 22.37
N ARG A 151 -30.09 26.04 22.21
CA ARG A 151 -31.22 25.75 23.08
C ARG A 151 -31.71 24.32 22.92
N ASP A 152 -31.47 23.71 21.75
CA ASP A 152 -32.01 22.38 21.47
C ASP A 152 -31.16 21.25 22.05
N ILE A 153 -29.91 21.53 22.42
CA ILE A 153 -29.02 20.51 22.95
C ILE A 153 -28.52 20.83 24.35
N ALA A 154 -28.86 21.99 24.89
CA ALA A 154 -28.33 22.39 26.19
C ALA A 154 -28.93 21.55 27.30
N LEU A 155 -28.10 21.23 28.30
CA LEU A 155 -28.53 20.49 29.48
C LEU A 155 -28.93 21.48 30.56
N SER A 156 -30.20 21.45 30.96
CA SER A 156 -30.72 22.41 31.93
C SER A 156 -30.30 22.09 33.36
N ASP A 157 -29.84 20.88 33.62
CA ASP A 157 -29.42 20.48 34.96
C ASP A 157 -27.92 20.65 35.11
N PHE A 158 -27.50 21.38 36.13
CA PHE A 158 -26.08 21.61 36.37
C PHE A 158 -25.88 22.06 37.82
N VAL A 159 -24.73 21.70 38.37
CA VAL A 159 -24.38 22.10 39.73
C VAL A 159 -23.97 23.56 39.72
N THR A 160 -24.51 24.33 40.67
CA THR A 160 -24.21 25.75 40.79
C THR A 160 -23.95 26.09 42.24
N ALA A 161 -23.07 27.07 42.46
CA ALA A 161 -22.69 27.52 43.80
C ALA A 161 -22.25 28.96 43.71
N PRO A 162 -22.42 29.74 44.79
CA PRO A 162 -21.99 31.14 44.76
C PRO A 162 -20.49 31.27 44.71
N VAL A 163 -20.03 32.33 44.05
CA VAL A 163 -18.61 32.63 44.02
C VAL A 163 -18.13 32.94 45.43
N GLY A 164 -16.94 32.44 45.78
CA GLY A 164 -16.43 32.53 47.12
C GLY A 164 -16.59 31.26 47.93
N THR A 165 -17.38 30.30 47.45
CA THR A 165 -17.50 29.01 48.11
C THR A 165 -16.14 28.33 48.18
N ASP A 166 -15.87 27.68 49.31
CA ASP A 166 -14.60 27.00 49.51
C ASP A 166 -14.38 25.97 48.40
N PRO A 167 -13.22 26.00 47.72
CA PRO A 167 -12.97 25.01 46.66
C PRO A 167 -12.97 23.58 47.17
N ARG A 168 -12.68 23.35 48.45
CA ARG A 168 -12.84 22.02 49.03
C ARG A 168 -14.29 21.57 48.96
N GLU A 169 -15.22 22.49 49.18
CA GLU A 169 -16.64 22.14 49.14
C GLU A 169 -17.11 21.93 47.71
N VAL A 170 -16.75 22.85 46.81
CA VAL A 170 -17.14 22.73 45.40
C VAL A 170 -16.63 21.40 44.82
N PHE A 171 -15.46 20.94 45.26
CA PHE A 171 -14.99 19.62 44.89
C PHE A 171 -16.01 18.56 45.29
N ASP A 172 -16.49 18.60 46.53
CA ASP A 172 -17.42 17.59 47.01
C ASP A 172 -18.76 17.66 46.29
N LEU A 173 -19.17 18.86 45.84
CA LEU A 173 -20.46 19.01 45.19
C LEU A 173 -20.52 18.27 43.86
N LEU A 174 -19.38 18.12 43.19
CA LEU A 174 -19.31 17.49 41.88
C LEU A 174 -18.95 16.01 41.95
N GLU A 175 -18.94 15.43 43.14
CA GLU A 175 -18.50 14.03 43.29
C GLU A 175 -19.37 13.09 42.46
N HIS A 176 -20.68 13.27 42.50
CA HIS A 176 -21.61 12.43 41.74
C HIS A 176 -22.36 13.22 40.67
N ALA A 177 -21.80 14.33 40.23
CA ALA A 177 -22.44 15.13 39.17
C ALA A 177 -22.07 14.56 37.80
N PRO A 178 -23.04 14.42 36.90
CA PRO A 178 -22.74 13.87 35.56
C PRO A 178 -21.73 14.70 34.79
N ILE A 179 -21.73 16.01 34.95
CA ILE A 179 -20.82 16.90 34.24
C ILE A 179 -19.89 17.54 35.25
N ASP A 180 -18.58 17.36 35.05
CA ASP A 180 -17.56 17.85 35.97
C ASP A 180 -17.29 19.34 35.74
N VAL A 181 -18.36 20.14 35.81
CA VAL A 181 -18.27 21.59 35.70
C VAL A 181 -19.26 22.18 36.70
N ALA A 182 -18.76 22.99 37.63
CA ALA A 182 -19.60 23.68 38.60
C ALA A 182 -19.67 25.15 38.22
N VAL A 183 -20.89 25.65 38.04
CA VAL A 183 -21.11 27.03 37.60
C VAL A 183 -21.09 27.93 38.82
N MET A 184 -20.18 28.90 38.82
CA MET A 184 -20.09 29.86 39.91
C MET A 184 -20.90 31.11 39.56
N THR A 185 -21.73 31.54 40.49
CA THR A 185 -22.66 32.65 40.25
C THR A 185 -22.34 33.81 41.16
N ALA A 186 -22.56 35.02 40.64
CA ALA A 186 -22.39 36.24 41.40
C ALA A 186 -23.51 36.35 42.42
N PRO A 187 -23.38 37.27 43.41
CA PRO A 187 -24.48 37.45 44.37
C PRO A 187 -25.84 37.69 43.75
N ASP A 188 -25.89 38.37 42.60
CA ASP A 188 -27.15 38.63 41.92
C ASP A 188 -27.60 37.46 41.04
N GLY A 189 -26.94 36.31 41.14
CA GLY A 189 -27.29 35.15 40.35
C GLY A 189 -26.71 35.12 38.95
N THR A 190 -26.02 36.18 38.53
CA THR A 190 -25.41 36.20 37.22
C THR A 190 -24.15 35.34 37.20
N LEU A 191 -23.72 34.97 35.99
CA LEU A 191 -22.57 34.10 35.84
C LEU A 191 -21.30 34.82 36.27
N ALA A 192 -20.57 34.22 37.21
CA ALA A 192 -19.26 34.71 37.62
C ALA A 192 -18.12 33.87 37.06
N GLY A 193 -18.40 32.64 36.66
CA GLY A 193 -17.40 31.77 36.09
C GLY A 193 -17.75 30.33 36.40
N VAL A 194 -16.75 29.45 36.23
CA VAL A 194 -16.92 28.04 36.55
C VAL A 194 -15.70 27.55 37.31
N LEU A 195 -15.88 26.43 37.99
CA LEU A 195 -14.79 25.76 38.69
C LEU A 195 -15.02 24.25 38.55
N THR A 196 -14.05 23.57 37.94
CA THR A 196 -14.14 22.13 37.78
C THR A 196 -13.55 21.46 39.01
N ARG A 197 -13.72 20.14 39.09
CA ARG A 197 -13.11 19.41 40.19
C ARG A 197 -11.60 19.63 40.20
N THR A 198 -10.96 19.37 39.06
CA THR A 198 -9.51 19.47 38.98
C THR A 198 -9.05 20.92 39.17
N GLY A 199 -9.83 21.89 38.67
CA GLY A 199 -9.47 23.28 38.85
C GLY A 199 -9.50 23.73 40.29
N ALA A 200 -10.40 23.15 41.10
CA ALA A 200 -10.46 23.48 42.52
C ALA A 200 -9.20 22.99 43.25
N ILE A 201 -8.67 21.82 42.86
CA ILE A 201 -7.50 21.29 43.54
C ILE A 201 -6.26 22.12 43.21
N ARG A 202 -6.16 22.59 41.97
CA ARG A 202 -5.03 23.44 41.59
C ARG A 202 -5.00 24.72 42.40
N ALA A 203 -6.16 25.18 42.89
CA ALA A 203 -6.19 26.38 43.72
C ALA A 203 -5.45 26.16 45.03
N GLY A 204 -5.40 24.93 45.52
CA GLY A 204 -4.65 24.59 46.72
C GLY A 204 -3.23 24.19 46.50
N ILE A 205 -2.78 24.11 45.24
CA ILE A 205 -1.41 23.75 44.91
C ILE A 205 -0.62 24.93 44.38
N TYR A 206 -1.25 25.77 43.57
CA TYR A 206 -0.59 26.93 42.97
C TYR A 206 -1.05 28.21 43.66
N THR A 207 -0.08 29.10 43.90
CA THR A 207 -0.38 30.43 44.42
C THR A 207 -0.48 31.39 43.26
N PRO A 208 -1.60 32.09 43.08
CA PRO A 208 -1.72 33.02 41.96
C PRO A 208 -0.69 34.15 42.04
N ALA A 209 -0.10 34.48 40.90
CA ALA A 209 0.84 35.58 40.80
C ALA A 209 0.04 36.87 40.66
N VAL A 210 0.08 37.71 41.69
CA VAL A 210 -0.75 38.91 41.75
C VAL A 210 0.11 40.13 42.02
N ASP A 211 -0.37 41.28 41.60
CA ASP A 211 0.32 42.55 41.82
C ASP A 211 -0.01 43.07 43.23
N ALA A 212 0.39 44.30 43.52
CA ALA A 212 0.14 44.87 44.84
C ALA A 212 -1.35 45.08 45.11
N LYS A 213 -2.17 45.16 44.07
CA LYS A 213 -3.60 45.35 44.21
C LYS A 213 -4.38 44.03 44.24
N GLY A 214 -3.68 42.89 44.26
CA GLY A 214 -4.35 41.61 44.28
C GLY A 214 -4.91 41.16 42.94
N ARG A 215 -4.45 41.73 41.84
CA ARG A 215 -4.93 41.39 40.51
C ARG A 215 -3.90 40.53 39.78
N LEU A 216 -4.38 39.65 38.90
CA LEU A 216 -3.52 38.74 38.18
C LEU A 216 -2.42 39.49 37.43
N ARG A 217 -1.21 38.94 37.46
CA ARG A 217 -0.07 39.58 36.83
C ARG A 217 -0.05 39.33 35.33
N ILE A 218 0.59 40.24 34.61
CA ILE A 218 0.75 40.12 33.16
C ILE A 218 1.93 40.98 32.76
N ALA A 219 2.65 40.56 31.73
CA ALA A 219 3.79 41.29 31.21
C ALA A 219 3.57 41.61 29.74
N ALA A 220 4.42 42.47 29.20
CA ALA A 220 4.33 42.87 27.81
C ALA A 220 5.72 43.21 27.30
N ALA A 221 5.97 42.90 26.04
CA ALA A 221 7.27 43.10 25.42
C ALA A 221 7.26 44.32 24.51
N VAL A 222 8.45 44.84 24.24
CA VAL A 222 8.62 46.01 23.39
C VAL A 222 9.88 45.81 22.55
N GLY A 223 9.79 46.14 21.26
CA GLY A 223 10.94 46.10 20.39
C GLY A 223 11.84 47.31 20.56
N ILE A 224 13.01 47.24 19.93
CA ILE A 224 14.00 48.31 20.05
C ILE A 224 13.93 49.31 18.91
N ASN A 225 12.95 49.17 18.01
CA ASN A 225 12.76 50.12 16.93
C ASN A 225 11.77 51.20 17.36
N GLY A 226 11.84 52.34 16.66
CA GLY A 226 10.95 53.44 16.96
C GLY A 226 11.27 54.09 18.30
N ASP A 227 10.22 54.62 18.93
CA ASP A 227 10.36 55.30 20.22
C ASP A 227 10.18 54.26 21.32
N VAL A 228 11.30 53.73 21.82
CA VAL A 228 11.25 52.73 22.89
C VAL A 228 10.67 53.33 24.16
N GLY A 229 11.05 54.58 24.48
CA GLY A 229 10.56 55.21 25.70
C GLY A 229 9.04 55.39 25.68
N ALA A 230 8.51 55.84 24.54
CA ALA A 230 7.07 56.09 24.46
C ALA A 230 6.26 54.80 24.58
N LYS A 231 6.72 53.73 23.92
CA LYS A 231 6.00 52.46 24.02
C LYS A 231 6.09 51.89 25.43
N ALA A 232 7.27 51.91 26.03
CA ALA A 232 7.42 51.39 27.39
C ALA A 232 6.59 52.21 28.37
N GLN A 233 6.51 53.52 28.15
CA GLN A 233 5.65 54.36 29.00
C GLN A 233 4.19 54.03 28.79
N ALA A 234 3.76 53.86 27.54
CA ALA A 234 2.37 53.54 27.26
C ALA A 234 2.01 52.15 27.77
N LEU A 235 2.94 51.20 27.67
CA LEU A 235 2.67 49.85 28.18
C LEU A 235 2.55 49.85 29.70
N ALA A 236 3.40 50.61 30.39
CA ALA A 236 3.32 50.70 31.84
C ALA A 236 2.01 51.34 32.27
N GLU A 237 1.59 52.41 31.58
CA GLU A 237 0.32 53.05 31.89
C GLU A 237 -0.86 52.14 31.59
N ALA A 238 -0.69 51.20 30.66
CA ALA A 238 -1.76 50.28 30.32
C ALA A 238 -1.98 49.20 31.38
N GLY A 239 -1.09 49.10 32.36
CA GLY A 239 -1.25 48.15 33.44
C GLY A 239 -0.28 46.99 33.43
N ALA A 240 0.76 47.02 32.61
CA ALA A 240 1.74 45.94 32.59
C ALA A 240 2.53 45.91 33.89
N ASP A 241 2.72 44.72 34.44
CA ASP A 241 3.49 44.53 35.66
C ASP A 241 4.97 44.30 35.40
N LEU A 242 5.36 44.05 34.15
CA LEU A 242 6.74 43.76 33.82
C LEU A 242 6.97 44.06 32.35
N LEU A 243 8.15 44.58 32.02
CA LEU A 243 8.51 44.97 30.67
C LEU A 243 9.67 44.13 30.17
N VAL A 244 9.58 43.69 28.93
CA VAL A 244 10.63 42.91 28.28
C VAL A 244 11.06 43.64 27.02
N ILE A 245 12.32 44.08 26.98
CA ILE A 245 12.90 44.65 25.78
C ILE A 245 13.52 43.51 24.99
N ASP A 246 12.92 43.18 23.85
CA ASP A 246 13.20 41.95 23.13
C ASP A 246 13.72 42.26 21.73
N THR A 247 14.83 41.62 21.36
CA THR A 247 15.35 41.68 20.01
C THR A 247 16.18 40.42 19.75
N ALA A 248 16.44 40.17 18.47
CA ALA A 248 17.17 38.96 18.09
C ALA A 248 18.58 38.98 18.65
N HIS A 249 19.29 40.08 18.48
CA HIS A 249 20.66 40.24 18.96
C HIS A 249 20.65 41.27 20.08
N GLY A 250 20.52 40.78 21.32
CA GLY A 250 20.48 41.68 22.47
C GLY A 250 21.77 42.41 22.74
N HIS A 251 22.90 41.87 22.29
CA HIS A 251 24.21 42.49 22.57
C HIS A 251 24.59 43.44 21.44
N GLN A 252 23.88 44.58 21.41
CA GLN A 252 24.13 45.59 20.39
C GLN A 252 23.87 46.97 20.96
N ALA A 253 24.42 47.98 20.28
CA ALA A 253 24.33 49.35 20.75
C ALA A 253 22.89 49.86 20.74
N LYS A 254 22.12 49.49 19.71
CA LYS A 254 20.73 49.95 19.63
C LYS A 254 19.89 49.39 20.77
N MET A 255 20.19 48.17 21.22
CA MET A 255 19.51 47.63 22.40
C MET A 255 19.92 48.39 23.66
N LEU A 256 21.23 48.60 23.85
CA LEU A 256 21.71 49.27 25.04
C LEU A 256 21.05 50.64 25.22
N ASP A 257 20.93 51.41 24.14
CA ASP A 257 20.25 52.70 24.22
C ASP A 257 18.79 52.54 24.60
N ALA A 258 18.14 51.46 24.15
CA ALA A 258 16.74 51.24 24.49
C ALA A 258 16.56 50.96 25.97
N ILE A 259 17.47 50.17 26.57
CA ILE A 259 17.37 49.92 28.01
C ILE A 259 17.62 51.20 28.78
N LYS A 260 18.58 52.01 28.33
CA LYS A 260 18.85 53.29 28.98
C LYS A 260 17.62 54.20 28.94
N ALA A 261 16.89 54.17 27.82
CA ALA A 261 15.71 55.03 27.70
C ALA A 261 14.62 54.64 28.69
N VAL A 262 14.37 53.34 28.85
CA VAL A 262 13.33 52.90 29.78
C VAL A 262 13.79 53.12 31.22
N ALA A 263 15.04 52.79 31.53
CA ALA A 263 15.54 52.92 32.90
C ALA A 263 15.58 54.38 33.34
N SER A 264 16.00 55.28 32.46
CA SER A 264 16.11 56.69 32.82
C SER A 264 14.74 57.31 33.11
N LEU A 265 13.65 56.68 32.69
CA LEU A 265 12.32 57.17 32.98
C LEU A 265 11.83 56.78 34.37
N ASP A 266 12.48 55.82 35.02
CA ASP A 266 12.19 55.43 36.41
C ASP A 266 10.72 55.05 36.59
N LEU A 267 10.31 54.01 35.86
CA LEU A 267 8.92 53.59 35.85
C LEU A 267 8.56 52.63 36.99
N GLY A 268 9.54 52.13 37.74
CA GLY A 268 9.25 51.29 38.88
C GLY A 268 8.84 49.88 38.57
N LEU A 269 9.16 49.37 37.38
CA LEU A 269 8.78 48.02 37.00
C LEU A 269 10.03 47.21 36.62
N PRO A 270 9.99 45.90 36.83
CA PRO A 270 11.12 45.06 36.41
C PRO A 270 11.37 45.16 34.92
N LEU A 271 12.64 45.25 34.55
CA LEU A 271 13.07 45.44 33.16
C LEU A 271 13.83 44.21 32.71
N VAL A 272 13.27 43.48 31.74
CA VAL A 272 13.91 42.32 31.14
C VAL A 272 14.45 42.72 29.78
N ALA A 273 15.65 42.25 29.45
CA ALA A 273 16.29 42.57 28.18
C ALA A 273 17.03 41.36 27.65
N GLY A 274 16.94 41.15 26.35
CA GLY A 274 17.60 40.02 25.72
C GLY A 274 17.57 40.15 24.21
N ASN A 275 18.23 39.21 23.54
CA ASN A 275 18.87 38.09 24.22
C ASN A 275 20.38 38.09 24.03
N VAL A 276 21.09 37.55 25.03
CA VAL A 276 22.52 37.32 24.96
C VAL A 276 22.79 35.91 25.43
N VAL A 277 24.00 35.43 25.13
CA VAL A 277 24.42 34.09 25.53
C VAL A 277 25.86 34.15 26.02
N SER A 278 26.37 35.37 26.24
CA SER A 278 27.72 35.59 26.71
C SER A 278 27.70 36.36 28.03
N ALA A 279 28.74 36.16 28.83
CA ALA A 279 28.87 36.90 30.08
C ALA A 279 28.97 38.40 29.83
N GLU A 280 29.75 38.79 28.83
CA GLU A 280 29.89 40.21 28.50
C GLU A 280 28.54 40.81 28.11
N GLY A 281 27.77 40.10 27.29
CA GLY A 281 26.45 40.59 26.93
C GLY A 281 25.55 40.81 28.13
N THR A 282 25.62 39.90 29.11
CA THR A 282 24.84 40.08 30.33
C THR A 282 25.34 41.28 31.14
N ARG A 283 26.66 41.49 31.15
CA ARG A 283 27.22 42.63 31.87
C ARG A 283 26.73 43.95 31.28
N ASP A 284 26.80 44.08 29.96
CA ASP A 284 26.43 45.35 29.31
C ASP A 284 24.94 45.64 29.47
N LEU A 285 24.10 44.60 29.41
CA LEU A 285 22.66 44.82 29.51
C LEU A 285 22.25 45.25 30.91
N ILE A 286 22.95 44.78 31.94
CA ILE A 286 22.58 45.12 33.31
C ILE A 286 22.89 46.59 33.59
N GLU A 287 24.09 47.05 33.25
CA GLU A 287 24.44 48.45 33.46
C GLU A 287 23.58 49.38 32.61
N ALA A 288 23.14 48.91 31.44
CA ALA A 288 22.27 49.72 30.59
C ALA A 288 20.95 50.05 31.28
N GLY A 289 20.56 49.29 32.30
CA GLY A 289 19.35 49.60 33.04
C GLY A 289 18.48 48.38 33.31
N ALA A 290 18.87 47.23 32.80
CA ALA A 290 18.10 46.01 32.98
C ALA A 290 18.48 45.32 34.28
N SER A 291 17.46 44.79 34.97
CA SER A 291 17.67 43.96 36.15
C SER A 291 17.57 42.48 35.86
N ILE A 292 16.93 42.10 34.75
CA ILE A 292 16.79 40.71 34.33
C ILE A 292 17.25 40.61 32.88
N VAL A 293 18.11 39.66 32.59
CA VAL A 293 18.68 39.47 31.27
C VAL A 293 18.13 38.18 30.68
N LYS A 294 17.62 38.26 29.45
CA LYS A 294 17.03 37.11 28.77
C LYS A 294 18.11 36.37 28.00
N VAL A 295 18.19 35.05 28.20
CA VAL A 295 19.24 34.22 27.63
C VAL A 295 18.63 33.30 26.59
N GLY A 296 19.24 33.27 25.41
CA GLY A 296 18.81 32.36 24.36
C GLY A 296 19.00 32.93 22.96
N VAL A 297 20.02 32.44 22.26
CA VAL A 297 20.30 32.85 20.89
C VAL A 297 20.61 31.59 20.10
N GLY A 298 19.72 31.22 19.18
CA GLY A 298 19.88 30.03 18.36
C GLY A 298 20.30 28.79 19.12
N PRO A 299 19.47 28.34 20.08
CA PRO A 299 19.87 27.16 20.86
C PRO A 299 19.84 25.87 20.05
N GLY A 300 19.01 25.79 19.01
CA GLY A 300 18.92 24.60 18.19
C GLY A 300 19.97 24.59 17.11
N ALA A 301 20.74 23.50 17.05
CA ALA A 301 21.81 23.40 16.06
C ALA A 301 21.26 23.38 14.64
N MET A 302 20.05 22.84 14.45
CA MET A 302 19.44 22.74 13.13
C MET A 302 18.21 23.62 12.97
N CYS A 303 18.09 24.66 13.78
CA CYS A 303 16.98 25.60 13.66
C CYS A 303 17.30 26.66 12.61
N THR A 304 16.36 27.58 12.39
CA THR A 304 16.49 28.56 11.32
C THR A 304 17.67 29.50 11.57
N THR A 305 17.79 30.00 12.80
CA THR A 305 18.84 30.96 13.11
C THR A 305 20.23 30.34 12.90
N ARG A 306 20.44 29.13 13.40
CA ARG A 306 21.75 28.50 13.29
C ARG A 306 22.06 28.12 11.84
N MET A 307 21.04 27.65 11.10
CA MET A 307 21.27 27.19 9.73
C MET A 307 21.47 28.34 8.76
N MET A 308 21.01 29.54 9.10
CA MET A 308 21.14 30.69 8.20
C MET A 308 22.43 31.47 8.42
N THR A 309 22.90 31.57 9.66
CA THR A 309 24.04 32.42 9.99
C THR A 309 25.17 31.70 10.70
N GLY A 310 24.94 30.50 11.23
CA GLY A 310 25.94 29.85 12.05
C GLY A 310 26.10 30.42 13.44
N VAL A 311 25.29 31.41 13.80
CA VAL A 311 25.38 32.08 15.09
C VAL A 311 24.46 31.38 16.08
N GLY A 312 24.94 31.20 17.29
CA GLY A 312 24.15 30.57 18.34
C GLY A 312 25.06 30.06 19.43
N ARG A 313 24.44 29.35 20.38
CA ARG A 313 25.17 28.71 21.46
C ARG A 313 24.24 27.74 22.19
N PRO A 314 24.74 26.57 22.59
CA PRO A 314 23.94 25.66 23.41
C PRO A 314 23.38 26.37 24.64
N GLN A 315 22.09 26.16 24.89
CA GLN A 315 21.38 26.98 25.87
C GLN A 315 21.87 26.72 27.28
N PHE A 316 22.22 25.48 27.60
CA PHE A 316 22.62 25.16 28.97
C PHE A 316 23.93 25.86 29.33
N SER A 317 24.94 25.79 28.46
CA SER A 317 26.18 26.51 28.72
C SER A 317 25.97 28.02 28.66
N ALA A 318 25.03 28.48 27.84
CA ALA A 318 24.74 29.91 27.79
C ALA A 318 24.15 30.39 29.12
N VAL A 319 23.22 29.61 29.69
CA VAL A 319 22.55 30.04 30.91
C VAL A 319 23.52 30.08 32.09
N VAL A 320 24.33 29.04 32.25
CA VAL A 320 25.23 28.96 33.40
C VAL A 320 26.25 30.10 33.37
N GLU A 321 26.75 30.44 32.18
CA GLU A 321 27.70 31.55 32.07
C GLU A 321 27.01 32.88 32.34
N CYS A 322 25.80 33.06 31.81
CA CYS A 322 25.10 34.33 32.03
C CYS A 322 24.60 34.45 33.45
N ALA A 323 24.17 33.34 34.06
CA ALA A 323 23.68 33.39 35.44
C ALA A 323 24.79 33.77 36.41
N ALA A 324 26.00 33.26 36.19
CA ALA A 324 27.12 33.61 37.06
C ALA A 324 27.49 35.08 36.91
N ALA A 325 27.52 35.59 35.67
CA ALA A 325 27.83 37.00 35.47
C ALA A 325 26.75 37.90 36.04
N ALA A 326 25.48 37.52 35.87
CA ALA A 326 24.39 38.35 36.38
C ALA A 326 24.32 38.30 37.89
N ARG A 327 24.64 37.15 38.49
CA ARG A 327 24.60 37.04 39.95
C ARG A 327 25.63 37.96 40.59
N GLN A 328 26.83 38.06 39.99
CA GLN A 328 27.85 38.95 40.52
C GLN A 328 27.40 40.41 40.48
N LEU A 329 26.49 40.74 39.57
CA LEU A 329 25.93 42.08 39.46
C LEU A 329 24.57 42.21 40.15
N GLY A 330 24.15 41.18 40.89
CA GLY A 330 22.85 41.23 41.54
C GLY A 330 21.67 41.08 40.62
N GLY A 331 21.87 40.57 39.41
CA GLY A 331 20.80 40.41 38.45
C GLY A 331 20.30 38.97 38.37
N HIS A 332 19.39 38.76 37.42
CA HIS A 332 18.79 37.45 37.19
C HIS A 332 18.74 37.19 35.70
N VAL A 333 18.59 35.92 35.33
CA VAL A 333 18.56 35.51 33.93
C VAL A 333 17.35 34.63 33.68
N TRP A 334 16.76 34.78 32.50
CA TRP A 334 15.66 33.94 32.04
C TRP A 334 16.17 33.00 30.96
N ALA A 335 15.85 31.71 31.10
CA ALA A 335 16.20 30.70 30.10
C ALA A 335 15.11 30.68 29.04
N ASP A 336 15.55 31.24 27.82
CA ASP A 336 14.58 31.40 26.72
C ASP A 336 14.96 30.55 25.51
N GLY A 337 14.12 29.50 25.25
CA GLY A 337 14.35 28.73 24.04
C GLY A 337 14.66 27.26 24.28
N GLY A 338 14.17 26.41 23.39
CA GLY A 338 14.50 24.99 23.41
C GLY A 338 13.81 24.17 24.47
N VAL A 339 12.92 24.75 25.26
CA VAL A 339 12.24 24.02 26.32
C VAL A 339 11.19 23.11 25.69
N ARG A 340 11.36 21.80 25.87
CA ARG A 340 10.44 20.81 25.32
C ARG A 340 9.96 19.79 26.33
N HIS A 341 10.61 19.68 27.48
CA HIS A 341 10.26 18.70 28.51
C HIS A 341 10.48 19.35 29.87
N PRO A 342 9.86 18.80 30.92
CA PRO A 342 10.15 19.29 32.28
C PRO A 342 11.62 19.21 32.64
N ARG A 343 12.37 18.29 32.02
CA ARG A 343 13.81 18.23 32.24
C ARG A 343 14.49 19.54 31.87
N ASP A 344 14.05 20.18 30.78
CA ASP A 344 14.65 21.44 30.35
C ASP A 344 14.44 22.53 31.40
N VAL A 345 13.28 22.54 32.04
CA VAL A 345 13.01 23.53 33.09
C VAL A 345 13.91 23.26 34.30
N ALA A 346 14.01 22.00 34.70
CA ALA A 346 14.81 21.66 35.88
C ALA A 346 16.29 21.95 35.64
N LEU A 347 16.80 21.63 34.44
CA LEU A 347 18.20 21.87 34.15
C LEU A 347 18.51 23.36 34.05
N ALA A 348 17.57 24.13 33.50
CA ALA A 348 17.77 25.57 33.38
C ALA A 348 17.86 26.24 34.74
N LEU A 349 17.01 25.81 35.68
CA LEU A 349 17.07 26.37 37.03
C LEU A 349 18.34 25.95 37.75
N ALA A 350 18.78 24.71 37.53
CA ALA A 350 20.04 24.25 38.12
C ALA A 350 21.21 25.07 37.60
N ALA A 351 21.16 25.48 36.34
CA ALA A 351 22.23 26.29 35.76
C ALA A 351 22.29 27.69 36.35
N GLY A 352 21.22 28.15 36.98
CA GLY A 352 21.19 29.45 37.63
C GLY A 352 20.10 30.40 37.16
N ALA A 353 19.29 30.03 36.18
CA ALA A 353 18.20 30.90 35.75
C ALA A 353 17.11 30.97 36.82
N SER A 354 16.54 32.17 36.99
CA SER A 354 15.43 32.35 37.92
C SER A 354 14.08 32.04 37.28
N ASN A 355 14.01 31.98 35.96
CA ASN A 355 12.78 31.67 35.26
C ASN A 355 13.12 31.09 33.90
N VAL A 356 12.19 30.33 33.34
CA VAL A 356 12.33 29.76 32.01
C VAL A 356 11.19 30.29 31.15
N MET A 357 11.52 30.66 29.92
CA MET A 357 10.53 31.13 28.96
C MET A 357 10.22 30.02 27.96
N ILE A 358 8.94 29.69 27.82
CA ILE A 358 8.49 28.59 26.98
C ILE A 358 7.51 29.14 25.95
N GLY A 359 7.71 28.77 24.69
CA GLY A 359 6.89 29.29 23.61
C GLY A 359 6.08 28.25 22.85
N SER A 360 6.73 27.60 21.88
CA SER A 360 6.00 26.71 20.98
C SER A 360 5.35 25.54 21.71
N TRP A 361 5.94 25.11 22.82
CA TRP A 361 5.35 23.99 23.57
C TRP A 361 3.93 24.33 24.04
N PHE A 362 3.71 25.55 24.52
CA PHE A 362 2.39 25.95 25.00
C PHE A 362 1.45 26.31 23.86
N ALA A 363 1.93 26.37 22.62
CA ALA A 363 1.03 26.64 21.50
C ALA A 363 0.06 25.49 21.27
N GLY A 364 0.47 24.27 21.58
CA GLY A 364 -0.41 23.12 21.43
C GLY A 364 -1.30 22.90 22.62
N THR A 365 -2.11 23.92 22.97
CA THR A 365 -3.03 23.85 24.09
C THR A 365 -4.34 24.51 23.71
N TYR A 366 -5.38 24.22 24.51
CA TYR A 366 -6.66 24.87 24.30
C TYR A 366 -6.59 26.37 24.55
N GLU A 367 -5.73 26.79 25.47
CA GLU A 367 -5.65 28.19 25.87
C GLU A 367 -4.84 29.05 24.91
N SER A 368 -4.17 28.45 23.93
CA SER A 368 -3.41 29.22 22.97
C SER A 368 -4.36 29.97 22.02
N PRO A 369 -3.91 31.11 21.48
CA PRO A 369 -4.80 31.90 20.62
C PRO A 369 -5.19 31.22 19.32
N GLY A 370 -4.39 30.28 18.83
CA GLY A 370 -4.67 29.65 17.56
C GLY A 370 -5.87 28.72 17.62
N ASP A 371 -6.41 28.42 16.44
CA ASP A 371 -7.52 27.49 16.33
C ASP A 371 -7.02 26.05 16.42
N LEU A 372 -7.91 25.15 16.82
CA LEU A 372 -7.57 23.74 16.91
C LEU A 372 -7.65 23.10 15.54
N LEU A 373 -6.59 22.39 15.15
CA LEU A 373 -6.50 21.72 13.86
C LEU A 373 -6.39 20.21 14.07
N PHE A 374 -6.59 19.47 12.98
CA PHE A 374 -6.48 18.02 12.99
C PHE A 374 -5.69 17.57 11.76
N ASP A 375 -4.79 16.61 11.96
CA ASP A 375 -3.94 16.12 10.90
C ASP A 375 -4.63 15.00 10.12
N ARG A 376 -3.87 14.29 9.28
CA ARG A 376 -4.43 13.19 8.52
C ARG A 376 -4.79 12.00 9.40
N ASP A 377 -4.25 11.94 10.62
CA ASP A 377 -4.58 10.90 11.58
C ASP A 377 -5.67 11.33 12.56
N ASP A 378 -6.28 12.51 12.32
CA ASP A 378 -7.32 13.08 13.17
C ASP A 378 -6.81 13.44 14.57
N ARG A 379 -5.50 13.65 14.71
CA ARG A 379 -4.94 14.03 16.00
C ARG A 379 -4.97 15.56 16.16
N PRO A 380 -5.34 16.06 17.32
CA PRO A 380 -5.40 17.53 17.50
C PRO A 380 -4.01 18.14 17.55
N TYR A 381 -3.90 19.35 16.99
CA TYR A 381 -2.65 20.09 17.00
C TYR A 381 -2.94 21.56 16.71
N LYS A 382 -1.96 22.40 17.00
CA LYS A 382 -2.03 23.82 16.64
C LYS A 382 -0.67 24.25 16.09
N GLU A 383 -0.70 25.31 15.30
CA GLU A 383 0.49 25.79 14.60
C GLU A 383 1.18 26.86 15.43
N SER A 384 2.43 26.62 15.81
CA SER A 384 3.28 27.64 16.41
C SER A 384 4.11 28.33 15.34
N TYR A 385 4.41 29.61 15.58
CA TYR A 385 5.19 30.38 14.63
C TYR A 385 5.89 31.51 15.35
N GLY A 386 7.04 31.93 14.79
CA GLY A 386 7.87 32.95 15.41
C GLY A 386 7.48 34.37 15.02
N MET A 387 8.07 35.32 15.75
CA MET A 387 7.82 36.74 15.49
C MET A 387 8.57 37.27 14.27
N ALA A 388 9.62 36.57 13.83
CA ALA A 388 10.39 36.95 12.66
C ALA A 388 10.92 38.38 12.75
N SER A 389 10.39 39.27 11.90
CA SER A 389 10.89 40.64 11.84
C SER A 389 10.52 41.47 13.06
N LYS A 390 9.58 41.02 13.89
CA LYS A 390 9.23 41.76 15.10
C LYS A 390 10.34 41.77 16.13
N ARG A 391 11.37 40.93 15.97
CA ARG A 391 12.53 40.93 16.85
C ARG A 391 13.77 41.49 16.17
N ALA A 392 13.66 41.98 14.94
CA ALA A 392 14.82 42.43 14.18
C ALA A 392 14.81 43.96 14.07
N VAL A 393 16.01 44.51 13.89
CA VAL A 393 16.15 45.95 13.69
C VAL A 393 15.69 46.33 12.30
N ALA A 394 14.93 47.42 12.20
CA ALA A 394 14.47 47.91 10.92
C ALA A 394 14.90 49.36 10.69
N SER A 401 9.83 53.67 0.77
CA SER A 401 8.90 53.56 -0.35
C SER A 401 8.69 52.10 -0.75
N SER A 402 8.11 51.89 -1.93
CA SER A 402 7.87 50.54 -2.41
C SER A 402 9.18 49.79 -2.64
N PHE A 403 10.17 50.45 -3.24
CA PHE A 403 11.47 49.83 -3.46
C PHE A 403 12.12 49.46 -2.14
N ASP A 404 12.10 50.38 -1.17
CA ASP A 404 12.66 50.10 0.14
C ASP A 404 11.93 48.93 0.81
N ARG A 405 10.61 48.99 0.84
CA ARG A 405 9.82 47.90 1.42
C ARG A 405 10.11 46.58 0.72
N ALA A 406 10.28 46.60 -0.60
CA ALA A 406 10.56 45.37 -1.34
C ALA A 406 11.96 44.84 -1.03
N ARG A 407 12.93 45.73 -0.86
CA ARG A 407 14.27 45.30 -0.45
C ARG A 407 14.22 44.58 0.90
N LYS A 408 13.45 45.12 1.84
CA LYS A 408 13.35 44.51 3.17
C LYS A 408 12.80 43.09 3.09
N GLY A 409 11.68 42.92 2.40
CA GLY A 409 11.09 41.59 2.27
C GLY A 409 12.01 40.58 1.60
N LEU A 410 12.81 41.05 0.63
CA LEU A 410 13.72 40.14 -0.07
C LEU A 410 14.68 39.45 0.89
N PHE A 411 15.29 40.21 1.79
CA PHE A 411 16.29 39.68 2.71
C PHE A 411 15.75 39.41 4.11
N GLU A 412 14.47 39.62 4.35
CA GLU A 412 13.95 39.45 5.70
C GLU A 412 13.83 37.97 6.07
N GLU A 413 13.58 37.73 7.36
CA GLU A 413 13.38 36.38 7.87
C GLU A 413 11.91 36.01 7.74
N GLY A 414 11.66 34.87 7.08
CA GLY A 414 10.30 34.37 7.00
C GLY A 414 9.84 33.76 8.30
N ILE A 415 8.53 33.57 8.41
CA ILE A 415 7.92 32.97 9.60
C ILE A 415 7.89 31.46 9.41
N SER A 416 8.54 30.74 10.32
CA SER A 416 8.56 29.28 10.29
C SER A 416 7.40 28.73 11.10
N THR A 417 6.74 27.72 10.54
CA THR A 417 5.58 27.10 11.15
C THR A 417 5.92 25.66 11.56
N SER A 418 5.49 25.28 12.76
CA SER A 418 5.73 23.94 13.29
C SER A 418 4.46 23.43 13.96
N ARG A 419 4.14 22.17 13.73
CA ARG A 419 2.94 21.56 14.30
C ARG A 419 3.22 21.10 15.72
N MET A 420 2.44 21.60 16.68
CA MET A 420 2.54 21.22 18.07
C MET A 420 1.30 20.42 18.43
N SER A 421 1.45 19.10 18.51
CA SER A 421 0.31 18.23 18.77
C SER A 421 -0.21 18.41 20.18
N LEU A 422 -1.54 18.32 20.33
CA LEU A 422 -2.17 18.38 21.64
C LEU A 422 -2.14 17.02 22.29
N ASP A 423 -1.73 16.97 23.55
CA ASP A 423 -1.80 15.75 24.33
C ASP A 423 -3.26 15.41 24.61
N PRO A 424 -3.75 14.25 24.20
CA PRO A 424 -5.15 13.89 24.52
C PRO A 424 -5.43 13.80 26.00
N ALA A 425 -4.40 13.64 26.83
CA ALA A 425 -4.56 13.65 28.28
C ALA A 425 -4.11 14.94 28.94
N ARG A 426 -3.35 15.77 28.23
CA ARG A 426 -2.85 17.04 28.73
C ARG A 426 -3.14 18.15 27.73
N GLY A 427 -4.38 18.21 27.25
CA GLY A 427 -4.75 19.21 26.26
C GLY A 427 -4.70 20.63 26.79
N GLY A 428 -4.97 20.81 28.08
CA GLY A 428 -4.88 22.12 28.69
C GLY A 428 -3.49 22.41 29.20
N VAL A 429 -3.13 23.69 29.21
CA VAL A 429 -1.81 24.09 29.68
C VAL A 429 -1.67 23.82 31.17
N GLU A 430 -2.76 23.93 31.93
CA GLU A 430 -2.70 23.61 33.36
C GLU A 430 -2.23 22.17 33.59
N ASP A 431 -2.51 21.27 32.65
CA ASP A 431 -1.93 19.93 32.71
C ASP A 431 -0.45 19.97 32.41
N LEU A 432 -0.02 20.81 31.45
CA LEU A 432 1.40 20.99 31.19
C LEU A 432 2.09 21.67 32.37
N LEU A 433 1.38 22.58 33.06
CA LEU A 433 1.94 23.19 34.26
C LEU A 433 2.13 22.16 35.37
N ASP A 434 1.17 21.24 35.51
CA ASP A 434 1.33 20.14 36.45
C ASP A 434 2.52 19.26 36.05
N HIS A 435 2.62 18.93 34.77
CA HIS A 435 3.72 18.10 34.29
C HIS A 435 5.06 18.81 34.45
N ILE A 436 5.11 20.09 34.09
CA ILE A 436 6.36 20.85 34.20
C ILE A 436 6.81 20.95 35.65
N THR A 437 5.88 21.31 36.53
CA THR A 437 6.24 21.51 37.94
C THR A 437 6.62 20.19 38.60
N SER A 438 5.81 19.15 38.41
CA SER A 438 6.04 17.87 39.07
C SER A 438 7.47 17.37 38.83
N GLY A 439 7.99 17.57 37.62
CA GLY A 439 9.38 17.21 37.37
C GLY A 439 10.36 18.11 38.11
N VAL A 440 10.11 19.42 38.07
CA VAL A 440 10.99 20.36 38.76
C VAL A 440 10.95 20.13 40.27
N ARG A 441 9.76 19.89 40.81
CA ARG A 441 9.64 19.61 42.25
C ARG A 441 10.42 18.35 42.62
N SER A 442 10.27 17.29 41.82
CA SER A 442 10.98 16.05 42.10
C SER A 442 12.49 16.24 41.96
N THR A 443 12.92 17.08 41.01
CA THR A 443 14.35 17.39 40.88
C THR A 443 14.90 17.94 42.19
N CYS A 444 14.16 18.84 42.85
CA CYS A 444 14.61 19.40 44.11
C CYS A 444 14.71 18.32 45.18
N THR A 445 13.80 17.35 45.18
CA THR A 445 13.85 16.27 46.15
C THR A 445 15.11 15.43 45.96
N TYR A 446 15.50 15.17 44.71
CA TYR A 446 16.70 14.40 44.46
C TYR A 446 17.95 15.17 44.88
N VAL A 447 17.95 16.49 44.67
CA VAL A 447 19.12 17.29 44.98
C VAL A 447 19.18 17.60 46.48
N GLY A 448 18.05 17.69 47.14
CA GLY A 448 17.99 18.11 48.52
C GLY A 448 17.65 19.57 48.73
N ALA A 449 16.95 20.19 47.81
CA ALA A 449 16.63 21.61 47.87
C ALA A 449 15.16 21.80 48.23
N ALA A 450 14.90 22.75 49.12
CA ALA A 450 13.54 23.13 49.49
C ALA A 450 13.02 24.32 48.67
N ASN A 451 13.86 24.92 47.84
CA ASN A 451 13.46 26.06 47.03
C ASN A 451 14.41 26.16 45.84
N LEU A 452 14.15 27.13 44.97
CA LEU A 452 14.94 27.32 43.76
C LEU A 452 16.35 27.83 44.06
N PRO A 453 16.54 28.78 44.98
CA PRO A 453 17.92 29.17 45.33
C PRO A 453 18.77 28.02 45.85
N GLU A 454 18.19 27.15 46.68
CA GLU A 454 18.94 25.99 47.16
C GLU A 454 19.21 24.99 46.04
N LEU A 455 18.35 24.96 45.02
CA LEU A 455 18.58 24.06 43.88
C LEU A 455 19.89 24.40 43.18
N HIS A 456 20.06 25.67 42.81
CA HIS A 456 21.30 26.08 42.15
C HIS A 456 22.50 25.96 43.08
N GLU A 457 22.28 26.04 44.39
CA GLU A 457 23.39 25.98 45.34
C GLU A 457 23.87 24.57 45.61
N LYS A 458 22.98 23.58 45.57
CA LYS A 458 23.31 22.21 45.93
C LYS A 458 23.35 21.25 44.75
N VAL A 459 23.06 21.72 43.54
CA VAL A 459 23.00 20.83 42.39
C VAL A 459 24.39 20.31 42.05
N VAL A 460 24.48 19.02 41.72
CA VAL A 460 25.68 18.40 41.19
C VAL A 460 25.35 17.87 39.80
N LEU A 461 26.13 18.26 38.81
CA LEU A 461 25.83 17.96 37.42
C LEU A 461 26.94 17.10 36.81
N GLY A 462 26.57 16.38 35.75
CA GLY A 462 27.52 15.56 35.03
C GLY A 462 27.28 15.64 33.54
N VAL A 463 28.24 15.14 32.78
CA VAL A 463 28.19 15.12 31.33
C VAL A 463 28.09 13.68 30.86
N GLN A 464 27.30 13.45 29.81
CA GLN A 464 27.11 12.13 29.24
C GLN A 464 27.49 12.13 27.77
N SER A 465 27.73 10.93 27.24
CA SER A 465 28.10 10.76 25.85
C SER A 465 26.86 10.69 24.96
N ALA A 466 27.08 10.49 23.66
CA ALA A 466 25.99 10.41 22.70
C ALA A 466 25.15 9.15 22.85
N ALA A 467 25.62 8.15 23.60
CA ALA A 467 24.86 6.92 23.82
C ALA A 467 23.51 7.19 24.47
N VAL B 2 39.01 -1.55 38.72
CA VAL B 2 39.12 -1.53 37.27
C VAL B 2 40.31 -0.71 36.83
N ARG B 3 40.87 -1.07 35.67
CA ARG B 3 41.91 -0.27 35.04
C ARG B 3 41.52 -0.01 33.59
N PHE B 4 41.74 1.22 33.14
CA PHE B 4 41.45 1.63 31.78
C PHE B 4 42.75 1.79 30.99
N LEU B 5 42.62 1.70 29.67
CA LEU B 5 43.75 1.97 28.79
C LEU B 5 44.30 3.37 29.04
N ASP B 6 45.62 3.50 28.87
CA ASP B 6 46.28 4.78 29.11
C ASP B 6 45.66 5.88 28.25
N GLY B 7 45.25 6.97 28.90
CA GLY B 7 44.62 8.09 28.23
C GLY B 7 43.12 8.03 28.14
N HIS B 8 42.50 6.92 28.56
CA HIS B 8 41.05 6.75 28.47
C HIS B 8 40.39 7.24 29.77
N THR B 9 40.46 8.56 29.98
CA THR B 9 39.74 9.21 31.08
C THR B 9 38.89 10.32 30.47
N PRO B 10 37.74 9.96 29.90
CA PRO B 10 36.92 10.95 29.21
C PRO B 10 36.31 11.96 30.15
N ALA B 11 35.88 13.08 29.57
CA ALA B 11 35.23 14.15 30.33
C ALA B 11 33.72 13.95 30.45
N TYR B 12 33.29 12.71 30.65
CA TYR B 12 31.88 12.40 30.79
C TYR B 12 31.76 11.03 31.45
N ASP B 13 30.53 10.69 31.84
CA ASP B 13 30.28 9.40 32.45
C ASP B 13 29.97 8.35 31.39
N LEU B 14 30.12 7.09 31.78
CA LEU B 14 30.13 5.97 30.86
C LEU B 14 28.86 5.13 31.02
N THR B 15 28.23 4.82 29.90
CA THR B 15 27.13 3.86 29.88
C THR B 15 27.67 2.47 29.52
N TYR B 16 26.78 1.49 29.47
CA TYR B 16 27.17 0.16 29.04
C TYR B 16 27.60 0.13 27.58
N ASN B 17 27.12 1.07 26.77
CA ASN B 17 27.52 1.17 25.38
C ASN B 17 28.84 1.93 25.18
N ASP B 18 29.38 2.55 26.23
CA ASP B 18 30.55 3.40 26.10
C ASP B 18 31.87 2.67 26.32
N VAL B 19 31.84 1.49 26.92
CA VAL B 19 33.08 0.81 27.32
C VAL B 19 33.13 -0.59 26.71
N PHE B 20 34.33 -1.15 26.71
CA PHE B 20 34.57 -2.50 26.20
C PHE B 20 35.66 -3.15 27.05
N VAL B 21 35.76 -4.47 26.92
CA VAL B 21 36.75 -5.26 27.66
C VAL B 21 37.90 -5.60 26.72
N VAL B 22 39.12 -5.25 27.14
CA VAL B 22 40.31 -5.63 26.39
C VAL B 22 40.73 -7.04 26.79
N PRO B 23 40.89 -7.96 25.86
CA PRO B 23 41.33 -9.32 26.23
C PRO B 23 42.69 -9.30 26.89
N GLY B 24 42.85 -10.19 27.88
CA GLY B 24 44.11 -10.34 28.58
C GLY B 24 44.56 -11.79 28.56
N ARG B 25 45.76 -12.01 29.11
CA ARG B 25 46.28 -13.37 29.21
C ARG B 25 45.35 -14.23 30.05
N SER B 26 45.20 -15.50 29.66
CA SER B 26 44.25 -16.39 30.30
C SER B 26 44.80 -17.80 30.35
N ASP B 27 44.54 -18.47 31.47
CA ASP B 27 44.76 -19.91 31.60
C ASP B 27 43.46 -20.67 31.80
N VAL B 28 42.32 -20.00 31.62
CA VAL B 28 41.00 -20.61 31.76
C VAL B 28 40.54 -20.99 30.36
N ALA B 29 40.66 -22.27 30.03
CA ALA B 29 40.34 -22.71 28.68
C ALA B 29 38.84 -22.73 28.44
N SER B 30 38.09 -23.46 29.27
CA SER B 30 36.67 -23.65 29.08
C SER B 30 35.87 -22.69 29.94
N ARG B 31 34.74 -22.23 29.41
CA ARG B 31 33.84 -21.37 30.17
C ARG B 31 33.35 -22.05 31.44
N PHE B 32 33.28 -23.37 31.44
CA PHE B 32 32.69 -24.11 32.56
C PHE B 32 33.63 -24.21 33.76
N ASP B 33 34.91 -23.87 33.59
CA ASP B 33 35.83 -23.81 34.72
C ASP B 33 35.65 -22.55 35.56
N VAL B 34 34.87 -21.58 35.08
CA VAL B 34 34.68 -20.33 35.80
C VAL B 34 33.61 -20.50 36.86
N ASP B 35 33.87 -20.00 38.06
CA ASP B 35 32.95 -20.07 39.18
C ASP B 35 32.18 -18.77 39.25
N LEU B 36 30.87 -18.83 38.96
CA LEU B 36 30.02 -17.65 38.95
C LEU B 36 29.32 -17.42 40.28
N SER B 37 29.79 -18.04 41.36
CA SER B 37 29.20 -17.83 42.67
C SER B 37 29.49 -16.41 43.16
N THR B 38 28.54 -15.87 43.91
CA THR B 38 28.64 -14.53 44.46
C THR B 38 29.11 -14.57 45.90
N VAL B 39 29.59 -13.42 46.38
CA VAL B 39 30.19 -13.30 47.70
C VAL B 39 29.47 -12.26 48.57
N ASP B 40 28.31 -11.78 48.13
CA ASP B 40 27.61 -10.71 48.83
C ASP B 40 26.60 -11.23 49.85
N GLY B 41 26.56 -12.54 50.10
CA GLY B 41 25.62 -13.10 51.05
C GLY B 41 24.24 -13.35 50.51
N SER B 42 23.96 -12.99 49.26
CA SER B 42 22.66 -13.26 48.68
C SER B 42 22.39 -14.74 48.50
N GLY B 43 23.44 -15.56 48.42
CA GLY B 43 23.30 -16.99 48.25
C GLY B 43 23.14 -17.46 46.82
N THR B 44 23.24 -16.56 45.85
CA THR B 44 23.10 -16.94 44.46
C THR B 44 24.40 -17.56 43.94
N THR B 45 24.25 -18.57 43.08
CA THR B 45 25.39 -19.18 42.41
C THR B 45 25.61 -18.60 41.01
N ILE B 46 24.68 -17.79 40.53
CA ILE B 46 24.84 -17.05 39.28
C ILE B 46 24.59 -15.58 39.59
N PRO B 47 25.26 -14.64 38.91
CA PRO B 47 25.10 -13.21 39.21
C PRO B 47 23.86 -12.59 38.58
N VAL B 48 22.70 -13.22 38.81
CA VAL B 48 21.44 -12.78 38.23
C VAL B 48 20.42 -12.67 39.36
N VAL B 49 19.82 -11.49 39.50
CA VAL B 49 18.72 -11.25 40.42
C VAL B 49 17.55 -10.69 39.62
N VAL B 50 16.35 -11.16 39.94
CA VAL B 50 15.13 -10.67 39.29
C VAL B 50 14.60 -9.49 40.08
N ALA B 51 14.30 -8.40 39.38
CA ALA B 51 13.92 -7.16 40.03
C ALA B 51 12.58 -7.27 40.73
N ASN B 52 12.41 -6.47 41.79
CA ASN B 52 11.17 -6.42 42.55
C ASN B 52 10.12 -5.62 41.78
N MET B 53 9.51 -6.30 40.81
CA MET B 53 8.44 -5.70 40.03
C MET B 53 7.33 -6.72 39.80
N THR B 54 6.08 -6.30 40.02
CA THR B 54 4.95 -7.21 39.83
C THR B 54 4.85 -7.74 38.41
N ALA B 55 5.50 -7.07 37.45
CA ALA B 55 5.49 -7.54 36.07
C ALA B 55 6.41 -8.73 35.84
N VAL B 56 7.34 -9.01 36.75
CA VAL B 56 8.32 -10.06 36.54
C VAL B 56 8.39 -11.00 37.74
N ALA B 57 8.11 -10.46 38.94
CA ALA B 57 8.34 -11.19 40.18
C ALA B 57 7.07 -11.93 40.59
N GLY B 58 6.83 -13.06 39.90
CA GLY B 58 5.73 -13.93 40.21
C GLY B 58 6.17 -15.18 40.95
N ARG B 59 5.18 -16.03 41.26
CA ARG B 59 5.46 -17.26 41.98
C ARG B 59 6.15 -18.28 41.08
N ARG B 60 5.72 -18.38 39.82
CA ARG B 60 6.43 -19.26 38.88
C ARG B 60 7.83 -18.75 38.59
N MET B 61 8.03 -17.43 38.62
CA MET B 61 9.36 -16.89 38.35
C MET B 61 10.33 -17.22 39.48
N ALA B 62 9.90 -17.05 40.72
CA ALA B 62 10.78 -17.32 41.86
C ALA B 62 11.27 -18.77 41.85
N GLU B 63 10.42 -19.70 41.43
CA GLU B 63 10.83 -21.10 41.38
C GLU B 63 11.89 -21.34 40.31
N THR B 64 11.78 -20.68 39.17
CA THR B 64 12.58 -21.04 38.01
C THR B 64 14.05 -20.65 38.19
N VAL B 65 14.30 -19.43 38.67
CA VAL B 65 15.70 -18.97 38.75
C VAL B 65 16.40 -19.53 39.99
N ALA B 66 15.65 -19.74 41.09
CA ALA B 66 16.28 -20.24 42.30
C ALA B 66 16.89 -21.62 42.07
N ARG B 67 16.21 -22.46 41.27
CA ARG B 67 16.77 -23.75 40.90
C ARG B 67 17.99 -23.59 40.00
N ARG B 68 18.04 -22.53 39.19
CA ARG B 68 19.16 -22.27 38.29
C ARG B 68 20.22 -21.38 38.91
N GLY B 69 20.08 -21.00 40.17
CA GLY B 69 21.10 -20.24 40.88
C GLY B 69 20.78 -18.79 41.09
N GLY B 70 19.74 -18.25 40.47
CA GLY B 70 19.32 -16.88 40.68
C GLY B 70 18.38 -16.75 41.87
N ILE B 71 17.82 -15.56 42.02
CA ILE B 71 16.84 -15.30 43.06
C ILE B 71 15.94 -14.16 42.60
N VAL B 72 14.68 -14.21 43.06
CA VAL B 72 13.69 -13.19 42.76
C VAL B 72 13.39 -12.41 44.03
N VAL B 73 13.32 -11.09 43.91
CA VAL B 73 12.89 -10.23 45.01
C VAL B 73 11.39 -9.97 44.83
N LEU B 74 10.60 -10.43 45.79
CA LEU B 74 9.16 -10.22 45.72
C LEU B 74 8.85 -8.73 45.79
N PRO B 75 7.88 -8.23 45.02
CA PRO B 75 7.61 -6.80 45.00
C PRO B 75 7.11 -6.31 46.35
N GLN B 76 7.50 -5.09 46.70
CA GLN B 76 7.03 -4.48 47.94
C GLN B 76 5.53 -4.22 47.88
N ASP B 77 4.93 -4.03 49.04
CA ASP B 77 3.50 -3.82 49.25
C ASP B 77 2.68 -5.06 48.93
N LEU B 78 3.34 -6.18 48.65
CA LEU B 78 2.62 -7.44 48.46
C LEU B 78 2.02 -7.87 49.80
N PRO B 79 0.73 -8.22 49.85
CA PRO B 79 0.13 -8.62 51.13
C PRO B 79 0.88 -9.76 51.79
N ILE B 80 1.02 -9.66 53.11
CA ILE B 80 1.83 -10.62 53.85
C ILE B 80 1.25 -12.03 53.78
N THR B 81 -0.04 -12.16 53.50
CA THR B 81 -0.63 -13.48 53.32
C THR B 81 -0.11 -14.12 52.04
N ALA B 82 -0.24 -13.43 50.90
CA ALA B 82 0.22 -13.99 49.63
C ALA B 82 1.72 -14.14 49.58
N VAL B 83 2.47 -13.28 50.29
CA VAL B 83 3.91 -13.45 50.38
C VAL B 83 4.25 -14.81 50.97
N SER B 84 3.56 -15.18 52.06
CA SER B 84 3.76 -16.50 52.64
C SER B 84 3.37 -17.59 51.66
N GLU B 85 2.26 -17.40 50.94
CA GLU B 85 1.81 -18.39 49.97
C GLU B 85 2.86 -18.60 48.87
N THR B 86 3.53 -17.52 48.45
CA THR B 86 4.59 -17.65 47.46
C THR B 86 5.82 -18.30 48.05
N VAL B 87 6.23 -17.86 49.25
CA VAL B 87 7.41 -18.44 49.89
C VAL B 87 7.21 -19.92 50.18
N ASP B 88 6.05 -20.27 50.76
CA ASP B 88 5.76 -21.68 51.03
C ASP B 88 5.78 -22.51 49.75
N PHE B 89 5.41 -21.90 48.62
CA PHE B 89 5.52 -22.58 47.34
C PHE B 89 6.99 -22.85 47.00
N VAL B 90 7.79 -21.78 46.93
CA VAL B 90 9.17 -21.90 46.48
C VAL B 90 9.98 -22.80 47.41
N LYS B 91 9.70 -22.72 48.72
CA LYS B 91 10.43 -23.54 49.69
C LYS B 91 10.08 -25.03 49.60
N SER B 92 9.07 -25.40 48.80
CA SER B 92 8.63 -26.78 48.70
C SER B 92 8.95 -27.41 47.35
N ARG B 93 9.54 -26.68 46.41
CA ARG B 93 9.79 -27.23 45.09
C ARG B 93 11.03 -28.11 45.11
N ASP B 94 11.05 -29.10 44.20
CA ASP B 94 12.19 -29.99 44.08
C ASP B 94 13.39 -29.25 43.49
N LEU B 95 14.58 -29.62 43.97
CA LEU B 95 15.80 -28.95 43.53
C LEU B 95 16.17 -29.28 42.08
N VAL B 96 15.61 -30.36 41.52
CA VAL B 96 15.91 -30.78 40.16
C VAL B 96 14.65 -30.82 39.31
N VAL B 97 13.56 -31.38 39.83
CA VAL B 97 12.34 -31.55 39.07
C VAL B 97 11.56 -30.25 39.07
N ASP B 98 11.06 -29.85 37.90
CA ASP B 98 10.34 -28.60 37.74
C ASP B 98 8.84 -28.80 37.96
N THR B 99 8.14 -27.69 38.20
CA THR B 99 6.70 -27.72 38.41
C THR B 99 5.98 -27.53 37.08
N PRO B 100 5.22 -28.51 36.61
CA PRO B 100 4.52 -28.37 35.34
C PRO B 100 3.12 -27.80 35.51
N VAL B 101 2.58 -27.32 34.39
CA VAL B 101 1.18 -26.93 34.35
C VAL B 101 0.32 -28.18 34.37
N THR B 102 -0.70 -28.20 35.22
CA THR B 102 -1.58 -29.34 35.36
C THR B 102 -2.97 -29.01 34.83
N LEU B 103 -3.66 -30.04 34.34
CA LEU B 103 -4.99 -29.89 33.76
C LEU B 103 -5.88 -30.99 34.27
N SER B 104 -7.16 -30.67 34.40
CA SER B 104 -8.17 -31.65 34.73
C SER B 104 -8.83 -32.19 33.46
N PRO B 105 -9.27 -33.46 33.47
CA PRO B 105 -9.94 -34.01 32.28
C PRO B 105 -11.22 -33.25 31.90
N GLU B 106 -11.77 -32.46 32.81
CA GLU B 106 -12.98 -31.70 32.53
C GLU B 106 -12.70 -30.29 32.01
N ASP B 107 -11.45 -29.83 32.10
CA ASP B 107 -11.10 -28.52 31.59
C ASP B 107 -11.24 -28.47 30.06
N SER B 108 -11.54 -27.28 29.56
CA SER B 108 -11.71 -27.08 28.13
C SER B 108 -10.36 -26.94 27.43
N VAL B 109 -10.37 -27.23 26.13
CA VAL B 109 -9.16 -27.03 25.33
C VAL B 109 -8.79 -25.56 25.26
N SER B 110 -9.79 -24.67 25.37
CA SER B 110 -9.51 -23.23 25.36
C SER B 110 -8.56 -22.85 26.49
N ASP B 111 -8.90 -23.24 27.72
CA ASP B 111 -7.99 -22.98 28.84
C ASP B 111 -6.71 -23.79 28.71
N ALA B 112 -6.82 -25.03 28.24
CA ALA B 112 -5.64 -25.88 28.11
C ALA B 112 -4.57 -25.25 27.23
N ASN B 113 -5.00 -24.61 26.14
CA ASN B 113 -4.05 -23.91 25.27
C ASN B 113 -3.47 -22.68 25.96
N ALA B 114 -4.29 -21.98 26.74
CA ALA B 114 -3.79 -20.83 27.48
C ALA B 114 -2.91 -21.26 28.65
N LEU B 115 -3.28 -22.35 29.33
CA LEU B 115 -2.48 -22.84 30.45
C LEU B 115 -1.09 -23.30 30.01
N LEU B 116 -0.93 -23.67 28.73
CA LEU B 116 0.32 -24.28 28.28
C LEU B 116 1.50 -23.33 28.44
N HIS B 117 1.32 -22.07 28.06
CA HIS B 117 2.44 -21.13 27.97
C HIS B 117 2.83 -20.52 29.31
N LYS B 118 2.30 -21.01 30.42
CA LYS B 118 2.78 -20.58 31.74
C LYS B 118 4.08 -21.25 32.13
N ARG B 119 4.50 -22.29 31.40
CA ARG B 119 5.78 -22.95 31.62
C ARG B 119 6.50 -23.10 30.28
N ALA B 120 7.78 -23.47 30.36
CA ALA B 120 8.60 -23.68 29.18
C ALA B 120 8.72 -25.17 28.82
N HIS B 121 7.84 -26.00 29.35
CA HIS B 121 7.94 -27.45 29.14
C HIS B 121 7.34 -27.88 27.81
N GLY B 122 6.46 -27.09 27.21
CA GLY B 122 5.83 -27.48 25.96
C GLY B 122 4.82 -28.59 26.07
N ALA B 123 4.44 -28.98 27.29
CA ALA B 123 3.46 -30.03 27.49
C ALA B 123 2.85 -29.87 28.88
N ALA B 124 1.55 -30.17 28.98
CA ALA B 124 0.83 -30.12 30.24
C ALA B 124 0.47 -31.52 30.69
N VAL B 125 0.45 -31.72 32.00
CA VAL B 125 0.17 -33.02 32.60
C VAL B 125 -1.29 -33.06 33.04
N VAL B 126 -2.04 -34.02 32.53
CA VAL B 126 -3.42 -34.22 32.95
C VAL B 126 -3.42 -35.01 34.26
N VAL B 127 -4.09 -34.47 35.27
CA VAL B 127 -4.03 -35.00 36.63
C VAL B 127 -5.43 -35.39 37.07
N PHE B 128 -5.55 -36.59 37.65
CA PHE B 128 -6.78 -37.06 38.29
C PHE B 128 -6.40 -37.58 39.67
N GLU B 129 -6.89 -36.91 40.70
CA GLU B 129 -6.60 -37.27 42.09
C GLU B 129 -5.09 -37.33 42.34
N GLY B 130 -4.38 -36.31 41.85
CA GLY B 130 -2.95 -36.22 42.04
C GLY B 130 -2.11 -37.10 41.13
N ARG B 131 -2.74 -37.92 40.28
CA ARG B 131 -2.00 -38.88 39.46
C ARG B 131 -1.95 -38.40 38.01
N PRO B 132 -0.79 -38.49 37.36
CA PRO B 132 -0.72 -38.13 35.94
C PRO B 132 -1.39 -39.20 35.08
N ILE B 133 -2.22 -38.75 34.14
CA ILE B 133 -2.98 -39.69 33.31
C ILE B 133 -2.76 -39.39 31.83
N GLY B 134 -2.10 -38.28 31.52
CA GLY B 134 -1.88 -37.95 30.12
C GLY B 134 -1.12 -36.66 29.96
N LEU B 135 -0.80 -36.35 28.70
CA LEU B 135 -0.10 -35.15 28.31
C LEU B 135 -0.91 -34.34 27.31
N VAL B 136 -0.78 -33.01 27.40
CA VAL B 136 -1.43 -32.09 26.47
C VAL B 136 -0.38 -31.18 25.87
N THR B 137 -0.32 -31.13 24.55
CA THR B 137 0.58 -30.25 23.82
C THR B 137 -0.23 -29.32 22.92
N GLU B 138 0.46 -28.32 22.36
CA GLU B 138 -0.20 -27.38 21.47
C GLU B 138 -0.69 -28.06 20.19
N ALA B 139 0.09 -29.01 19.67
CA ALA B 139 -0.31 -29.71 18.46
C ALA B 139 -1.63 -30.45 18.65
N ASN B 140 -1.85 -31.01 19.84
CA ASN B 140 -3.10 -31.72 20.12
C ASN B 140 -4.29 -30.78 20.19
N CYS B 141 -4.07 -29.50 20.51
CA CYS B 141 -5.15 -28.54 20.63
C CYS B 141 -5.54 -27.91 19.29
N ALA B 142 -4.67 -27.96 18.30
CA ALA B 142 -4.97 -27.37 17.00
C ALA B 142 -5.98 -28.23 16.24
N GLY B 143 -6.90 -27.57 15.57
CA GLY B 143 -7.88 -28.26 14.73
C GLY B 143 -9.00 -28.94 15.48
N VAL B 144 -9.09 -28.77 16.79
CA VAL B 144 -10.15 -29.39 17.58
C VAL B 144 -11.07 -28.29 18.11
N ASP B 145 -12.25 -28.72 18.57
CA ASP B 145 -13.20 -27.80 19.19
C ASP B 145 -12.57 -27.12 20.40
N ARG B 146 -12.62 -25.79 20.42
CA ARG B 146 -12.06 -25.05 21.55
C ARG B 146 -12.82 -25.29 22.84
N PHE B 147 -14.04 -25.80 22.78
CA PHE B 147 -14.80 -26.13 23.98
C PHE B 147 -14.82 -27.63 24.25
N ALA B 148 -14.08 -28.41 23.48
CA ALA B 148 -13.96 -29.83 23.78
C ALA B 148 -13.26 -30.01 25.13
N ARG B 149 -13.34 -31.23 25.65
CA ARG B 149 -12.70 -31.56 26.91
C ARG B 149 -11.27 -32.03 26.67
N VAL B 150 -10.40 -31.72 27.64
CA VAL B 150 -9.02 -32.22 27.61
C VAL B 150 -9.01 -33.73 27.51
N ARG B 151 -9.98 -34.39 28.15
CA ARG B 151 -10.08 -35.85 28.10
C ARG B 151 -10.14 -36.38 26.67
N ASP B 152 -10.62 -35.58 25.72
CA ASP B 152 -10.76 -36.02 24.34
C ASP B 152 -9.47 -35.87 23.54
N ILE B 153 -8.52 -35.07 24.01
CA ILE B 153 -7.28 -34.81 23.30
C ILE B 153 -6.05 -35.20 24.09
N ALA B 154 -6.21 -35.66 25.33
CA ALA B 154 -5.06 -36.00 26.16
C ALA B 154 -4.32 -37.20 25.59
N LEU B 155 -2.99 -37.16 25.71
CA LEU B 155 -2.12 -38.22 25.18
C LEU B 155 -1.79 -39.17 26.33
N SER B 156 -2.29 -40.41 26.24
CA SER B 156 -2.10 -41.37 27.32
C SER B 156 -0.70 -41.97 27.35
N ASP B 157 0.10 -41.77 26.30
CA ASP B 157 1.46 -42.29 26.25
C ASP B 157 2.43 -41.21 26.69
N PHE B 158 3.24 -41.52 27.70
CA PHE B 158 4.23 -40.59 28.20
C PHE B 158 5.27 -41.36 29.00
N VAL B 159 6.50 -40.85 28.98
CA VAL B 159 7.58 -41.43 29.76
C VAL B 159 7.41 -41.04 31.22
N THR B 160 7.53 -42.01 32.12
CA THR B 160 7.40 -41.78 33.55
C THR B 160 8.57 -42.40 34.28
N ALA B 161 8.98 -41.75 35.37
CA ALA B 161 10.13 -42.18 36.15
C ALA B 161 9.95 -41.68 37.58
N PRO B 162 10.50 -42.37 38.57
CA PRO B 162 10.38 -41.90 39.95
C PRO B 162 11.26 -40.69 40.21
N VAL B 163 10.78 -39.82 41.09
CA VAL B 163 11.57 -38.67 41.49
C VAL B 163 12.83 -39.14 42.23
N GLY B 164 13.92 -38.42 42.04
CA GLY B 164 15.21 -38.81 42.56
C GLY B 164 16.09 -39.53 41.57
N THR B 165 15.52 -39.99 40.45
CA THR B 165 16.31 -40.61 39.40
C THR B 165 17.36 -39.64 38.88
N ASP B 166 18.56 -40.16 38.62
CA ASP B 166 19.64 -39.35 38.09
C ASP B 166 19.21 -38.68 36.79
N PRO B 167 19.30 -37.35 36.69
CA PRO B 167 18.96 -36.70 35.41
C PRO B 167 19.80 -37.19 34.24
N ARG B 168 20.96 -37.79 34.50
CA ARG B 168 21.73 -38.41 33.44
C ARG B 168 20.95 -39.55 32.78
N GLU B 169 20.20 -40.31 33.59
CA GLU B 169 19.39 -41.40 33.05
C GLU B 169 18.09 -40.90 32.45
N VAL B 170 17.44 -39.93 33.12
CA VAL B 170 16.22 -39.34 32.58
C VAL B 170 16.48 -38.74 31.20
N PHE B 171 17.68 -38.20 31.00
CA PHE B 171 18.08 -37.71 29.68
C PHE B 171 18.02 -38.83 28.65
N ASP B 172 18.59 -39.99 28.97
CA ASP B 172 18.67 -41.08 27.98
C ASP B 172 17.29 -41.66 27.67
N LEU B 173 16.37 -41.64 28.65
CA LEU B 173 15.04 -42.18 28.40
C LEU B 173 14.26 -41.35 27.39
N LEU B 174 14.58 -40.07 27.27
CA LEU B 174 13.87 -39.17 26.37
C LEU B 174 14.53 -39.06 25.00
N GLU B 175 15.56 -39.86 24.73
CA GLU B 175 16.27 -39.75 23.46
C GLU B 175 15.35 -40.04 22.28
N HIS B 176 14.55 -41.09 22.37
CA HIS B 176 13.65 -41.48 21.29
C HIS B 176 12.18 -41.30 21.66
N ALA B 177 11.90 -40.44 22.63
CA ALA B 177 10.52 -40.15 23.03
C ALA B 177 9.94 -39.07 22.13
N PRO B 178 8.73 -39.25 21.60
CA PRO B 178 8.15 -38.21 20.74
C PRO B 178 7.86 -36.92 21.47
N ILE B 179 7.60 -36.98 22.78
CA ILE B 179 7.31 -35.81 23.60
C ILE B 179 8.47 -35.64 24.58
N ASP B 180 9.17 -34.51 24.47
CA ASP B 180 10.37 -34.26 25.26
C ASP B 180 10.00 -33.78 26.67
N VAL B 181 9.20 -34.60 27.34
CA VAL B 181 8.79 -34.35 28.72
C VAL B 181 8.74 -35.68 29.45
N ALA B 182 9.50 -35.81 30.53
CA ALA B 182 9.49 -37.01 31.37
C ALA B 182 8.73 -36.70 32.65
N VAL B 183 7.66 -37.45 32.89
CA VAL B 183 6.79 -37.23 34.05
C VAL B 183 7.42 -37.88 35.27
N MET B 184 7.77 -37.07 36.26
CA MET B 184 8.40 -37.56 37.49
C MET B 184 7.33 -37.81 38.54
N THR B 185 7.33 -39.00 39.12
CA THR B 185 6.29 -39.44 40.03
C THR B 185 6.85 -39.68 41.41
N ALA B 186 6.02 -39.42 42.43
CA ALA B 186 6.37 -39.71 43.80
C ALA B 186 6.38 -41.23 44.02
N PRO B 187 6.99 -41.70 45.13
CA PRO B 187 6.96 -43.14 45.41
C PRO B 187 5.57 -43.75 45.42
N ASP B 188 4.56 -43.00 45.84
CA ASP B 188 3.19 -43.49 45.81
C ASP B 188 2.51 -43.31 44.47
N GLY B 189 3.25 -42.90 43.43
CA GLY B 189 2.72 -42.77 42.10
C GLY B 189 2.09 -41.44 41.78
N THR B 190 2.01 -40.52 42.74
CA THR B 190 1.38 -39.23 42.49
C THR B 190 2.31 -38.32 41.68
N LEU B 191 1.74 -37.25 41.16
CA LEU B 191 2.50 -36.31 40.34
C LEU B 191 3.47 -35.53 41.22
N ALA B 192 4.77 -35.65 40.92
CA ALA B 192 5.79 -34.84 41.57
C ALA B 192 6.34 -33.74 40.68
N GLY B 193 6.19 -33.86 39.37
CA GLY B 193 6.64 -32.84 38.44
C GLY B 193 7.08 -33.49 37.15
N VAL B 194 7.79 -32.71 36.34
CA VAL B 194 8.35 -33.20 35.08
C VAL B 194 9.80 -32.74 34.98
N LEU B 195 10.53 -33.39 34.08
CA LEU B 195 11.90 -33.00 33.77
C LEU B 195 12.14 -33.27 32.30
N THR B 196 12.41 -32.22 31.53
CA THR B 196 12.70 -32.38 30.11
C THR B 196 14.18 -32.66 29.92
N ARG B 197 14.55 -32.92 28.67
CA ARG B 197 15.96 -33.11 28.33
C ARG B 197 16.77 -31.86 28.72
N THR B 198 16.39 -30.71 28.17
CA THR B 198 17.13 -29.48 28.45
C THR B 198 17.12 -29.15 29.94
N GLY B 199 16.01 -29.44 30.63
CA GLY B 199 15.97 -29.23 32.06
C GLY B 199 16.88 -30.19 32.83
N ALA B 200 17.05 -31.41 32.32
CA ALA B 200 17.94 -32.36 32.98
C ALA B 200 19.40 -31.94 32.83
N ILE B 201 19.78 -31.41 31.66
CA ILE B 201 21.17 -31.02 31.44
C ILE B 201 21.52 -29.81 32.29
N ARG B 202 20.61 -28.83 32.39
CA ARG B 202 20.88 -27.62 33.16
C ARG B 202 21.18 -27.93 34.63
N ALA B 203 20.71 -29.07 35.14
CA ALA B 203 21.01 -29.43 36.52
C ALA B 203 22.50 -29.61 36.76
N GLY B 204 23.24 -29.97 35.72
CA GLY B 204 24.68 -30.16 35.83
C GLY B 204 25.52 -28.92 35.59
N ILE B 205 24.89 -27.80 35.23
CA ILE B 205 25.59 -26.54 35.03
C ILE B 205 25.30 -25.54 36.14
N TYR B 206 24.04 -25.44 36.55
CA TYR B 206 23.61 -24.47 37.54
C TYR B 206 23.46 -25.12 38.91
N THR B 207 23.99 -24.47 39.93
CA THR B 207 23.79 -24.93 41.30
C THR B 207 22.59 -24.20 41.90
N PRO B 208 21.56 -24.90 42.37
CA PRO B 208 20.39 -24.21 42.92
C PRO B 208 20.75 -23.36 44.13
N ALA B 209 20.15 -22.18 44.20
CA ALA B 209 20.33 -21.29 45.34
C ALA B 209 19.43 -21.77 46.48
N VAL B 210 20.04 -22.26 47.55
CA VAL B 210 19.30 -22.87 48.65
C VAL B 210 19.74 -22.25 49.96
N ASP B 211 18.84 -22.26 50.93
CA ASP B 211 19.11 -21.75 52.27
C ASP B 211 19.81 -22.83 53.10
N ALA B 212 19.90 -22.60 54.41
CA ALA B 212 20.53 -23.57 55.29
C ALA B 212 19.75 -24.88 55.38
N LYS B 213 18.45 -24.84 55.10
CA LYS B 213 17.61 -26.04 55.15
C LYS B 213 17.48 -26.73 53.79
N GLY B 214 18.25 -26.29 52.79
CA GLY B 214 18.19 -26.92 51.49
C GLY B 214 16.98 -26.56 50.66
N ARG B 215 16.32 -25.46 50.97
CA ARG B 215 15.12 -25.02 50.27
C ARG B 215 15.46 -23.88 49.32
N LEU B 216 14.75 -23.84 48.19
CA LEU B 216 15.00 -22.83 47.17
C LEU B 216 14.90 -21.43 47.75
N ARG B 217 15.85 -20.58 47.39
CA ARG B 217 15.93 -19.23 47.94
C ARG B 217 14.94 -18.29 47.28
N ILE B 218 14.53 -17.27 48.03
CA ILE B 218 13.59 -16.26 47.55
C ILE B 218 13.72 -15.04 48.44
N ALA B 219 13.63 -13.86 47.84
CA ALA B 219 13.78 -12.59 48.53
C ALA B 219 12.48 -11.78 48.42
N ALA B 220 12.44 -10.66 49.12
CA ALA B 220 11.26 -9.80 49.13
C ALA B 220 11.68 -8.37 49.37
N ALA B 221 10.91 -7.44 48.80
CA ALA B 221 11.17 -6.01 48.92
C ALA B 221 10.21 -5.35 49.89
N VAL B 222 10.62 -4.17 50.38
CA VAL B 222 9.84 -3.41 51.35
C VAL B 222 10.02 -1.93 51.05
N GLY B 223 8.92 -1.18 51.10
CA GLY B 223 8.97 0.25 50.90
C GLY B 223 9.39 1.01 52.14
N ILE B 224 9.56 2.32 51.98
CA ILE B 224 10.03 3.18 53.06
C ILE B 224 8.91 3.93 53.77
N ASN B 225 7.66 3.72 53.36
CA ASN B 225 6.54 4.36 54.03
C ASN B 225 5.94 3.42 55.07
N GLY B 226 5.18 4.01 55.99
CA GLY B 226 4.54 3.25 57.04
C GLY B 226 5.55 2.72 58.05
N ASP B 227 5.24 1.55 58.61
CA ASP B 227 6.08 0.92 59.63
C ASP B 227 7.04 -0.02 58.91
N VAL B 228 8.24 0.48 58.61
CA VAL B 228 9.24 -0.32 57.91
C VAL B 228 9.68 -1.49 58.78
N GLY B 229 9.88 -1.25 60.07
CA GLY B 229 10.32 -2.31 60.96
C GLY B 229 9.31 -3.44 61.08
N ALA B 230 8.02 -3.10 61.15
CA ALA B 230 6.99 -4.11 61.34
C ALA B 230 6.88 -5.03 60.13
N LYS B 231 6.90 -4.47 58.92
CA LYS B 231 6.82 -5.29 57.72
C LYS B 231 8.08 -6.13 57.54
N ALA B 232 9.25 -5.50 57.63
CA ALA B 232 10.50 -6.24 57.43
C ALA B 232 10.62 -7.40 58.41
N GLN B 233 10.12 -7.22 59.64
CA GLN B 233 10.04 -8.35 60.57
C GLN B 233 9.03 -9.37 60.09
N ALA B 234 7.88 -8.91 59.58
CA ALA B 234 6.87 -9.83 59.06
C ALA B 234 7.33 -10.48 57.76
N LEU B 235 8.03 -9.72 56.91
CA LEU B 235 8.57 -10.31 55.68
C LEU B 235 9.60 -11.38 55.98
N ALA B 236 10.47 -11.14 56.97
CA ALA B 236 11.46 -12.13 57.36
C ALA B 236 10.81 -13.36 57.98
N GLU B 237 9.83 -13.15 58.87
CA GLU B 237 9.14 -14.27 59.49
C GLU B 237 8.35 -15.10 58.49
N ALA B 238 8.00 -14.52 57.35
CA ALA B 238 7.32 -15.28 56.29
C ALA B 238 8.24 -16.24 55.57
N GLY B 239 9.55 -16.17 55.82
CA GLY B 239 10.51 -17.07 55.20
C GLY B 239 11.44 -16.44 54.19
N ALA B 240 11.49 -15.11 54.11
CA ALA B 240 12.38 -14.45 53.17
C ALA B 240 13.83 -14.67 53.57
N ASP B 241 14.68 -15.00 52.59
CA ASP B 241 16.10 -15.19 52.83
C ASP B 241 16.90 -13.91 52.64
N LEU B 242 16.29 -12.87 52.06
CA LEU B 242 16.99 -11.61 51.81
C LEU B 242 15.95 -10.50 51.73
N LEU B 243 16.28 -9.34 52.29
CA LEU B 243 15.38 -8.20 52.37
C LEU B 243 15.96 -7.03 51.60
N VAL B 244 15.13 -6.40 50.76
CA VAL B 244 15.52 -5.25 49.96
C VAL B 244 14.62 -4.09 50.32
N ILE B 245 15.21 -3.02 50.85
CA ILE B 245 14.49 -1.78 51.11
C ILE B 245 14.65 -0.90 49.88
N ASP B 246 13.56 -0.66 49.16
CA ASP B 246 13.59 -0.08 47.83
C ASP B 246 12.86 1.26 47.83
N THR B 247 13.49 2.27 47.25
CA THR B 247 12.88 3.57 47.05
C THR B 247 13.55 4.23 45.85
N ALA B 248 12.84 5.20 45.26
CA ALA B 248 13.36 5.87 44.07
C ALA B 248 14.63 6.65 44.38
N HIS B 249 14.61 7.45 45.44
CA HIS B 249 15.76 8.24 45.87
C HIS B 249 16.27 7.65 47.17
N GLY B 250 17.20 6.70 47.07
CA GLY B 250 17.76 6.05 48.24
C GLY B 250 18.60 6.97 49.12
N HIS B 251 19.06 8.09 48.57
CA HIS B 251 19.95 9.00 49.31
C HIS B 251 19.13 10.10 49.97
N GLN B 252 18.37 9.70 50.99
CA GLN B 252 17.54 10.63 51.73
C GLN B 252 17.46 10.20 53.19
N ALA B 253 17.06 11.15 54.04
CA ALA B 253 17.02 10.89 55.48
C ALA B 253 16.02 9.80 55.83
N LYS B 254 14.87 9.78 55.13
CA LYS B 254 13.86 8.78 55.43
C LYS B 254 14.35 7.37 55.10
N MET B 255 15.21 7.24 54.10
CA MET B 255 15.79 5.93 53.79
C MET B 255 16.77 5.49 54.87
N LEU B 256 17.61 6.41 55.33
CA LEU B 256 18.56 6.09 56.40
C LEU B 256 17.83 5.64 57.66
N ASP B 257 16.73 6.32 57.99
CA ASP B 257 15.93 5.89 59.14
C ASP B 257 15.34 4.50 58.91
N ALA B 258 14.91 4.23 57.68
CA ALA B 258 14.30 2.93 57.38
C ALA B 258 15.31 1.79 57.51
N ILE B 259 16.56 2.03 57.12
CA ILE B 259 17.57 1.00 57.19
C ILE B 259 17.88 0.64 58.64
N LYS B 260 18.01 1.64 59.51
CA LYS B 260 18.28 1.39 60.92
C LYS B 260 17.16 0.58 61.55
N ALA B 261 15.90 0.89 61.21
CA ALA B 261 14.77 0.19 61.80
C ALA B 261 14.86 -1.31 61.54
N VAL B 262 15.28 -1.70 60.33
CA VAL B 262 15.43 -3.12 60.04
C VAL B 262 16.69 -3.66 60.72
N ALA B 263 17.78 -2.88 60.70
CA ALA B 263 19.03 -3.34 61.28
C ALA B 263 18.91 -3.52 62.80
N SER B 264 18.16 -2.63 63.46
CA SER B 264 18.04 -2.69 64.91
C SER B 264 17.28 -3.92 65.39
N LEU B 265 16.54 -4.59 64.51
CA LEU B 265 15.81 -5.79 64.87
C LEU B 265 16.65 -7.06 64.76
N ASP B 266 17.81 -6.99 64.09
CA ASP B 266 18.77 -8.09 64.01
C ASP B 266 18.11 -9.36 63.44
N LEU B 267 17.62 -9.23 62.21
CA LEU B 267 16.97 -10.38 61.57
C LEU B 267 17.98 -11.43 61.12
N GLY B 268 19.26 -11.11 61.07
CA GLY B 268 20.25 -12.07 60.61
C GLY B 268 20.23 -12.33 59.12
N LEU B 269 19.61 -11.44 58.35
CA LEU B 269 19.46 -11.58 56.91
C LEU B 269 20.22 -10.48 56.18
N PRO B 270 20.70 -10.75 54.96
CA PRO B 270 21.35 -9.69 54.18
C PRO B 270 20.42 -8.52 53.94
N LEU B 271 20.98 -7.31 54.02
CA LEU B 271 20.23 -6.08 53.89
C LEU B 271 20.66 -5.36 52.62
N VAL B 272 19.74 -5.25 51.66
CA VAL B 272 19.97 -4.51 50.43
C VAL B 272 19.27 -3.18 50.53
N ALA B 273 19.91 -2.12 50.01
CA ALA B 273 19.38 -0.77 50.08
C ALA B 273 19.64 -0.06 48.77
N GLY B 274 18.67 0.72 48.32
CA GLY B 274 18.82 1.49 47.10
C GLY B 274 17.67 2.47 46.94
N ASN B 275 17.80 3.31 45.92
CA ASN B 275 18.93 3.29 44.99
C ASN B 275 19.75 4.58 45.07
N VAL B 276 21.06 4.47 44.88
CA VAL B 276 21.95 5.61 44.81
C VAL B 276 22.92 5.41 43.65
N VAL B 277 23.60 6.49 43.28
CA VAL B 277 24.56 6.47 42.17
C VAL B 277 25.78 7.31 42.52
N SER B 278 25.93 7.66 43.79
CA SER B 278 27.00 8.52 44.24
C SER B 278 27.88 7.79 45.27
N ALA B 279 29.12 8.24 45.37
CA ALA B 279 30.04 7.68 46.36
C ALA B 279 29.55 7.96 47.77
N GLU B 280 29.07 9.19 48.03
CA GLU B 280 28.51 9.50 49.34
C GLU B 280 27.28 8.66 49.62
N GLY B 281 26.40 8.51 48.62
CA GLY B 281 25.15 7.79 48.84
C GLY B 281 25.37 6.38 49.34
N THR B 282 26.30 5.66 48.71
CA THR B 282 26.55 4.27 49.13
C THR B 282 27.23 4.21 50.49
N ARG B 283 28.01 5.23 50.86
CA ARG B 283 28.63 5.23 52.18
C ARG B 283 27.61 5.47 53.28
N ASP B 284 26.65 6.36 53.04
CA ASP B 284 25.62 6.62 54.05
C ASP B 284 24.71 5.42 54.25
N LEU B 285 24.40 4.69 53.17
CA LEU B 285 23.52 3.54 53.28
C LEU B 285 24.18 2.38 54.00
N ILE B 286 25.49 2.20 53.81
CA ILE B 286 26.19 1.09 54.45
C ILE B 286 26.24 1.30 55.96
N GLU B 287 26.62 2.50 56.39
CA GLU B 287 26.65 2.80 57.83
C GLU B 287 25.26 2.70 58.44
N ALA B 288 24.22 3.09 57.69
CA ALA B 288 22.86 3.05 58.20
C ALA B 288 22.43 1.63 58.61
N GLY B 289 23.09 0.61 58.08
CA GLY B 289 22.82 -0.76 58.51
C GLY B 289 22.73 -1.73 57.35
N ALA B 290 22.89 -1.24 56.13
CA ALA B 290 22.83 -2.07 54.95
C ALA B 290 24.19 -2.67 54.65
N SER B 291 24.19 -3.94 54.21
CA SER B 291 25.40 -4.60 53.76
C SER B 291 25.53 -4.62 52.24
N ILE B 292 24.43 -4.42 51.51
CA ILE B 292 24.42 -4.38 50.06
C ILE B 292 23.70 -3.11 49.64
N VAL B 293 24.30 -2.37 48.71
CA VAL B 293 23.74 -1.12 48.21
C VAL B 293 23.33 -1.34 46.76
N LYS B 294 22.07 -1.03 46.45
CA LYS B 294 21.56 -1.17 45.09
C LYS B 294 21.83 0.11 44.31
N VAL B 295 22.40 -0.03 43.12
CA VAL B 295 22.83 1.10 42.29
C VAL B 295 21.96 1.18 41.05
N GLY B 296 21.44 2.37 40.77
CA GLY B 296 20.67 2.60 39.57
C GLY B 296 19.57 3.62 39.77
N VAL B 297 19.78 4.83 39.24
CA VAL B 297 18.79 5.91 39.30
C VAL B 297 18.73 6.54 37.92
N GLY B 298 17.61 6.33 37.23
CA GLY B 298 17.42 6.83 35.88
C GLY B 298 18.60 6.58 34.96
N PRO B 299 18.94 5.31 34.74
CA PRO B 299 20.11 5.01 33.88
C PRO B 299 19.87 5.30 32.41
N GLY B 300 18.63 5.28 31.94
CA GLY B 300 18.35 5.54 30.54
C GLY B 300 18.29 7.03 30.26
N ALA B 301 19.06 7.47 29.27
CA ALA B 301 19.10 8.89 28.93
C ALA B 301 17.75 9.38 28.42
N MET B 302 16.96 8.51 27.78
CA MET B 302 15.68 8.89 27.22
C MET B 302 14.50 8.30 27.99
N CYS B 303 14.71 7.87 29.23
CA CYS B 303 13.67 7.24 30.01
C CYS B 303 12.83 8.30 30.72
N THR B 304 11.82 7.84 31.47
CA THR B 304 10.87 8.75 32.08
C THR B 304 11.52 9.60 33.17
N THR B 305 12.31 8.96 34.05
CA THR B 305 12.94 9.69 35.14
C THR B 305 13.87 10.78 34.62
N ARG B 306 14.69 10.45 33.61
CA ARG B 306 15.62 11.44 33.07
C ARG B 306 14.88 12.56 32.35
N MET B 307 13.80 12.24 31.65
CA MET B 307 13.07 13.24 30.88
C MET B 307 12.16 14.11 31.74
N MET B 308 11.77 13.64 32.91
CA MET B 308 10.89 14.41 33.78
C MET B 308 11.67 15.34 34.72
N THR B 309 12.81 14.88 35.23
CA THR B 309 13.53 15.61 36.25
C THR B 309 14.98 15.91 35.89
N GLY B 310 15.55 15.25 34.90
CA GLY B 310 16.95 15.41 34.58
C GLY B 310 17.89 14.74 35.54
N VAL B 311 17.37 14.04 36.55
CA VAL B 311 18.21 13.40 37.56
C VAL B 311 18.51 11.98 37.10
N GLY B 312 19.77 11.58 37.23
CA GLY B 312 20.19 10.26 36.83
C GLY B 312 21.70 10.21 36.66
N ARG B 313 22.16 9.07 36.18
CA ARG B 313 23.58 8.87 35.93
C ARG B 313 23.78 7.64 35.05
N PRO B 314 24.69 7.70 34.08
CA PRO B 314 25.04 6.49 33.32
C PRO B 314 25.40 5.34 34.24
N GLN B 315 24.85 4.17 33.94
CA GLN B 315 24.86 3.07 34.90
C GLN B 315 26.28 2.55 35.16
N PHE B 316 27.13 2.53 34.13
CA PHE B 316 28.46 1.95 34.30
C PHE B 316 29.31 2.81 35.24
N SER B 317 29.40 4.12 34.96
CA SER B 317 30.18 5.00 35.83
C SER B 317 29.64 5.02 37.25
N ALA B 318 28.33 4.89 37.42
CA ALA B 318 27.75 4.83 38.75
C ALA B 318 28.24 3.62 39.52
N VAL B 319 28.24 2.45 38.86
CA VAL B 319 28.63 1.21 39.54
C VAL B 319 30.10 1.25 39.91
N VAL B 320 30.97 1.72 39.00
CA VAL B 320 32.40 1.78 39.28
C VAL B 320 32.66 2.63 40.52
N GLU B 321 32.02 3.80 40.59
CA GLU B 321 32.20 4.67 41.75
C GLU B 321 31.61 4.05 43.01
N CYS B 322 30.44 3.42 42.89
CA CYS B 322 29.78 2.86 44.07
C CYS B 322 30.50 1.60 44.55
N ALA B 323 30.92 0.74 43.62
CA ALA B 323 31.57 -0.50 44.01
C ALA B 323 32.88 -0.24 44.73
N ALA B 324 33.65 0.75 44.27
CA ALA B 324 34.90 1.08 44.95
C ALA B 324 34.66 1.65 46.33
N ALA B 325 33.69 2.57 46.45
CA ALA B 325 33.38 3.15 47.75
C ALA B 325 32.79 2.12 48.70
N ALA B 326 31.91 1.25 48.20
CA ALA B 326 31.32 0.23 49.05
C ALA B 326 32.37 -0.81 49.48
N ARG B 327 33.40 -1.01 48.67
CA ARG B 327 34.47 -1.93 49.04
C ARG B 327 35.15 -1.48 50.33
N GLN B 328 35.58 -0.21 50.37
CA GLN B 328 36.30 0.32 51.53
C GLN B 328 35.55 0.06 52.84
N LEU B 329 34.22 0.02 52.79
CA LEU B 329 33.40 -0.30 53.95
C LEU B 329 33.03 -1.78 54.01
N GLY B 330 33.61 -2.61 53.16
CA GLY B 330 33.32 -4.03 53.19
C GLY B 330 31.96 -4.42 52.67
N GLY B 331 31.34 -3.58 51.84
CA GLY B 331 30.02 -3.87 51.31
C GLY B 331 30.06 -4.36 49.87
N HIS B 332 28.87 -4.53 49.31
CA HIS B 332 28.70 -4.96 47.93
C HIS B 332 27.63 -4.10 47.28
N VAL B 333 27.61 -4.11 45.94
CA VAL B 333 26.67 -3.30 45.17
C VAL B 333 25.98 -4.18 44.15
N TRP B 334 24.70 -3.88 43.89
CA TRP B 334 23.91 -4.51 42.86
C TRP B 334 23.73 -3.54 41.70
N ALA B 335 23.95 -4.02 40.48
CA ALA B 335 23.73 -3.22 39.27
C ALA B 335 22.27 -3.38 38.85
N ASP B 336 21.49 -2.32 39.01
CA ASP B 336 20.06 -2.33 38.73
C ASP B 336 19.75 -1.29 37.66
N GLY B 337 19.28 -1.76 36.50
CA GLY B 337 18.77 -0.86 35.49
C GLY B 337 19.50 -0.92 34.15
N GLY B 338 18.74 -0.80 33.06
CA GLY B 338 19.31 -0.72 31.74
C GLY B 338 19.86 -2.02 31.18
N VAL B 339 19.68 -3.14 31.89
CA VAL B 339 20.22 -4.40 31.42
C VAL B 339 19.38 -4.92 30.25
N ARG B 340 20.01 -5.11 29.10
CA ARG B 340 19.33 -5.57 27.90
C ARG B 340 20.00 -6.77 27.23
N HIS B 341 21.28 -6.99 27.45
CA HIS B 341 22.04 -8.03 26.77
C HIS B 341 23.03 -8.62 27.76
N PRO B 342 23.56 -9.81 27.47
CA PRO B 342 24.64 -10.36 28.34
C PRO B 342 25.85 -9.47 28.43
N ARG B 343 26.07 -8.58 27.47
CA ARG B 343 27.15 -7.59 27.58
C ARG B 343 26.97 -6.72 28.81
N ASP B 344 25.73 -6.34 29.12
CA ASP B 344 25.48 -5.40 30.21
C ASP B 344 25.80 -6.02 31.56
N VAL B 345 25.40 -7.28 31.79
CA VAL B 345 25.71 -7.93 33.05
C VAL B 345 27.22 -8.19 33.16
N ALA B 346 27.85 -8.53 32.04
CA ALA B 346 29.29 -8.77 32.06
C ALA B 346 30.07 -7.50 32.43
N LEU B 347 29.67 -6.37 31.86
CA LEU B 347 30.33 -5.11 32.19
C LEU B 347 29.96 -4.63 33.59
N ALA B 348 28.74 -4.93 34.04
CA ALA B 348 28.36 -4.57 35.39
C ALA B 348 29.22 -5.30 36.43
N LEU B 349 29.50 -6.58 36.18
CA LEU B 349 30.38 -7.32 37.08
C LEU B 349 31.81 -6.83 36.98
N ALA B 350 32.27 -6.53 35.76
CA ALA B 350 33.60 -5.97 35.59
C ALA B 350 33.73 -4.63 36.32
N ALA B 351 32.65 -3.85 36.38
CA ALA B 351 32.68 -2.57 37.06
C ALA B 351 32.85 -2.72 38.58
N GLY B 352 32.62 -3.90 39.12
CA GLY B 352 32.77 -4.14 40.55
C GLY B 352 31.51 -4.60 41.26
N ALA B 353 30.37 -4.70 40.58
CA ALA B 353 29.16 -5.16 41.23
C ALA B 353 29.24 -6.64 41.60
N SER B 354 28.61 -6.99 42.71
CA SER B 354 28.52 -8.39 43.13
C SER B 354 27.34 -9.11 42.49
N ASN B 355 26.35 -8.38 41.99
CA ASN B 355 25.20 -8.96 41.33
C ASN B 355 24.64 -7.93 40.36
N VAL B 356 23.99 -8.43 39.31
CA VAL B 356 23.30 -7.59 38.33
C VAL B 356 21.83 -7.99 38.35
N MET B 357 20.96 -7.03 38.66
CA MET B 357 19.53 -7.30 38.74
C MET B 357 18.86 -6.93 37.43
N ILE B 358 17.99 -7.82 36.95
CA ILE B 358 17.35 -7.69 35.65
C ILE B 358 15.85 -7.59 35.85
N GLY B 359 15.22 -6.65 35.15
CA GLY B 359 13.80 -6.42 35.31
C GLY B 359 12.96 -6.63 34.06
N SER B 360 12.77 -5.56 33.29
CA SER B 360 11.87 -5.61 32.15
C SER B 360 12.28 -6.66 31.12
N TRP B 361 13.59 -6.96 31.03
CA TRP B 361 14.04 -7.98 30.10
C TRP B 361 13.38 -9.33 30.37
N PHE B 362 13.25 -9.70 31.65
CA PHE B 362 12.65 -10.97 32.01
C PHE B 362 11.14 -10.98 31.90
N ALA B 363 10.51 -9.84 31.62
CA ALA B 363 9.06 -9.82 31.46
C ALA B 363 8.62 -10.59 30.22
N GLY B 364 9.44 -10.62 29.17
CA GLY B 364 9.12 -11.36 27.97
C GLY B 364 9.53 -12.82 28.04
N THR B 365 9.00 -13.55 29.03
CA THR B 365 9.31 -14.96 29.20
C THR B 365 8.03 -15.69 29.59
N TYR B 366 8.09 -17.02 29.50
CA TYR B 366 6.96 -17.84 29.93
C TYR B 366 6.71 -17.73 31.42
N GLU B 367 7.78 -17.56 32.20
CA GLU B 367 7.67 -17.62 33.66
C GLU B 367 7.20 -16.31 34.29
N SER B 368 7.12 -15.23 33.52
CA SER B 368 6.64 -13.97 34.06
C SER B 368 5.15 -14.06 34.40
N PRO B 369 4.67 -13.25 35.36
CA PRO B 369 3.28 -13.36 35.78
C PRO B 369 2.27 -12.98 34.71
N GLY B 370 2.64 -12.09 33.78
CA GLY B 370 1.69 -11.61 32.81
C GLY B 370 1.26 -12.69 31.82
N ASP B 371 0.16 -12.41 31.14
CA ASP B 371 -0.33 -13.31 30.10
C ASP B 371 0.47 -13.12 28.81
N LEU B 372 0.44 -14.15 27.97
CA LEU B 372 1.12 -14.10 26.68
C LEU B 372 0.27 -13.32 25.69
N LEU B 373 0.88 -12.31 25.06
CA LEU B 373 0.20 -11.45 24.11
C LEU B 373 0.81 -11.60 22.73
N PHE B 374 0.07 -11.13 21.72
CA PHE B 374 0.50 -11.18 20.34
C PHE B 374 0.18 -9.86 19.65
N ASP B 375 1.13 -9.37 18.85
CA ASP B 375 0.98 -8.10 18.16
C ASP B 375 0.31 -8.33 16.80
N ARG B 376 0.30 -7.28 15.96
CA ARG B 376 -0.30 -7.40 14.65
C ARG B 376 0.48 -8.31 13.71
N ASP B 377 1.75 -8.57 14.02
CA ASP B 377 2.58 -9.47 13.25
C ASP B 377 2.57 -10.90 13.81
N ASP B 378 1.70 -11.19 14.77
CA ASP B 378 1.59 -12.48 15.44
C ASP B 378 2.85 -12.83 16.22
N ARG B 379 3.65 -11.84 16.58
CA ARG B 379 4.84 -12.07 17.38
C ARG B 379 4.47 -12.13 18.86
N PRO B 380 4.88 -13.16 19.59
CA PRO B 380 4.58 -13.22 21.02
C PRO B 380 5.34 -12.16 21.78
N TYR B 381 4.68 -11.58 22.79
CA TYR B 381 5.29 -10.54 23.60
C TYR B 381 4.53 -10.43 24.92
N LYS B 382 5.13 -9.75 25.88
CA LYS B 382 4.48 -9.42 27.13
C LYS B 382 4.80 -7.99 27.50
N GLU B 383 3.89 -7.36 28.24
CA GLU B 383 4.00 -5.96 28.61
C GLU B 383 4.69 -5.82 29.96
N SER B 384 5.81 -5.12 29.98
CA SER B 384 6.47 -4.76 31.23
C SER B 384 5.95 -3.40 31.71
N TYR B 385 5.95 -3.23 33.04
CA TYR B 385 5.47 -1.98 33.62
C TYR B 385 6.12 -1.79 34.98
N GLY B 386 6.34 -0.52 35.34
CA GLY B 386 7.05 -0.19 36.55
C GLY B 386 6.18 -0.20 37.79
N MET B 387 6.86 -0.17 38.94
CA MET B 387 6.16 -0.10 40.22
C MET B 387 5.58 1.27 40.49
N ALA B 388 6.05 2.31 39.79
CA ALA B 388 5.54 3.67 39.92
C ALA B 388 5.58 4.18 41.35
N SER B 389 4.42 4.40 41.94
CA SER B 389 4.35 4.99 43.28
C SER B 389 4.81 4.05 44.38
N LYS B 390 4.95 2.75 44.09
CA LYS B 390 5.41 1.81 45.11
C LYS B 390 6.86 2.04 45.53
N ARG B 391 7.62 2.84 44.77
CA ARG B 391 8.97 3.21 45.15
C ARG B 391 9.07 4.66 45.61
N ALA B 392 7.96 5.38 45.67
CA ALA B 392 7.96 6.80 46.00
C ALA B 392 7.44 7.01 47.41
N VAL B 393 8.00 7.98 48.11
CA VAL B 393 7.54 8.35 49.44
C VAL B 393 6.23 9.13 49.32
N ALA B 394 5.21 8.69 50.05
CA ALA B 394 3.90 9.33 50.10
C ALA B 394 3.97 10.85 50.05
N SER B 401 -8.20 14.51 52.88
CA SER B 401 -9.35 13.70 52.49
C SER B 401 -9.29 13.35 51.00
N SER B 402 -10.43 13.44 50.33
CA SER B 402 -10.44 13.26 48.89
C SER B 402 -9.66 14.37 48.18
N PHE B 403 -9.62 15.56 48.77
CA PHE B 403 -8.77 16.63 48.26
C PHE B 403 -7.31 16.20 48.25
N ASP B 404 -6.84 15.69 49.39
CA ASP B 404 -5.46 15.19 49.48
C ASP B 404 -5.22 14.05 48.49
N ARG B 405 -6.17 13.11 48.39
CA ARG B 405 -6.01 11.96 47.51
C ARG B 405 -5.79 12.39 46.07
N ALA B 406 -6.63 13.29 45.56
CA ALA B 406 -6.49 13.76 44.19
C ALA B 406 -5.23 14.60 44.00
N ARG B 407 -4.82 15.33 45.04
CA ARG B 407 -3.58 16.09 44.97
C ARG B 407 -2.40 15.19 44.62
N LYS B 408 -2.23 14.10 45.35
CA LYS B 408 -1.11 13.19 45.10
C LYS B 408 -1.21 12.58 43.70
N GLY B 409 -2.38 12.02 43.36
CA GLY B 409 -2.53 11.35 42.07
C GLY B 409 -2.26 12.25 40.89
N LEU B 410 -2.58 13.55 41.01
CA LEU B 410 -2.32 14.49 39.92
C LEU B 410 -0.84 14.49 39.54
N PHE B 411 0.05 14.64 40.51
CA PHE B 411 1.47 14.73 40.26
C PHE B 411 2.18 13.38 40.28
N GLU B 412 1.45 12.29 40.53
CA GLU B 412 2.08 10.98 40.64
C GLU B 412 2.72 10.56 39.33
N GLU B 413 3.65 9.61 39.42
CA GLU B 413 4.32 9.04 38.26
C GLU B 413 3.44 7.96 37.65
N GLY B 414 2.90 8.23 36.47
CA GLY B 414 2.10 7.23 35.79
C GLY B 414 2.88 5.96 35.50
N ILE B 415 2.13 4.89 35.25
CA ILE B 415 2.72 3.57 35.00
C ILE B 415 3.04 3.48 33.51
N SER B 416 4.33 3.39 33.19
CA SER B 416 4.79 3.28 31.81
C SER B 416 4.82 1.82 31.39
N THR B 417 4.30 1.54 30.19
CA THR B 417 4.22 0.19 29.66
C THR B 417 5.09 0.06 28.43
N SER B 418 5.82 -1.04 28.34
CA SER B 418 6.70 -1.31 27.21
C SER B 418 6.57 -2.78 26.81
N ARG B 419 6.58 -3.03 25.50
CA ARG B 419 6.42 -4.37 24.97
C ARG B 419 7.76 -5.08 24.96
N MET B 420 7.82 -6.25 25.60
CA MET B 420 9.02 -7.09 25.64
C MET B 420 8.72 -8.33 24.81
N SER B 421 9.23 -8.37 23.59
CA SER B 421 8.95 -9.48 22.69
C SER B 421 9.65 -10.75 23.15
N LEU B 422 8.97 -11.88 22.99
CA LEU B 422 9.55 -13.17 23.32
C LEU B 422 10.37 -13.70 22.15
N ASP B 423 11.57 -14.18 22.45
CA ASP B 423 12.39 -14.83 21.44
C ASP B 423 11.80 -16.19 21.11
N PRO B 424 11.44 -16.45 19.85
CA PRO B 424 10.88 -17.76 19.50
C PRO B 424 11.82 -18.92 19.79
N ALA B 425 13.12 -18.66 19.94
CA ALA B 425 14.08 -19.68 20.31
C ALA B 425 14.48 -19.61 21.78
N ARG B 426 14.17 -18.51 22.47
CA ARG B 426 14.47 -18.33 23.88
C ARG B 426 13.23 -17.87 24.64
N GLY B 427 12.12 -18.60 24.44
CA GLY B 427 10.88 -18.23 25.08
C GLY B 427 10.90 -18.37 26.58
N GLY B 428 11.71 -19.29 27.09
CA GLY B 428 11.82 -19.47 28.53
C GLY B 428 12.93 -18.63 29.12
N VAL B 429 12.77 -18.28 30.41
CA VAL B 429 13.79 -17.50 31.09
C VAL B 429 15.08 -18.31 31.23
N GLU B 430 14.98 -19.64 31.28
CA GLU B 430 16.16 -20.48 31.39
C GLU B 430 17.02 -20.38 30.14
N ASP B 431 16.40 -20.13 28.98
CA ASP B 431 17.18 -19.87 27.78
C ASP B 431 17.88 -18.53 27.86
N LEU B 432 17.25 -17.53 28.50
CA LEU B 432 17.93 -16.28 28.74
C LEU B 432 19.09 -16.46 29.71
N LEU B 433 18.87 -17.20 30.79
CA LEU B 433 19.96 -17.47 31.74
C LEU B 433 21.10 -18.21 31.06
N ASP B 434 20.77 -19.12 30.13
CA ASP B 434 21.81 -19.73 29.30
C ASP B 434 22.51 -18.68 28.46
N HIS B 435 21.74 -17.81 27.81
CA HIS B 435 22.32 -16.74 27.01
C HIS B 435 23.12 -15.78 27.86
N ILE B 436 22.58 -15.38 29.02
CA ILE B 436 23.26 -14.41 29.88
C ILE B 436 24.56 -15.00 30.43
N THR B 437 24.49 -16.19 31.01
CA THR B 437 25.65 -16.76 31.68
C THR B 437 26.73 -17.18 30.68
N SER B 438 26.33 -17.64 29.50
CA SER B 438 27.32 -18.02 28.49
C SER B 438 28.25 -16.87 28.16
N GLY B 439 27.71 -15.66 28.03
CA GLY B 439 28.55 -14.50 27.77
C GLY B 439 29.42 -14.14 28.96
N VAL B 440 28.85 -14.20 30.17
CA VAL B 440 29.61 -13.86 31.37
C VAL B 440 30.78 -14.83 31.55
N ARG B 441 30.50 -16.13 31.42
CA ARG B 441 31.56 -17.12 31.55
C ARG B 441 32.59 -16.97 30.44
N SER B 442 32.14 -16.64 29.23
CA SER B 442 33.07 -16.35 28.14
C SER B 442 33.84 -15.05 28.40
N THR B 443 33.20 -14.06 29.02
CA THR B 443 33.89 -12.82 29.34
C THR B 443 35.08 -13.08 30.26
N CYS B 444 34.88 -13.88 31.31
CA CYS B 444 35.97 -14.23 32.20
C CYS B 444 37.08 -14.96 31.47
N THR B 445 36.72 -15.80 30.49
CA THR B 445 37.72 -16.50 29.69
C THR B 445 38.59 -15.52 28.90
N TYR B 446 37.96 -14.47 28.35
CA TYR B 446 38.72 -13.46 27.61
C TYR B 446 39.63 -12.66 28.54
N VAL B 447 39.16 -12.39 29.77
CA VAL B 447 39.94 -11.58 30.69
C VAL B 447 41.04 -12.40 31.37
N GLY B 448 40.81 -13.71 31.54
CA GLY B 448 41.71 -14.54 32.30
C GLY B 448 41.30 -14.78 33.73
N ALA B 449 40.00 -14.70 34.04
CA ALA B 449 39.49 -14.82 35.39
C ALA B 449 38.80 -16.17 35.58
N ALA B 450 39.00 -16.78 36.73
CA ALA B 450 38.34 -18.02 37.09
C ALA B 450 37.08 -17.81 37.91
N ASN B 451 36.80 -16.58 38.34
CA ASN B 451 35.62 -16.28 39.14
C ASN B 451 35.29 -14.80 38.99
N LEU B 452 34.25 -14.37 39.70
CA LEU B 452 33.77 -12.99 39.64
C LEU B 452 34.74 -12.01 40.31
N PRO B 453 35.31 -12.31 41.47
CA PRO B 453 36.32 -11.38 42.03
C PRO B 453 37.51 -11.19 41.12
N GLU B 454 38.00 -12.26 40.48
CA GLU B 454 39.11 -12.10 39.54
C GLU B 454 38.70 -11.30 38.31
N LEU B 455 37.43 -11.40 37.90
CA LEU B 455 36.95 -10.62 36.76
C LEU B 455 37.11 -9.13 37.02
N HIS B 456 36.66 -8.66 38.18
CA HIS B 456 36.80 -7.25 38.54
C HIS B 456 38.26 -6.86 38.75
N GLU B 457 39.10 -7.80 39.18
CA GLU B 457 40.48 -7.46 39.49
C GLU B 457 41.38 -7.49 38.26
N LYS B 458 41.08 -8.37 37.29
CA LYS B 458 41.97 -8.59 36.15
C LYS B 458 41.52 -7.86 34.89
N VAL B 459 40.35 -7.20 34.91
CA VAL B 459 39.79 -6.65 33.68
C VAL B 459 40.57 -5.41 33.25
N VAL B 460 40.69 -5.23 31.94
CA VAL B 460 41.23 -4.01 31.33
C VAL B 460 40.16 -3.45 30.42
N LEU B 461 39.84 -2.17 30.60
CA LEU B 461 38.71 -1.54 29.93
C LEU B 461 39.19 -0.42 29.02
N GLY B 462 38.34 -0.08 28.04
CA GLY B 462 38.60 1.03 27.16
C GLY B 462 37.32 1.77 26.84
N VAL B 463 37.49 2.95 26.24
CA VAL B 463 36.37 3.80 25.84
C VAL B 463 36.30 3.82 24.32
N GLN B 464 35.09 3.80 23.79
CA GLN B 464 34.86 3.83 22.35
C GLN B 464 34.05 5.06 21.97
N SER B 465 34.18 5.46 20.71
CA SER B 465 33.48 6.63 20.20
C SER B 465 32.05 6.26 19.81
N ALA B 466 31.31 7.26 19.30
CA ALA B 466 29.93 7.04 18.89
C ALA B 466 29.83 6.14 17.65
N ALA B 467 30.92 5.96 16.93
CA ALA B 467 30.93 5.10 15.75
C ALA B 467 30.52 3.66 16.09
N VAL C 2 52.85 5.78 13.25
CA VAL C 2 51.88 6.74 12.74
C VAL C 2 52.10 8.09 13.40
N ARG C 3 51.69 9.15 12.70
CA ARG C 3 51.69 10.50 13.25
C ARG C 3 50.28 11.07 13.18
N PHE C 4 49.80 11.58 14.31
CA PHE C 4 48.49 12.22 14.37
C PHE C 4 48.66 13.74 14.44
N LEU C 5 47.64 14.44 13.97
CA LEU C 5 47.65 15.90 14.01
C LEU C 5 47.83 16.40 15.44
N ASP C 6 48.43 17.57 15.57
CA ASP C 6 48.71 18.14 16.88
C ASP C 6 47.42 18.30 17.68
N GLY C 7 47.40 17.74 18.88
CA GLY C 7 46.24 17.79 19.74
C GLY C 7 45.25 16.65 19.56
N HIS C 8 45.45 15.80 18.55
CA HIS C 8 44.52 14.70 18.27
C HIS C 8 44.91 13.47 19.11
N THR C 9 44.70 13.61 20.42
CA THR C 9 44.93 12.53 21.38
C THR C 9 43.60 12.29 22.09
N PRO C 10 42.68 11.55 21.48
CA PRO C 10 41.35 11.36 22.07
C PRO C 10 41.41 10.49 23.31
N ALA C 11 40.37 10.61 24.13
CA ALA C 11 40.20 9.78 25.33
C ALA C 11 39.44 8.50 25.03
N TYR C 12 39.67 7.91 23.87
CA TYR C 12 38.99 6.69 23.47
C TYR C 12 39.79 6.04 22.34
N ASP C 13 39.39 4.82 21.99
CA ASP C 13 40.00 4.11 20.88
C ASP C 13 39.28 4.43 19.57
N LEU C 14 39.97 4.18 18.46
CA LEU C 14 39.54 4.64 17.15
C LEU C 14 39.14 3.46 16.28
N THR C 15 37.99 3.58 15.62
CA THR C 15 37.59 2.64 14.58
C THR C 15 38.03 3.18 13.22
N TYR C 16 37.72 2.43 12.16
CA TYR C 16 38.00 2.91 10.82
C TYR C 16 37.23 4.17 10.47
N ASN C 17 36.08 4.39 11.12
CA ASN C 17 35.27 5.58 10.89
C ASN C 17 35.76 6.80 11.64
N ASP C 18 36.68 6.63 12.61
CA ASP C 18 37.10 7.72 13.47
C ASP C 18 38.30 8.50 12.95
N VAL C 19 39.00 7.98 11.94
CA VAL C 19 40.26 8.56 11.51
C VAL C 19 40.18 8.95 10.04
N PHE C 20 41.09 9.84 9.64
CA PHE C 20 41.26 10.24 8.26
C PHE C 20 42.74 10.47 7.98
N VAL C 21 43.10 10.49 6.70
CA VAL C 21 44.48 10.66 6.27
C VAL C 21 44.62 12.07 5.72
N VAL C 22 45.60 12.80 6.24
CA VAL C 22 45.89 14.16 5.77
C VAL C 22 46.86 14.07 4.60
N PRO C 23 46.57 14.72 3.47
CA PRO C 23 47.49 14.69 2.33
C PRO C 23 48.81 15.34 2.67
N GLY C 24 49.90 14.78 2.11
CA GLY C 24 51.23 15.33 2.26
C GLY C 24 51.86 15.58 0.90
N ARG C 25 53.03 16.21 0.94
CA ARG C 25 53.76 16.48 -0.30
C ARG C 25 54.14 15.18 -0.98
N SER C 26 53.91 15.10 -2.29
CA SER C 26 54.05 13.85 -3.01
C SER C 26 54.76 14.08 -4.34
N ASP C 27 55.62 13.13 -4.70
CA ASP C 27 56.21 13.07 -6.03
C ASP C 27 55.82 11.77 -6.73
N VAL C 28 54.75 11.12 -6.29
CA VAL C 28 54.22 9.91 -6.91
C VAL C 28 53.01 10.33 -7.73
N ALA C 29 53.21 10.54 -9.03
CA ALA C 29 52.14 11.03 -9.89
C ALA C 29 51.13 9.93 -10.21
N SER C 30 51.60 8.79 -10.71
CA SER C 30 50.72 7.72 -11.16
C SER C 30 50.52 6.70 -10.06
N ARG C 31 49.29 6.18 -9.97
CA ARG C 31 48.98 5.15 -8.98
C ARG C 31 49.62 3.81 -9.32
N PHE C 32 49.99 3.60 -10.58
CA PHE C 32 50.73 2.40 -10.96
C PHE C 32 52.19 2.44 -10.53
N ASP C 33 52.69 3.62 -10.12
CA ASP C 33 54.04 3.72 -9.60
C ASP C 33 54.17 3.19 -8.17
N VAL C 34 53.06 2.89 -7.50
CA VAL C 34 53.07 2.39 -6.14
C VAL C 34 53.24 0.87 -6.17
N ASP C 35 54.14 0.36 -5.34
CA ASP C 35 54.37 -1.07 -5.23
C ASP C 35 53.67 -1.57 -3.97
N LEU C 36 52.64 -2.39 -4.16
CA LEU C 36 51.86 -2.93 -3.05
C LEU C 36 52.36 -4.29 -2.59
N SER C 37 53.57 -4.68 -2.97
CA SER C 37 54.13 -5.94 -2.52
C SER C 37 54.36 -5.92 -1.01
N THR C 38 54.20 -7.07 -0.38
CA THR C 38 54.35 -7.21 1.05
C THR C 38 55.74 -7.74 1.40
N VAL C 39 56.15 -7.47 2.63
CA VAL C 39 57.46 -7.87 3.13
C VAL C 39 57.35 -8.74 4.39
N ASP C 40 56.19 -9.34 4.62
CA ASP C 40 55.95 -10.13 5.82
C ASP C 40 56.14 -11.62 5.60
N GLY C 41 56.65 -12.01 4.44
CA GLY C 41 56.88 -13.41 4.14
C GLY C 41 55.68 -14.16 3.60
N SER C 42 54.51 -13.51 3.50
CA SER C 42 53.33 -14.18 2.97
C SER C 42 53.48 -14.47 1.47
N GLY C 43 54.28 -13.67 0.77
CA GLY C 43 54.46 -13.83 -0.66
C GLY C 43 53.44 -13.14 -1.53
N THR C 44 52.51 -12.38 -0.93
CA THR C 44 51.51 -11.68 -1.70
C THR C 44 52.07 -10.40 -2.29
N THR C 45 51.63 -10.06 -3.50
CA THR C 45 52.02 -8.81 -4.14
C THR C 45 51.00 -7.70 -3.92
N ILE C 46 49.85 -8.00 -3.34
CA ILE C 46 48.89 -6.98 -2.93
C ILE C 46 48.52 -7.26 -1.47
N PRO C 47 48.18 -6.23 -0.68
CA PRO C 47 47.87 -6.43 0.75
C PRO C 47 46.46 -6.96 0.99
N VAL C 48 46.11 -8.06 0.32
CA VAL C 48 44.79 -8.66 0.43
C VAL C 48 44.95 -10.12 0.81
N VAL C 49 44.36 -10.52 1.93
CA VAL C 49 44.29 -11.91 2.36
C VAL C 49 42.83 -12.27 2.57
N VAL C 50 42.41 -13.42 2.05
CA VAL C 50 41.04 -13.88 2.17
C VAL C 50 40.91 -14.71 3.45
N ALA C 51 39.89 -14.41 4.25
CA ALA C 51 39.74 -15.02 5.56
C ALA C 51 39.49 -16.52 5.45
N ASN C 52 39.94 -17.26 6.46
CA ASN C 52 39.74 -18.70 6.55
C ASN C 52 38.31 -19.01 6.99
N MET C 53 37.38 -18.80 6.05
CA MET C 53 35.97 -19.04 6.30
C MET C 53 35.44 -19.95 5.20
N THR C 54 34.68 -20.99 5.60
CA THR C 54 34.13 -21.93 4.62
C THR C 54 33.21 -21.23 3.62
N ALA C 55 32.62 -20.10 4.01
CA ALA C 55 31.73 -19.36 3.13
C ALA C 55 32.46 -18.54 2.09
N VAL C 56 33.79 -18.39 2.20
CA VAL C 56 34.53 -17.53 1.30
C VAL C 56 35.71 -18.27 0.69
N ALA C 57 36.36 -19.14 1.48
CA ALA C 57 37.64 -19.73 1.09
C ALA C 57 37.41 -21.06 0.38
N GLY C 58 37.01 -20.97 -0.88
CA GLY C 58 36.89 -22.13 -1.74
C GLY C 58 38.08 -22.27 -2.67
N ARG C 59 38.00 -23.29 -3.53
CA ARG C 59 39.08 -23.54 -4.47
C ARG C 59 39.09 -22.51 -5.60
N ARG C 60 37.91 -22.07 -6.04
CA ARG C 60 37.84 -20.99 -7.02
C ARG C 60 38.35 -19.68 -6.45
N MET C 61 38.13 -19.47 -5.15
CA MET C 61 38.64 -18.25 -4.51
C MET C 61 40.16 -18.24 -4.46
N ALA C 62 40.77 -19.36 -4.05
CA ALA C 62 42.22 -19.44 -3.95
C ALA C 62 42.89 -19.19 -5.29
N GLU C 63 42.34 -19.76 -6.36
CA GLU C 63 42.92 -19.55 -7.69
C GLU C 63 42.80 -18.10 -8.12
N THR C 64 41.65 -17.48 -7.87
CA THR C 64 41.40 -16.13 -8.38
C THR C 64 42.26 -15.09 -7.67
N VAL C 65 42.44 -15.23 -6.35
CA VAL C 65 43.18 -14.21 -5.61
C VAL C 65 44.68 -14.36 -5.82
N ALA C 66 45.18 -15.60 -5.80
CA ALA C 66 46.61 -15.82 -5.98
C ALA C 66 47.08 -15.33 -7.35
N ARG C 67 46.23 -15.46 -8.37
CA ARG C 67 46.58 -14.93 -9.70
C ARG C 67 46.68 -13.42 -9.69
N ARG C 68 45.86 -12.74 -8.88
CA ARG C 68 45.89 -11.29 -8.79
C ARG C 68 46.82 -10.79 -7.69
N GLY C 69 47.58 -11.68 -7.06
CA GLY C 69 48.64 -11.30 -6.14
C GLY C 69 48.35 -11.49 -4.67
N GLY C 70 47.12 -11.84 -4.29
CA GLY C 70 46.78 -12.10 -2.92
C GLY C 70 46.97 -13.56 -2.55
N ILE C 71 46.43 -13.93 -1.38
CA ILE C 71 46.45 -15.31 -0.91
C ILE C 71 45.15 -15.60 -0.17
N VAL C 72 44.73 -16.86 -0.22
CA VAL C 72 43.51 -17.31 0.44
C VAL C 72 43.88 -18.37 1.46
N VAL C 73 43.34 -18.22 2.68
CA VAL C 73 43.59 -19.16 3.77
C VAL C 73 42.44 -20.15 3.80
N LEU C 74 42.75 -21.44 3.63
CA LEU C 74 41.71 -22.45 3.67
C LEU C 74 41.19 -22.59 5.11
N PRO C 75 39.90 -22.78 5.30
CA PRO C 75 39.34 -22.83 6.66
C PRO C 75 39.84 -24.05 7.42
N GLN C 76 40.03 -23.87 8.72
CA GLN C 76 40.49 -24.94 9.58
C GLN C 76 39.46 -26.06 9.64
N ASP C 77 39.94 -27.25 10.04
CA ASP C 77 39.18 -28.49 10.19
C ASP C 77 38.71 -29.05 8.86
N LEU C 78 39.09 -28.45 7.74
CA LEU C 78 38.83 -29.05 6.44
C LEU C 78 39.57 -30.38 6.34
N PRO C 79 38.93 -31.46 5.90
CA PRO C 79 39.62 -32.75 5.80
C PRO C 79 40.85 -32.67 4.93
N ILE C 80 41.90 -33.40 5.34
CA ILE C 80 43.18 -33.33 4.63
C ILE C 80 43.04 -33.85 3.21
N THR C 81 42.07 -34.72 2.96
CA THR C 81 41.80 -35.16 1.59
C THR C 81 41.35 -33.99 0.73
N ALA C 82 40.43 -33.19 1.24
CA ALA C 82 39.96 -32.01 0.51
C ALA C 82 41.06 -30.95 0.41
N VAL C 83 41.88 -30.83 1.46
CA VAL C 83 43.00 -29.90 1.41
C VAL C 83 43.96 -30.28 0.29
N SER C 84 44.31 -31.57 0.20
CA SER C 84 45.22 -32.01 -0.85
C SER C 84 44.64 -31.77 -2.24
N GLU C 85 43.35 -32.08 -2.42
CA GLU C 85 42.71 -31.87 -3.72
C GLU C 85 42.63 -30.38 -4.05
N THR C 86 42.40 -29.54 -3.05
CA THR C 86 42.33 -28.10 -3.30
C THR C 86 43.70 -27.54 -3.67
N VAL C 87 44.73 -27.87 -2.88
CA VAL C 87 46.07 -27.37 -3.16
C VAL C 87 46.56 -27.84 -4.52
N ASP C 88 46.36 -29.13 -4.82
CA ASP C 88 46.79 -29.66 -6.11
C ASP C 88 46.11 -28.93 -7.26
N PHE C 89 44.85 -28.54 -7.07
CA PHE C 89 44.16 -27.77 -8.10
C PHE C 89 44.78 -26.38 -8.24
N VAL C 90 44.85 -25.63 -7.13
CA VAL C 90 45.31 -24.25 -7.18
C VAL C 90 46.76 -24.18 -7.68
N LYS C 91 47.59 -25.15 -7.29
CA LYS C 91 48.99 -25.15 -7.70
C LYS C 91 49.18 -25.55 -9.15
N SER C 92 48.13 -25.99 -9.85
CA SER C 92 48.23 -26.43 -11.23
C SER C 92 47.61 -25.47 -12.22
N ARG C 93 47.05 -24.36 -11.78
CA ARG C 93 46.39 -23.44 -12.68
C ARG C 93 47.40 -22.52 -13.36
N ASP C 94 47.04 -22.04 -14.55
CA ASP C 94 47.90 -21.16 -15.30
C ASP C 94 48.00 -19.80 -14.62
N LEU C 95 49.19 -19.18 -14.71
CA LEU C 95 49.42 -17.90 -14.04
C LEU C 95 48.73 -16.74 -14.74
N VAL C 96 48.28 -16.92 -15.98
CA VAL C 96 47.59 -15.89 -16.74
C VAL C 96 46.19 -16.33 -17.15
N VAL C 97 46.05 -17.56 -17.63
CA VAL C 97 44.77 -18.07 -18.13
C VAL C 97 43.93 -18.56 -16.96
N ASP C 98 42.64 -18.23 -17.00
CA ASP C 98 41.71 -18.58 -15.93
C ASP C 98 40.99 -19.88 -16.25
N THR C 99 40.39 -20.47 -15.21
CA THR C 99 39.64 -21.70 -15.35
C THR C 99 38.18 -21.39 -15.66
N PRO C 100 37.65 -21.83 -16.81
CA PRO C 100 36.25 -21.56 -17.12
C PRO C 100 35.30 -22.62 -16.56
N VAL C 101 34.03 -22.28 -16.55
CA VAL C 101 32.98 -23.27 -16.33
C VAL C 101 32.88 -24.16 -17.55
N THR C 102 32.84 -25.47 -17.34
CA THR C 102 32.77 -26.43 -18.43
C THR C 102 31.42 -27.15 -18.39
N LEU C 103 30.93 -27.49 -19.59
CA LEU C 103 29.64 -28.14 -19.73
C LEU C 103 29.74 -29.27 -20.75
N SER C 104 28.97 -30.31 -20.53
CA SER C 104 28.87 -31.37 -21.52
C SER C 104 27.70 -31.12 -22.46
N PRO C 105 27.79 -31.56 -23.71
CA PRO C 105 26.66 -31.39 -24.63
C PRO C 105 25.37 -32.04 -24.15
N GLU C 106 25.45 -33.00 -23.24
CA GLU C 106 24.29 -33.68 -22.71
C GLU C 106 23.75 -33.02 -21.44
N ASP C 107 24.43 -32.00 -20.93
CA ASP C 107 23.96 -31.31 -19.73
C ASP C 107 22.70 -30.49 -20.05
N SER C 108 21.92 -30.23 -19.01
CA SER C 108 20.68 -29.48 -19.16
C SER C 108 20.94 -27.99 -19.18
N VAL C 109 19.99 -27.25 -19.77
CA VAL C 109 20.06 -25.79 -19.76
C VAL C 109 19.91 -25.27 -18.33
N SER C 110 19.07 -25.94 -17.52
CA SER C 110 18.90 -25.54 -16.14
C SER C 110 20.22 -25.59 -15.37
N ASP C 111 20.96 -26.69 -15.52
CA ASP C 111 22.28 -26.78 -14.90
C ASP C 111 23.25 -25.76 -15.50
N ALA C 112 23.15 -25.52 -16.81
CA ALA C 112 24.04 -24.57 -17.46
C ALA C 112 23.84 -23.17 -16.91
N ASN C 113 22.60 -22.77 -16.67
CA ASN C 113 22.33 -21.43 -16.15
C ASN C 113 22.86 -21.27 -14.72
N ALA C 114 22.73 -22.32 -13.91
CA ALA C 114 23.20 -22.25 -12.53
C ALA C 114 24.72 -22.28 -12.46
N LEU C 115 25.35 -23.17 -13.23
CA LEU C 115 26.81 -23.26 -13.23
C LEU C 115 27.48 -22.03 -13.82
N LEU C 116 26.76 -21.26 -14.64
CA LEU C 116 27.35 -20.09 -15.29
C LEU C 116 27.83 -19.07 -14.26
N HIS C 117 27.07 -18.90 -13.17
CA HIS C 117 27.34 -17.84 -12.20
C HIS C 117 28.44 -18.19 -11.20
N LYS C 118 29.18 -19.27 -11.44
CA LYS C 118 30.29 -19.62 -10.55
C LYS C 118 31.60 -18.98 -10.95
N ARG C 119 31.68 -18.36 -12.13
CA ARG C 119 32.82 -17.57 -12.55
C ARG C 119 32.33 -16.22 -13.07
N ALA C 120 33.27 -15.31 -13.28
CA ALA C 120 32.96 -13.96 -13.75
C ALA C 120 33.17 -13.80 -15.24
N HIS C 121 33.32 -14.91 -15.98
CA HIS C 121 33.59 -14.83 -17.42
C HIS C 121 32.33 -14.60 -18.24
N GLY C 122 31.15 -14.88 -17.69
CA GLY C 122 29.92 -14.71 -18.43
C GLY C 122 29.69 -15.71 -19.54
N ALA C 123 30.51 -16.75 -19.64
CA ALA C 123 30.33 -17.76 -20.66
C ALA C 123 30.98 -19.06 -20.20
N ALA C 124 30.34 -20.18 -20.51
CA ALA C 124 30.85 -21.51 -20.18
C ALA C 124 31.29 -22.21 -21.46
N VAL C 125 32.34 -23.02 -21.33
CA VAL C 125 32.94 -23.70 -22.46
C VAL C 125 32.36 -25.11 -22.55
N VAL C 126 31.76 -25.44 -23.69
CA VAL C 126 31.26 -26.79 -23.94
C VAL C 126 32.45 -27.67 -24.30
N VAL C 127 32.66 -28.73 -23.53
CA VAL C 127 33.83 -29.58 -23.66
C VAL C 127 33.38 -31.01 -23.96
N PHE C 128 34.01 -31.63 -24.96
CA PHE C 128 33.79 -33.04 -25.29
C PHE C 128 35.14 -33.70 -25.46
N GLU C 129 35.45 -34.66 -24.58
CA GLU C 129 36.72 -35.38 -24.60
C GLU C 129 37.90 -34.40 -24.53
N GLY C 130 37.79 -33.44 -23.62
CA GLY C 130 38.84 -32.46 -23.41
C GLY C 130 38.92 -31.36 -24.43
N ARG C 131 38.08 -31.37 -25.47
CA ARG C 131 38.16 -30.42 -26.55
C ARG C 131 37.04 -29.40 -26.45
N PRO C 132 37.34 -28.10 -26.56
CA PRO C 132 36.27 -27.10 -26.56
C PRO C 132 35.50 -27.11 -27.87
N ILE C 133 34.17 -27.16 -27.78
CA ILE C 133 33.32 -27.26 -28.95
C ILE C 133 32.24 -26.18 -28.99
N GLY C 134 32.11 -25.35 -27.97
CA GLY C 134 31.10 -24.31 -27.99
C GLY C 134 31.15 -23.48 -26.72
N LEU C 135 30.38 -22.39 -26.75
CA LEU C 135 30.24 -21.48 -25.62
C LEU C 135 28.77 -21.30 -25.29
N VAL C 136 28.47 -21.18 -24.00
CA VAL C 136 27.11 -20.98 -23.52
C VAL C 136 27.10 -19.76 -22.62
N THR C 137 26.22 -18.80 -22.94
CA THR C 137 26.03 -17.61 -22.13
C THR C 137 24.62 -17.60 -21.56
N GLU C 138 24.37 -16.65 -20.66
CA GLU C 138 23.04 -16.54 -20.06
C GLU C 138 21.99 -16.19 -21.10
N ALA C 139 22.36 -15.39 -22.12
CA ALA C 139 21.42 -15.08 -23.18
C ALA C 139 21.04 -16.33 -23.97
N ASN C 140 21.98 -17.26 -24.14
CA ASN C 140 21.69 -18.50 -24.86
C ASN C 140 20.65 -19.34 -24.13
N CYS C 141 20.57 -19.20 -22.81
CA CYS C 141 19.62 -19.98 -22.02
C CYS C 141 18.24 -19.32 -21.92
N ALA C 142 18.15 -18.03 -22.21
CA ALA C 142 16.87 -17.33 -22.10
C ALA C 142 15.93 -17.74 -23.23
N GLY C 143 14.66 -17.92 -22.89
CA GLY C 143 13.64 -18.23 -23.87
C GLY C 143 13.62 -19.67 -24.36
N VAL C 144 14.47 -20.54 -23.80
CA VAL C 144 14.50 -21.94 -24.20
C VAL C 144 14.00 -22.79 -23.05
N ASP C 145 13.53 -23.99 -23.38
CA ASP C 145 13.10 -24.94 -22.36
C ASP C 145 14.25 -25.26 -21.42
N ARG C 146 14.00 -25.15 -20.11
CA ARG C 146 15.06 -25.34 -19.13
C ARG C 146 15.58 -26.77 -19.10
N PHE C 147 14.85 -27.72 -19.69
CA PHE C 147 15.30 -29.10 -19.78
C PHE C 147 15.92 -29.44 -21.12
N ALA C 148 16.06 -28.48 -22.02
CA ALA C 148 16.75 -28.70 -23.27
C ALA C 148 18.23 -29.01 -23.01
N ARG C 149 18.87 -29.56 -24.03
CA ARG C 149 20.29 -29.89 -23.94
C ARG C 149 21.14 -28.68 -24.30
N VAL C 150 22.32 -28.61 -23.66
CA VAL C 150 23.31 -27.59 -24.01
C VAL C 150 23.66 -27.64 -25.48
N ARG C 151 23.66 -28.85 -26.06
CA ARG C 151 23.98 -29.01 -27.48
C ARG C 151 23.09 -28.17 -28.39
N ASP C 152 21.86 -27.87 -27.95
CA ASP C 152 20.90 -27.19 -28.81
C ASP C 152 21.03 -25.68 -28.79
N ILE C 153 21.71 -25.11 -27.80
CA ILE C 153 21.81 -23.66 -27.66
C ILE C 153 23.25 -23.18 -27.61
N ALA C 154 24.20 -24.05 -27.94
CA ALA C 154 25.61 -23.67 -27.85
C ALA C 154 26.02 -22.80 -29.03
N LEU C 155 27.11 -22.07 -28.85
CA LEU C 155 27.68 -21.22 -29.89
C LEU C 155 28.83 -21.97 -30.54
N SER C 156 28.67 -22.34 -31.81
CA SER C 156 29.67 -23.14 -32.50
C SER C 156 30.93 -22.35 -32.85
N ASP C 157 30.85 -21.02 -32.86
CA ASP C 157 31.97 -20.17 -33.25
C ASP C 157 32.48 -19.44 -32.01
N PHE C 158 33.75 -19.69 -31.66
CA PHE C 158 34.38 -19.03 -30.53
C PHE C 158 35.80 -18.63 -30.91
N VAL C 159 36.23 -17.49 -30.40
CA VAL C 159 37.60 -17.01 -30.62
C VAL C 159 38.55 -17.84 -29.76
N THR C 160 39.52 -18.48 -30.39
CA THR C 160 40.46 -19.34 -29.71
C THR C 160 41.89 -18.92 -30.01
N ALA C 161 42.80 -19.22 -29.09
CA ALA C 161 44.20 -18.86 -29.21
C ALA C 161 45.01 -19.85 -28.39
N PRO C 162 46.25 -20.14 -28.78
CA PRO C 162 47.07 -21.07 -28.01
C PRO C 162 47.52 -20.47 -26.69
N VAL C 163 47.61 -21.35 -25.67
CA VAL C 163 48.10 -20.91 -24.38
C VAL C 163 49.55 -20.47 -24.51
N GLY C 164 49.90 -19.39 -23.81
CA GLY C 164 51.20 -18.76 -23.94
C GLY C 164 51.21 -17.53 -24.83
N THR C 165 50.14 -17.31 -25.61
CA THR C 165 50.04 -16.10 -26.41
C THR C 165 50.07 -14.86 -25.51
N ASP C 166 50.75 -13.82 -26.00
CA ASP C 166 50.84 -12.58 -25.25
C ASP C 166 49.44 -12.04 -24.95
N PRO C 167 49.14 -11.70 -23.71
CA PRO C 167 47.78 -11.18 -23.40
C PRO C 167 47.43 -9.91 -24.16
N ARG C 168 48.42 -9.13 -24.58
CA ARG C 168 48.14 -7.96 -25.40
C ARG C 168 47.56 -8.36 -26.76
N GLU C 169 48.06 -9.44 -27.35
CA GLU C 169 47.53 -9.89 -28.64
C GLU C 169 46.15 -10.52 -28.48
N VAL C 170 45.95 -11.28 -27.41
CA VAL C 170 44.62 -11.83 -27.14
C VAL C 170 43.60 -10.71 -26.93
N PHE C 171 44.01 -9.65 -26.23
CA PHE C 171 43.16 -8.48 -26.07
C PHE C 171 42.74 -7.90 -27.42
N ASP C 172 43.66 -7.86 -28.38
CA ASP C 172 43.35 -7.30 -29.68
C ASP C 172 42.39 -8.20 -30.47
N LEU C 173 42.45 -9.51 -30.25
CA LEU C 173 41.56 -10.42 -30.98
C LEU C 173 40.10 -10.25 -30.58
N LEU C 174 39.85 -9.83 -29.34
CA LEU C 174 38.50 -9.75 -28.81
C LEU C 174 37.87 -8.36 -28.97
N GLU C 175 38.55 -7.44 -29.65
CA GLU C 175 38.02 -6.09 -29.79
C GLU C 175 36.70 -6.08 -30.55
N HIS C 176 36.58 -6.90 -31.60
CA HIS C 176 35.39 -6.95 -32.44
C HIS C 176 34.66 -8.28 -32.33
N ALA C 177 34.93 -9.05 -31.29
CA ALA C 177 34.23 -10.32 -31.13
C ALA C 177 32.93 -10.11 -30.35
N PRO C 178 31.82 -10.69 -30.79
CA PRO C 178 30.59 -10.59 -30.00
C PRO C 178 30.71 -11.18 -28.61
N ILE C 179 31.71 -12.04 -28.37
CA ILE C 179 31.93 -12.68 -27.09
C ILE C 179 33.20 -12.11 -26.48
N ASP C 180 33.16 -11.87 -25.18
CA ASP C 180 34.32 -11.36 -24.44
C ASP C 180 35.07 -12.49 -23.74
N VAL C 181 35.35 -13.58 -24.46
CA VAL C 181 36.05 -14.74 -23.90
C VAL C 181 36.89 -15.39 -24.99
N ALA C 182 38.18 -15.55 -24.73
CA ALA C 182 39.10 -16.22 -25.64
C ALA C 182 39.45 -17.59 -25.08
N VAL C 183 39.16 -18.64 -25.85
CA VAL C 183 39.36 -20.01 -25.40
C VAL C 183 40.81 -20.39 -25.68
N MET C 184 41.53 -20.78 -24.63
CA MET C 184 42.94 -21.15 -24.74
C MET C 184 43.08 -22.66 -24.91
N THR C 185 43.92 -23.06 -25.85
CA THR C 185 44.05 -24.45 -26.25
C THR C 185 45.44 -24.99 -25.96
N ALA C 186 45.50 -26.26 -25.55
CA ALA C 186 46.75 -26.99 -25.38
C ALA C 186 47.35 -27.28 -26.75
N PRO C 187 48.61 -27.75 -26.83
CA PRO C 187 49.20 -28.02 -28.16
C PRO C 187 48.39 -28.99 -29.00
N ASP C 188 47.80 -30.01 -28.37
CA ASP C 188 46.94 -30.95 -29.07
C ASP C 188 45.52 -30.44 -29.23
N GLY C 189 45.25 -29.18 -28.89
CA GLY C 189 43.96 -28.58 -29.07
C GLY C 189 43.00 -28.72 -27.91
N THR C 190 43.39 -29.38 -26.82
CA THR C 190 42.51 -29.52 -25.68
C THR C 190 42.39 -28.21 -24.92
N LEU C 191 41.33 -28.10 -24.12
CA LEU C 191 41.03 -26.86 -23.42
C LEU C 191 42.10 -26.59 -22.36
N ALA C 192 42.70 -25.40 -22.43
CA ALA C 192 43.64 -24.95 -21.41
C ALA C 192 43.05 -23.90 -20.48
N GLY C 193 42.00 -23.22 -20.92
CA GLY C 193 41.32 -22.23 -20.10
C GLY C 193 40.74 -21.13 -20.98
N VAL C 194 40.38 -20.02 -20.33
CA VAL C 194 39.84 -18.87 -21.02
C VAL C 194 40.54 -17.61 -20.53
N LEU C 195 40.44 -16.55 -21.35
CA LEU C 195 40.99 -15.25 -21.00
C LEU C 195 40.12 -14.19 -21.64
N THR C 196 39.65 -13.24 -20.84
CA THR C 196 38.79 -12.16 -21.31
C THR C 196 39.62 -10.91 -21.59
N ARG C 197 38.97 -9.91 -22.18
CA ARG C 197 39.62 -8.61 -22.38
C ARG C 197 40.07 -8.03 -21.05
N THR C 198 39.19 -8.06 -20.04
CA THR C 198 39.56 -7.53 -18.72
C THR C 198 40.61 -8.40 -18.05
N GLY C 199 40.53 -9.72 -18.24
CA GLY C 199 41.55 -10.60 -17.68
C GLY C 199 42.92 -10.36 -18.27
N ALA C 200 42.98 -10.04 -19.56
CA ALA C 200 44.25 -9.67 -20.17
C ALA C 200 44.78 -8.36 -19.62
N ILE C 201 43.89 -7.42 -19.29
CA ILE C 201 44.32 -6.15 -18.70
C ILE C 201 44.96 -6.39 -17.33
N ARG C 202 44.31 -7.20 -16.50
CA ARG C 202 44.82 -7.47 -15.16
C ARG C 202 46.13 -8.23 -15.18
N ALA C 203 46.42 -8.97 -16.26
CA ALA C 203 47.67 -9.72 -16.34
C ALA C 203 48.89 -8.80 -16.28
N GLY C 204 48.77 -7.61 -16.83
CA GLY C 204 49.84 -6.63 -16.77
C GLY C 204 49.79 -5.70 -15.59
N ILE C 205 48.80 -5.86 -14.71
CA ILE C 205 48.63 -5.02 -13.55
C ILE C 205 48.97 -5.77 -12.26
N TYR C 206 48.49 -7.00 -12.13
CA TYR C 206 48.71 -7.80 -10.93
C TYR C 206 49.78 -8.85 -11.20
N THR C 207 50.73 -8.97 -10.27
CA THR C 207 51.71 -10.03 -10.34
C THR C 207 51.22 -11.22 -9.53
N PRO C 208 51.10 -12.40 -10.13
CA PRO C 208 50.59 -13.55 -9.37
C PRO C 208 51.50 -13.89 -8.20
N ALA C 209 50.87 -14.20 -7.07
CA ALA C 209 51.60 -14.66 -5.89
C ALA C 209 51.96 -16.12 -6.10
N VAL C 210 53.26 -16.40 -6.26
CA VAL C 210 53.72 -17.73 -6.60
C VAL C 210 54.82 -18.16 -5.63
N ASP C 211 54.95 -19.47 -5.45
CA ASP C 211 55.97 -20.03 -4.58
C ASP C 211 57.29 -20.15 -5.36
N ALA C 212 58.27 -20.84 -4.77
CA ALA C 212 59.57 -20.99 -5.42
C ALA C 212 59.50 -21.77 -6.72
N LYS C 213 58.47 -22.59 -6.91
CA LYS C 213 58.29 -23.37 -8.13
C LYS C 213 57.40 -22.67 -9.16
N GLY C 214 57.00 -21.42 -8.90
CA GLY C 214 56.17 -20.70 -9.83
C GLY C 214 54.72 -21.10 -9.82
N ARG C 215 54.24 -21.74 -8.76
CA ARG C 215 52.85 -22.14 -8.63
C ARG C 215 52.13 -21.16 -7.73
N LEU C 216 50.86 -20.90 -8.03
CA LEU C 216 50.06 -19.95 -7.26
C LEU C 216 50.05 -20.35 -5.79
N ARG C 217 50.24 -19.36 -4.92
CA ARG C 217 50.32 -19.63 -3.49
C ARG C 217 48.94 -19.95 -2.94
N ILE C 218 48.95 -20.67 -1.81
CA ILE C 218 47.72 -21.04 -1.12
C ILE C 218 48.06 -21.27 0.34
N ALA C 219 47.13 -20.88 1.22
CA ALA C 219 47.33 -20.91 2.66
C ALA C 219 46.39 -21.92 3.30
N ALA C 220 46.57 -22.13 4.60
CA ALA C 220 45.75 -23.07 5.34
C ALA C 220 45.70 -22.66 6.80
N ALA C 221 44.55 -22.87 7.43
CA ALA C 221 44.34 -22.55 8.83
C ALA C 221 44.30 -23.83 9.66
N VAL C 222 44.61 -23.68 10.96
CA VAL C 222 44.63 -24.80 11.89
C VAL C 222 44.19 -24.29 13.25
N GLY C 223 43.35 -25.08 13.92
CA GLY C 223 42.86 -24.73 15.25
C GLY C 223 43.82 -25.14 16.34
N ILE C 224 43.45 -24.77 17.57
CA ILE C 224 44.28 -25.03 18.75
C ILE C 224 43.85 -26.29 19.50
N ASN C 225 42.84 -27.00 19.01
CA ASN C 225 42.39 -28.22 19.66
C ASN C 225 43.05 -29.44 19.00
N GLY C 226 43.06 -30.54 19.74
CA GLY C 226 43.65 -31.78 19.24
C GLY C 226 45.16 -31.66 19.12
N ASP C 227 45.71 -32.41 18.15
CA ASP C 227 47.15 -32.43 17.91
C ASP C 227 47.46 -31.36 16.87
N VAL C 228 47.76 -30.15 17.35
CA VAL C 228 48.02 -29.02 16.45
C VAL C 228 49.27 -29.29 15.61
N GLY C 229 50.30 -29.88 16.22
CA GLY C 229 51.50 -30.20 15.46
C GLY C 229 51.26 -31.18 14.34
N ALA C 230 50.45 -32.21 14.61
CA ALA C 230 50.16 -33.20 13.57
C ALA C 230 49.35 -32.59 12.43
N LYS C 231 48.37 -31.75 12.76
CA LYS C 231 47.60 -31.08 11.71
C LYS C 231 48.46 -30.10 10.93
N ALA C 232 49.36 -29.39 11.61
CA ALA C 232 50.21 -28.43 10.92
C ALA C 232 51.19 -29.12 9.99
N GLN C 233 51.70 -30.28 10.39
CA GLN C 233 52.60 -31.03 9.52
C GLN C 233 51.88 -31.55 8.27
N ALA C 234 50.64 -32.00 8.44
CA ALA C 234 49.89 -32.51 7.30
C ALA C 234 49.58 -31.41 6.28
N LEU C 235 49.29 -30.20 6.76
CA LEU C 235 49.03 -29.09 5.85
C LEU C 235 50.30 -28.67 5.12
N ALA C 236 51.44 -28.64 5.82
CA ALA C 236 52.70 -28.32 5.17
C ALA C 236 53.06 -29.36 4.12
N GLU C 237 52.87 -30.64 4.44
CA GLU C 237 53.12 -31.71 3.47
C GLU C 237 52.14 -31.64 2.31
N ALA C 238 50.94 -31.11 2.53
CA ALA C 238 49.95 -31.00 1.46
C ALA C 238 50.28 -29.90 0.46
N GLY C 239 51.26 -29.05 0.74
CA GLY C 239 51.67 -28.01 -0.17
C GLY C 239 51.30 -26.60 0.25
N ALA C 240 50.84 -26.40 1.47
CA ALA C 240 50.51 -25.05 1.94
C ALA C 240 51.77 -24.21 2.07
N ASP C 241 51.69 -22.95 1.63
CA ASP C 241 52.80 -22.02 1.75
C ASP C 241 52.74 -21.19 3.01
N LEU C 242 51.63 -21.23 3.75
CA LEU C 242 51.45 -20.41 4.94
C LEU C 242 50.52 -21.14 5.90
N LEU C 243 50.80 -21.00 7.20
CA LEU C 243 50.01 -21.63 8.25
C LEU C 243 49.40 -20.55 9.14
N VAL C 244 48.10 -20.67 9.42
CA VAL C 244 47.39 -19.76 10.30
C VAL C 244 46.86 -20.58 11.47
N ILE C 245 47.37 -20.29 12.67
CA ILE C 245 46.80 -20.84 13.89
C ILE C 245 45.78 -19.83 14.38
N ASP C 246 44.50 -20.18 14.26
CA ASP C 246 43.40 -19.24 14.45
C ASP C 246 42.54 -19.67 15.62
N THR C 247 42.24 -18.72 16.50
CA THR C 247 41.37 -18.95 17.64
C THR C 247 40.76 -17.62 18.05
N ALA C 248 39.64 -17.71 18.78
CA ALA C 248 38.92 -16.51 19.19
C ALA C 248 39.76 -15.66 20.15
N HIS C 249 40.30 -16.29 21.19
CA HIS C 249 41.12 -15.60 22.20
C HIS C 249 42.56 -16.07 22.02
N GLY C 250 43.31 -15.34 21.19
CA GLY C 250 44.70 -15.70 20.92
C GLY C 250 45.63 -15.55 22.10
N HIS C 251 45.27 -14.72 23.08
CA HIS C 251 46.15 -14.46 24.21
C HIS C 251 45.78 -15.36 25.39
N GLN C 252 46.09 -16.65 25.22
CA GLN C 252 45.84 -17.62 26.28
C GLN C 252 46.91 -18.71 26.20
N ALA C 253 47.03 -19.46 27.30
CA ALA C 253 48.12 -20.43 27.44
C ALA C 253 48.06 -21.51 26.37
N LYS C 254 46.86 -21.99 26.05
CA LYS C 254 46.72 -23.04 25.05
C LYS C 254 47.15 -22.59 23.66
N MET C 255 47.09 -21.29 23.38
CA MET C 255 47.59 -20.78 22.11
C MET C 255 49.12 -20.84 22.05
N LEU C 256 49.78 -20.38 23.11
CA LEU C 256 51.24 -20.34 23.12
C LEU C 256 51.84 -21.74 22.98
N ASP C 257 51.26 -22.73 23.66
CA ASP C 257 51.74 -24.10 23.52
C ASP C 257 51.53 -24.61 22.10
N ALA C 258 50.45 -24.19 21.44
CA ALA C 258 50.20 -24.60 20.06
C ALA C 258 51.30 -24.09 19.12
N ILE C 259 51.79 -22.87 19.36
CA ILE C 259 52.86 -22.33 18.55
C ILE C 259 54.15 -23.11 18.75
N LYS C 260 54.54 -23.31 20.02
CA LYS C 260 55.77 -24.03 20.32
C LYS C 260 55.74 -25.44 19.74
N ALA C 261 54.56 -26.08 19.75
CA ALA C 261 54.44 -27.40 19.15
C ALA C 261 54.68 -27.34 17.64
N VAL C 262 54.12 -26.33 16.97
CA VAL C 262 54.30 -26.19 15.54
C VAL C 262 55.68 -25.65 15.22
N ALA C 263 56.12 -24.62 15.93
CA ALA C 263 57.42 -24.00 15.64
C ALA C 263 58.57 -24.97 15.84
N SER C 264 58.46 -25.88 16.81
CA SER C 264 59.53 -26.85 17.05
C SER C 264 59.72 -27.82 15.90
N LEU C 265 58.77 -27.89 14.96
CA LEU C 265 58.91 -28.78 13.82
C LEU C 265 59.77 -28.18 12.71
N ASP C 266 59.92 -26.85 12.70
CA ASP C 266 60.77 -26.15 11.73
C ASP C 266 60.33 -26.50 10.29
N LEU C 267 59.08 -26.19 10.00
CA LEU C 267 58.47 -26.51 8.71
C LEU C 267 58.95 -25.60 7.59
N GLY C 268 59.60 -24.49 7.91
CA GLY C 268 60.07 -23.59 6.88
C GLY C 268 59.00 -22.70 6.28
N LEU C 269 57.86 -22.54 6.97
CA LEU C 269 56.76 -21.74 6.49
C LEU C 269 56.48 -20.59 7.47
N PRO C 270 56.00 -19.46 6.96
CA PRO C 270 55.61 -18.36 7.87
C PRO C 270 54.46 -18.79 8.77
N LEU C 271 54.55 -18.39 10.04
CA LEU C 271 53.56 -18.76 11.05
C LEU C 271 52.73 -17.53 11.40
N VAL C 272 51.42 -17.61 11.14
CA VAL C 272 50.48 -16.56 11.49
C VAL C 272 49.77 -16.96 12.78
N ALA C 273 49.56 -15.99 13.67
CA ALA C 273 48.98 -16.25 14.97
C ALA C 273 47.93 -15.19 15.29
N GLY C 274 46.80 -15.62 15.83
CA GLY C 274 45.75 -14.70 16.21
C GLY C 274 44.70 -15.41 17.04
N ASN C 275 43.80 -14.61 17.61
CA ASN C 275 43.79 -13.17 17.42
C ASN C 275 44.01 -12.43 18.73
N VAL C 276 44.70 -11.29 18.66
CA VAL C 276 44.89 -10.41 19.81
C VAL C 276 44.68 -8.97 19.35
N VAL C 277 44.50 -8.08 20.33
CA VAL C 277 44.28 -6.66 20.05
C VAL C 277 45.07 -5.81 21.04
N SER C 278 46.00 -6.44 21.76
CA SER C 278 46.80 -5.78 22.76
C SER C 278 48.28 -5.92 22.44
N ALA C 279 49.08 -4.96 22.91
CA ALA C 279 50.52 -5.04 22.74
C ALA C 279 51.10 -6.23 23.48
N GLU C 280 50.59 -6.49 24.70
CA GLU C 280 51.08 -7.62 25.48
C GLU C 280 50.86 -8.94 24.74
N GLY C 281 49.68 -9.10 24.14
CA GLY C 281 49.42 -10.32 23.37
C GLY C 281 50.39 -10.49 22.21
N THR C 282 50.57 -9.43 21.42
CA THR C 282 51.51 -9.50 20.30
C THR C 282 52.92 -9.82 20.77
N ARG C 283 53.32 -9.29 21.93
CA ARG C 283 54.62 -9.63 22.50
C ARG C 283 54.66 -11.10 22.90
N ASP C 284 53.59 -11.61 23.51
CA ASP C 284 53.56 -13.01 23.90
C ASP C 284 53.39 -13.93 22.69
N LEU C 285 52.59 -13.51 21.72
CA LEU C 285 52.33 -14.37 20.56
C LEU C 285 53.57 -14.52 19.69
N ILE C 286 54.38 -13.46 19.57
CA ILE C 286 55.58 -13.55 18.75
C ILE C 286 56.66 -14.35 19.47
N GLU C 287 56.85 -14.10 20.77
CA GLU C 287 57.89 -14.78 21.52
C GLU C 287 57.69 -16.30 21.52
N ALA C 288 56.45 -16.76 21.40
CA ALA C 288 56.19 -18.19 21.34
C ALA C 288 56.75 -18.83 20.07
N GLY C 289 56.96 -18.05 19.02
CA GLY C 289 57.54 -18.57 17.80
C GLY C 289 56.84 -18.11 16.54
N ALA C 290 55.81 -17.28 16.69
CA ALA C 290 55.07 -16.78 15.55
C ALA C 290 55.79 -15.60 14.90
N SER C 291 55.69 -15.53 13.57
CA SER C 291 56.29 -14.43 12.82
C SER C 291 55.29 -13.38 12.40
N ILE C 292 54.01 -13.73 12.27
CA ILE C 292 52.96 -12.79 11.90
C ILE C 292 51.81 -12.93 12.90
N VAL C 293 51.26 -11.80 13.33
CA VAL C 293 50.21 -11.77 14.32
C VAL C 293 48.92 -11.30 13.65
N LYS C 294 47.84 -12.06 13.83
CA LYS C 294 46.54 -11.67 13.32
C LYS C 294 45.81 -10.83 14.36
N VAL C 295 45.35 -9.66 13.94
CA VAL C 295 44.75 -8.67 14.85
C VAL C 295 43.27 -8.56 14.53
N GLY C 296 42.44 -8.67 15.57
CA GLY C 296 41.02 -8.49 15.43
C GLY C 296 40.20 -9.36 16.36
N VAL C 297 39.61 -8.75 17.38
CA VAL C 297 38.71 -9.45 18.30
C VAL C 297 37.53 -8.52 18.55
N GLY C 298 36.36 -8.90 18.05
CA GLY C 298 35.16 -8.10 18.16
C GLY C 298 35.34 -6.64 17.78
N PRO C 299 35.70 -6.38 16.51
CA PRO C 299 35.88 -4.99 16.10
C PRO C 299 34.57 -4.23 15.99
N GLY C 300 33.46 -4.92 15.75
CA GLY C 300 32.17 -4.27 15.64
C GLY C 300 31.49 -4.08 16.98
N ALA C 301 31.13 -2.83 17.28
CA ALA C 301 30.48 -2.54 18.55
C ALA C 301 29.13 -3.23 18.68
N MET C 302 28.44 -3.44 17.57
CA MET C 302 27.10 -4.02 17.55
C MET C 302 27.10 -5.47 17.08
N CYS C 303 28.25 -6.12 17.05
CA CYS C 303 28.34 -7.48 16.55
C CYS C 303 28.09 -8.50 17.66
N THR C 304 28.14 -9.78 17.29
CA THR C 304 27.74 -10.85 18.21
C THR C 304 28.69 -10.97 19.40
N THR C 305 29.99 -11.06 19.13
CA THR C 305 30.96 -11.27 20.21
C THR C 305 30.94 -10.11 21.20
N ARG C 306 30.87 -8.88 20.70
CA ARG C 306 30.87 -7.72 21.59
C ARG C 306 29.57 -7.63 22.39
N MET C 307 28.44 -7.97 21.75
CA MET C 307 27.16 -7.90 22.44
C MET C 307 26.93 -9.07 23.38
N MET C 308 27.64 -10.18 23.20
CA MET C 308 27.50 -11.33 24.08
C MET C 308 28.39 -11.23 25.31
N THR C 309 29.57 -10.65 25.18
CA THR C 309 30.55 -10.65 26.26
C THR C 309 31.09 -9.27 26.62
N GLY C 310 30.91 -8.26 25.77
CA GLY C 310 31.51 -6.97 26.01
C GLY C 310 32.98 -6.89 25.68
N VAL C 311 33.58 -7.97 25.19
CA VAL C 311 35.01 -8.03 24.92
C VAL C 311 35.27 -7.62 23.48
N GLY C 312 36.31 -6.83 23.29
CA GLY C 312 36.67 -6.37 21.96
C GLY C 312 37.54 -5.14 22.05
N ARG C 313 37.78 -4.54 20.89
CA ARG C 313 38.54 -3.30 20.78
C ARG C 313 38.34 -2.73 19.39
N PRO C 314 38.17 -1.41 19.28
CA PRO C 314 38.14 -0.78 17.95
C PRO C 314 39.33 -1.18 17.11
N GLN C 315 39.08 -1.54 15.84
CA GLN C 315 40.08 -2.23 15.05
C GLN C 315 41.28 -1.34 14.77
N PHE C 316 41.05 -0.07 14.41
CA PHE C 316 42.16 0.80 14.04
C PHE C 316 43.16 0.94 15.18
N SER C 317 42.68 1.34 16.36
CA SER C 317 43.56 1.46 17.52
C SER C 317 44.19 0.12 17.88
N ALA C 318 43.47 -0.98 17.65
CA ALA C 318 44.03 -2.30 17.93
C ALA C 318 45.22 -2.59 17.02
N VAL C 319 45.09 -2.30 15.72
CA VAL C 319 46.17 -2.58 14.79
C VAL C 319 47.38 -1.69 15.07
N VAL C 320 47.13 -0.41 15.37
CA VAL C 320 48.23 0.52 15.63
C VAL C 320 49.09 0.04 16.79
N GLU C 321 48.44 -0.33 17.91
CA GLU C 321 49.19 -0.79 19.07
C GLU C 321 49.91 -2.10 18.80
N CYS C 322 49.25 -3.03 18.11
CA CYS C 322 49.86 -4.33 17.84
C CYS C 322 50.95 -4.23 16.79
N ALA C 323 50.79 -3.35 15.80
CA ALA C 323 51.83 -3.16 14.79
C ALA C 323 53.11 -2.61 15.42
N ALA C 324 52.96 -1.71 16.39
CA ALA C 324 54.14 -1.17 17.07
C ALA C 324 54.86 -2.26 17.85
N ALA C 325 54.12 -3.14 18.52
CA ALA C 325 54.74 -4.23 19.26
C ALA C 325 55.46 -5.19 18.32
N ALA C 326 54.84 -5.53 17.18
CA ALA C 326 55.48 -6.42 16.23
C ALA C 326 56.66 -5.76 15.54
N ARG C 327 56.60 -4.45 15.30
CA ARG C 327 57.73 -3.74 14.70
C ARG C 327 58.96 -3.83 15.58
N GLN C 328 58.80 -3.58 16.89
CA GLN C 328 59.93 -3.64 17.81
C GLN C 328 60.50 -5.05 17.93
N LEU C 329 59.72 -6.08 17.58
CA LEU C 329 60.17 -7.46 17.63
C LEU C 329 60.49 -8.00 16.24
N GLY C 330 60.48 -7.16 15.21
CA GLY C 330 60.74 -7.63 13.87
C GLY C 330 59.62 -8.45 13.26
N GLY C 331 58.40 -8.36 13.81
CA GLY C 331 57.26 -9.08 13.29
C GLY C 331 56.32 -8.19 12.49
N HIS C 332 55.21 -8.79 12.06
CA HIS C 332 54.20 -8.10 11.28
C HIS C 332 52.83 -8.48 11.80
N VAL C 333 51.84 -7.64 11.48
CA VAL C 333 50.47 -7.87 11.92
C VAL C 333 49.53 -7.88 10.72
N TRP C 334 48.48 -8.68 10.83
CA TRP C 334 47.40 -8.74 9.85
C TRP C 334 46.17 -8.07 10.41
N ALA C 335 45.54 -7.20 9.62
CA ALA C 335 44.27 -6.59 10.00
C ALA C 335 43.14 -7.53 9.61
N ASP C 336 42.52 -8.16 10.60
CA ASP C 336 41.50 -9.18 10.39
C ASP C 336 40.18 -8.71 10.99
N GLY C 337 39.21 -8.40 10.13
CA GLY C 337 37.87 -8.11 10.59
C GLY C 337 37.39 -6.70 10.31
N GLY C 338 36.10 -6.57 10.02
CA GLY C 338 35.47 -5.27 9.87
C GLY C 338 35.74 -4.54 8.57
N VAL C 339 36.42 -5.18 7.62
CA VAL C 339 36.74 -4.54 6.36
C VAL C 339 35.48 -4.50 5.49
N ARG C 340 35.07 -3.30 5.10
CA ARG C 340 33.88 -3.11 4.28
C ARG C 340 34.10 -2.24 3.05
N HIS C 341 35.15 -1.42 3.02
CA HIS C 341 35.41 -0.49 1.94
C HIS C 341 36.92 -0.42 1.72
N PRO C 342 37.36 0.06 0.56
CA PRO C 342 38.80 0.27 0.36
C PRO C 342 39.43 1.19 1.40
N ARG C 343 38.64 2.10 1.98
CA ARG C 343 39.14 2.93 3.07
C ARG C 343 39.64 2.08 4.23
N ASP C 344 38.90 1.02 4.56
CA ASP C 344 39.32 0.15 5.66
C ASP C 344 40.65 -0.53 5.37
N VAL C 345 40.90 -0.86 4.10
CA VAL C 345 42.17 -1.46 3.73
C VAL C 345 43.30 -0.44 3.86
N ALA C 346 43.08 0.77 3.33
CA ALA C 346 44.12 1.79 3.36
C ALA C 346 44.46 2.20 4.78
N LEU C 347 43.44 2.39 5.63
CA LEU C 347 43.69 2.79 7.01
C LEU C 347 44.38 1.68 7.80
N ALA C 348 44.05 0.42 7.51
CA ALA C 348 44.74 -0.69 8.17
C ALA C 348 46.21 -0.70 7.81
N LEU C 349 46.55 -0.43 6.56
CA LEU C 349 47.95 -0.39 6.16
C LEU C 349 48.66 0.82 6.77
N ALA C 350 48.01 1.99 6.75
CA ALA C 350 48.57 3.16 7.43
C ALA C 350 48.72 2.92 8.92
N ALA C 351 47.83 2.11 9.51
CA ALA C 351 47.93 1.80 10.93
C ALA C 351 49.17 0.96 11.25
N GLY C 352 49.79 0.34 10.25
CA GLY C 352 50.99 -0.46 10.46
C GLY C 352 50.87 -1.90 10.05
N ALA C 353 49.70 -2.37 9.60
CA ALA C 353 49.55 -3.75 9.18
C ALA C 353 50.29 -4.01 7.86
N SER C 354 50.83 -5.21 7.74
CA SER C 354 51.46 -5.65 6.49
C SER C 354 50.47 -6.31 5.54
N ASN C 355 49.33 -6.78 6.05
CA ASN C 355 48.32 -7.44 5.23
C ASN C 355 46.97 -7.23 5.88
N VAL C 356 45.92 -7.31 5.05
CA VAL C 356 44.55 -7.10 5.48
C VAL C 356 43.75 -8.35 5.17
N MET C 357 43.09 -8.89 6.18
CA MET C 357 42.29 -10.11 6.05
C MET C 357 40.83 -9.73 5.84
N ILE C 358 40.26 -10.17 4.72
CA ILE C 358 38.92 -9.79 4.31
C ILE C 358 38.08 -11.05 4.17
N GLY C 359 36.91 -11.06 4.81
CA GLY C 359 36.07 -12.24 4.82
C GLY C 359 34.69 -12.07 4.20
N SER C 360 33.73 -11.62 5.00
CA SER C 360 32.33 -11.59 4.56
C SER C 360 32.13 -10.69 3.35
N TRP C 361 32.96 -9.66 3.18
CA TRP C 361 32.82 -8.78 2.03
C TRP C 361 33.02 -9.56 0.73
N PHE C 362 33.97 -10.50 0.71
CA PHE C 362 34.23 -11.30 -0.48
C PHE C 362 33.20 -12.41 -0.69
N ALA C 363 32.30 -12.64 0.26
CA ALA C 363 31.29 -13.68 0.10
C ALA C 363 30.32 -13.35 -1.02
N GLY C 364 30.06 -12.07 -1.26
CA GLY C 364 29.17 -11.66 -2.34
C GLY C 364 29.88 -11.56 -3.67
N THR C 365 30.52 -12.64 -4.10
CA THR C 365 31.24 -12.68 -5.36
C THR C 365 30.94 -13.97 -6.09
N TYR C 366 31.19 -13.97 -7.39
CA TYR C 366 31.01 -15.17 -8.20
C TYR C 366 31.92 -16.31 -7.74
N GLU C 367 33.09 -15.97 -7.20
CA GLU C 367 34.10 -16.96 -6.85
C GLU C 367 33.89 -17.58 -5.47
N SER C 368 32.96 -17.06 -4.68
CA SER C 368 32.71 -17.62 -3.37
C SER C 368 32.05 -19.00 -3.49
N PRO C 369 32.26 -19.88 -2.52
CA PRO C 369 31.71 -21.24 -2.62
C PRO C 369 30.19 -21.30 -2.57
N GLY C 370 29.55 -20.32 -1.94
CA GLY C 370 28.12 -20.39 -1.76
C GLY C 370 27.35 -20.23 -3.05
N ASP C 371 26.08 -20.62 -3.01
CA ASP C 371 25.21 -20.51 -4.17
C ASP C 371 24.67 -19.08 -4.29
N LEU C 372 24.43 -18.66 -5.52
CA LEU C 372 23.90 -17.33 -5.78
C LEU C 372 22.39 -17.34 -5.51
N LEU C 373 21.93 -16.45 -4.63
CA LEU C 373 20.53 -16.33 -4.29
C LEU C 373 20.00 -14.97 -4.73
N PHE C 374 18.68 -14.84 -4.72
CA PHE C 374 18.00 -13.62 -5.11
C PHE C 374 16.92 -13.30 -4.08
N ASP C 375 16.83 -12.01 -3.71
CA ASP C 375 15.90 -11.57 -2.69
C ASP C 375 14.55 -11.22 -3.33
N ARG C 376 13.68 -10.57 -2.56
CA ARG C 376 12.35 -10.21 -3.06
C ARG C 376 12.41 -9.13 -4.13
N ASP C 377 13.50 -8.36 -4.19
CA ASP C 377 13.68 -7.33 -5.20
C ASP C 377 14.49 -7.83 -6.40
N ASP C 378 14.75 -9.13 -6.47
CA ASP C 378 15.50 -9.78 -7.55
C ASP C 378 16.96 -9.34 -7.59
N ARG C 379 17.49 -8.83 -6.47
CA ARG C 379 18.91 -8.48 -6.42
C ARG C 379 19.73 -9.71 -6.03
N PRO C 380 20.79 -10.02 -6.76
CA PRO C 380 21.60 -11.19 -6.39
C PRO C 380 22.37 -10.96 -5.10
N TYR C 381 22.52 -12.03 -4.33
CA TYR C 381 23.25 -11.96 -3.08
C TYR C 381 23.70 -13.37 -2.68
N LYS C 382 24.62 -13.41 -1.72
CA LYS C 382 25.10 -14.67 -1.16
C LYS C 382 25.12 -14.55 0.36
N GLU C 383 24.97 -15.70 1.02
CA GLU C 383 24.91 -15.77 2.47
C GLU C 383 26.28 -16.04 3.05
N SER C 384 26.81 -15.08 3.80
CA SER C 384 28.04 -15.26 4.56
C SER C 384 27.69 -15.75 5.97
N TYR C 385 28.64 -16.46 6.58
CA TYR C 385 28.44 -16.94 7.95
C TYR C 385 29.79 -17.14 8.61
N GLY C 386 29.80 -17.00 9.94
CA GLY C 386 31.02 -17.13 10.71
C GLY C 386 31.40 -18.57 11.02
N MET C 387 32.63 -18.73 11.49
CA MET C 387 33.15 -20.04 11.87
C MET C 387 32.58 -20.55 13.18
N ALA C 388 32.11 -19.65 14.04
CA ALA C 388 31.42 -19.99 15.29
C ALA C 388 32.35 -20.84 16.15
N SER C 389 31.96 -22.07 16.52
CA SER C 389 32.70 -22.84 17.52
C SER C 389 34.01 -23.40 16.98
N LYS C 390 34.20 -23.42 15.66
CA LYS C 390 35.43 -23.96 15.11
C LYS C 390 36.64 -23.07 15.37
N ARG C 391 36.43 -21.85 15.87
CA ARG C 391 37.50 -20.98 16.32
C ARG C 391 37.61 -20.91 17.83
N ALA C 392 36.81 -21.69 18.56
CA ALA C 392 36.78 -21.67 20.00
C ALA C 392 37.44 -22.92 20.57
N VAL C 393 38.05 -22.77 21.74
CA VAL C 393 38.67 -23.90 22.43
C VAL C 393 37.58 -24.78 23.03
N ALA C 394 37.71 -26.09 22.85
CA ALA C 394 36.74 -27.04 23.39
C ALA C 394 37.43 -28.09 24.26
N SER C 401 30.00 -37.79 27.16
CA SER C 401 28.83 -38.56 26.75
C SER C 401 27.84 -37.69 25.99
N SER C 402 26.64 -38.21 25.75
CA SER C 402 25.59 -37.40 25.15
C SER C 402 25.19 -36.25 26.06
N PHE C 403 25.28 -36.45 27.38
CA PHE C 403 25.08 -35.36 28.32
C PHE C 403 26.06 -34.23 28.06
N ASP C 404 27.34 -34.58 27.85
CA ASP C 404 28.35 -33.58 27.51
C ASP C 404 28.02 -32.88 26.19
N ARG C 405 27.62 -33.67 25.18
CA ARG C 405 27.37 -33.10 23.85
C ARG C 405 26.28 -32.03 23.91
N ALA C 406 25.12 -32.36 24.47
CA ALA C 406 24.04 -31.38 24.56
C ALA C 406 24.40 -30.24 25.50
N ARG C 407 25.15 -30.52 26.56
CA ARG C 407 25.57 -29.47 27.49
C ARG C 407 26.46 -28.45 26.79
N LYS C 408 27.42 -28.92 25.99
CA LYS C 408 28.26 -28.01 25.21
C LYS C 408 27.44 -27.27 24.17
N GLY C 409 26.51 -27.96 23.52
CA GLY C 409 25.67 -27.32 22.51
C GLY C 409 24.78 -26.24 23.08
N LEU C 410 24.32 -26.42 24.31
CA LEU C 410 23.45 -25.43 24.95
C LEU C 410 24.13 -24.07 25.05
N PHE C 411 25.42 -24.06 25.37
CA PHE C 411 26.18 -22.83 25.58
C PHE C 411 27.03 -22.45 24.38
N GLU C 412 26.97 -23.19 23.27
CA GLU C 412 27.84 -22.91 22.15
C GLU C 412 27.44 -21.59 21.47
N GLU C 413 28.30 -21.13 20.58
CA GLU C 413 28.03 -19.94 19.79
C GLU C 413 27.32 -20.32 18.50
N GLY C 414 26.18 -19.69 18.25
CA GLY C 414 25.44 -19.96 17.04
C GLY C 414 26.11 -19.37 15.81
N ILE C 415 25.70 -19.88 14.65
CA ILE C 415 26.24 -19.43 13.38
C ILE C 415 25.42 -18.22 12.91
N SER C 416 26.10 -17.09 12.73
CA SER C 416 25.44 -15.87 12.29
C SER C 416 25.31 -15.85 10.78
N THR C 417 24.15 -15.42 10.30
CA THR C 417 23.85 -15.37 8.86
C THR C 417 23.86 -13.92 8.39
N SER C 418 24.48 -13.69 7.24
CA SER C 418 24.63 -12.36 6.68
C SER C 418 24.28 -12.38 5.20
N ARG C 419 23.51 -11.39 4.75
CA ARG C 419 23.21 -11.21 3.34
C ARG C 419 24.23 -10.26 2.73
N MET C 420 25.02 -10.77 1.78
CA MET C 420 26.05 -10.00 1.08
C MET C 420 25.61 -9.83 -0.37
N SER C 421 25.09 -8.65 -0.69
CA SER C 421 24.61 -8.39 -2.04
C SER C 421 25.77 -8.28 -3.02
N LEU C 422 25.56 -8.81 -4.23
CA LEU C 422 26.56 -8.69 -5.29
C LEU C 422 26.38 -7.36 -6.01
N ASP C 423 27.49 -6.67 -6.24
CA ASP C 423 27.47 -5.42 -7.00
C ASP C 423 27.16 -5.73 -8.45
N PRO C 424 26.09 -5.17 -9.03
CA PRO C 424 25.79 -5.44 -10.45
C PRO C 424 26.89 -5.03 -11.40
N ALA C 425 27.78 -4.12 -10.99
CA ALA C 425 28.93 -3.74 -11.79
C ALA C 425 30.22 -4.39 -11.31
N ARG C 426 30.23 -4.96 -10.10
CA ARG C 426 31.40 -5.61 -9.52
C ARG C 426 31.03 -6.97 -8.95
N GLY C 427 30.38 -7.80 -9.78
CA GLY C 427 29.93 -9.09 -9.30
C GLY C 427 31.05 -10.06 -9.00
N GLY C 428 32.19 -9.92 -9.68
CA GLY C 428 33.32 -10.77 -9.43
C GLY C 428 34.27 -10.19 -8.40
N VAL C 429 35.05 -11.07 -7.77
CA VAL C 429 36.00 -10.63 -6.76
C VAL C 429 37.11 -9.80 -7.39
N GLU C 430 37.47 -10.08 -8.65
CA GLU C 430 38.51 -9.31 -9.32
C GLU C 430 38.11 -7.85 -9.48
N ASP C 431 36.80 -7.59 -9.59
CA ASP C 431 36.34 -6.21 -9.59
C ASP C 431 36.49 -5.59 -8.20
N LEU C 432 36.29 -6.38 -7.15
CA LEU C 432 36.52 -5.89 -5.80
C LEU C 432 38.01 -5.65 -5.54
N LEU C 433 38.87 -6.51 -6.09
CA LEU C 433 40.31 -6.27 -5.98
C LEU C 433 40.72 -5.03 -6.75
N ASP C 434 40.17 -4.84 -7.95
CA ASP C 434 40.35 -3.57 -8.66
C ASP C 434 39.83 -2.41 -7.83
N HIS C 435 38.70 -2.63 -7.14
CA HIS C 435 38.13 -1.60 -6.28
C HIS C 435 39.06 -1.28 -5.11
N ILE C 436 39.58 -2.31 -4.45
CA ILE C 436 40.37 -2.11 -3.24
C ILE C 436 41.70 -1.44 -3.57
N THR C 437 42.42 -1.96 -4.57
CA THR C 437 43.74 -1.42 -4.87
C THR C 437 43.65 0.00 -5.40
N SER C 438 42.61 0.29 -6.20
CA SER C 438 42.43 1.64 -6.71
C SER C 438 42.46 2.68 -5.59
N GLY C 439 41.82 2.37 -4.47
CA GLY C 439 41.87 3.27 -3.33
C GLY C 439 43.23 3.28 -2.65
N VAL C 440 43.81 2.10 -2.43
CA VAL C 440 45.08 2.01 -1.73
C VAL C 440 46.19 2.68 -2.55
N ARG C 441 46.22 2.44 -3.86
CA ARG C 441 47.21 3.11 -4.70
C ARG C 441 47.00 4.62 -4.68
N SER C 442 45.75 5.06 -4.71
CA SER C 442 45.47 6.50 -4.61
C SER C 442 45.84 7.04 -3.24
N THR C 443 45.63 6.23 -2.19
CA THR C 443 46.01 6.65 -0.84
C THR C 443 47.50 6.97 -0.76
N CYS C 444 48.34 6.09 -1.32
CA CYS C 444 49.78 6.30 -1.30
C CYS C 444 50.18 7.56 -2.06
N THR C 445 49.46 7.87 -3.14
CA THR C 445 49.76 9.09 -3.89
C THR C 445 49.45 10.34 -3.07
N TYR C 446 48.39 10.30 -2.27
CA TYR C 446 48.09 11.43 -1.39
C TYR C 446 49.12 11.57 -0.29
N VAL C 447 49.65 10.46 0.21
CA VAL C 447 50.64 10.52 1.28
C VAL C 447 52.02 10.84 0.74
N GLY C 448 52.31 10.44 -0.50
CA GLY C 448 53.64 10.56 -1.05
C GLY C 448 54.50 9.33 -0.94
N ALA C 449 53.89 8.15 -0.82
CA ALA C 449 54.61 6.90 -0.63
C ALA C 449 54.63 6.11 -1.93
N ALA C 450 55.78 5.53 -2.24
CA ALA C 450 55.93 4.67 -3.40
C ALA C 450 55.68 3.20 -3.10
N ASN C 451 55.48 2.85 -1.84
CA ASN C 451 55.21 1.47 -1.45
C ASN C 451 54.55 1.47 -0.07
N LEU C 452 54.25 0.28 0.42
CA LEU C 452 53.56 0.12 1.70
C LEU C 452 54.41 0.52 2.90
N PRO C 453 55.71 0.18 2.95
CA PRO C 453 56.52 0.66 4.09
C PRO C 453 56.58 2.18 4.19
N GLU C 454 56.69 2.89 3.07
CA GLU C 454 56.68 4.34 3.11
C GLU C 454 55.30 4.88 3.50
N LEU C 455 54.24 4.13 3.21
CA LEU C 455 52.90 4.56 3.60
C LEU C 455 52.80 4.72 5.11
N HIS C 456 53.20 3.70 5.87
CA HIS C 456 53.21 3.80 7.32
C HIS C 456 54.24 4.81 7.82
N GLU C 457 55.27 5.10 7.02
CA GLU C 457 56.33 6.02 7.46
C GLU C 457 55.91 7.48 7.31
N LYS C 458 55.18 7.81 6.25
CA LYS C 458 54.88 9.19 5.91
C LYS C 458 53.46 9.63 6.23
N VAL C 459 52.57 8.72 6.61
CA VAL C 459 51.16 9.06 6.75
C VAL C 459 50.96 9.97 7.95
N VAL C 460 50.03 10.92 7.81
CA VAL C 460 49.59 11.79 8.90
C VAL C 460 48.08 11.60 9.04
N LEU C 461 47.63 11.26 10.24
CA LEU C 461 46.24 10.95 10.51
C LEU C 461 45.62 11.99 11.44
N GLY C 462 44.28 12.02 11.43
CA GLY C 462 43.54 12.88 12.33
C GLY C 462 42.30 12.17 12.82
N VAL C 463 41.63 12.82 13.79
CA VAL C 463 40.40 12.31 14.37
C VAL C 463 39.25 13.22 13.93
N GLN C 464 38.10 12.62 13.64
CA GLN C 464 36.91 13.35 13.24
C GLN C 464 35.78 13.10 14.23
N SER C 465 34.84 14.04 14.28
CA SER C 465 33.71 13.96 15.18
C SER C 465 32.61 13.09 14.58
N ALA C 466 31.51 12.93 15.34
CA ALA C 466 30.40 12.12 14.88
C ALA C 466 29.66 12.73 13.69
N ALA C 467 29.88 14.01 13.41
CA ALA C 467 29.26 14.67 12.27
C ALA C 467 29.65 14.00 10.96
N VAL D 2 41.16 33.37 14.30
CA VAL D 2 39.96 32.83 14.94
C VAL D 2 40.18 32.68 16.44
N ARG D 3 39.11 32.91 17.21
CA ARG D 3 39.13 32.76 18.65
C ARG D 3 38.07 31.76 19.08
N PHE D 4 38.46 30.79 19.91
CA PHE D 4 37.55 29.80 20.45
C PHE D 4 37.31 30.08 21.93
N LEU D 5 36.14 29.67 22.41
CA LEU D 5 35.82 29.80 23.83
C LEU D 5 36.82 29.02 24.68
N ASP D 6 36.92 29.42 25.95
CA ASP D 6 37.85 28.79 26.87
C ASP D 6 37.58 27.30 26.99
N GLY D 7 38.62 26.49 26.82
CA GLY D 7 38.51 25.06 26.90
C GLY D 7 38.07 24.36 25.63
N HIS D 8 37.66 25.11 24.61
CA HIS D 8 37.18 24.52 23.35
C HIS D 8 38.36 24.22 22.44
N THR D 9 39.19 23.27 22.90
CA THR D 9 40.32 22.74 22.14
C THR D 9 40.14 21.24 22.05
N PRO D 10 39.29 20.76 21.14
CA PRO D 10 38.98 19.33 21.09
C PRO D 10 40.14 18.51 20.54
N ALA D 11 40.07 17.21 20.80
CA ALA D 11 41.05 16.24 20.30
C ALA D 11 40.70 15.73 18.91
N TYR D 12 40.14 16.59 18.06
CA TYR D 12 39.73 16.21 16.72
C TYR D 12 39.56 17.47 15.89
N ASP D 13 39.39 17.30 14.59
CA ASP D 13 39.14 18.40 13.69
C ASP D 13 37.64 18.65 13.55
N LEU D 14 37.30 19.85 13.08
CA LEU D 14 35.94 20.35 13.13
C LEU D 14 35.39 20.53 11.71
N THR D 15 34.15 20.09 11.51
CA THR D 15 33.40 20.37 10.30
C THR D 15 32.48 21.56 10.56
N TYR D 16 31.71 21.93 9.52
CA TYR D 16 30.76 23.03 9.65
C TYR D 16 29.67 22.74 10.67
N ASN D 17 29.38 21.47 10.93
CA ASN D 17 28.39 21.10 11.94
C ASN D 17 28.94 21.12 13.35
N ASP D 18 30.25 21.25 13.53
CA ASP D 18 30.87 21.16 14.84
C ASP D 18 31.00 22.50 15.55
N VAL D 19 30.84 23.62 14.85
CA VAL D 19 31.16 24.92 15.40
C VAL D 19 29.95 25.83 15.34
N PHE D 20 29.98 26.88 16.15
CA PHE D 20 28.98 27.93 16.16
C PHE D 20 29.65 29.27 16.44
N VAL D 21 28.94 30.35 16.12
CA VAL D 21 29.43 31.70 16.33
C VAL D 21 28.75 32.29 17.56
N VAL D 22 29.55 32.78 18.50
CA VAL D 22 29.03 33.44 19.70
C VAL D 22 28.78 34.92 19.37
N PRO D 23 27.59 35.43 19.62
CA PRO D 23 27.33 36.85 19.36
C PRO D 23 28.21 37.74 20.21
N GLY D 24 28.62 38.88 19.63
CA GLY D 24 29.43 39.85 20.32
C GLY D 24 28.78 41.23 20.30
N ARG D 25 29.39 42.16 21.02
CA ARG D 25 28.89 43.53 21.06
C ARG D 25 28.99 44.13 19.66
N SER D 26 27.89 44.72 19.18
CA SER D 26 27.78 45.12 17.79
C SER D 26 27.15 46.49 17.68
N ASP D 27 27.70 47.31 16.78
CA ASP D 27 27.10 48.59 16.41
C ASP D 27 26.75 48.62 14.93
N VAL D 28 26.66 47.46 14.29
CA VAL D 28 26.26 47.34 12.90
C VAL D 28 24.79 46.92 12.91
N ALA D 29 23.90 47.88 12.66
CA ALA D 29 22.47 47.63 12.82
C ALA D 29 21.89 46.82 11.67
N SER D 30 22.09 47.28 10.44
CA SER D 30 21.43 46.70 9.28
C SER D 30 22.40 45.82 8.49
N ARG D 31 21.83 44.82 7.82
CA ARG D 31 22.62 44.00 6.90
C ARG D 31 23.22 44.86 5.79
N PHE D 32 22.51 45.90 5.36
CA PHE D 32 22.99 46.74 4.26
C PHE D 32 24.20 47.57 4.63
N ASP D 33 24.53 47.68 5.92
CA ASP D 33 25.74 48.37 6.33
C ASP D 33 27.00 47.52 6.16
N VAL D 34 26.85 46.23 5.91
CA VAL D 34 27.97 45.31 5.82
C VAL D 34 28.49 45.31 4.38
N ASP D 35 29.81 45.36 4.23
CA ASP D 35 30.47 45.30 2.93
C ASP D 35 30.97 43.89 2.70
N LEU D 36 30.40 43.20 1.71
CA LEU D 36 30.76 41.83 1.40
C LEU D 36 31.84 41.72 0.33
N SER D 37 32.49 42.82 -0.03
CA SER D 37 33.53 42.79 -1.05
C SER D 37 34.75 42.03 -0.56
N THR D 38 35.43 41.38 -1.50
CA THR D 38 36.61 40.58 -1.22
C THR D 38 37.87 41.38 -1.50
N VAL D 39 38.98 40.91 -0.92
CA VAL D 39 40.25 41.62 -1.00
C VAL D 39 41.32 40.68 -1.54
N ASP D 40 40.90 39.54 -2.09
CA ASP D 40 41.84 38.53 -2.57
C ASP D 40 42.24 38.74 -4.03
N GLY D 41 41.80 39.83 -4.65
CA GLY D 41 42.11 40.10 -6.04
C GLY D 41 41.19 39.45 -7.04
N SER D 42 40.19 38.69 -6.59
CA SER D 42 39.26 38.06 -7.52
C SER D 42 38.34 39.09 -8.17
N GLY D 43 38.07 40.20 -7.48
CA GLY D 43 37.17 41.21 -7.99
C GLY D 43 35.71 41.01 -7.64
N THR D 44 35.38 40.02 -6.83
CA THR D 44 33.99 39.78 -6.45
C THR D 44 33.56 40.75 -5.36
N THR D 45 32.29 41.16 -5.42
CA THR D 45 31.70 41.99 -4.38
C THR D 45 30.88 41.19 -3.38
N ILE D 46 30.68 39.89 -3.63
CA ILE D 46 30.09 38.97 -2.66
C ILE D 46 31.01 37.76 -2.56
N PRO D 47 31.11 37.11 -1.40
CA PRO D 47 32.04 35.99 -1.22
C PRO D 47 31.53 34.65 -1.75
N VAL D 48 31.10 34.65 -3.02
CA VAL D 48 30.53 33.46 -3.65
C VAL D 48 31.25 33.24 -4.98
N VAL D 49 31.86 32.06 -5.13
CA VAL D 49 32.48 31.62 -6.38
C VAL D 49 31.86 30.29 -6.77
N VAL D 50 31.53 30.15 -8.05
CA VAL D 50 30.92 28.94 -8.56
C VAL D 50 32.02 27.97 -8.99
N ALA D 51 31.89 26.71 -8.58
CA ALA D 51 32.93 25.72 -8.82
C ALA D 51 33.12 25.45 -10.31
N ASN D 52 34.34 25.07 -10.68
CA ASN D 52 34.68 24.70 -12.06
C ASN D 52 34.14 23.30 -12.36
N MET D 53 32.82 23.23 -12.49
CA MET D 53 32.12 21.98 -12.78
C MET D 53 31.20 22.20 -13.97
N THR D 54 31.25 21.26 -14.92
CA THR D 54 30.39 21.35 -16.10
C THR D 54 28.91 21.33 -15.75
N ALA D 55 28.56 20.84 -14.55
CA ALA D 55 27.17 20.80 -14.13
C ALA D 55 26.65 22.18 -13.72
N VAL D 56 27.55 23.15 -13.49
CA VAL D 56 27.14 24.43 -12.93
C VAL D 56 27.72 25.59 -13.74
N ALA D 57 28.89 25.37 -14.36
CA ALA D 57 29.65 26.46 -14.97
C ALA D 57 29.28 26.60 -16.45
N GLY D 58 28.07 27.11 -16.67
CA GLY D 58 27.63 27.49 -18.00
C GLY D 58 27.67 29.00 -18.21
N ARG D 59 27.27 29.41 -19.41
CA ARG D 59 27.26 30.84 -19.72
C ARG D 59 26.10 31.56 -19.06
N ARG D 60 24.96 30.89 -18.88
CA ARG D 60 23.85 31.51 -18.16
C ARG D 60 24.18 31.69 -16.69
N MET D 61 24.91 30.74 -16.11
CA MET D 61 25.36 30.88 -14.72
C MET D 61 26.45 31.95 -14.62
N ALA D 62 27.36 32.00 -15.59
CA ALA D 62 28.44 32.98 -15.55
C ALA D 62 27.90 34.41 -15.60
N GLU D 63 26.94 34.66 -16.48
CA GLU D 63 26.34 36.00 -16.57
C GLU D 63 25.56 36.35 -15.31
N THR D 64 24.75 35.41 -14.81
CA THR D 64 23.85 35.71 -13.70
C THR D 64 24.62 35.93 -12.40
N VAL D 65 25.66 35.13 -12.16
CA VAL D 65 26.41 35.24 -10.90
C VAL D 65 27.31 36.46 -10.91
N ALA D 66 27.98 36.73 -12.04
CA ALA D 66 28.88 37.88 -12.11
C ALA D 66 28.13 39.20 -11.98
N ARG D 67 26.89 39.27 -12.50
CA ARG D 67 26.10 40.49 -12.36
C ARG D 67 25.77 40.77 -10.90
N ARG D 68 25.59 39.73 -10.10
CA ARG D 68 25.26 39.88 -8.68
C ARG D 68 26.49 39.97 -7.79
N GLY D 69 27.69 40.08 -8.38
CA GLY D 69 28.91 40.27 -7.62
C GLY D 69 29.77 39.04 -7.46
N GLY D 70 29.30 37.87 -7.89
CA GLY D 70 30.08 36.66 -7.82
C GLY D 70 30.95 36.48 -9.06
N ILE D 71 31.53 35.28 -9.16
CA ILE D 71 32.32 34.90 -10.33
C ILE D 71 32.14 33.40 -10.55
N VAL D 72 32.17 32.99 -11.81
CA VAL D 72 32.06 31.59 -12.20
C VAL D 72 33.37 31.17 -12.85
N VAL D 73 33.90 30.03 -12.42
CA VAL D 73 35.13 29.48 -12.97
C VAL D 73 34.74 28.45 -14.03
N LEU D 74 35.14 28.71 -15.28
CA LEU D 74 34.82 27.79 -16.36
C LEU D 74 35.57 26.47 -16.15
N PRO D 75 34.93 25.34 -16.45
CA PRO D 75 35.58 24.05 -16.19
C PRO D 75 36.78 23.82 -17.08
N GLN D 76 37.78 23.16 -16.52
CA GLN D 76 38.99 22.82 -17.28
C GLN D 76 38.66 21.87 -18.43
N ASP D 77 39.54 21.85 -19.42
CA ASP D 77 39.46 21.05 -20.63
C ASP D 77 38.31 21.48 -21.55
N LEU D 78 37.57 22.52 -21.19
CA LEU D 78 36.59 23.09 -22.10
C LEU D 78 37.32 23.66 -23.33
N PRO D 79 36.86 23.37 -24.54
CA PRO D 79 37.60 23.79 -25.73
C PRO D 79 37.79 25.30 -25.78
N ILE D 80 38.96 25.72 -26.28
CA ILE D 80 39.31 27.13 -26.29
C ILE D 80 38.37 27.93 -27.19
N THR D 81 37.80 27.28 -28.22
CA THR D 81 36.79 27.95 -29.03
C THR D 81 35.54 28.24 -28.22
N ALA D 82 35.15 27.30 -27.34
CA ALA D 82 34.01 27.54 -26.47
C ALA D 82 34.33 28.55 -25.38
N VAL D 83 35.61 28.66 -24.99
CA VAL D 83 36.00 29.68 -24.02
C VAL D 83 35.70 31.07 -24.58
N SER D 84 36.21 31.36 -25.78
CA SER D 84 36.03 32.69 -26.36
C SER D 84 34.56 33.00 -26.58
N GLU D 85 33.78 32.02 -27.04
CA GLU D 85 32.35 32.24 -27.24
C GLU D 85 31.66 32.52 -25.90
N THR D 86 32.05 31.81 -24.85
CA THR D 86 31.46 32.04 -23.53
C THR D 86 31.90 33.37 -22.95
N VAL D 87 33.19 33.68 -23.03
CA VAL D 87 33.70 34.94 -22.48
C VAL D 87 33.10 36.12 -23.24
N ASP D 88 33.11 36.06 -24.58
CA ASP D 88 32.55 37.15 -25.37
C ASP D 88 31.08 37.38 -25.04
N PHE D 89 30.34 36.32 -24.75
CA PHE D 89 28.95 36.47 -24.34
C PHE D 89 28.85 37.21 -23.01
N VAL D 90 29.61 36.77 -22.01
CA VAL D 90 29.54 37.39 -20.69
C VAL D 90 30.07 38.82 -20.74
N LYS D 91 31.14 39.05 -21.48
CA LYS D 91 31.73 40.39 -21.55
C LYS D 91 30.87 41.37 -22.33
N SER D 92 29.83 40.90 -23.02
CA SER D 92 28.93 41.77 -23.76
C SER D 92 27.59 41.96 -23.07
N ARG D 93 27.39 41.37 -21.89
CA ARG D 93 26.13 41.50 -21.18
C ARG D 93 26.03 42.85 -20.47
N ASP D 94 24.80 43.32 -20.32
CA ASP D 94 24.56 44.55 -19.59
C ASP D 94 24.75 44.33 -18.09
N LEU D 95 25.26 45.36 -17.41
CA LEU D 95 25.51 45.25 -15.98
C LEU D 95 24.23 45.25 -15.15
N VAL D 96 23.11 45.67 -15.74
CA VAL D 96 21.82 45.69 -15.06
C VAL D 96 20.78 44.86 -15.80
N VAL D 97 20.78 44.93 -17.14
CA VAL D 97 19.79 44.23 -17.94
C VAL D 97 20.21 42.79 -18.13
N ASP D 98 19.29 41.86 -17.88
CA ASP D 98 19.56 40.44 -18.01
C ASP D 98 19.16 39.94 -19.40
N THR D 99 19.74 38.81 -19.79
CA THR D 99 19.45 38.20 -21.08
C THR D 99 18.28 37.23 -20.94
N PRO D 100 17.17 37.45 -21.62
CA PRO D 100 16.02 36.55 -21.52
C PRO D 100 16.12 35.39 -22.52
N VAL D 101 15.24 34.42 -22.33
CA VAL D 101 15.02 33.39 -23.34
C VAL D 101 14.31 34.03 -24.53
N THR D 102 14.80 33.75 -25.73
CA THR D 102 14.22 34.29 -26.95
C THR D 102 13.57 33.18 -27.76
N LEU D 103 12.48 33.52 -28.43
CA LEU D 103 11.70 32.57 -29.21
C LEU D 103 11.37 33.16 -30.56
N SER D 104 11.32 32.30 -31.56
CA SER D 104 10.86 32.68 -32.88
C SER D 104 9.37 32.39 -33.03
N PRO D 105 8.65 33.18 -33.82
CA PRO D 105 7.23 32.88 -34.05
C PRO D 105 6.98 31.51 -34.68
N GLU D 106 8.01 30.89 -35.25
CA GLU D 106 7.88 29.56 -35.83
C GLU D 106 8.26 28.45 -34.85
N ASP D 107 8.71 28.79 -33.65
CA ASP D 107 9.05 27.78 -32.65
C ASP D 107 7.81 27.10 -32.12
N SER D 108 7.97 25.87 -31.65
CA SER D 108 6.87 25.08 -31.13
C SER D 108 6.58 25.43 -29.68
N VAL D 109 5.35 25.14 -29.25
CA VAL D 109 4.99 25.31 -27.85
C VAL D 109 5.82 24.36 -26.98
N SER D 110 6.11 23.16 -27.51
CA SER D 110 6.94 22.22 -26.77
C SER D 110 8.32 22.81 -26.47
N ASP D 111 8.95 23.41 -27.48
CA ASP D 111 10.23 24.07 -27.25
C ASP D 111 10.07 25.30 -26.37
N ALA D 112 8.96 26.02 -26.48
CA ALA D 112 8.75 27.20 -25.66
C ALA D 112 8.69 26.84 -24.18
N ASN D 113 7.98 25.77 -23.83
CA ASN D 113 7.90 25.34 -22.44
C ASN D 113 9.26 24.82 -21.94
N ALA D 114 10.01 24.15 -22.82
CA ALA D 114 11.31 23.62 -22.42
C ALA D 114 12.32 24.74 -22.23
N LEU D 115 12.37 25.68 -23.17
CA LEU D 115 13.29 26.80 -23.08
C LEU D 115 12.93 27.76 -21.96
N LEU D 116 11.68 27.75 -21.50
CA LEU D 116 11.24 28.70 -20.48
C LEU D 116 12.04 28.54 -19.19
N HIS D 117 12.39 27.30 -18.84
CA HIS D 117 12.98 26.98 -17.54
C HIS D 117 14.49 27.23 -17.48
N LYS D 118 15.07 27.86 -18.50
CA LYS D 118 16.50 28.18 -18.48
C LYS D 118 16.81 29.49 -17.78
N ARG D 119 15.81 30.32 -17.51
CA ARG D 119 15.97 31.55 -16.76
C ARG D 119 14.93 31.62 -15.67
N ALA D 120 15.08 32.59 -14.77
CA ALA D 120 14.16 32.78 -13.66
C ALA D 120 13.16 33.90 -13.93
N HIS D 121 13.03 34.32 -15.19
CA HIS D 121 12.16 35.44 -15.54
C HIS D 121 10.69 35.06 -15.60
N GLY D 122 10.38 33.77 -15.77
CA GLY D 122 9.00 33.34 -15.89
C GLY D 122 8.34 33.65 -17.21
N ALA D 123 9.08 34.18 -18.19
CA ALA D 123 8.54 34.47 -19.50
C ALA D 123 9.68 34.59 -20.49
N ALA D 124 9.45 34.12 -21.71
CA ALA D 124 10.41 34.24 -22.80
C ALA D 124 9.92 35.26 -23.81
N VAL D 125 10.87 35.97 -24.43
CA VAL D 125 10.54 37.07 -25.33
C VAL D 125 10.51 36.54 -26.76
N VAL D 126 9.39 36.75 -27.44
CA VAL D 126 9.28 36.39 -28.85
C VAL D 126 10.00 37.45 -29.68
N VAL D 127 10.92 37.01 -30.53
CA VAL D 127 11.80 37.90 -31.28
C VAL D 127 11.64 37.62 -32.77
N PHE D 128 11.51 38.69 -33.56
CA PHE D 128 11.56 38.60 -35.01
C PHE D 128 12.52 39.66 -35.53
N GLU D 129 13.60 39.22 -36.17
CA GLU D 129 14.63 40.10 -36.71
C GLU D 129 15.18 41.05 -35.63
N GLY D 130 15.45 40.47 -34.45
CA GLY D 130 16.03 41.22 -33.36
C GLY D 130 15.09 42.09 -32.56
N ARG D 131 13.81 42.16 -32.94
CA ARG D 131 12.88 43.03 -32.25
C ARG D 131 11.86 42.22 -31.46
N PRO D 132 11.51 42.66 -30.24
CA PRO D 132 10.52 41.93 -29.45
C PRO D 132 9.10 42.16 -29.96
N ILE D 133 8.31 41.10 -29.96
CA ILE D 133 6.92 41.19 -30.40
C ILE D 133 5.96 40.65 -29.34
N GLY D 134 6.47 39.94 -28.34
CA GLY D 134 5.61 39.41 -27.31
C GLY D 134 6.36 38.49 -26.37
N LEU D 135 5.62 37.95 -25.41
CA LEU D 135 6.13 36.99 -24.45
C LEU D 135 5.30 35.72 -24.48
N VAL D 136 5.94 34.62 -24.07
CA VAL D 136 5.28 33.34 -23.85
C VAL D 136 5.52 32.92 -22.41
N THR D 137 4.45 32.61 -21.69
CA THR D 137 4.53 32.14 -20.32
C THR D 137 4.10 30.67 -20.24
N GLU D 138 4.39 30.07 -19.09
CA GLU D 138 3.98 28.68 -18.88
C GLU D 138 2.47 28.53 -18.87
N ALA D 139 1.76 29.54 -18.36
CA ALA D 139 0.30 29.51 -18.42
C ALA D 139 -0.20 29.55 -19.85
N ASN D 140 0.51 30.27 -20.72
CA ASN D 140 0.13 30.34 -22.13
C ASN D 140 0.26 28.98 -22.82
N CYS D 141 1.18 28.14 -22.36
CA CYS D 141 1.38 26.83 -22.97
C CYS D 141 0.41 25.78 -22.45
N ALA D 142 -0.22 26.02 -21.30
CA ALA D 142 -1.15 25.05 -20.73
C ALA D 142 -2.45 25.04 -21.52
N GLY D 143 -3.00 23.84 -21.71
CA GLY D 143 -4.27 23.66 -22.39
C GLY D 143 -4.25 23.82 -23.89
N VAL D 144 -3.09 24.04 -24.49
CA VAL D 144 -2.98 24.18 -25.93
C VAL D 144 -2.18 23.00 -26.48
N ASP D 145 -2.29 22.78 -27.78
CA ASP D 145 -1.52 21.75 -28.45
C ASP D 145 -0.03 22.02 -28.30
N ARG D 146 0.72 21.00 -27.89
CA ARG D 146 2.16 21.16 -27.67
C ARG D 146 2.91 21.45 -28.97
N PHE D 147 2.30 21.19 -30.13
CA PHE D 147 2.91 21.49 -31.41
C PHE D 147 2.30 22.73 -32.06
N ALA D 148 1.49 23.47 -31.33
CA ALA D 148 1.08 24.79 -31.80
C ALA D 148 2.29 25.71 -31.87
N ARG D 149 2.15 26.80 -32.63
CA ARG D 149 3.26 27.73 -32.80
C ARG D 149 3.22 28.83 -31.76
N VAL D 150 4.42 29.34 -31.44
CA VAL D 150 4.54 30.46 -30.51
C VAL D 150 3.69 31.64 -30.95
N ARG D 151 3.62 31.88 -32.26
CA ARG D 151 2.83 32.97 -32.79
C ARG D 151 1.36 32.87 -32.40
N ASP D 152 0.87 31.65 -32.15
CA ASP D 152 -0.54 31.46 -31.81
C ASP D 152 -0.84 31.71 -30.34
N ILE D 153 0.17 31.73 -29.47
CA ILE D 153 -0.03 31.89 -28.04
C ILE D 153 0.68 33.11 -27.47
N ALA D 154 1.46 33.83 -28.27
CA ALA D 154 2.23 34.95 -27.75
C ALA D 154 1.32 36.11 -27.37
N LEU D 155 1.64 36.78 -26.27
CA LEU D 155 0.90 37.94 -25.81
C LEU D 155 1.54 39.21 -26.39
N SER D 156 0.78 39.95 -27.18
CA SER D 156 1.30 41.13 -27.86
C SER D 156 1.43 42.35 -26.95
N ASP D 157 0.80 42.34 -25.78
CA ASP D 157 0.84 43.47 -24.87
C ASP D 157 1.92 43.25 -23.81
N PHE D 158 2.78 44.24 -23.63
CA PHE D 158 3.83 44.15 -22.62
C PHE D 158 4.37 45.54 -22.30
N VAL D 159 4.87 45.69 -21.09
CA VAL D 159 5.56 46.91 -20.69
C VAL D 159 6.96 46.89 -21.31
N THR D 160 7.33 48.01 -21.94
CA THR D 160 8.63 48.14 -22.58
C THR D 160 9.26 49.47 -22.20
N ALA D 161 10.59 49.47 -22.08
CA ALA D 161 11.33 50.65 -21.68
C ALA D 161 12.71 50.60 -22.32
N PRO D 162 13.29 51.75 -22.65
CA PRO D 162 14.62 51.74 -23.28
C PRO D 162 15.71 51.39 -22.28
N VAL D 163 16.76 50.75 -22.80
CA VAL D 163 17.93 50.48 -21.97
C VAL D 163 18.56 51.80 -21.53
N GLY D 164 19.00 51.84 -20.27
CA GLY D 164 19.50 53.05 -19.66
C GLY D 164 18.55 53.67 -18.67
N THR D 165 17.27 53.31 -18.72
CA THR D 165 16.33 53.72 -17.68
C THR D 165 16.76 53.15 -16.33
N ASP D 166 16.73 53.99 -15.31
CA ASP D 166 17.13 53.54 -13.98
C ASP D 166 16.20 52.45 -13.49
N PRO D 167 16.72 51.46 -12.75
CA PRO D 167 15.87 50.35 -12.31
C PRO D 167 14.72 50.77 -11.41
N ARG D 168 14.81 51.93 -10.77
CA ARG D 168 13.73 52.38 -9.88
C ARG D 168 12.46 52.66 -10.66
N GLU D 169 12.56 53.38 -11.78
CA GLU D 169 11.36 53.72 -12.54
C GLU D 169 10.78 52.48 -13.21
N VAL D 170 11.64 51.59 -13.70
CA VAL D 170 11.17 50.33 -14.29
C VAL D 170 10.39 49.53 -13.25
N PHE D 171 10.86 49.54 -12.00
CA PHE D 171 10.12 48.89 -10.91
C PHE D 171 8.69 49.43 -10.82
N ASP D 172 8.52 50.75 -10.96
CA ASP D 172 7.19 51.34 -10.85
C ASP D 172 6.31 50.97 -12.05
N LEU D 173 6.91 50.87 -13.24
CA LEU D 173 6.12 50.55 -14.43
C LEU D 173 5.53 49.16 -14.36
N LEU D 174 6.17 48.25 -13.61
CA LEU D 174 5.68 46.89 -13.44
C LEU D 174 4.81 46.71 -12.20
N GLU D 175 4.57 47.78 -11.45
CA GLU D 175 3.78 47.67 -10.22
C GLU D 175 2.37 47.16 -10.51
N HIS D 176 1.71 47.77 -11.49
CA HIS D 176 0.39 47.33 -11.92
C HIS D 176 0.41 46.63 -13.27
N ALA D 177 1.59 46.23 -13.73
CA ALA D 177 1.66 45.33 -14.87
C ALA D 177 1.26 43.93 -14.42
N PRO D 178 0.36 43.25 -15.14
CA PRO D 178 -0.13 41.94 -14.66
C PRO D 178 0.95 40.87 -14.59
N ILE D 179 1.86 40.82 -15.55
CA ILE D 179 2.91 39.81 -15.61
C ILE D 179 4.26 40.52 -15.45
N ASP D 180 5.03 40.08 -14.45
CA ASP D 180 6.20 40.81 -13.93
C ASP D 180 7.43 40.67 -14.82
N VAL D 181 7.30 41.13 -16.07
CA VAL D 181 8.41 41.14 -17.03
C VAL D 181 8.36 42.44 -17.82
N ALA D 182 9.44 43.21 -17.79
CA ALA D 182 9.58 44.43 -18.57
C ALA D 182 10.65 44.23 -19.65
N VAL D 183 10.29 44.50 -20.90
CA VAL D 183 11.18 44.28 -22.03
C VAL D 183 12.04 45.51 -22.23
N MET D 184 13.37 45.31 -22.25
CA MET D 184 14.32 46.38 -22.43
C MET D 184 14.72 46.47 -23.89
N THR D 185 14.69 47.68 -24.45
CA THR D 185 14.95 47.88 -25.87
C THR D 185 16.15 48.81 -26.06
N ALA D 186 16.89 48.56 -27.13
CA ALA D 186 17.98 49.44 -27.53
C ALA D 186 17.39 50.71 -28.13
N PRO D 187 18.21 51.76 -28.31
CA PRO D 187 17.69 52.99 -28.94
C PRO D 187 17.03 52.77 -30.29
N ASP D 188 17.48 51.79 -31.07
CA ASP D 188 16.89 51.50 -32.37
C ASP D 188 15.67 50.59 -32.28
N GLY D 189 15.20 50.27 -31.08
CA GLY D 189 14.05 49.42 -30.92
C GLY D 189 14.34 47.93 -30.86
N THR D 190 15.59 47.52 -31.04
CA THR D 190 15.93 46.11 -30.96
C THR D 190 15.98 45.66 -29.50
N LEU D 191 15.85 44.35 -29.30
CA LEU D 191 15.80 43.78 -27.97
C LEU D 191 17.17 43.90 -27.30
N ALA D 192 17.21 44.53 -26.13
CA ALA D 192 18.41 44.60 -25.32
C ALA D 192 18.38 43.65 -24.14
N GLY D 193 17.21 43.22 -23.71
CA GLY D 193 17.07 42.27 -22.62
C GLY D 193 15.78 42.52 -21.87
N VAL D 194 15.73 41.99 -20.64
CA VAL D 194 14.56 42.15 -19.78
C VAL D 194 15.03 42.57 -18.39
N LEU D 195 14.09 43.15 -17.64
CA LEU D 195 14.33 43.55 -16.26
C LEU D 195 13.05 43.36 -15.47
N THR D 196 13.12 42.54 -14.42
CA THR D 196 11.98 42.29 -13.56
C THR D 196 12.06 43.14 -12.30
N ARG D 197 10.94 43.19 -11.57
CA ARG D 197 10.90 43.96 -10.33
C ARG D 197 11.93 43.44 -9.33
N THR D 198 12.06 42.12 -9.20
CA THR D 198 13.07 41.55 -8.32
C THR D 198 14.47 41.84 -8.85
N GLY D 199 14.65 41.78 -10.17
CA GLY D 199 15.93 42.12 -10.75
C GLY D 199 16.29 43.58 -10.59
N ALA D 200 15.28 44.46 -10.59
CA ALA D 200 15.53 45.87 -10.31
C ALA D 200 15.95 46.08 -8.87
N ILE D 201 15.39 45.29 -7.95
CA ILE D 201 15.76 45.41 -6.54
C ILE D 201 17.22 45.05 -6.34
N ARG D 202 17.66 43.94 -6.94
CA ARG D 202 19.03 43.50 -6.78
C ARG D 202 20.03 44.46 -7.39
N ALA D 203 19.60 45.30 -8.35
CA ALA D 203 20.50 46.28 -8.93
C ALA D 203 20.98 47.29 -7.88
N GLY D 204 20.15 47.58 -6.89
CA GLY D 204 20.51 48.45 -5.80
C GLY D 204 21.10 47.74 -4.60
N ILE D 205 21.21 46.42 -4.66
CA ILE D 205 21.76 45.63 -3.56
C ILE D 205 23.11 45.03 -3.92
N TYR D 206 23.23 44.48 -5.13
CA TYR D 206 24.46 43.82 -5.56
C TYR D 206 25.26 44.72 -6.49
N THR D 207 26.57 44.76 -6.29
CA THR D 207 27.48 45.45 -7.20
C THR D 207 28.07 44.44 -8.16
N PRO D 208 27.92 44.61 -9.46
CA PRO D 208 28.46 43.62 -10.40
C PRO D 208 29.98 43.55 -10.34
N ALA D 209 30.49 42.33 -10.46
CA ALA D 209 31.94 42.10 -10.54
C ALA D 209 32.38 42.38 -11.96
N VAL D 210 33.16 43.43 -12.16
CA VAL D 210 33.53 43.90 -13.50
C VAL D 210 35.05 44.03 -13.58
N ASP D 211 35.55 43.93 -14.81
CA ASP D 211 36.98 44.08 -15.07
C ASP D 211 37.32 45.57 -15.21
N ALA D 212 38.54 45.86 -15.65
CA ALA D 212 38.96 47.24 -15.82
C ALA D 212 38.17 47.96 -16.92
N LYS D 213 37.59 47.23 -17.86
CA LYS D 213 36.78 47.81 -18.91
C LYS D 213 35.30 47.88 -18.54
N GLY D 214 34.94 47.49 -17.33
CA GLY D 214 33.55 47.53 -16.91
C GLY D 214 32.69 46.38 -17.40
N ARG D 215 33.33 45.28 -17.81
CA ARG D 215 32.61 44.09 -18.28
C ARG D 215 32.59 43.03 -17.20
N LEU D 216 31.51 42.25 -17.16
CA LEU D 216 31.33 41.24 -16.13
C LEU D 216 32.53 40.31 -16.05
N ARG D 217 32.95 40.00 -14.82
CA ARG D 217 34.11 39.16 -14.61
C ARG D 217 33.78 37.70 -14.85
N ILE D 218 34.80 36.93 -15.20
CA ILE D 218 34.66 35.50 -15.44
C ILE D 218 36.04 34.86 -15.28
N ALA D 219 36.06 33.67 -14.70
CA ALA D 219 37.28 32.94 -14.46
C ALA D 219 37.23 31.60 -15.20
N ALA D 220 38.37 30.93 -15.25
CA ALA D 220 38.48 29.66 -15.96
C ALA D 220 39.51 28.79 -15.28
N ALA D 221 39.28 27.48 -15.30
CA ALA D 221 40.15 26.51 -14.67
C ALA D 221 40.95 25.74 -15.71
N VAL D 222 42.07 25.18 -15.28
CA VAL D 222 42.92 24.37 -16.13
C VAL D 222 43.53 23.25 -15.29
N GLY D 223 43.75 22.10 -15.95
CA GLY D 223 44.38 20.97 -15.29
C GLY D 223 45.89 21.04 -15.34
N ILE D 224 46.53 20.14 -14.60
CA ILE D 224 47.99 20.09 -14.52
C ILE D 224 48.58 19.08 -15.50
N ASN D 225 47.76 18.50 -16.38
CA ASN D 225 48.25 17.57 -17.39
C ASN D 225 48.61 18.33 -18.67
N GLY D 226 49.48 17.72 -19.46
CA GLY D 226 49.89 18.33 -20.72
C GLY D 226 50.73 19.58 -20.49
N ASP D 227 50.60 20.51 -21.43
CA ASP D 227 51.35 21.77 -21.38
C ASP D 227 50.47 22.79 -20.65
N VAL D 228 50.65 22.85 -19.33
CA VAL D 228 49.82 23.73 -18.50
C VAL D 228 50.07 25.19 -18.85
N GLY D 229 51.33 25.55 -19.08
CA GLY D 229 51.65 26.93 -19.42
C GLY D 229 51.00 27.38 -20.72
N ALA D 230 51.07 26.54 -21.75
CA ALA D 230 50.47 26.89 -23.03
C ALA D 230 48.96 27.04 -22.91
N LYS D 231 48.31 26.16 -22.13
CA LYS D 231 46.88 26.28 -21.93
C LYS D 231 46.53 27.52 -21.12
N ALA D 232 47.29 27.79 -20.06
CA ALA D 232 46.97 28.94 -19.20
C ALA D 232 47.06 30.26 -19.96
N GLN D 233 48.04 30.37 -20.86
CA GLN D 233 48.15 31.58 -21.66
C GLN D 233 46.97 31.72 -22.61
N ALA D 234 46.50 30.61 -23.19
CA ALA D 234 45.37 30.67 -24.09
C ALA D 234 44.10 31.07 -23.36
N LEU D 235 43.94 30.62 -22.12
CA LEU D 235 42.79 31.05 -21.32
C LEU D 235 42.85 32.54 -21.02
N ALA D 236 44.05 33.06 -20.72
CA ALA D 236 44.21 34.48 -20.47
C ALA D 236 43.94 35.30 -21.72
N GLU D 237 44.46 34.87 -22.87
CA GLU D 237 44.24 35.60 -24.11
C GLU D 237 42.77 35.60 -24.51
N ALA D 238 42.02 34.59 -24.08
CA ALA D 238 40.60 34.51 -24.39
C ALA D 238 39.76 35.50 -23.60
N GLY D 239 40.35 36.19 -22.62
CA GLY D 239 39.65 37.20 -21.85
C GLY D 239 39.32 36.84 -20.42
N ALA D 240 39.85 35.74 -19.90
CA ALA D 240 39.60 35.36 -18.52
C ALA D 240 40.21 36.37 -17.56
N ASP D 241 39.49 36.67 -16.49
CA ASP D 241 39.94 37.60 -15.47
C ASP D 241 40.73 36.93 -14.35
N LEU D 242 40.64 35.60 -14.23
CA LEU D 242 41.28 34.87 -13.15
C LEU D 242 41.44 33.42 -13.58
N LEU D 243 42.55 32.80 -13.21
CA LEU D 243 42.86 31.44 -13.60
C LEU D 243 42.96 30.55 -12.36
N VAL D 244 42.38 29.35 -12.46
CA VAL D 244 42.39 28.37 -11.39
C VAL D 244 43.12 27.12 -11.88
N ILE D 245 44.25 26.81 -11.27
CA ILE D 245 44.96 25.57 -11.53
C ILE D 245 44.47 24.54 -10.52
N ASP D 246 43.69 23.57 -10.98
CA ASP D 246 42.93 22.69 -10.11
C ASP D 246 43.35 21.24 -10.32
N THR D 247 43.56 20.53 -9.22
CA THR D 247 43.84 19.10 -9.25
C THR D 247 43.41 18.49 -7.93
N ALA D 248 43.25 17.16 -7.93
CA ALA D 248 42.76 16.48 -6.74
C ALA D 248 43.75 16.62 -5.59
N HIS D 249 45.02 16.33 -5.84
CA HIS D 249 46.07 16.41 -4.82
C HIS D 249 46.95 17.60 -5.15
N GLY D 250 46.58 18.77 -4.61
CA GLY D 250 47.34 19.99 -4.86
C GLY D 250 48.73 20.00 -4.27
N HIS D 251 48.99 19.16 -3.27
CA HIS D 251 50.30 19.13 -2.60
C HIS D 251 51.17 18.05 -3.24
N GLN D 252 51.55 18.31 -4.49
CA GLN D 252 52.42 17.39 -5.23
C GLN D 252 53.35 18.19 -6.12
N ALA D 253 54.49 17.56 -6.46
CA ALA D 253 55.50 18.23 -7.26
C ALA D 253 54.98 18.60 -8.64
N LYS D 254 54.13 17.75 -9.22
CA LYS D 254 53.55 18.05 -10.53
C LYS D 254 52.67 19.27 -10.47
N MET D 255 52.02 19.52 -9.33
CA MET D 255 51.26 20.75 -9.15
C MET D 255 52.18 21.95 -9.00
N LEU D 256 53.26 21.80 -8.24
CA LEU D 256 54.20 22.90 -8.03
C LEU D 256 54.81 23.37 -9.35
N ASP D 257 55.21 22.43 -10.21
CA ASP D 257 55.75 22.80 -11.51
C ASP D 257 54.72 23.52 -12.36
N ALA D 258 53.44 23.17 -12.21
CA ALA D 258 52.39 23.84 -12.98
C ALA D 258 52.27 25.30 -12.60
N ILE D 259 52.39 25.62 -11.31
CA ILE D 259 52.30 27.01 -10.87
C ILE D 259 53.48 27.82 -11.39
N LYS D 260 54.69 27.25 -11.32
CA LYS D 260 55.86 27.96 -11.81
C LYS D 260 55.74 28.25 -13.30
N ALA D 261 55.20 27.31 -14.06
CA ALA D 261 55.01 27.52 -15.50
C ALA D 261 54.07 28.69 -15.76
N VAL D 262 52.94 28.74 -15.05
CA VAL D 262 51.99 29.82 -15.24
C VAL D 262 52.57 31.13 -14.70
N ALA D 263 53.27 31.09 -13.57
CA ALA D 263 53.82 32.30 -12.98
C ALA D 263 54.87 32.93 -13.89
N SER D 264 55.72 32.10 -14.51
CA SER D 264 56.78 32.63 -15.37
C SER D 264 56.25 33.29 -16.62
N LEU D 265 54.96 33.12 -16.95
CA LEU D 265 54.39 33.75 -18.13
C LEU D 265 53.96 35.19 -17.89
N ASP D 266 53.81 35.59 -16.62
CA ASP D 266 53.46 36.95 -16.24
C ASP D 266 52.20 37.42 -16.98
N LEU D 267 51.13 36.64 -16.81
CA LEU D 267 49.88 36.93 -17.48
C LEU D 267 49.10 38.08 -16.84
N GLY D 268 49.50 38.52 -15.65
CA GLY D 268 48.84 39.64 -15.00
C GLY D 268 47.50 39.33 -14.38
N LEU D 269 47.22 38.07 -14.11
CA LEU D 269 45.96 37.63 -13.54
C LEU D 269 46.19 36.99 -12.18
N PRO D 270 45.17 36.94 -11.32
CA PRO D 270 45.29 36.20 -10.06
C PRO D 270 45.47 34.71 -10.32
N LEU D 271 46.33 34.09 -9.53
CA LEU D 271 46.67 32.67 -9.68
C LEU D 271 46.07 31.89 -8.51
N VAL D 272 45.11 31.02 -8.81
CA VAL D 272 44.48 30.16 -7.81
C VAL D 272 45.06 28.76 -7.95
N ALA D 273 45.32 28.11 -6.81
CA ALA D 273 45.93 26.79 -6.79
C ALA D 273 45.24 25.93 -5.74
N GLY D 274 45.04 24.66 -6.06
CA GLY D 274 44.42 23.72 -5.15
C GLY D 274 44.51 22.31 -5.69
N ASN D 275 44.11 21.36 -4.85
CA ASN D 275 43.57 21.64 -3.52
C ASN D 275 44.47 21.07 -2.42
N VAL D 276 44.52 21.77 -1.29
CA VAL D 276 45.26 21.32 -0.11
C VAL D 276 44.38 21.54 1.12
N VAL D 277 44.78 20.92 2.22
CA VAL D 277 44.07 21.06 3.49
C VAL D 277 45.08 21.14 4.63
N SER D 278 46.34 21.40 4.30
CA SER D 278 47.41 21.51 5.28
C SER D 278 48.10 22.86 5.15
N ALA D 279 48.72 23.29 6.26
CA ALA D 279 49.48 24.53 6.24
C ALA D 279 50.69 24.43 5.32
N GLU D 280 51.39 23.28 5.35
CA GLU D 280 52.54 23.09 4.47
C GLU D 280 52.13 23.11 3.01
N GLY D 281 51.04 22.41 2.67
CA GLY D 281 50.57 22.42 1.30
C GLY D 281 50.18 23.80 0.81
N THR D 282 49.57 24.60 1.69
CA THR D 282 49.20 25.96 1.32
C THR D 282 50.43 26.83 1.11
N ARG D 283 51.40 26.74 2.02
CA ARG D 283 52.62 27.54 1.90
C ARG D 283 53.43 27.14 0.66
N ASP D 284 53.42 25.85 0.32
CA ASP D 284 54.19 25.40 -0.84
C ASP D 284 53.60 25.93 -2.14
N LEU D 285 52.27 26.01 -2.23
CA LEU D 285 51.63 26.49 -3.45
C LEU D 285 51.86 27.99 -3.63
N ILE D 286 51.87 28.75 -2.53
CA ILE D 286 52.13 30.18 -2.63
C ILE D 286 53.57 30.45 -3.05
N GLU D 287 54.52 29.69 -2.49
CA GLU D 287 55.92 29.83 -2.89
C GLU D 287 56.11 29.49 -4.36
N ALA D 288 55.29 28.59 -4.90
CA ALA D 288 55.40 28.25 -6.31
C ALA D 288 54.97 29.38 -7.22
N GLY D 289 54.18 30.33 -6.72
CA GLY D 289 53.79 31.48 -7.52
C GLY D 289 52.31 31.81 -7.42
N ALA D 290 51.57 31.03 -6.64
CA ALA D 290 50.13 31.26 -6.49
C ALA D 290 49.87 32.33 -5.44
N SER D 291 48.84 33.14 -5.69
CA SER D 291 48.40 34.14 -4.72
C SER D 291 47.17 33.71 -3.94
N ILE D 292 46.39 32.79 -4.47
CA ILE D 292 45.20 32.26 -3.80
C ILE D 292 45.29 30.74 -3.80
N VAL D 293 45.02 30.13 -2.66
CA VAL D 293 45.08 28.68 -2.50
C VAL D 293 43.66 28.16 -2.28
N LYS D 294 43.26 27.18 -3.09
CA LYS D 294 41.94 26.58 -2.96
C LYS D 294 42.01 25.43 -1.97
N VAL D 295 41.14 25.48 -0.96
CA VAL D 295 41.17 24.56 0.17
C VAL D 295 39.99 23.61 0.07
N GLY D 296 40.27 22.31 0.17
CA GLY D 296 39.21 21.32 0.17
C GLY D 296 39.64 19.98 -0.41
N VAL D 297 39.82 18.99 0.45
CA VAL D 297 40.16 17.63 0.04
C VAL D 297 39.26 16.69 0.82
N GLY D 298 38.31 16.07 0.12
CA GLY D 298 37.34 15.18 0.72
C GLY D 298 36.74 15.70 2.01
N PRO D 299 36.06 16.86 1.95
CA PRO D 299 35.48 17.42 3.17
C PRO D 299 34.29 16.62 3.69
N GLY D 300 33.62 15.85 2.85
CA GLY D 300 32.49 15.05 3.29
C GLY D 300 32.95 13.79 3.99
N ALA D 301 32.39 13.54 5.17
CA ALA D 301 32.78 12.38 5.96
C ALA D 301 32.50 11.08 5.22
N MET D 302 31.38 11.01 4.49
CA MET D 302 30.95 9.79 3.83
C MET D 302 30.94 9.93 2.31
N CYS D 303 31.77 10.82 1.76
CA CYS D 303 31.80 11.03 0.32
C CYS D 303 32.71 10.00 -0.34
N THR D 304 32.84 10.11 -1.67
CA THR D 304 33.56 9.09 -2.45
C THR D 304 35.05 9.11 -2.12
N THR D 305 35.66 10.30 -2.08
CA THR D 305 37.09 10.38 -1.81
C THR D 305 37.45 9.76 -0.47
N ARG D 306 36.64 10.02 0.56
CA ARG D 306 36.93 9.47 1.89
C ARG D 306 36.77 7.96 1.90
N MET D 307 35.78 7.43 1.17
CA MET D 307 35.49 6.00 1.21
C MET D 307 36.42 5.17 0.34
N MET D 308 37.06 5.77 -0.66
CA MET D 308 38.00 5.03 -1.49
C MET D 308 39.37 4.95 -0.83
N THR D 309 39.81 6.05 -0.22
CA THR D 309 41.19 6.16 0.24
C THR D 309 41.34 6.50 1.71
N GLY D 310 40.30 7.01 2.37
CA GLY D 310 40.44 7.52 3.72
C GLY D 310 41.14 8.85 3.83
N VAL D 311 41.48 9.46 2.72
CA VAL D 311 42.24 10.72 2.70
C VAL D 311 41.26 11.88 2.70
N GLY D 312 41.56 12.88 3.52
CA GLY D 312 40.72 14.06 3.60
C GLY D 312 40.98 14.78 4.91
N ARG D 313 40.15 15.79 5.16
CA ARG D 313 40.20 16.55 6.39
C ARG D 313 38.92 17.37 6.54
N PRO D 314 38.39 17.49 7.75
CA PRO D 314 37.23 18.37 7.97
C PRO D 314 37.51 19.78 7.46
N GLN D 315 36.51 20.35 6.77
CA GLN D 315 36.75 21.56 5.99
C GLN D 315 36.99 22.77 6.87
N PHE D 316 36.29 22.87 8.00
CA PHE D 316 36.44 24.04 8.86
C PHE D 316 37.84 24.11 9.44
N SER D 317 38.31 23.01 10.02
CA SER D 317 39.68 22.98 10.55
C SER D 317 40.71 23.14 9.44
N ALA D 318 40.43 22.61 8.25
CA ALA D 318 41.34 22.79 7.12
C ALA D 318 41.44 24.26 6.74
N VAL D 319 40.30 24.95 6.65
CA VAL D 319 40.30 26.36 6.28
C VAL D 319 41.02 27.20 7.33
N VAL D 320 40.78 26.91 8.62
CA VAL D 320 41.43 27.65 9.69
C VAL D 320 42.95 27.54 9.57
N GLU D 321 43.46 26.32 9.42
CA GLU D 321 44.90 26.12 9.33
C GLU D 321 45.47 26.70 8.04
N CYS D 322 44.78 26.50 6.91
CA CYS D 322 45.31 26.94 5.63
C CYS D 322 45.25 28.46 5.49
N ALA D 323 44.20 29.09 6.01
CA ALA D 323 44.09 30.55 5.92
C ALA D 323 45.19 31.22 6.72
N ALA D 324 45.41 30.76 7.96
CA ALA D 324 46.45 31.36 8.80
C ALA D 324 47.82 31.21 8.16
N ALA D 325 48.09 30.06 7.55
CA ALA D 325 49.34 29.89 6.82
C ALA D 325 49.43 30.87 5.65
N ALA D 326 48.32 31.10 4.96
CA ALA D 326 48.30 32.06 3.86
C ALA D 326 48.40 33.49 4.36
N ARG D 327 47.88 33.77 5.57
CA ARG D 327 47.95 35.12 6.11
C ARG D 327 49.39 35.57 6.29
N GLN D 328 50.24 34.70 6.85
CA GLN D 328 51.63 35.05 7.08
C GLN D 328 52.42 35.23 5.78
N LEU D 329 51.95 34.64 4.69
CA LEU D 329 52.60 34.78 3.39
C LEU D 329 51.88 35.76 2.47
N GLY D 330 50.90 36.50 3.00
CA GLY D 330 50.18 37.46 2.19
C GLY D 330 49.22 36.86 1.18
N GLY D 331 48.83 35.60 1.35
CA GLY D 331 47.92 34.94 0.45
C GLY D 331 46.50 34.89 0.98
N HIS D 332 45.64 34.24 0.20
CA HIS D 332 44.24 34.06 0.56
C HIS D 332 43.82 32.64 0.19
N VAL D 333 42.73 32.18 0.81
CA VAL D 333 42.24 30.82 0.58
C VAL D 333 40.77 30.86 0.19
N TRP D 334 40.38 29.90 -0.64
CA TRP D 334 38.99 29.67 -1.02
C TRP D 334 38.49 28.41 -0.34
N ALA D 335 37.30 28.49 0.26
CA ALA D 335 36.66 27.33 0.86
C ALA D 335 35.93 26.56 -0.24
N ASP D 336 36.44 25.38 -0.58
CA ASP D 336 35.93 24.59 -1.70
C ASP D 336 35.40 23.27 -1.18
N GLY D 337 34.08 23.09 -1.22
CA GLY D 337 33.48 21.81 -0.92
C GLY D 337 32.59 21.79 0.32
N GLY D 338 31.53 20.98 0.27
CA GLY D 338 30.68 20.76 1.41
C GLY D 338 29.69 21.87 1.71
N VAL D 339 29.61 22.90 0.88
CA VAL D 339 28.70 24.02 1.13
C VAL D 339 27.28 23.59 0.78
N ARG D 340 26.39 23.63 1.76
CA ARG D 340 24.99 23.27 1.57
C ARG D 340 24.00 24.30 2.09
N HIS D 341 24.42 25.23 2.93
CA HIS D 341 23.57 26.23 3.53
C HIS D 341 24.35 27.52 3.67
N PRO D 342 23.67 28.66 3.86
CA PRO D 342 24.40 29.91 4.13
C PRO D 342 25.28 29.83 5.37
N ARG D 343 24.97 28.95 6.32
CA ARG D 343 25.82 28.77 7.48
C ARG D 343 27.24 28.39 7.07
N ASP D 344 27.38 27.53 6.07
CA ASP D 344 28.71 27.10 5.62
C ASP D 344 29.50 28.27 5.05
N VAL D 345 28.83 29.16 4.32
CA VAL D 345 29.50 30.35 3.79
C VAL D 345 29.92 31.26 4.93
N ALA D 346 29.04 31.47 5.91
CA ALA D 346 29.37 32.33 7.03
C ALA D 346 30.51 31.76 7.86
N LEU D 347 30.49 30.45 8.11
CA LEU D 347 31.54 29.82 8.90
C LEU D 347 32.87 29.79 8.16
N ALA D 348 32.83 29.64 6.83
CA ALA D 348 34.07 29.62 6.05
C ALA D 348 34.76 30.97 6.10
N LEU D 349 34.00 32.06 6.02
CA LEU D 349 34.59 33.39 6.08
C LEU D 349 35.13 33.69 7.48
N ALA D 350 34.40 33.29 8.52
CA ALA D 350 34.88 33.48 9.88
C ALA D 350 36.17 32.70 10.12
N ALA D 351 36.29 31.52 9.52
CA ALA D 351 37.49 30.70 9.69
C ALA D 351 38.70 31.31 9.00
N GLY D 352 38.52 32.28 8.11
CA GLY D 352 39.64 32.95 7.47
C GLY D 352 39.62 32.91 5.95
N ALA D 353 38.69 32.20 5.31
CA ALA D 353 38.64 32.18 3.86
C ALA D 353 38.14 33.50 3.30
N SER D 354 38.74 33.94 2.19
CA SER D 354 38.31 35.15 1.52
C SER D 354 37.18 34.90 0.54
N ASN D 355 36.96 33.66 0.13
CA ASN D 355 35.89 33.31 -0.79
C ASN D 355 35.43 31.90 -0.48
N VAL D 356 34.20 31.60 -0.89
CA VAL D 356 33.58 30.30 -0.68
C VAL D 356 33.18 29.74 -2.04
N MET D 357 33.61 28.52 -2.33
CA MET D 357 33.29 27.85 -3.58
C MET D 357 32.08 26.95 -3.40
N ILE D 358 31.08 27.12 -4.26
CA ILE D 358 29.83 26.38 -4.19
C ILE D 358 29.62 25.68 -5.52
N GLY D 359 29.38 24.37 -5.46
CA GLY D 359 29.21 23.58 -6.66
C GLY D 359 27.86 22.93 -6.81
N SER D 360 27.71 21.73 -6.23
CA SER D 360 26.50 20.94 -6.43
C SER D 360 25.25 21.66 -5.97
N TRP D 361 25.36 22.53 -4.96
CA TRP D 361 24.21 23.30 -4.51
C TRP D 361 23.66 24.17 -5.64
N PHE D 362 24.54 24.78 -6.42
CA PHE D 362 24.10 25.64 -7.52
C PHE D 362 23.65 24.85 -8.75
N ALA D 363 23.80 23.52 -8.74
CA ALA D 363 23.33 22.73 -9.86
C ALA D 363 21.81 22.72 -9.96
N GLY D 364 21.12 22.75 -8.81
CA GLY D 364 19.67 22.77 -8.81
C GLY D 364 19.11 24.17 -8.98
N THR D 365 19.49 24.84 -10.06
CA THR D 365 19.04 26.19 -10.35
C THR D 365 18.64 26.29 -11.82
N TYR D 366 17.82 27.30 -12.13
CA TYR D 366 17.42 27.52 -13.51
C TYR D 366 18.60 27.83 -14.41
N GLU D 367 19.62 28.52 -13.86
CA GLU D 367 20.74 28.99 -14.66
C GLU D 367 21.81 27.92 -14.89
N SER D 368 21.74 26.79 -14.20
CA SER D 368 22.71 25.73 -14.41
C SER D 368 22.51 25.10 -15.79
N PRO D 369 23.59 24.58 -16.40
CA PRO D 369 23.48 24.09 -17.78
C PRO D 369 22.58 22.88 -17.94
N GLY D 370 22.41 22.06 -16.90
CA GLY D 370 21.64 20.85 -17.03
C GLY D 370 20.17 21.12 -17.29
N ASP D 371 19.50 20.12 -17.84
CA ASP D 371 18.09 20.23 -18.16
C ASP D 371 17.24 19.95 -16.92
N LEU D 372 16.11 20.65 -16.82
CA LEU D 372 15.23 20.51 -15.68
C LEU D 372 14.50 19.17 -15.73
N LEU D 373 14.51 18.45 -14.62
CA LEU D 373 13.96 17.11 -14.53
C LEU D 373 12.84 17.07 -13.50
N PHE D 374 12.08 15.98 -13.50
CA PHE D 374 10.99 15.78 -12.56
C PHE D 374 11.02 14.35 -12.04
N ASP D 375 10.83 14.21 -10.73
CA ASP D 375 10.90 12.90 -10.08
C ASP D 375 9.51 12.27 -10.07
N ARG D 376 9.35 11.20 -9.28
CA ARG D 376 8.07 10.49 -9.21
C ARG D 376 6.99 11.33 -8.53
N ASP D 377 7.37 12.33 -7.74
CA ASP D 377 6.42 13.24 -7.11
C ASP D 377 6.20 14.51 -7.90
N ASP D 378 6.72 14.57 -9.14
CA ASP D 378 6.60 15.72 -10.03
C ASP D 378 7.32 16.95 -9.49
N ARG D 379 8.29 16.77 -8.59
CA ARG D 379 9.05 17.90 -8.07
C ARG D 379 10.25 18.17 -8.96
N PRO D 380 10.51 19.42 -9.33
CA PRO D 380 11.65 19.71 -10.21
C PRO D 380 12.98 19.52 -9.49
N TYR D 381 13.97 19.05 -10.24
CA TYR D 381 15.30 18.80 -9.69
C TYR D 381 16.30 18.81 -10.85
N LYS D 382 17.58 18.84 -10.47
CA LYS D 382 18.68 18.77 -11.42
C LYS D 382 19.71 17.78 -10.93
N GLU D 383 20.45 17.19 -11.87
CA GLU D 383 21.48 16.21 -11.56
C GLU D 383 22.83 16.91 -11.51
N SER D 384 23.47 16.88 -10.34
CA SER D 384 24.85 17.30 -10.21
C SER D 384 25.77 16.10 -10.41
N TYR D 385 26.98 16.37 -10.87
CA TYR D 385 27.92 15.29 -11.14
C TYR D 385 29.35 15.84 -11.09
N GLY D 386 30.29 14.97 -10.72
CA GLY D 386 31.65 15.38 -10.48
C GLY D 386 32.52 15.43 -11.73
N MET D 387 33.68 16.05 -11.58
CA MET D 387 34.64 16.16 -12.67
C MET D 387 35.41 14.87 -12.93
N ALA D 388 35.50 14.00 -11.93
CA ALA D 388 36.09 12.65 -12.05
C ALA D 388 37.53 12.78 -12.55
N SER D 389 37.87 12.21 -13.70
CA SER D 389 39.27 12.13 -14.12
C SER D 389 39.83 13.45 -14.59
N LYS D 390 38.98 14.45 -14.88
CA LYS D 390 39.46 15.74 -15.33
C LYS D 390 40.18 16.52 -14.24
N ARG D 391 40.16 16.03 -13.00
CA ARG D 391 40.94 16.60 -11.91
C ARG D 391 42.10 15.71 -11.50
N ALA D 392 42.35 14.61 -12.23
CA ALA D 392 43.35 13.63 -11.85
C ALA D 392 44.57 13.73 -12.76
N VAL D 393 45.72 13.31 -12.23
CA VAL D 393 46.94 13.25 -13.02
C VAL D 393 46.83 12.10 -14.01
N ALA D 394 47.21 12.36 -15.26
CA ALA D 394 47.17 11.34 -16.30
C ALA D 394 48.53 11.21 -16.98
N SER D 401 48.20 2.90 -25.92
CA SER D 401 47.44 2.11 -26.88
C SER D 401 46.07 1.72 -26.30
N SER D 402 45.41 0.77 -26.95
CA SER D 402 44.13 0.28 -26.45
C SER D 402 44.30 -0.40 -25.09
N PHE D 403 45.36 -1.21 -24.94
CA PHE D 403 45.64 -1.84 -23.66
C PHE D 403 45.87 -0.79 -22.58
N ASP D 404 46.54 0.31 -22.92
CA ASP D 404 46.78 1.37 -21.94
C ASP D 404 45.49 2.09 -21.58
N ARG D 405 44.68 2.45 -22.58
CA ARG D 405 43.40 3.13 -22.32
C ARG D 405 42.50 2.28 -21.44
N ALA D 406 42.50 0.96 -21.65
CA ALA D 406 41.67 0.08 -20.84
C ALA D 406 42.14 0.04 -19.39
N ARG D 407 43.46 0.07 -19.17
CA ARG D 407 44.00 0.12 -17.82
C ARG D 407 43.53 1.37 -17.08
N LYS D 408 43.48 2.51 -17.78
CA LYS D 408 42.99 3.74 -17.17
C LYS D 408 41.54 3.59 -16.73
N GLY D 409 40.66 3.17 -17.64
CA GLY D 409 39.26 3.01 -17.31
C GLY D 409 39.00 2.03 -16.19
N LEU D 410 39.81 0.96 -16.13
CA LEU D 410 39.63 -0.06 -15.09
C LEU D 410 39.77 0.54 -13.69
N PHE D 411 40.80 1.37 -13.48
CA PHE D 411 41.08 1.94 -12.17
C PHE D 411 40.58 3.37 -12.03
N GLU D 412 39.92 3.93 -13.04
CA GLU D 412 39.51 5.32 -12.98
C GLU D 412 38.38 5.51 -11.97
N GLU D 413 38.16 6.77 -11.60
CA GLU D 413 37.07 7.14 -10.71
C GLU D 413 35.80 7.36 -11.52
N GLY D 414 34.72 6.69 -11.11
CA GLY D 414 33.45 6.85 -11.80
C GLY D 414 32.84 8.21 -11.53
N ILE D 415 31.91 8.58 -12.40
CA ILE D 415 31.19 9.85 -12.29
C ILE D 415 29.97 9.62 -11.40
N SER D 416 29.96 10.26 -10.24
CA SER D 416 28.86 10.13 -9.29
C SER D 416 27.78 11.16 -9.61
N THR D 417 26.53 10.72 -9.61
CA THR D 417 25.39 11.59 -9.91
C THR D 417 24.53 11.74 -8.66
N SER D 418 23.96 12.94 -8.50
CA SER D 418 23.15 13.27 -7.34
C SER D 418 22.00 14.18 -7.75
N ARG D 419 20.83 13.95 -7.17
CA ARG D 419 19.63 14.71 -7.49
C ARG D 419 19.58 15.98 -6.64
N MET D 420 19.65 17.14 -7.29
CA MET D 420 19.60 18.43 -6.61
C MET D 420 18.23 19.05 -6.86
N SER D 421 17.38 18.98 -5.84
CA SER D 421 16.02 19.49 -5.97
C SER D 421 16.01 21.01 -6.00
N LEU D 422 15.11 21.57 -6.81
CA LEU D 422 14.91 23.01 -6.86
C LEU D 422 13.92 23.43 -5.78
N ASP D 423 14.28 24.49 -5.06
CA ASP D 423 13.34 25.09 -4.12
C ASP D 423 12.24 25.79 -4.91
N PRO D 424 10.97 25.43 -4.72
CA PRO D 424 9.89 26.11 -5.46
C PRO D 424 9.83 27.61 -5.22
N ALA D 425 10.47 28.10 -4.15
CA ALA D 425 10.54 29.53 -3.89
C ALA D 425 11.89 30.14 -4.23
N ARG D 426 12.91 29.30 -4.45
CA ARG D 426 14.27 29.76 -4.77
C ARG D 426 14.77 29.07 -6.03
N GLY D 427 13.99 29.14 -7.11
CA GLY D 427 14.33 28.42 -8.32
C GLY D 427 15.52 28.98 -9.07
N GLY D 428 15.69 30.32 -9.05
CA GLY D 428 16.80 30.94 -9.73
C GLY D 428 18.00 31.10 -8.82
N VAL D 429 19.19 31.05 -9.42
CA VAL D 429 20.43 31.10 -8.65
C VAL D 429 20.55 32.42 -7.90
N GLU D 430 19.89 33.48 -8.40
CA GLU D 430 19.90 34.75 -7.68
C GLU D 430 19.17 34.65 -6.35
N ASP D 431 18.14 33.80 -6.27
CA ASP D 431 17.46 33.59 -5.00
C ASP D 431 18.38 32.89 -4.00
N LEU D 432 19.22 31.97 -4.48
CA LEU D 432 20.19 31.32 -3.60
C LEU D 432 21.22 32.33 -3.10
N LEU D 433 21.63 33.27 -3.95
CA LEU D 433 22.54 34.33 -3.52
C LEU D 433 21.86 35.24 -2.50
N ASP D 434 20.57 35.52 -2.70
CA ASP D 434 19.81 36.26 -1.70
C ASP D 434 19.77 35.51 -0.37
N HIS D 435 19.55 34.20 -0.44
CA HIS D 435 19.52 33.39 0.78
C HIS D 435 20.88 33.39 1.47
N ILE D 436 21.96 33.27 0.70
CA ILE D 436 23.30 33.19 1.29
C ILE D 436 23.71 34.53 1.87
N THR D 437 23.64 35.60 1.08
CA THR D 437 24.16 36.89 1.53
C THR D 437 23.35 37.44 2.70
N SER D 438 22.06 37.14 2.76
CA SER D 438 21.26 37.54 3.91
C SER D 438 21.81 36.96 5.21
N GLY D 439 22.17 35.67 5.19
CA GLY D 439 22.74 35.05 6.37
C GLY D 439 24.13 35.58 6.70
N VAL D 440 24.96 35.75 5.68
CA VAL D 440 26.33 36.22 5.91
C VAL D 440 26.31 37.63 6.47
N ARG D 441 25.52 38.52 5.87
CA ARG D 441 25.38 39.87 6.41
C ARG D 441 24.82 39.84 7.82
N SER D 442 23.86 38.94 8.09
CA SER D 442 23.33 38.79 9.44
C SER D 442 24.39 38.24 10.38
N THR D 443 25.25 37.35 9.89
CA THR D 443 26.34 36.83 10.71
C THR D 443 27.25 37.96 11.20
N CYS D 444 27.63 38.86 10.29
CA CYS D 444 28.50 39.97 10.67
C CYS D 444 27.84 40.87 11.70
N THR D 445 26.53 41.11 11.57
CA THR D 445 25.82 41.90 12.55
C THR D 445 25.81 41.23 13.92
N TYR D 446 25.75 39.90 13.97
CA TYR D 446 25.86 39.20 15.24
C TYR D 446 27.27 39.33 15.81
N VAL D 447 28.29 39.31 14.94
CA VAL D 447 29.67 39.40 15.41
C VAL D 447 30.04 40.86 15.69
N GLY D 448 29.41 41.80 15.00
CA GLY D 448 29.79 43.19 15.08
C GLY D 448 30.71 43.66 13.98
N ALA D 449 30.68 43.01 12.82
CA ALA D 449 31.60 43.30 11.72
C ALA D 449 30.89 44.10 10.64
N ALA D 450 31.61 45.09 10.09
CA ALA D 450 31.12 45.86 8.96
C ALA D 450 31.60 45.31 7.62
N ASN D 451 32.50 44.33 7.63
CA ASN D 451 33.00 43.72 6.41
C ASN D 451 33.55 42.34 6.75
N LEU D 452 34.05 41.65 5.73
CA LEU D 452 34.58 40.30 5.88
C LEU D 452 35.89 40.27 6.67
N PRO D 453 36.82 41.21 6.47
CA PRO D 453 38.01 41.23 7.35
C PRO D 453 37.66 41.41 8.82
N GLU D 454 36.70 42.28 9.15
CA GLU D 454 36.27 42.41 10.53
C GLU D 454 35.57 41.15 11.02
N LEU D 455 34.93 40.41 10.11
CA LEU D 455 34.29 39.15 10.51
C LEU D 455 35.32 38.17 11.04
N HIS D 456 36.41 37.95 10.28
CA HIS D 456 37.46 37.05 10.73
C HIS D 456 38.21 37.62 11.93
N GLU D 457 38.23 38.95 12.09
CA GLU D 457 39.00 39.55 13.16
C GLU D 457 38.28 39.48 14.50
N LYS D 458 36.95 39.61 14.50
CA LYS D 458 36.18 39.70 15.74
C LYS D 458 35.43 38.43 16.09
N VAL D 459 35.52 37.40 15.24
CA VAL D 459 34.73 36.19 15.44
C VAL D 459 35.19 35.45 16.69
N VAL D 460 34.23 34.98 17.49
CA VAL D 460 34.47 34.09 18.61
C VAL D 460 33.67 32.81 18.37
N LEU D 461 34.36 31.68 18.40
CA LEU D 461 33.77 30.41 18.01
C LEU D 461 33.66 29.47 19.20
N GLY D 462 32.77 28.48 19.07
CA GLY D 462 32.65 27.44 20.05
C GLY D 462 32.38 26.10 19.38
N VAL D 463 32.53 25.04 20.18
CA VAL D 463 32.30 23.67 19.72
C VAL D 463 31.07 23.12 20.43
N GLN D 464 30.24 22.38 19.69
CA GLN D 464 29.06 21.74 20.23
C GLN D 464 29.17 20.23 20.07
N SER D 465 28.43 19.50 20.90
CA SER D 465 28.44 18.05 20.86
C SER D 465 27.49 17.54 19.76
N ALA D 466 27.38 16.22 19.67
CA ALA D 466 26.54 15.60 18.64
C ALA D 466 25.06 15.86 18.85
N ALA D 467 24.66 16.30 20.04
CA ALA D 467 23.25 16.59 20.31
C ALA D 467 22.72 17.68 19.39
N VAL E 2 -29.76 -11.25 -44.86
CA VAL E 2 -29.16 -12.04 -43.79
C VAL E 2 -30.02 -13.27 -43.51
N ARG E 3 -29.39 -14.30 -42.96
CA ARG E 3 -30.08 -15.53 -42.58
C ARG E 3 -29.81 -15.81 -41.10
N PHE E 4 -30.88 -16.08 -40.35
CA PHE E 4 -30.77 -16.46 -38.96
C PHE E 4 -31.17 -17.93 -38.80
N LEU E 5 -30.60 -18.56 -37.77
CA LEU E 5 -30.96 -19.94 -37.45
C LEU E 5 -32.44 -20.04 -37.13
N ASP E 6 -33.03 -21.19 -37.47
CA ASP E 6 -34.44 -21.41 -37.20
C ASP E 6 -34.75 -21.26 -35.72
N GLY E 7 -35.71 -20.40 -35.41
CA GLY E 7 -36.08 -20.10 -34.04
C GLY E 7 -35.34 -18.92 -33.43
N HIS E 8 -34.35 -18.37 -34.13
CA HIS E 8 -33.57 -17.25 -33.60
C HIS E 8 -34.20 -15.93 -34.04
N THR E 9 -35.38 -15.65 -33.49
CA THR E 9 -36.07 -14.37 -33.66
C THR E 9 -36.35 -13.80 -32.28
N PRO E 10 -35.36 -13.21 -31.63
CA PRO E 10 -35.55 -12.71 -30.26
C PRO E 10 -36.47 -11.50 -30.23
N ALA E 11 -37.05 -11.28 -29.06
CA ALA E 11 -37.97 -10.15 -28.84
C ALA E 11 -37.22 -8.88 -28.45
N TYR E 12 -36.08 -8.62 -29.07
CA TYR E 12 -35.29 -7.43 -28.77
C TYR E 12 -34.35 -7.19 -29.94
N ASP E 13 -33.68 -6.03 -29.90
CA ASP E 13 -32.69 -5.69 -30.91
C ASP E 13 -31.31 -6.22 -30.52
N LEU E 14 -30.47 -6.39 -31.53
CA LEU E 14 -29.22 -7.11 -31.40
C LEU E 14 -28.04 -6.16 -31.53
N THR E 15 -27.11 -6.23 -30.58
CA THR E 15 -25.85 -5.53 -30.67
C THR E 15 -24.80 -6.43 -31.32
N TYR E 16 -23.59 -5.91 -31.49
CA TYR E 16 -22.50 -6.73 -32.01
C TYR E 16 -22.17 -7.89 -31.10
N ASN E 17 -22.45 -7.75 -29.80
CA ASN E 17 -22.22 -8.82 -28.84
C ASN E 17 -23.32 -9.86 -28.82
N ASP E 18 -24.44 -9.61 -29.49
CA ASP E 18 -25.60 -10.51 -29.45
C ASP E 18 -25.58 -11.58 -30.52
N VAL E 19 -24.75 -11.45 -31.55
CA VAL E 19 -24.84 -12.31 -32.71
C VAL E 19 -23.50 -12.99 -32.97
N PHE E 20 -23.57 -14.11 -33.68
CA PHE E 20 -22.40 -14.87 -34.11
C PHE E 20 -22.63 -15.40 -35.51
N VAL E 21 -21.54 -15.76 -36.17
CA VAL E 21 -21.57 -16.25 -37.55
C VAL E 21 -21.32 -17.76 -37.54
N VAL E 22 -22.22 -18.51 -38.16
CA VAL E 22 -22.07 -19.97 -38.27
C VAL E 22 -21.24 -20.27 -39.51
N PRO E 23 -20.21 -21.12 -39.41
CA PRO E 23 -19.45 -21.50 -40.61
C PRO E 23 -20.31 -22.26 -41.60
N GLY E 24 -20.01 -22.07 -42.88
CA GLY E 24 -20.70 -22.77 -43.95
C GLY E 24 -19.72 -23.46 -44.87
N ARG E 25 -20.29 -24.17 -45.85
CA ARG E 25 -19.48 -24.83 -46.87
C ARG E 25 -18.66 -23.79 -47.64
N SER E 26 -17.37 -24.04 -47.79
CA SER E 26 -16.46 -23.07 -48.36
C SER E 26 -15.47 -23.76 -49.28
N ASP E 27 -15.16 -23.09 -50.40
CA ASP E 27 -14.06 -23.49 -51.27
C ASP E 27 -13.00 -22.41 -51.34
N VAL E 28 -13.01 -21.47 -50.40
CA VAL E 28 -12.04 -20.38 -50.34
C VAL E 28 -11.01 -20.77 -49.28
N ALA E 29 -9.86 -21.27 -49.73
CA ALA E 29 -8.86 -21.79 -48.80
C ALA E 29 -8.06 -20.67 -48.15
N SER E 30 -7.55 -19.74 -48.96
CA SER E 30 -6.61 -18.73 -48.49
C SER E 30 -7.32 -17.41 -48.22
N ARG E 31 -6.84 -16.70 -47.20
CA ARG E 31 -7.33 -15.36 -46.91
C ARG E 31 -7.09 -14.40 -48.06
N PHE E 32 -6.00 -14.61 -48.82
CA PHE E 32 -5.66 -13.71 -49.91
C PHE E 32 -6.57 -13.89 -51.12
N ASP E 33 -7.35 -14.97 -51.19
CA ASP E 33 -8.31 -15.17 -52.27
C ASP E 33 -9.55 -14.31 -52.12
N VAL E 34 -9.73 -13.67 -50.97
CA VAL E 34 -10.93 -12.87 -50.71
C VAL E 34 -10.70 -11.45 -51.23
N ASP E 35 -11.69 -10.92 -51.93
CA ASP E 35 -11.65 -9.56 -52.46
C ASP E 35 -12.48 -8.66 -51.57
N LEU E 36 -11.82 -7.73 -50.88
CA LEU E 36 -12.48 -6.83 -49.95
C LEU E 36 -12.90 -5.52 -50.59
N SER E 37 -12.89 -5.42 -51.91
CA SER E 37 -13.29 -4.19 -52.58
C SER E 37 -14.76 -3.90 -52.32
N THR E 38 -15.08 -2.60 -52.26
CA THR E 38 -16.44 -2.15 -52.04
C THR E 38 -17.12 -1.77 -53.35
N VAL E 39 -18.45 -1.75 -53.31
CA VAL E 39 -19.26 -1.46 -54.48
C VAL E 39 -20.22 -0.30 -54.23
N ASP E 40 -19.90 0.56 -53.26
CA ASP E 40 -20.75 1.69 -52.90
C ASP E 40 -20.31 2.99 -53.56
N GLY E 41 -19.35 2.93 -54.48
CA GLY E 41 -18.86 4.12 -55.14
C GLY E 41 -17.80 4.89 -54.39
N SER E 42 -17.43 4.45 -53.17
CA SER E 42 -16.39 5.14 -52.43
C SER E 42 -15.02 4.95 -53.08
N GLY E 43 -14.83 3.88 -53.84
CA GLY E 43 -13.54 3.59 -54.44
C GLY E 43 -12.56 2.88 -53.54
N THR E 44 -12.98 2.48 -52.35
CA THR E 44 -12.10 1.81 -51.41
C THR E 44 -11.92 0.34 -51.78
N THR E 45 -10.72 -0.17 -51.51
CA THR E 45 -10.44 -1.59 -51.69
C THR E 45 -10.55 -2.38 -50.39
N ILE E 46 -10.73 -1.71 -49.26
CA ILE E 46 -11.05 -2.36 -48.00
C ILE E 46 -12.28 -1.67 -47.42
N PRO E 47 -13.13 -2.37 -46.67
CA PRO E 47 -14.36 -1.78 -46.11
C PRO E 47 -14.14 -0.99 -44.83
N VAL E 48 -13.16 -0.08 -44.84
CA VAL E 48 -12.80 0.71 -43.67
C VAL E 48 -12.86 2.19 -44.04
N VAL E 49 -13.64 2.95 -43.29
CA VAL E 49 -13.73 4.40 -43.45
C VAL E 49 -13.40 5.05 -42.11
N VAL E 50 -12.61 6.11 -42.16
CA VAL E 50 -12.23 6.85 -40.95
C VAL E 50 -13.28 7.91 -40.67
N ALA E 51 -13.74 7.97 -39.42
CA ALA E 51 -14.82 8.87 -39.05
C ALA E 51 -14.37 10.32 -39.14
N ASN E 52 -15.33 11.20 -39.41
CA ASN E 52 -15.10 12.64 -39.52
C ASN E 52 -15.04 13.26 -38.12
N MET E 53 -13.93 13.00 -37.43
CA MET E 53 -13.67 13.53 -36.09
C MET E 53 -12.27 14.14 -36.08
N THR E 54 -12.15 15.34 -35.53
CA THR E 54 -10.87 16.03 -35.51
C THR E 54 -9.80 15.27 -34.74
N ALA E 55 -10.20 14.41 -33.81
CA ALA E 55 -9.24 13.60 -33.06
C ALA E 55 -8.66 12.45 -33.88
N VAL E 56 -9.19 12.19 -35.08
CA VAL E 56 -8.75 11.03 -35.86
C VAL E 56 -8.42 11.45 -37.29
N ALA E 57 -9.21 12.36 -37.86
CA ALA E 57 -9.14 12.65 -39.29
C ALA E 57 -8.11 13.75 -39.54
N GLY E 58 -6.83 13.34 -39.48
CA GLY E 58 -5.73 14.23 -39.78
C GLY E 58 -5.13 13.99 -41.16
N ARG E 59 -4.06 14.72 -41.44
CA ARG E 59 -3.41 14.63 -42.75
C ARG E 59 -2.62 13.33 -42.87
N ARG E 60 -1.89 12.95 -41.82
CA ARG E 60 -1.12 11.71 -41.87
C ARG E 60 -2.03 10.49 -41.85
N MET E 61 -3.15 10.56 -41.13
CA MET E 61 -4.12 9.49 -41.17
C MET E 61 -4.76 9.37 -42.55
N ALA E 62 -4.99 10.50 -43.20
CA ALA E 62 -5.58 10.49 -44.55
C ALA E 62 -4.65 9.82 -45.55
N GLU E 63 -3.35 10.14 -45.49
CA GLU E 63 -2.38 9.53 -46.39
C GLU E 63 -2.22 8.05 -46.10
N THR E 64 -2.08 7.70 -44.81
CA THR E 64 -1.78 6.33 -44.44
C THR E 64 -2.95 5.39 -44.72
N VAL E 65 -4.17 5.82 -44.45
CA VAL E 65 -5.33 4.96 -44.64
C VAL E 65 -5.66 4.81 -46.12
N ALA E 66 -5.61 5.91 -46.87
CA ALA E 66 -5.92 5.84 -48.30
C ALA E 66 -4.92 4.99 -49.06
N ARG E 67 -3.65 4.97 -48.62
CA ARG E 67 -2.65 4.16 -49.29
C ARG E 67 -2.95 2.67 -49.17
N ARG E 68 -3.55 2.26 -48.05
CA ARG E 68 -3.86 0.86 -47.81
C ARG E 68 -5.28 0.48 -48.25
N GLY E 69 -5.94 1.35 -49.00
CA GLY E 69 -7.24 1.04 -49.58
C GLY E 69 -8.42 1.65 -48.86
N GLY E 70 -8.22 2.30 -47.71
CA GLY E 70 -9.29 2.94 -46.99
C GLY E 70 -9.54 4.36 -47.46
N ILE E 71 -10.38 5.07 -46.71
CA ILE E 71 -10.68 6.47 -46.98
C ILE E 71 -10.90 7.18 -45.66
N VAL E 72 -10.47 8.43 -45.59
CA VAL E 72 -10.64 9.27 -44.41
C VAL E 72 -11.57 10.42 -44.76
N VAL E 73 -12.56 10.65 -43.92
CA VAL E 73 -13.52 11.74 -44.10
C VAL E 73 -13.06 12.91 -43.23
N LEU E 74 -12.72 14.01 -43.87
CA LEU E 74 -12.28 15.18 -43.13
C LEU E 74 -13.44 15.72 -42.30
N PRO E 75 -13.18 16.20 -41.08
CA PRO E 75 -14.27 16.66 -40.22
C PRO E 75 -14.92 17.92 -40.78
N GLN E 76 -16.22 18.02 -40.56
CA GLN E 76 -16.98 19.18 -41.02
C GLN E 76 -16.51 20.44 -40.31
N ASP E 77 -16.78 21.58 -40.95
CA ASP E 77 -16.45 22.93 -40.48
C ASP E 77 -14.94 23.21 -40.49
N LEU E 78 -14.14 22.33 -41.07
CA LEU E 78 -12.74 22.64 -41.30
C LEU E 78 -12.64 23.82 -42.28
N PRO E 79 -11.81 24.82 -42.00
CA PRO E 79 -11.70 25.95 -42.93
C PRO E 79 -11.25 25.50 -44.31
N ILE E 80 -11.84 26.10 -45.34
CA ILE E 80 -11.62 25.62 -46.71
C ILE E 80 -10.17 25.74 -47.11
N THR E 81 -9.45 26.73 -46.56
CA THR E 81 -8.01 26.82 -46.79
C THR E 81 -7.29 25.59 -46.26
N ALA E 82 -7.72 25.09 -45.10
CA ALA E 82 -7.11 23.89 -44.54
C ALA E 82 -7.46 22.64 -45.35
N VAL E 83 -8.69 22.59 -45.88
CA VAL E 83 -9.09 21.44 -46.69
C VAL E 83 -8.25 21.36 -47.95
N SER E 84 -8.08 22.49 -48.64
CA SER E 84 -7.33 22.49 -49.88
C SER E 84 -5.88 22.06 -49.68
N GLU E 85 -5.24 22.55 -48.62
CA GLU E 85 -3.86 22.16 -48.34
C GLU E 85 -3.77 20.68 -47.96
N THR E 86 -4.78 20.17 -47.26
CA THR E 86 -4.78 18.76 -46.89
C THR E 86 -5.00 17.87 -48.11
N VAL E 87 -5.95 18.24 -48.97
CA VAL E 87 -6.20 17.47 -50.19
C VAL E 87 -4.98 17.47 -51.09
N ASP E 88 -4.36 18.64 -51.28
CA ASP E 88 -3.18 18.74 -52.12
C ASP E 88 -2.04 17.89 -51.57
N PHE E 89 -1.92 17.80 -50.24
CA PHE E 89 -0.90 16.96 -49.64
C PHE E 89 -1.18 15.48 -49.90
N VAL E 90 -2.42 15.06 -49.68
CA VAL E 90 -2.76 13.64 -49.81
C VAL E 90 -2.61 13.18 -51.25
N LYS E 91 -3.10 13.97 -52.20
CA LYS E 91 -3.08 13.58 -53.61
C LYS E 91 -1.70 13.77 -54.25
N SER E 92 -0.71 14.25 -53.50
CA SER E 92 0.66 14.34 -53.98
C SER E 92 1.55 13.23 -53.44
N ARG E 93 1.02 12.33 -52.63
CA ARG E 93 1.79 11.26 -52.04
C ARG E 93 1.95 10.10 -53.02
N ASP E 94 3.04 9.36 -52.88
CA ASP E 94 3.26 8.19 -53.71
C ASP E 94 2.36 7.04 -53.25
N LEU E 95 1.93 6.24 -54.23
CA LEU E 95 1.02 5.13 -53.93
C LEU E 95 1.69 4.02 -53.14
N VAL E 96 3.02 3.97 -53.13
CA VAL E 96 3.77 2.95 -52.41
C VAL E 96 4.68 3.56 -51.36
N VAL E 97 5.34 4.67 -51.68
CA VAL E 97 6.29 5.29 -50.78
C VAL E 97 5.55 6.17 -49.78
N ASP E 98 5.88 6.03 -48.50
CA ASP E 98 5.23 6.77 -47.43
C ASP E 98 6.04 8.01 -47.08
N THR E 99 5.36 8.98 -46.47
CA THR E 99 5.99 10.25 -46.08
C THR E 99 6.57 10.12 -44.68
N PRO E 100 7.88 10.27 -44.51
CA PRO E 100 8.49 10.13 -43.18
C PRO E 100 8.52 11.46 -42.44
N VAL E 101 8.81 11.36 -41.14
CA VAL E 101 9.13 12.54 -40.35
C VAL E 101 10.48 13.06 -40.78
N THR E 102 10.57 14.37 -41.03
CA THR E 102 11.79 15.00 -41.49
C THR E 102 12.35 15.93 -40.41
N LEU E 103 13.67 16.04 -40.39
CA LEU E 103 14.35 16.86 -39.39
C LEU E 103 15.45 17.67 -40.06
N SER E 104 15.68 18.87 -39.54
CA SER E 104 16.79 19.72 -39.94
C SER E 104 17.97 19.50 -39.00
N PRO E 105 19.20 19.69 -39.50
CA PRO E 105 20.38 19.55 -38.62
C PRO E 105 20.37 20.51 -37.44
N GLU E 106 19.58 21.57 -37.47
CA GLU E 106 19.52 22.54 -36.40
C GLU E 106 18.40 22.27 -35.40
N ASP E 107 17.59 21.25 -35.63
CA ASP E 107 16.53 20.91 -34.68
C ASP E 107 17.11 20.25 -33.43
N SER E 108 16.39 20.38 -32.32
CA SER E 108 16.83 19.85 -31.05
C SER E 108 16.48 18.36 -30.93
N VAL E 109 17.19 17.68 -30.03
CA VAL E 109 16.88 16.29 -29.72
C VAL E 109 15.50 16.18 -29.12
N SER E 110 15.09 17.17 -28.32
CA SER E 110 13.76 17.17 -27.73
C SER E 110 12.69 17.15 -28.81
N ASP E 111 12.82 18.01 -29.82
CA ASP E 111 11.88 17.99 -30.93
C ASP E 111 11.97 16.68 -31.71
N ALA E 112 13.19 16.16 -31.87
CA ALA E 112 13.37 14.91 -32.63
C ALA E 112 12.60 13.76 -32.00
N ASN E 113 12.65 13.63 -30.67
CA ASN E 113 11.92 12.57 -30.01
C ASN E 113 10.41 12.79 -30.07
N ALA E 114 9.98 14.04 -29.94
CA ALA E 114 8.55 14.35 -30.02
C ALA E 114 8.02 14.17 -31.43
N LEU E 115 8.68 14.79 -32.41
CA LEU E 115 8.21 14.75 -33.79
C LEU E 115 8.31 13.36 -34.40
N LEU E 116 9.14 12.48 -33.82
CA LEU E 116 9.34 11.15 -34.39
C LEU E 116 8.06 10.32 -34.31
N HIS E 117 7.33 10.40 -33.21
CA HIS E 117 6.18 9.53 -32.98
C HIS E 117 4.93 10.05 -33.68
N LYS E 118 5.10 10.68 -34.84
CA LYS E 118 3.99 11.03 -35.71
C LYS E 118 3.82 10.05 -36.86
N ARG E 119 4.72 9.09 -36.97
CA ARG E 119 4.63 8.02 -37.95
C ARG E 119 5.02 6.71 -37.27
N ALA E 120 4.76 5.59 -37.96
CA ALA E 120 5.10 4.28 -37.46
C ALA E 120 6.42 3.77 -38.00
N HIS E 121 7.24 4.64 -38.58
CA HIS E 121 8.49 4.23 -39.19
C HIS E 121 9.60 3.99 -38.17
N GLY E 122 9.51 4.58 -36.98
CA GLY E 122 10.54 4.43 -35.99
C GLY E 122 11.85 5.12 -36.28
N ALA E 123 11.89 5.97 -37.31
CA ALA E 123 13.10 6.69 -37.66
C ALA E 123 12.72 7.94 -38.45
N ALA E 124 13.47 9.02 -38.24
CA ALA E 124 13.26 10.27 -38.94
C ALA E 124 14.43 10.54 -39.87
N VAL E 125 14.13 11.18 -41.00
CA VAL E 125 15.12 11.46 -42.03
C VAL E 125 15.65 12.88 -41.84
N VAL E 126 16.95 13.00 -41.65
CA VAL E 126 17.58 14.31 -41.55
C VAL E 126 17.77 14.87 -42.95
N VAL E 127 17.26 16.06 -43.20
CA VAL E 127 17.23 16.67 -44.52
C VAL E 127 18.00 17.98 -44.49
N PHE E 128 18.88 18.17 -45.47
CA PHE E 128 19.62 19.42 -45.66
C PHE E 128 19.50 19.80 -47.13
N GLU E 129 18.77 20.89 -47.40
CA GLU E 129 18.52 21.36 -48.77
C GLU E 129 17.87 20.25 -49.61
N GLY E 130 16.86 19.61 -49.03
CA GLY E 130 16.10 18.60 -49.73
C GLY E 130 16.74 17.23 -49.80
N ARG E 131 17.98 17.07 -49.35
CA ARG E 131 18.68 15.80 -49.50
C ARG E 131 18.74 15.05 -48.17
N PRO E 132 18.48 13.74 -48.18
CA PRO E 132 18.64 12.96 -46.94
C PRO E 132 20.12 12.81 -46.60
N ILE E 133 20.45 13.04 -45.33
CA ILE E 133 21.84 13.05 -44.90
C ILE E 133 22.05 12.11 -43.72
N GLY E 134 20.95 11.64 -43.12
CA GLY E 134 21.06 10.76 -41.97
C GLY E 134 19.71 10.39 -41.43
N LEU E 135 19.73 9.47 -40.46
CA LEU E 135 18.53 9.00 -39.78
C LEU E 135 18.67 9.21 -38.29
N VAL E 136 17.54 9.48 -37.63
CA VAL E 136 17.47 9.64 -36.19
C VAL E 136 16.50 8.63 -35.62
N THR E 137 16.93 7.89 -34.60
CA THR E 137 16.08 6.93 -33.90
C THR E 137 15.89 7.38 -32.45
N GLU E 138 14.94 6.72 -31.79
CA GLU E 138 14.74 6.98 -30.36
C GLU E 138 15.96 6.58 -29.55
N ALA E 139 16.67 5.52 -29.96
CA ALA E 139 17.90 5.13 -29.28
C ALA E 139 18.96 6.22 -29.39
N ASN E 140 19.02 6.91 -30.54
CA ASN E 140 19.97 7.99 -30.69
C ASN E 140 19.66 9.17 -29.76
N CYS E 141 18.38 9.33 -29.40
CA CYS E 141 18.00 10.41 -28.49
C CYS E 141 18.16 10.02 -27.03
N ALA E 142 18.23 8.73 -26.72
CA ALA E 142 18.38 8.29 -25.34
C ALA E 142 19.80 8.53 -24.85
N GLY E 143 19.92 8.97 -23.60
CA GLY E 143 21.20 9.17 -22.96
C GLY E 143 21.99 10.37 -23.42
N VAL E 144 21.42 11.21 -24.28
CA VAL E 144 22.09 12.41 -24.76
C VAL E 144 21.36 13.63 -24.22
N ASP E 145 22.03 14.78 -24.29
CA ASP E 145 21.42 16.05 -23.90
C ASP E 145 20.19 16.30 -24.75
N ARG E 146 19.05 16.53 -24.08
CA ARG E 146 17.78 16.67 -24.79
C ARG E 146 17.72 17.93 -25.63
N PHE E 147 18.62 18.89 -25.44
CA PHE E 147 18.69 20.07 -26.28
C PHE E 147 19.87 20.05 -27.24
N ALA E 148 20.56 18.92 -27.37
CA ALA E 148 21.58 18.76 -28.39
C ALA E 148 20.96 18.85 -29.78
N ARG E 149 21.82 19.03 -30.78
CA ARG E 149 21.37 19.16 -32.15
C ARG E 149 21.29 17.80 -32.83
N VAL E 150 20.39 17.71 -33.82
CA VAL E 150 20.21 16.47 -34.58
C VAL E 150 21.52 16.02 -35.21
N ARG E 151 22.34 16.99 -35.66
CA ARG E 151 23.61 16.66 -36.28
C ARG E 151 24.53 15.85 -35.37
N ASP E 152 24.37 16.00 -34.05
CA ASP E 152 25.27 15.35 -33.11
C ASP E 152 24.93 13.88 -32.87
N ILE E 153 23.72 13.44 -33.23
CA ILE E 153 23.29 12.07 -33.02
C ILE E 153 22.87 11.37 -34.30
N ALA E 154 22.86 12.07 -35.44
CA ALA E 154 22.38 11.48 -36.68
C ALA E 154 23.34 10.41 -37.18
N LEU E 155 22.77 9.31 -37.70
CA LEU E 155 23.55 8.24 -38.31
C LEU E 155 23.64 8.49 -39.81
N SER E 156 24.85 8.71 -40.31
CA SER E 156 25.04 9.05 -41.71
C SER E 156 24.92 7.85 -42.65
N ASP E 157 24.95 6.63 -42.12
CA ASP E 157 24.81 5.43 -42.93
C ASP E 157 23.36 4.96 -42.92
N PHE E 158 22.80 4.77 -44.11
CA PHE E 158 21.45 4.25 -44.24
C PHE E 158 21.31 3.54 -45.57
N VAL E 159 20.30 2.68 -45.65
CA VAL E 159 19.94 2.02 -46.89
C VAL E 159 19.17 3.00 -47.77
N THR E 160 19.54 3.10 -49.05
CA THR E 160 18.88 4.00 -49.98
C THR E 160 18.58 3.26 -51.29
N ALA E 161 17.53 3.72 -51.97
CA ALA E 161 17.13 3.16 -53.25
C ALA E 161 16.31 4.22 -53.99
N PRO E 162 16.37 4.24 -55.31
CA PRO E 162 15.58 5.23 -56.06
C PRO E 162 14.09 4.94 -55.99
N VAL E 163 13.30 6.00 -56.06
CA VAL E 163 11.85 5.86 -56.09
C VAL E 163 11.44 5.13 -57.36
N GLY E 164 10.51 4.18 -57.22
CA GLY E 164 10.10 3.32 -58.30
C GLY E 164 10.70 1.94 -58.26
N THR E 165 11.71 1.72 -57.42
CA THR E 165 12.29 0.39 -57.26
C THR E 165 11.22 -0.60 -56.79
N ASP E 166 11.30 -1.81 -57.31
CA ASP E 166 10.34 -2.85 -56.92
C ASP E 166 10.39 -3.06 -55.41
N PRO E 167 9.24 -3.02 -54.72
CA PRO E 167 9.27 -3.18 -53.26
C PRO E 167 9.84 -4.50 -52.80
N ARG E 168 9.77 -5.55 -53.63
CA ARG E 168 10.42 -6.80 -53.27
C ARG E 168 11.94 -6.65 -53.23
N GLU E 169 12.50 -5.80 -54.09
CA GLU E 169 13.94 -5.56 -54.06
C GLU E 169 14.32 -4.67 -52.88
N VAL E 170 13.49 -3.67 -52.57
CA VAL E 170 13.71 -2.85 -51.38
C VAL E 170 13.65 -3.71 -50.13
N PHE E 171 12.72 -4.67 -50.11
CA PHE E 171 12.66 -5.64 -49.01
C PHE E 171 13.99 -6.38 -48.87
N ASP E 172 14.62 -6.72 -50.00
CA ASP E 172 15.92 -7.40 -49.95
C ASP E 172 17.00 -6.50 -49.37
N LEU E 173 17.01 -5.22 -49.76
CA LEU E 173 18.05 -4.31 -49.31
C LEU E 173 18.02 -4.09 -47.80
N LEU E 174 16.88 -4.32 -47.16
CA LEU E 174 16.72 -4.09 -45.73
C LEU E 174 16.85 -5.37 -44.90
N GLU E 175 17.17 -6.50 -45.54
CA GLU E 175 17.22 -7.77 -44.81
C GLU E 175 18.23 -7.71 -43.66
N HIS E 176 19.45 -7.27 -43.93
CA HIS E 176 20.50 -7.19 -42.93
C HIS E 176 20.79 -5.76 -42.50
N ALA E 177 19.79 -4.89 -42.62
CA ALA E 177 19.93 -3.48 -42.23
C ALA E 177 19.64 -3.30 -40.75
N PRO E 178 20.48 -2.52 -40.05
CA PRO E 178 20.20 -2.28 -38.62
C PRO E 178 18.93 -1.47 -38.39
N ILE E 179 18.59 -0.57 -39.31
CA ILE E 179 17.39 0.24 -39.22
C ILE E 179 16.46 -0.16 -40.35
N ASP E 180 15.25 -0.59 -40.00
CA ASP E 180 14.29 -1.08 -40.98
C ASP E 180 13.57 0.09 -41.68
N VAL E 181 14.38 0.95 -42.29
CA VAL E 181 13.89 2.10 -43.05
C VAL E 181 14.78 2.28 -44.26
N ALA E 182 14.21 2.17 -45.45
CA ALA E 182 14.91 2.43 -46.70
C ALA E 182 14.48 3.79 -47.23
N VAL E 183 15.43 4.71 -47.35
CA VAL E 183 15.15 6.08 -47.76
C VAL E 183 15.11 6.14 -49.27
N MET E 184 13.98 6.55 -49.82
CA MET E 184 13.76 6.55 -51.27
C MET E 184 14.08 7.94 -51.82
N THR E 185 14.85 7.99 -52.90
CA THR E 185 15.40 9.23 -53.42
C THR E 185 14.84 9.53 -54.81
N ALA E 186 14.58 10.82 -55.04
CA ALA E 186 14.12 11.31 -56.34
C ALA E 186 15.27 11.24 -57.36
N PRO E 187 15.00 11.45 -58.67
CA PRO E 187 16.10 11.37 -59.64
C PRO E 187 17.24 12.35 -59.34
N ASP E 188 16.93 13.53 -58.84
CA ASP E 188 17.95 14.51 -58.48
C ASP E 188 18.53 14.27 -57.10
N GLY E 189 18.21 13.15 -56.46
CA GLY E 189 18.76 12.79 -55.17
C GLY E 189 18.02 13.35 -53.97
N THR E 190 16.98 14.14 -54.19
CA THR E 190 16.25 14.70 -53.06
C THR E 190 15.32 13.66 -52.45
N LEU E 191 14.83 13.97 -51.25
CA LEU E 191 14.01 13.01 -50.51
C LEU E 191 12.65 12.83 -51.15
N ALA E 192 12.29 11.57 -51.41
CA ALA E 192 10.95 11.22 -51.89
C ALA E 192 10.11 10.50 -50.87
N GLY E 193 10.72 9.83 -49.91
CA GLY E 193 10.00 9.12 -48.87
C GLY E 193 10.83 7.96 -48.35
N VAL E 194 10.15 7.07 -47.61
CA VAL E 194 10.79 5.89 -47.05
C VAL E 194 9.91 4.67 -47.32
N LEU E 195 10.51 3.50 -47.17
CA LEU E 195 9.81 2.24 -47.32
C LEU E 195 10.44 1.21 -46.39
N THR E 196 9.63 0.60 -45.53
CA THR E 196 10.08 -0.43 -44.61
C THR E 196 9.80 -1.81 -45.18
N ARG E 197 10.37 -2.83 -44.53
CA ARG E 197 10.11 -4.20 -44.94
C ARG E 197 8.63 -4.55 -44.80
N THR E 198 8.00 -4.13 -43.70
CA THR E 198 6.57 -4.37 -43.53
C THR E 198 5.76 -3.51 -44.48
N GLY E 199 6.21 -2.28 -44.74
CA GLY E 199 5.49 -1.42 -45.67
C GLY E 199 5.51 -1.95 -47.09
N ALA E 200 6.62 -2.57 -47.50
CA ALA E 200 6.67 -3.19 -48.82
C ALA E 200 5.70 -4.36 -48.92
N ILE E 201 5.51 -5.10 -47.82
CA ILE E 201 4.55 -6.20 -47.81
C ILE E 201 3.13 -5.68 -48.06
N ARG E 202 2.76 -4.59 -47.39
CA ARG E 202 1.43 -4.04 -47.57
C ARG E 202 1.23 -3.51 -48.99
N ALA E 203 2.31 -3.14 -49.68
CA ALA E 203 2.19 -2.67 -51.05
C ALA E 203 1.68 -3.77 -51.97
N GLY E 204 2.02 -5.02 -51.70
CA GLY E 204 1.52 -6.15 -52.46
C GLY E 204 0.28 -6.79 -51.91
N ILE E 205 -0.20 -6.34 -50.76
CA ILE E 205 -1.40 -6.87 -50.13
C ILE E 205 -2.58 -5.91 -50.27
N TYR E 206 -2.34 -4.63 -50.05
CA TYR E 206 -3.39 -3.61 -50.12
C TYR E 206 -3.30 -2.86 -51.44
N THR E 207 -4.43 -2.67 -52.10
CA THR E 207 -4.50 -1.86 -53.31
C THR E 207 -4.82 -0.43 -52.93
N PRO E 208 -3.98 0.55 -53.27
CA PRO E 208 -4.29 1.93 -52.91
C PRO E 208 -5.59 2.39 -53.54
N ALA E 209 -6.40 3.08 -52.74
CA ALA E 209 -7.64 3.68 -53.21
C ALA E 209 -7.28 4.97 -53.95
N VAL E 210 -7.52 5.01 -55.25
CA VAL E 210 -7.10 6.12 -56.08
C VAL E 210 -8.29 6.63 -56.89
N ASP E 211 -8.23 7.90 -57.26
CA ASP E 211 -9.25 8.52 -58.08
C ASP E 211 -8.96 8.23 -59.56
N ALA E 212 -9.67 8.91 -60.46
CA ALA E 212 -9.47 8.70 -61.89
C ALA E 212 -8.09 9.14 -62.36
N LYS E 213 -7.45 10.04 -61.62
CA LYS E 213 -6.11 10.53 -61.98
C LYS E 213 -5.00 9.78 -61.26
N GLY E 214 -5.32 8.70 -60.54
CA GLY E 214 -4.32 7.94 -59.84
C GLY E 214 -3.83 8.54 -58.55
N ARG E 215 -4.58 9.47 -57.96
CA ARG E 215 -4.22 10.10 -56.70
C ARG E 215 -5.03 9.49 -55.57
N LEU E 216 -4.42 9.43 -54.38
CA LEU E 216 -5.08 8.86 -53.22
C LEU E 216 -6.41 9.57 -52.95
N ARG E 217 -7.42 8.77 -52.65
CA ARG E 217 -8.75 9.31 -52.41
C ARG E 217 -8.85 9.92 -51.02
N ILE E 218 -9.79 10.85 -50.86
CA ILE E 218 -10.03 11.49 -49.57
C ILE E 218 -11.44 12.07 -49.62
N ALA E 219 -12.12 12.02 -48.47
CA ALA E 219 -13.47 12.52 -48.33
C ALA E 219 -13.49 13.61 -47.27
N ALA E 220 -14.63 14.32 -47.20
CA ALA E 220 -14.77 15.41 -46.27
C ALA E 220 -16.25 15.54 -45.89
N ALA E 221 -16.48 16.02 -44.67
CA ALA E 221 -17.82 16.13 -44.12
C ALA E 221 -18.31 17.57 -44.13
N VAL E 222 -19.64 17.72 -44.04
CA VAL E 222 -20.28 19.03 -44.01
C VAL E 222 -21.50 18.94 -43.11
N GLY E 223 -21.71 19.98 -42.29
CA GLY E 223 -22.87 20.05 -41.43
C GLY E 223 -24.09 20.55 -42.18
N ILE E 224 -25.23 20.50 -41.49
CA ILE E 224 -26.52 20.85 -42.09
C ILE E 224 -26.97 22.25 -41.72
N ASN E 225 -26.15 23.02 -41.00
CA ASN E 225 -26.46 24.41 -40.70
C ASN E 225 -25.77 25.32 -41.72
N GLY E 226 -26.31 26.54 -41.83
CA GLY E 226 -25.75 27.48 -42.77
C GLY E 226 -26.08 27.10 -44.20
N ASP E 227 -25.16 27.43 -45.11
CA ASP E 227 -25.34 27.18 -46.54
C ASP E 227 -24.69 25.85 -46.88
N VAL E 228 -25.49 24.78 -46.84
CA VAL E 228 -24.98 23.45 -47.15
C VAL E 228 -24.55 23.38 -48.61
N GLY E 229 -25.32 23.99 -49.50
CA GLY E 229 -24.98 23.95 -50.92
C GLY E 229 -23.65 24.61 -51.21
N ALA E 230 -23.42 25.80 -50.64
CA ALA E 230 -22.19 26.53 -50.92
C ALA E 230 -20.97 25.82 -50.33
N LYS E 231 -21.09 25.32 -49.10
CA LYS E 231 -19.95 24.65 -48.47
C LYS E 231 -19.61 23.35 -49.21
N ALA E 232 -20.60 22.50 -49.43
CA ALA E 232 -20.36 21.26 -50.16
C ALA E 232 -19.85 21.52 -51.58
N GLN E 233 -20.30 22.62 -52.20
CA GLN E 233 -19.79 23.00 -53.51
C GLN E 233 -18.31 23.37 -53.43
N ALA E 234 -17.96 24.25 -52.48
CA ALA E 234 -16.56 24.62 -52.33
C ALA E 234 -15.72 23.44 -51.85
N LEU E 235 -16.31 22.55 -51.06
CA LEU E 235 -15.60 21.34 -50.66
C LEU E 235 -15.31 20.44 -51.86
N ALA E 236 -16.25 20.37 -52.81
CA ALA E 236 -15.98 19.64 -54.05
C ALA E 236 -14.90 20.33 -54.86
N GLU E 237 -14.90 21.66 -54.88
CA GLU E 237 -13.87 22.41 -55.60
C GLU E 237 -12.49 22.18 -55.01
N ALA E 238 -12.41 21.89 -53.70
CA ALA E 238 -11.13 21.69 -53.05
C ALA E 238 -10.48 20.37 -53.44
N GLY E 239 -11.18 19.49 -54.14
CA GLY E 239 -10.63 18.23 -54.58
C GLY E 239 -11.13 17.00 -53.84
N ALA E 240 -12.17 17.14 -53.01
CA ALA E 240 -12.70 16.00 -52.29
C ALA E 240 -13.31 15.00 -53.27
N ASP E 241 -12.98 13.72 -53.09
CA ASP E 241 -13.51 12.66 -53.93
C ASP E 241 -14.84 12.11 -53.43
N LEU E 242 -15.27 12.50 -52.23
CA LEU E 242 -16.52 12.02 -51.67
C LEU E 242 -17.00 13.02 -50.64
N LEU E 243 -18.31 13.27 -50.63
CA LEU E 243 -18.91 14.24 -49.72
C LEU E 243 -19.83 13.51 -48.75
N VAL E 244 -19.73 13.86 -47.46
CA VAL E 244 -20.54 13.27 -46.42
C VAL E 244 -21.28 14.39 -45.70
N ILE E 245 -22.61 14.35 -45.76
CA ILE E 245 -23.45 15.26 -44.99
C ILE E 245 -23.76 14.58 -43.66
N ASP E 246 -23.31 15.17 -42.56
CA ASP E 246 -23.33 14.52 -41.26
C ASP E 246 -24.13 15.36 -40.27
N THR E 247 -25.03 14.71 -39.54
CA THR E 247 -25.76 15.34 -38.44
C THR E 247 -26.19 14.27 -37.47
N ALA E 248 -26.51 14.70 -36.24
CA ALA E 248 -26.86 13.75 -35.19
C ALA E 248 -28.15 13.01 -35.52
N HIS E 249 -29.20 13.75 -35.89
CA HIS E 249 -30.49 13.17 -36.23
C HIS E 249 -30.72 13.38 -37.72
N GLY E 250 -30.25 12.42 -38.52
CA GLY E 250 -30.40 12.51 -39.96
C GLY E 250 -31.83 12.45 -40.45
N HIS E 251 -32.73 11.87 -39.66
CA HIS E 251 -34.12 11.74 -40.07
C HIS E 251 -34.92 12.95 -39.59
N GLN E 252 -34.60 14.09 -40.20
CA GLN E 252 -35.29 15.34 -39.88
C GLN E 252 -35.37 16.19 -41.15
N ALA E 253 -36.40 17.06 -41.19
CA ALA E 253 -36.68 17.82 -42.40
C ALA E 253 -35.49 18.68 -42.82
N LYS E 254 -34.78 19.25 -41.85
CA LYS E 254 -33.64 20.11 -42.17
C LYS E 254 -32.52 19.32 -42.83
N MET E 255 -32.32 18.07 -42.44
CA MET E 255 -31.37 17.21 -43.14
C MET E 255 -31.91 16.80 -44.50
N LEU E 256 -33.21 16.51 -44.58
CA LEU E 256 -33.83 16.19 -45.87
C LEU E 256 -33.64 17.32 -46.87
N ASP E 257 -33.86 18.56 -46.42
CA ASP E 257 -33.69 19.71 -47.32
C ASP E 257 -32.24 19.88 -47.75
N ALA E 258 -31.30 19.64 -46.84
CA ALA E 258 -29.88 19.82 -47.16
C ALA E 258 -29.43 18.88 -48.26
N ILE E 259 -29.94 17.63 -48.25
CA ILE E 259 -29.58 16.67 -49.27
C ILE E 259 -30.11 17.11 -50.63
N LYS E 260 -31.30 17.71 -50.66
CA LYS E 260 -31.84 18.22 -51.92
C LYS E 260 -30.96 19.33 -52.50
N ALA E 261 -30.42 20.19 -51.63
CA ALA E 261 -29.60 21.30 -52.11
C ALA E 261 -28.32 20.82 -52.77
N VAL E 262 -27.66 19.82 -52.17
CA VAL E 262 -26.42 19.32 -52.73
C VAL E 262 -26.68 18.53 -54.01
N ALA E 263 -27.74 17.72 -54.01
CA ALA E 263 -28.06 16.92 -55.19
C ALA E 263 -28.39 17.80 -56.39
N SER E 264 -29.08 18.93 -56.15
CA SER E 264 -29.45 19.83 -57.24
C SER E 264 -28.25 20.51 -57.88
N LEU E 265 -27.07 20.43 -57.27
CA LEU E 265 -25.88 21.03 -57.85
C LEU E 265 -25.17 20.12 -58.84
N ASP E 266 -25.47 18.82 -58.81
CA ASP E 266 -24.89 17.83 -59.74
C ASP E 266 -23.37 17.87 -59.71
N LEU E 267 -22.82 17.63 -58.51
CA LEU E 267 -21.38 17.68 -58.31
C LEU E 267 -20.66 16.43 -58.82
N GLY E 268 -21.39 15.33 -59.05
CA GLY E 268 -20.77 14.12 -59.54
C GLY E 268 -20.00 13.33 -58.50
N LEU E 269 -20.32 13.50 -57.22
CA LEU E 269 -19.63 12.82 -56.14
C LEU E 269 -20.60 11.96 -55.34
N PRO E 270 -20.15 10.82 -54.81
CA PRO E 270 -21.00 10.01 -53.95
C PRO E 270 -21.45 10.80 -52.72
N LEU E 271 -22.72 10.63 -52.36
CA LEU E 271 -23.35 11.42 -51.30
C LEU E 271 -23.76 10.51 -50.15
N VAL E 272 -23.18 10.73 -48.98
CA VAL E 272 -23.53 10.02 -47.75
C VAL E 272 -24.40 10.92 -46.90
N ALA E 273 -25.39 10.33 -46.24
CA ALA E 273 -26.29 11.07 -45.35
C ALA E 273 -26.60 10.24 -44.12
N GLY E 274 -26.58 10.88 -42.96
CA GLY E 274 -26.86 10.20 -41.72
C GLY E 274 -27.07 11.21 -40.61
N ASN E 275 -27.42 10.70 -39.43
CA ASN E 275 -27.53 9.25 -39.20
C ASN E 275 -28.95 8.82 -38.90
N VAL E 276 -29.30 7.60 -39.33
CA VAL E 276 -30.58 7.00 -39.05
C VAL E 276 -30.36 5.54 -38.64
N VAL E 277 -31.39 4.95 -38.03
CA VAL E 277 -31.34 3.56 -37.60
C VAL E 277 -32.66 2.88 -37.93
N SER E 278 -33.47 3.54 -38.77
CA SER E 278 -34.77 3.02 -39.14
C SER E 278 -34.85 2.85 -40.65
N ALA E 279 -35.67 1.90 -41.10
CA ALA E 279 -35.86 1.68 -42.53
C ALA E 279 -36.49 2.89 -43.20
N GLU E 280 -37.50 3.49 -42.54
CA GLU E 280 -38.16 4.67 -43.11
C GLU E 280 -37.16 5.81 -43.28
N GLY E 281 -36.37 6.10 -42.24
CA GLY E 281 -35.36 7.15 -42.35
C GLY E 281 -34.35 6.86 -43.44
N THR E 282 -33.99 5.59 -43.63
CA THR E 282 -33.07 5.23 -44.70
C THR E 282 -33.68 5.50 -46.07
N ARG E 283 -34.95 5.14 -46.26
CA ARG E 283 -35.62 5.42 -47.53
C ARG E 283 -35.75 6.92 -47.76
N ASP E 284 -36.02 7.68 -46.69
CA ASP E 284 -36.24 9.12 -46.84
C ASP E 284 -34.97 9.82 -47.30
N LEU E 285 -33.81 9.41 -46.80
CA LEU E 285 -32.56 10.05 -47.19
C LEU E 285 -32.19 9.72 -48.63
N ILE E 286 -32.47 8.49 -49.08
CA ILE E 286 -32.15 8.10 -50.44
C ILE E 286 -33.01 8.84 -51.43
N GLU E 287 -34.32 8.94 -51.15
CA GLU E 287 -35.22 9.67 -52.04
C GLU E 287 -34.85 11.15 -52.14
N ALA E 288 -34.24 11.70 -51.08
CA ALA E 288 -33.86 13.11 -51.10
C ALA E 288 -32.70 13.38 -52.06
N GLY E 289 -31.91 12.37 -52.40
CA GLY E 289 -30.82 12.56 -53.35
C GLY E 289 -29.50 11.94 -52.93
N ALA E 290 -29.47 11.34 -51.73
CA ALA E 290 -28.28 10.67 -51.24
C ALA E 290 -28.25 9.23 -51.75
N SER E 291 -27.05 8.77 -52.12
CA SER E 291 -26.87 7.40 -52.58
C SER E 291 -26.35 6.48 -51.49
N ILE E 292 -25.76 7.03 -50.43
CA ILE E 292 -25.24 6.26 -49.31
C ILE E 292 -25.85 6.80 -48.02
N VAL E 293 -26.21 5.90 -47.11
CA VAL E 293 -26.81 6.26 -45.83
C VAL E 293 -25.85 5.87 -44.71
N LYS E 294 -25.62 6.78 -43.77
CA LYS E 294 -24.83 6.48 -42.60
C LYS E 294 -25.74 6.00 -41.48
N VAL E 295 -25.43 4.83 -40.93
CA VAL E 295 -26.25 4.18 -39.90
C VAL E 295 -25.52 4.26 -38.58
N GLY E 296 -26.21 4.71 -37.54
CA GLY E 296 -25.64 4.76 -36.20
C GLY E 296 -26.16 5.92 -35.37
N VAL E 297 -27.01 5.61 -34.39
CA VAL E 297 -27.55 6.60 -33.46
C VAL E 297 -27.49 5.98 -32.07
N GLY E 298 -26.63 6.52 -31.21
CA GLY E 298 -26.43 6.02 -29.87
C GLY E 298 -26.32 4.51 -29.80
N PRO E 299 -25.31 3.94 -30.45
CA PRO E 299 -25.18 2.47 -30.44
C PRO E 299 -24.82 1.91 -29.07
N GLY E 300 -24.17 2.70 -28.22
CA GLY E 300 -23.78 2.22 -26.91
C GLY E 300 -24.87 2.41 -25.87
N ALA E 301 -25.24 1.33 -25.20
CA ALA E 301 -26.25 1.42 -24.15
C ALA E 301 -25.76 2.30 -23.00
N MET E 302 -24.45 2.38 -22.80
CA MET E 302 -23.86 3.14 -21.71
C MET E 302 -23.23 4.46 -22.16
N CYS E 303 -23.50 4.90 -23.40
CA CYS E 303 -22.86 6.08 -23.94
C CYS E 303 -23.64 7.34 -23.58
N THR E 304 -23.16 8.48 -24.08
CA THR E 304 -23.74 9.78 -23.71
C THR E 304 -25.13 9.95 -24.28
N THR E 305 -25.30 9.67 -25.57
CA THR E 305 -26.59 9.85 -26.22
C THR E 305 -27.67 9.00 -25.56
N ARG E 306 -27.36 7.73 -25.27
CA ARG E 306 -28.36 6.85 -24.68
C ARG E 306 -28.73 7.29 -23.26
N MET E 307 -27.74 7.72 -22.47
CA MET E 307 -28.01 8.08 -21.10
C MET E 307 -28.57 9.50 -20.95
N MET E 308 -28.36 10.36 -21.94
CA MET E 308 -28.90 11.71 -21.86
C MET E 308 -30.35 11.78 -22.34
N THR E 309 -30.70 10.99 -23.37
CA THR E 309 -32.01 11.09 -24.00
C THR E 309 -32.79 9.79 -24.03
N GLY E 310 -32.14 8.64 -23.86
CA GLY E 310 -32.81 7.37 -24.06
C GLY E 310 -33.00 6.99 -25.50
N VAL E 311 -32.53 7.80 -26.44
CA VAL E 311 -32.70 7.57 -27.87
C VAL E 311 -31.50 6.80 -28.40
N GLY E 312 -31.77 5.82 -29.23
CA GLY E 312 -30.71 5.04 -29.83
C GLY E 312 -31.26 3.72 -30.37
N ARG E 313 -30.33 2.88 -30.81
CA ARG E 313 -30.68 1.55 -31.30
C ARG E 313 -29.42 0.69 -31.41
N PRO E 314 -29.48 -0.57 -31.02
CA PRO E 314 -28.35 -1.49 -31.26
C PRO E 314 -27.93 -1.48 -32.72
N GLN E 315 -26.62 -1.40 -32.94
CA GLN E 315 -26.12 -1.11 -34.28
C GLN E 315 -26.33 -2.27 -35.25
N PHE E 316 -26.26 -3.51 -34.76
CA PHE E 316 -26.42 -4.65 -35.66
C PHE E 316 -27.84 -4.72 -36.21
N SER E 317 -28.84 -4.64 -35.33
CA SER E 317 -30.23 -4.66 -35.78
C SER E 317 -30.55 -3.44 -36.64
N ALA E 318 -29.95 -2.29 -36.33
CA ALA E 318 -30.17 -1.10 -37.15
C ALA E 318 -29.66 -1.30 -38.56
N VAL E 319 -28.44 -1.85 -38.70
CA VAL E 319 -27.86 -2.04 -40.02
C VAL E 319 -28.67 -3.05 -40.83
N VAL E 320 -29.09 -4.15 -40.19
CA VAL E 320 -29.89 -5.16 -40.88
C VAL E 320 -31.15 -4.53 -41.46
N GLU E 321 -31.86 -3.72 -40.66
CA GLU E 321 -33.06 -3.07 -41.13
C GLU E 321 -32.75 -1.98 -42.16
N CYS E 322 -31.69 -1.19 -41.92
CA CYS E 322 -31.40 -0.07 -42.82
C CYS E 322 -30.83 -0.55 -44.14
N ALA E 323 -29.99 -1.60 -44.12
CA ALA E 323 -29.41 -2.09 -45.37
C ALA E 323 -30.48 -2.67 -46.29
N ALA E 324 -31.41 -3.44 -45.73
CA ALA E 324 -32.47 -4.03 -46.55
C ALA E 324 -33.32 -2.95 -47.20
N ALA E 325 -33.62 -1.88 -46.47
CA ALA E 325 -34.35 -0.76 -47.06
C ALA E 325 -33.51 -0.09 -48.14
N ALA E 326 -32.20 0.04 -47.92
CA ALA E 326 -31.34 0.67 -48.90
C ALA E 326 -31.09 -0.22 -50.11
N ARG E 327 -31.04 -1.54 -49.91
CA ARG E 327 -30.76 -2.45 -51.02
C ARG E 327 -31.84 -2.41 -52.08
N GLN E 328 -33.12 -2.38 -51.67
CA GLN E 328 -34.20 -2.36 -52.64
C GLN E 328 -34.28 -1.04 -53.40
N LEU E 329 -33.67 0.02 -52.88
CA LEU E 329 -33.61 1.30 -53.56
C LEU E 329 -32.28 1.54 -54.28
N GLY E 330 -31.44 0.51 -54.37
CA GLY E 330 -30.15 0.67 -55.02
C GLY E 330 -29.14 1.47 -54.24
N GLY E 331 -29.35 1.63 -52.93
CA GLY E 331 -28.42 2.36 -52.10
C GLY E 331 -27.55 1.45 -51.25
N HIS E 332 -26.73 2.09 -50.41
CA HIS E 332 -25.84 1.38 -49.50
C HIS E 332 -25.88 2.05 -48.14
N VAL E 333 -25.37 1.35 -47.13
CA VAL E 333 -25.36 1.85 -45.76
C VAL E 333 -23.95 1.77 -45.20
N TRP E 334 -23.61 2.74 -44.35
CA TRP E 334 -22.36 2.75 -43.59
C TRP E 334 -22.68 2.51 -42.12
N ALA E 335 -21.98 1.56 -41.51
CA ALA E 335 -22.11 1.29 -40.08
C ALA E 335 -21.17 2.23 -39.33
N ASP E 336 -21.74 3.17 -38.59
CA ASP E 336 -20.98 4.23 -37.91
C ASP E 336 -21.18 4.10 -36.41
N GLY E 337 -20.12 3.75 -35.70
CA GLY E 337 -20.15 3.77 -34.25
C GLY E 337 -19.99 2.42 -33.57
N GLY E 338 -19.27 2.41 -32.44
CA GLY E 338 -19.15 1.22 -31.63
C GLY E 338 -18.14 0.19 -32.10
N VAL E 339 -17.39 0.48 -33.17
CA VAL E 339 -16.41 -0.48 -33.67
C VAL E 339 -15.19 -0.45 -32.77
N ARG E 340 -14.89 -1.60 -32.15
CA ARG E 340 -13.73 -1.73 -31.28
C ARG E 340 -12.85 -2.92 -31.62
N HIS E 341 -13.32 -3.88 -32.40
CA HIS E 341 -12.57 -5.07 -32.77
C HIS E 341 -12.88 -5.41 -34.21
N PRO E 342 -12.05 -6.23 -34.85
CA PRO E 342 -12.38 -6.70 -36.22
C PRO E 342 -13.71 -7.43 -36.28
N ARG E 343 -14.16 -8.03 -35.18
CA ARG E 343 -15.46 -8.69 -35.17
C ARG E 343 -16.58 -7.73 -35.56
N ASP E 344 -16.55 -6.50 -35.03
CA ASP E 344 -17.59 -5.53 -35.34
C ASP E 344 -17.57 -5.14 -36.81
N VAL E 345 -16.38 -5.08 -37.42
CA VAL E 345 -16.30 -4.78 -38.84
C VAL E 345 -16.91 -5.92 -39.65
N ALA E 346 -16.56 -7.16 -39.32
CA ALA E 346 -17.09 -8.31 -40.05
C ALA E 346 -18.59 -8.47 -39.84
N LEU E 347 -19.06 -8.24 -38.61
CA LEU E 347 -20.49 -8.38 -38.33
C LEU E 347 -21.30 -7.29 -39.03
N ALA E 348 -20.76 -6.07 -39.10
CA ALA E 348 -21.45 -4.99 -39.79
C ALA E 348 -21.59 -5.29 -41.27
N LEU E 349 -20.54 -5.82 -41.89
CA LEU E 349 -20.60 -6.15 -43.31
C LEU E 349 -21.56 -7.32 -43.57
N ALA E 350 -21.51 -8.35 -42.71
CA ALA E 350 -22.44 -9.46 -42.84
C ALA E 350 -23.89 -9.01 -42.71
N ALA E 351 -24.14 -7.98 -41.89
CA ALA E 351 -25.48 -7.45 -41.72
C ALA E 351 -25.98 -6.68 -42.93
N GLY E 352 -25.11 -6.37 -43.89
CA GLY E 352 -25.50 -5.69 -45.12
C GLY E 352 -24.77 -4.40 -45.41
N ALA E 353 -23.89 -3.92 -44.54
CA ALA E 353 -23.17 -2.68 -44.79
C ALA E 353 -22.10 -2.88 -45.86
N SER E 354 -21.92 -1.86 -46.69
CA SER E 354 -20.85 -1.86 -47.69
C SER E 354 -19.56 -1.27 -47.17
N ASN E 355 -19.61 -0.50 -46.09
CA ASN E 355 -18.42 0.12 -45.51
C ASN E 355 -18.65 0.29 -44.01
N VAL E 356 -17.55 0.27 -43.26
CA VAL E 356 -17.59 0.37 -41.81
C VAL E 356 -16.78 1.59 -41.40
N MET E 357 -17.42 2.51 -40.68
CA MET E 357 -16.79 3.74 -40.23
C MET E 357 -16.30 3.56 -38.80
N ILE E 358 -15.03 3.89 -38.56
CA ILE E 358 -14.38 3.70 -37.28
C ILE E 358 -13.88 5.06 -36.78
N GLY E 359 -14.12 5.35 -35.50
CA GLY E 359 -13.73 6.62 -34.93
C GLY E 359 -12.69 6.53 -33.83
N SER E 360 -13.15 6.37 -32.59
CA SER E 360 -12.25 6.48 -31.43
C SER E 360 -11.16 5.41 -31.45
N TRP E 361 -11.45 4.24 -32.04
CA TRP E 361 -10.46 3.17 -32.07
C TRP E 361 -9.17 3.61 -32.77
N PHE E 362 -9.30 4.37 -33.87
CA PHE E 362 -8.13 4.81 -34.61
C PHE E 362 -7.42 6.01 -33.98
N ALA E 363 -8.01 6.63 -32.95
CA ALA E 363 -7.34 7.75 -32.30
C ALA E 363 -6.08 7.32 -31.59
N GLY E 364 -6.05 6.11 -31.04
CA GLY E 364 -4.86 5.60 -30.40
C GLY E 364 -3.86 5.02 -31.38
N THR E 365 -3.41 5.85 -32.33
CA THR E 365 -2.44 5.44 -33.33
C THR E 365 -1.44 6.55 -33.53
N TYR E 366 -0.29 6.19 -34.13
CA TYR E 366 0.72 7.20 -34.45
C TYR E 366 0.20 8.24 -35.44
N GLU E 367 -0.67 7.83 -36.35
CA GLU E 367 -1.11 8.69 -37.44
C GLU E 367 -2.23 9.65 -37.04
N SER E 368 -2.85 9.47 -35.87
CA SER E 368 -3.88 10.38 -35.45
C SER E 368 -3.29 11.74 -35.09
N PRO E 369 -4.08 12.82 -35.23
CA PRO E 369 -3.52 14.17 -35.00
C PRO E 369 -3.13 14.44 -33.56
N GLY E 370 -3.72 13.75 -32.59
CA GLY E 370 -3.44 14.04 -31.21
C GLY E 370 -2.01 13.72 -30.82
N ASP E 371 -1.59 14.29 -29.70
CA ASP E 371 -0.24 14.06 -29.20
C ASP E 371 -0.16 12.75 -28.43
N LEU E 372 1.01 12.11 -28.52
CA LEU E 372 1.23 10.86 -27.80
C LEU E 372 1.43 11.15 -26.32
N LEU E 373 0.63 10.50 -25.47
CA LEU E 373 0.65 10.72 -24.04
C LEU E 373 0.98 9.43 -23.31
N PHE E 374 1.27 9.56 -22.02
CA PHE E 374 1.60 8.43 -21.15
C PHE E 374 0.84 8.56 -19.84
N ASP E 375 0.30 7.45 -19.37
CA ASP E 375 -0.49 7.43 -18.15
C ASP E 375 0.42 7.23 -16.94
N ARG E 376 -0.18 6.91 -15.79
CA ARG E 376 0.60 6.71 -14.57
C ARG E 376 1.48 5.46 -14.64
N ASP E 377 1.15 4.51 -15.51
CA ASP E 377 1.94 3.30 -15.70
C ASP E 377 2.90 3.41 -16.87
N ASP E 378 3.07 4.61 -17.43
CA ASP E 378 3.95 4.88 -18.57
C ASP E 378 3.48 4.18 -19.84
N ARG E 379 2.20 3.84 -19.93
CA ARG E 379 1.65 3.20 -21.13
C ARG E 379 1.25 4.27 -22.13
N PRO E 380 1.65 4.14 -23.39
CA PRO E 380 1.28 5.15 -24.39
C PRO E 380 -0.21 5.15 -24.68
N TYR E 381 -0.75 6.34 -24.92
CA TYR E 381 -2.17 6.48 -25.24
C TYR E 381 -2.38 7.83 -25.90
N LYS E 382 -3.56 8.00 -26.50
CA LYS E 382 -3.99 9.26 -27.05
C LYS E 382 -5.46 9.50 -26.68
N GLU E 383 -5.85 10.78 -26.65
CA GLU E 383 -7.19 11.15 -26.23
C GLU E 383 -8.10 11.32 -27.44
N SER E 384 -9.17 10.52 -27.46
CA SER E 384 -10.24 10.72 -28.42
C SER E 384 -11.34 11.58 -27.80
N TYR E 385 -12.08 12.28 -28.66
CA TYR E 385 -13.18 13.11 -28.19
C TYR E 385 -14.20 13.27 -29.32
N GLY E 386 -15.45 13.53 -28.93
CA GLY E 386 -16.51 13.66 -29.90
C GLY E 386 -16.60 15.05 -30.50
N MET E 387 -17.35 15.14 -31.60
CA MET E 387 -17.56 16.40 -32.29
C MET E 387 -18.55 17.31 -31.56
N ALA E 388 -19.37 16.76 -30.67
CA ALA E 388 -20.27 17.52 -29.80
C ALA E 388 -21.21 18.36 -30.67
N SER E 389 -21.20 19.69 -30.56
CA SER E 389 -22.19 20.52 -31.23
C SER E 389 -21.98 20.60 -32.74
N LYS E 390 -20.82 20.17 -33.25
CA LYS E 390 -20.59 20.21 -34.68
C LYS E 390 -21.47 19.23 -35.45
N ARG E 391 -22.15 18.31 -34.74
CA ARG E 391 -23.14 17.42 -35.35
C ARG E 391 -24.56 17.79 -34.96
N ALA E 392 -24.75 18.93 -34.29
CA ALA E 392 -26.04 19.34 -33.77
C ALA E 392 -26.61 20.49 -34.58
N VAL E 393 -27.94 20.58 -34.60
CA VAL E 393 -28.64 21.67 -35.28
C VAL E 393 -28.52 22.93 -34.44
N ALA E 394 -28.17 24.03 -35.09
CA ALA E 394 -28.06 25.32 -34.42
C ALA E 394 -28.89 26.38 -35.13
N SER E 401 -23.57 37.88 -29.70
CA SER E 401 -24.27 38.33 -28.50
C SER E 401 -24.05 37.36 -27.34
N SER E 402 -23.59 37.92 -26.22
CA SER E 402 -23.22 37.11 -25.07
C SER E 402 -24.39 36.26 -24.56
N PHE E 403 -25.58 36.85 -24.49
CA PHE E 403 -26.74 36.12 -23.99
C PHE E 403 -27.01 34.87 -24.83
N ASP E 404 -27.03 35.02 -26.16
CA ASP E 404 -27.36 33.89 -27.02
C ASP E 404 -26.33 32.77 -26.89
N ARG E 405 -25.05 33.13 -26.88
CA ARG E 405 -24.00 32.12 -26.73
C ARG E 405 -24.13 31.40 -25.39
N ALA E 406 -24.38 32.15 -24.32
CA ALA E 406 -24.54 31.53 -23.01
C ALA E 406 -25.86 30.75 -22.92
N ARG E 407 -26.93 31.31 -23.51
CA ARG E 407 -28.20 30.57 -23.57
C ARG E 407 -28.01 29.23 -24.28
N LYS E 408 -27.36 29.25 -25.44
CA LYS E 408 -26.98 28.00 -26.09
C LYS E 408 -26.03 27.19 -25.21
N GLY E 409 -25.06 27.85 -24.58
CA GLY E 409 -24.06 27.15 -23.80
C GLY E 409 -24.61 26.29 -22.68
N LEU E 410 -25.76 26.69 -22.13
CA LEU E 410 -26.35 25.93 -21.02
C LEU E 410 -26.76 24.53 -21.46
N PHE E 411 -27.31 24.42 -22.67
CA PHE E 411 -27.87 23.16 -23.16
C PHE E 411 -26.99 22.45 -24.18
N GLU E 412 -25.74 22.87 -24.34
CA GLU E 412 -24.86 22.23 -25.32
C GLU E 412 -24.59 20.78 -24.93
N GLU E 413 -24.04 20.03 -25.89
CA GLU E 413 -23.50 18.71 -25.61
C GLU E 413 -22.03 18.85 -25.26
N GLY E 414 -21.66 18.35 -24.09
CA GLY E 414 -20.27 18.44 -23.67
C GLY E 414 -19.36 17.54 -24.48
N ILE E 415 -18.08 17.90 -24.48
CA ILE E 415 -17.06 17.14 -25.20
C ILE E 415 -16.51 16.09 -24.23
N SER E 416 -16.78 14.83 -24.54
CA SER E 416 -16.33 13.72 -23.71
C SER E 416 -14.96 13.23 -24.19
N THR E 417 -14.04 13.04 -23.25
CA THR E 417 -12.69 12.60 -23.55
C THR E 417 -12.47 11.20 -23.00
N SER E 418 -11.80 10.36 -23.77
CA SER E 418 -11.61 8.95 -23.42
C SER E 418 -10.17 8.55 -23.67
N ARG E 419 -9.64 7.70 -22.79
CA ARG E 419 -8.24 7.29 -22.85
C ARG E 419 -8.11 6.12 -23.81
N MET E 420 -7.46 6.36 -24.95
CA MET E 420 -7.30 5.34 -25.99
C MET E 420 -5.85 4.88 -25.98
N SER E 421 -5.61 3.72 -25.39
CA SER E 421 -4.25 3.19 -25.27
C SER E 421 -3.74 2.70 -26.62
N LEU E 422 -2.45 2.92 -26.85
CA LEU E 422 -1.78 2.41 -28.05
C LEU E 422 -1.28 0.99 -27.79
N ASP E 423 -1.55 0.09 -28.72
CA ASP E 423 -1.04 -1.27 -28.62
C ASP E 423 0.47 -1.26 -28.90
N PRO E 424 1.30 -1.72 -27.96
CA PRO E 424 2.75 -1.72 -28.21
C PRO E 424 3.18 -2.55 -29.40
N ALA E 425 2.35 -3.49 -29.86
CA ALA E 425 2.65 -4.27 -31.05
C ALA E 425 1.89 -3.79 -32.28
N ARG E 426 0.85 -2.98 -32.10
CA ARG E 426 0.03 -2.46 -33.19
C ARG E 426 -0.16 -0.95 -33.02
N GLY E 427 0.95 -0.23 -32.85
CA GLY E 427 0.85 1.20 -32.61
C GLY E 427 0.41 2.00 -33.81
N GLY E 428 0.70 1.52 -35.02
CA GLY E 428 0.33 2.22 -36.22
C GLY E 428 -1.06 1.81 -36.72
N VAL E 429 -1.71 2.74 -37.42
CA VAL E 429 -3.04 2.45 -37.95
C VAL E 429 -2.97 1.37 -39.01
N GLU E 430 -1.82 1.24 -39.70
CA GLU E 430 -1.66 0.16 -40.65
C GLU E 430 -1.66 -1.20 -39.97
N ASP E 431 -1.16 -1.28 -38.74
CA ASP E 431 -1.23 -2.52 -37.99
C ASP E 431 -2.67 -2.86 -37.62
N LEU E 432 -3.47 -1.85 -37.30
CA LEU E 432 -4.89 -2.09 -37.04
C LEU E 432 -5.61 -2.50 -38.32
N LEU E 433 -5.21 -1.92 -39.46
CA LEU E 433 -5.77 -2.35 -40.74
C LEU E 433 -5.40 -3.81 -41.03
N ASP E 434 -4.16 -4.19 -40.70
CA ASP E 434 -3.78 -5.60 -40.79
C ASP E 434 -4.64 -6.45 -39.86
N HIS E 435 -4.89 -5.95 -38.64
CA HIS E 435 -5.69 -6.69 -37.68
C HIS E 435 -7.14 -6.84 -38.16
N ILE E 436 -7.72 -5.74 -38.65
CA ILE E 436 -9.12 -5.77 -39.06
C ILE E 436 -9.30 -6.65 -40.29
N THR E 437 -8.52 -6.39 -41.35
CA THR E 437 -8.74 -7.09 -42.62
C THR E 437 -8.41 -8.57 -42.52
N SER E 438 -7.43 -8.95 -41.70
CA SER E 438 -7.15 -10.36 -41.49
C SER E 438 -8.35 -11.09 -40.93
N GLY E 439 -9.03 -10.48 -39.96
CA GLY E 439 -10.23 -11.08 -39.42
C GLY E 439 -11.38 -11.13 -40.41
N VAL E 440 -11.57 -10.04 -41.17
CA VAL E 440 -12.64 -10.00 -42.15
C VAL E 440 -12.39 -11.01 -43.26
N ARG E 441 -11.15 -11.10 -43.75
CA ARG E 441 -10.83 -12.08 -44.78
C ARG E 441 -11.06 -13.50 -44.27
N SER E 442 -10.61 -13.80 -43.05
CA SER E 442 -10.84 -15.12 -42.47
C SER E 442 -12.32 -15.36 -42.21
N THR E 443 -13.08 -14.31 -41.89
CA THR E 443 -14.52 -14.46 -41.73
C THR E 443 -15.16 -14.99 -43.01
N CYS E 444 -14.79 -14.41 -44.16
CA CYS E 444 -15.35 -14.85 -45.43
C CYS E 444 -14.99 -16.29 -45.74
N THR E 445 -13.77 -16.71 -45.36
CA THR E 445 -13.39 -18.11 -45.54
C THR E 445 -14.26 -19.04 -44.72
N TYR E 446 -14.68 -18.60 -43.53
CA TYR E 446 -15.58 -19.42 -42.72
C TYR E 446 -16.95 -19.54 -43.34
N VAL E 447 -17.47 -18.45 -43.92
CA VAL E 447 -18.81 -18.48 -44.49
C VAL E 447 -18.83 -19.03 -45.92
N GLY E 448 -17.70 -19.03 -46.61
CA GLY E 448 -17.63 -19.44 -47.98
C GLY E 448 -17.73 -18.33 -49.00
N ALA E 449 -17.36 -17.11 -48.64
CA ALA E 449 -17.49 -15.96 -49.52
C ALA E 449 -16.12 -15.56 -50.07
N ALA E 450 -16.08 -15.24 -51.36
CA ALA E 450 -14.89 -14.72 -51.99
C ALA E 450 -14.85 -13.19 -52.02
N ASN E 451 -15.92 -12.53 -51.56
CA ASN E 451 -15.99 -11.08 -51.56
C ASN E 451 -17.04 -10.64 -50.55
N LEU E 452 -17.26 -9.33 -50.47
CA LEU E 452 -18.21 -8.76 -49.52
C LEU E 452 -19.67 -9.01 -49.92
N PRO E 453 -20.03 -8.90 -51.21
CA PRO E 453 -21.41 -9.26 -51.58
C PRO E 453 -21.77 -10.70 -51.25
N GLU E 454 -20.89 -11.66 -51.53
CA GLU E 454 -21.15 -13.05 -51.16
C GLU E 454 -21.19 -13.23 -49.65
N LEU E 455 -20.47 -12.38 -48.92
CA LEU E 455 -20.54 -12.43 -47.46
C LEU E 455 -21.95 -12.16 -46.98
N HIS E 456 -22.57 -11.08 -47.45
CA HIS E 456 -23.93 -10.76 -47.03
C HIS E 456 -24.93 -11.79 -47.53
N GLU E 457 -24.63 -12.46 -48.65
CA GLU E 457 -25.59 -13.37 -49.25
C GLU E 457 -25.57 -14.74 -48.56
N LYS E 458 -24.40 -15.23 -48.18
CA LYS E 458 -24.25 -16.58 -47.65
C LYS E 458 -24.06 -16.63 -46.13
N VAL E 459 -24.07 -15.48 -45.46
CA VAL E 459 -23.88 -15.47 -44.02
C VAL E 459 -25.09 -16.09 -43.33
N VAL E 460 -24.82 -16.93 -42.33
CA VAL E 460 -25.85 -17.47 -41.45
C VAL E 460 -25.53 -17.03 -40.04
N LEU E 461 -26.49 -16.41 -39.37
CA LEU E 461 -26.27 -15.78 -38.08
C LEU E 461 -27.09 -16.48 -37.00
N GLY E 462 -26.62 -16.32 -35.76
CA GLY E 462 -27.35 -16.85 -34.61
C GLY E 462 -27.25 -15.88 -33.45
N VAL E 463 -28.11 -16.13 -32.46
CA VAL E 463 -28.17 -15.32 -31.24
C VAL E 463 -27.67 -16.16 -30.07
N GLN E 464 -26.91 -15.54 -29.18
CA GLN E 464 -26.39 -16.19 -27.99
C GLN E 464 -26.92 -15.48 -26.74
N SER E 465 -26.90 -16.21 -25.63
CA SER E 465 -27.38 -15.68 -24.36
C SER E 465 -26.31 -14.81 -23.72
N ALA E 466 -26.61 -14.29 -22.52
CA ALA E 466 -25.67 -13.44 -21.81
C ALA E 466 -24.43 -14.18 -21.35
N ALA E 467 -24.46 -15.51 -21.33
CA ALA E 467 -23.30 -16.30 -20.94
C ALA E 467 -22.09 -16.00 -21.83
N VAL F 2 -32.01 -35.57 -27.07
CA VAL F 2 -32.23 -34.89 -25.79
C VAL F 2 -33.69 -34.45 -25.69
N ARG F 3 -34.18 -34.33 -24.46
CA ARG F 3 -35.52 -33.82 -24.19
C ARG F 3 -35.41 -32.59 -23.31
N PHE F 4 -36.12 -31.53 -23.68
CA PHE F 4 -36.13 -30.29 -22.92
C PHE F 4 -37.45 -30.11 -22.19
N LEU F 5 -37.41 -29.37 -21.10
CA LEU F 5 -38.61 -29.01 -20.36
C LEU F 5 -39.63 -28.36 -21.29
N ASP F 6 -40.91 -28.57 -20.99
CA ASP F 6 -41.97 -27.99 -21.79
C ASP F 6 -41.85 -26.47 -21.81
N GLY F 7 -41.75 -25.89 -23.01
CA GLY F 7 -41.60 -24.47 -23.17
C GLY F 7 -40.16 -23.98 -23.22
N HIS F 8 -39.18 -24.85 -22.97
CA HIS F 8 -37.77 -24.45 -22.98
C HIS F 8 -37.21 -24.52 -24.40
N THR F 9 -37.76 -23.66 -25.26
CA THR F 9 -37.32 -23.50 -26.64
C THR F 9 -36.89 -22.05 -26.82
N PRO F 10 -35.70 -21.68 -26.34
CA PRO F 10 -35.28 -20.28 -26.40
C PRO F 10 -34.93 -19.85 -27.82
N ALA F 11 -34.99 -18.54 -28.03
CA ALA F 11 -34.64 -17.92 -29.31
C ALA F 11 -33.16 -17.66 -29.44
N TYR F 12 -32.32 -18.56 -28.95
CA TYR F 12 -30.88 -18.41 -29.01
C TYR F 12 -30.24 -19.76 -28.80
N ASP F 13 -28.92 -19.82 -29.01
CA ASP F 13 -28.16 -21.04 -28.79
C ASP F 13 -27.68 -21.12 -27.35
N LEU F 14 -27.36 -22.33 -26.92
CA LEU F 14 -27.08 -22.62 -25.52
C LEU F 14 -25.61 -22.95 -25.33
N THR F 15 -24.98 -22.31 -24.35
CA THR F 15 -23.65 -22.68 -23.92
C THR F 15 -23.75 -23.69 -22.77
N TYR F 16 -22.59 -24.12 -22.27
CA TYR F 16 -22.60 -25.03 -21.12
C TYR F 16 -23.20 -24.38 -19.88
N ASN F 17 -23.15 -23.04 -19.80
CA ASN F 17 -23.70 -22.31 -18.66
C ASN F 17 -25.20 -22.03 -18.78
N ASP F 18 -25.80 -22.27 -19.95
CA ASP F 18 -27.20 -21.94 -20.18
C ASP F 18 -28.15 -23.07 -19.82
N VAL F 19 -27.65 -24.28 -19.60
CA VAL F 19 -28.51 -25.45 -19.44
C VAL F 19 -28.20 -26.17 -18.13
N PHE F 20 -29.17 -26.97 -17.69
CA PHE F 20 -29.04 -27.78 -16.48
C PHE F 20 -29.76 -29.11 -16.70
N VAL F 21 -29.40 -30.09 -15.89
CA VAL F 21 -29.96 -31.45 -15.99
C VAL F 21 -30.93 -31.66 -14.84
N VAL F 22 -32.16 -32.04 -15.16
CA VAL F 22 -33.19 -32.33 -14.17
C VAL F 22 -33.05 -33.80 -13.74
N PRO F 23 -33.05 -34.09 -12.43
CA PRO F 23 -32.99 -35.49 -11.99
C PRO F 23 -34.20 -36.27 -12.47
N GLY F 24 -33.97 -37.55 -12.79
CA GLY F 24 -35.04 -38.41 -13.24
C GLY F 24 -35.12 -39.71 -12.47
N ARG F 25 -35.97 -40.62 -12.93
CA ARG F 25 -36.07 -41.94 -12.30
C ARG F 25 -34.71 -42.64 -12.32
N SER F 26 -34.38 -43.28 -11.20
CA SER F 26 -33.07 -43.91 -11.07
C SER F 26 -33.16 -45.17 -10.23
N ASP F 27 -32.51 -46.24 -10.71
CA ASP F 27 -32.23 -47.42 -9.90
C ASP F 27 -30.74 -47.71 -9.86
N VAL F 28 -29.91 -46.75 -10.26
CA VAL F 28 -28.46 -46.90 -10.24
C VAL F 28 -27.94 -46.21 -8.98
N ALA F 29 -27.55 -47.01 -7.99
CA ALA F 29 -27.19 -46.47 -6.68
C ALA F 29 -25.79 -45.85 -6.68
N SER F 30 -24.79 -46.65 -7.01
CA SER F 30 -23.40 -46.25 -6.86
C SER F 30 -22.83 -45.75 -8.19
N ARG F 31 -21.85 -44.84 -8.07
CA ARG F 31 -21.13 -44.39 -9.26
C ARG F 31 -20.48 -45.56 -9.99
N PHE F 32 -19.98 -46.55 -9.23
CA PHE F 32 -19.28 -47.67 -9.82
C PHE F 32 -20.19 -48.60 -10.61
N ASP F 33 -21.51 -48.45 -10.49
CA ASP F 33 -22.44 -49.20 -11.32
C ASP F 33 -22.51 -48.69 -12.74
N VAL F 34 -21.95 -47.51 -13.01
CA VAL F 34 -22.02 -46.87 -14.32
C VAL F 34 -20.82 -47.32 -15.16
N ASP F 35 -21.09 -47.68 -16.41
CA ASP F 35 -20.06 -48.04 -17.37
C ASP F 35 -19.78 -46.82 -18.24
N LEU F 36 -18.59 -46.25 -18.12
CA LEU F 36 -18.20 -45.07 -18.87
C LEU F 36 -17.52 -45.39 -20.19
N SER F 37 -17.57 -46.64 -20.64
CA SER F 37 -16.97 -47.01 -21.91
C SER F 37 -17.71 -46.34 -23.06
N THR F 38 -16.97 -46.09 -24.14
CA THR F 38 -17.53 -45.45 -25.32
C THR F 38 -17.85 -46.50 -26.39
N VAL F 39 -18.68 -46.08 -27.35
CA VAL F 39 -19.12 -46.95 -28.43
C VAL F 39 -18.74 -46.36 -29.79
N ASP F 40 -17.75 -45.46 -29.82
CA ASP F 40 -17.34 -44.77 -31.03
C ASP F 40 -16.13 -45.40 -31.70
N GLY F 41 -15.62 -46.52 -31.18
CA GLY F 41 -14.47 -47.18 -31.76
C GLY F 41 -13.13 -46.64 -31.32
N SER F 42 -13.09 -45.59 -30.51
CA SER F 42 -11.83 -45.07 -30.01
C SER F 42 -11.17 -46.03 -29.02
N GLY F 43 -11.94 -46.89 -28.36
CA GLY F 43 -11.42 -47.84 -27.42
C GLY F 43 -11.20 -47.32 -26.02
N THR F 44 -11.57 -46.08 -25.74
CA THR F 44 -11.38 -45.51 -24.41
C THR F 44 -12.47 -45.98 -23.47
N THR F 45 -12.11 -46.19 -22.20
CA THR F 45 -13.05 -46.63 -21.19
C THR F 45 -13.64 -45.47 -20.39
N ILE F 46 -13.13 -44.26 -20.56
CA ILE F 46 -13.71 -43.07 -19.98
C ILE F 46 -13.90 -42.04 -21.08
N PRO F 47 -14.94 -41.19 -21.01
CA PRO F 47 -15.21 -40.21 -22.07
C PRO F 47 -14.31 -38.97 -22.01
N VAL F 48 -13.00 -39.20 -21.96
CA VAL F 48 -12.01 -38.12 -21.86
C VAL F 48 -11.00 -38.30 -22.99
N VAL F 49 -10.82 -37.25 -23.79
CA VAL F 49 -9.81 -37.22 -24.85
C VAL F 49 -8.99 -35.96 -24.69
N VAL F 50 -7.68 -36.09 -24.83
CA VAL F 50 -6.75 -34.96 -24.73
C VAL F 50 -6.51 -34.39 -26.12
N ALA F 51 -6.60 -33.07 -26.25
CA ALA F 51 -6.51 -32.43 -27.55
C ALA F 51 -5.09 -32.51 -28.12
N ASN F 52 -5.01 -32.41 -29.44
CA ASN F 52 -3.76 -32.44 -30.19
C ASN F 52 -3.09 -31.06 -30.12
N MET F 53 -2.52 -30.75 -28.96
CA MET F 53 -1.83 -29.50 -28.74
C MET F 53 -0.49 -29.79 -28.07
N THR F 54 0.58 -29.17 -28.59
CA THR F 54 1.92 -29.42 -28.08
C THR F 54 2.07 -29.04 -26.61
N ALA F 55 1.23 -28.12 -26.12
CA ALA F 55 1.30 -27.73 -24.71
C ALA F 55 0.75 -28.79 -23.78
N VAL F 56 0.06 -29.81 -24.29
CA VAL F 56 -0.59 -30.79 -23.45
C VAL F 56 -0.20 -32.21 -23.85
N ALA F 57 -0.07 -32.45 -25.15
CA ALA F 57 0.04 -33.82 -25.68
C ALA F 57 1.49 -34.26 -25.68
N GLY F 58 1.97 -34.65 -24.49
CA GLY F 58 3.29 -35.22 -24.33
C GLY F 58 3.26 -36.73 -24.12
N ARG F 59 4.46 -37.29 -23.98
CA ARG F 59 4.58 -38.73 -23.73
C ARG F 59 4.07 -39.09 -22.34
N ARG F 60 4.57 -38.40 -21.31
CA ARG F 60 4.07 -38.62 -19.96
C ARG F 60 2.56 -38.39 -19.89
N MET F 61 2.04 -37.51 -20.75
CA MET F 61 0.60 -37.31 -20.80
C MET F 61 -0.11 -38.47 -21.46
N ALA F 62 0.44 -38.97 -22.57
CA ALA F 62 -0.16 -40.12 -23.25
C ALA F 62 -0.11 -41.37 -22.38
N GLU F 63 0.99 -41.56 -21.66
CA GLU F 63 1.13 -42.74 -20.82
C GLU F 63 0.17 -42.71 -19.64
N THR F 64 0.02 -41.55 -19.00
CA THR F 64 -0.72 -41.48 -17.74
C THR F 64 -2.22 -41.67 -17.95
N VAL F 65 -2.81 -40.94 -18.90
CA VAL F 65 -4.25 -40.97 -19.05
C VAL F 65 -4.72 -42.23 -19.77
N ALA F 66 -3.90 -42.78 -20.67
CA ALA F 66 -4.27 -44.03 -21.33
C ALA F 66 -4.34 -45.18 -20.34
N ARG F 67 -3.49 -45.17 -19.32
CA ARG F 67 -3.54 -46.19 -18.28
C ARG F 67 -4.85 -46.12 -17.51
N ARG F 68 -5.45 -44.94 -17.40
CA ARG F 68 -6.72 -44.75 -16.73
C ARG F 68 -7.90 -44.80 -17.69
N GLY F 69 -7.67 -45.17 -18.94
CA GLY F 69 -8.74 -45.34 -19.91
C GLY F 69 -8.89 -44.22 -20.91
N GLY F 70 -8.14 -43.13 -20.77
CA GLY F 70 -8.20 -42.03 -21.72
C GLY F 70 -7.33 -42.29 -22.93
N ILE F 71 -7.18 -41.24 -23.74
CA ILE F 71 -6.29 -41.27 -24.90
C ILE F 71 -5.81 -39.87 -25.18
N VAL F 72 -4.54 -39.75 -25.59
CA VAL F 72 -3.95 -38.49 -26.00
C VAL F 72 -3.76 -38.52 -27.51
N VAL F 73 -4.19 -37.46 -28.19
CA VAL F 73 -3.99 -37.31 -29.62
C VAL F 73 -2.72 -36.48 -29.82
N LEU F 74 -1.71 -37.07 -30.44
CA LEU F 74 -0.48 -36.35 -30.68
C LEU F 74 -0.72 -35.20 -31.64
N PRO F 75 -0.10 -34.04 -31.41
CA PRO F 75 -0.35 -32.88 -32.27
C PRO F 75 0.19 -33.10 -33.67
N GLN F 76 -0.52 -32.54 -34.65
CA GLN F 76 -0.10 -32.64 -36.04
C GLN F 76 1.23 -31.91 -36.25
N ASP F 77 1.91 -32.27 -37.34
CA ASP F 77 3.21 -31.76 -37.77
C ASP F 77 4.35 -32.21 -36.87
N LEU F 78 4.10 -33.04 -35.87
CA LEU F 78 5.17 -33.63 -35.09
C LEU F 78 6.01 -34.54 -36.00
N PRO F 79 7.34 -34.40 -36.01
CA PRO F 79 8.16 -35.24 -36.89
C PRO F 79 7.91 -36.73 -36.63
N ILE F 80 7.93 -37.50 -37.73
CA ILE F 80 7.58 -38.91 -37.66
C ILE F 80 8.55 -39.66 -36.76
N THR F 81 9.81 -39.21 -36.70
CA THR F 81 10.77 -39.84 -35.79
C THR F 81 10.34 -39.71 -34.34
N ALA F 82 9.87 -38.53 -33.94
CA ALA F 82 9.42 -38.32 -32.57
C ALA F 82 8.12 -39.08 -32.29
N VAL F 83 7.24 -39.18 -33.29
CA VAL F 83 6.00 -39.94 -33.10
C VAL F 83 6.32 -41.42 -32.87
N SER F 84 7.22 -41.98 -33.68
CA SER F 84 7.58 -43.38 -33.53
C SER F 84 8.16 -43.67 -32.15
N GLU F 85 9.05 -42.80 -31.68
CA GLU F 85 9.59 -42.97 -30.33
C GLU F 85 8.51 -42.77 -29.26
N THR F 86 7.54 -41.89 -29.52
CA THR F 86 6.46 -41.67 -28.58
C THR F 86 5.54 -42.89 -28.49
N VAL F 87 5.13 -43.41 -29.66
CA VAL F 87 4.24 -44.57 -29.67
C VAL F 87 4.93 -45.78 -29.04
N ASP F 88 6.22 -45.98 -29.34
CA ASP F 88 6.94 -47.11 -28.76
C ASP F 88 7.05 -47.00 -27.25
N PHE F 89 7.24 -45.77 -26.75
CA PHE F 89 7.33 -45.57 -25.31
C PHE F 89 6.00 -45.86 -24.62
N VAL F 90 4.91 -45.28 -25.13
CA VAL F 90 3.60 -45.43 -24.49
C VAL F 90 3.15 -46.89 -24.54
N LYS F 91 3.37 -47.55 -25.66
CA LYS F 91 2.91 -48.93 -25.84
C LYS F 91 3.83 -49.95 -25.20
N SER F 92 4.95 -49.52 -24.60
CA SER F 92 5.79 -50.40 -23.81
C SER F 92 5.56 -50.26 -22.32
N ARG F 93 4.61 -49.41 -21.92
CA ARG F 93 4.30 -49.22 -20.51
C ARG F 93 3.34 -50.31 -20.02
N ASP F 94 3.50 -50.67 -18.75
CA ASP F 94 2.64 -51.66 -18.13
C ASP F 94 1.29 -51.06 -17.77
N LEU F 95 0.26 -51.91 -17.75
CA LEU F 95 -1.11 -51.46 -17.49
C LEU F 95 -1.32 -51.01 -16.04
N VAL F 96 -0.40 -51.32 -15.13
CA VAL F 96 -0.63 -51.04 -13.72
C VAL F 96 0.45 -50.10 -13.18
N VAL F 97 1.71 -50.49 -13.30
CA VAL F 97 2.80 -49.74 -12.70
C VAL F 97 3.16 -48.56 -13.59
N ASP F 98 3.40 -47.41 -12.97
CA ASP F 98 3.67 -46.16 -13.67
C ASP F 98 5.17 -45.95 -13.82
N THR F 99 5.54 -45.08 -14.77
CA THR F 99 6.95 -44.79 -15.02
C THR F 99 7.38 -43.62 -14.16
N PRO F 100 8.36 -43.80 -13.27
CA PRO F 100 8.81 -42.70 -12.41
C PRO F 100 9.87 -41.85 -13.10
N VAL F 101 10.11 -40.69 -12.50
CA VAL F 101 11.29 -39.91 -12.85
C VAL F 101 12.52 -40.56 -12.21
N THR F 102 13.57 -40.73 -13.00
CA THR F 102 14.77 -41.42 -12.56
C THR F 102 15.93 -40.44 -12.41
N LEU F 103 16.85 -40.78 -11.52
CA LEU F 103 18.00 -39.93 -11.22
C LEU F 103 19.26 -40.78 -11.17
N SER F 104 20.38 -40.17 -11.54
CA SER F 104 21.67 -40.79 -11.35
C SER F 104 22.30 -40.30 -10.05
N PRO F 105 23.12 -41.12 -9.40
CA PRO F 105 23.78 -40.67 -8.16
C PRO F 105 24.68 -39.45 -8.35
N GLU F 106 25.07 -39.14 -9.58
CA GLU F 106 25.94 -38.01 -9.86
C GLU F 106 25.17 -36.76 -10.29
N ASP F 107 23.84 -36.84 -10.38
CA ASP F 107 23.05 -35.66 -10.72
C ASP F 107 23.04 -34.67 -9.56
N SER F 108 22.77 -33.41 -9.90
CA SER F 108 22.73 -32.34 -8.91
C SER F 108 21.37 -32.30 -8.21
N VAL F 109 21.36 -31.70 -7.02
CA VAL F 109 20.12 -31.50 -6.29
C VAL F 109 19.18 -30.58 -7.07
N SER F 110 19.73 -29.60 -7.78
CA SER F 110 18.91 -28.70 -8.58
C SER F 110 18.14 -29.47 -9.65
N ASP F 111 18.84 -30.33 -10.40
CA ASP F 111 18.16 -31.14 -11.41
C ASP F 111 17.18 -32.12 -10.77
N ALA F 112 17.55 -32.70 -9.62
CA ALA F 112 16.66 -33.64 -8.95
C ALA F 112 15.37 -32.95 -8.52
N ASN F 113 15.47 -31.72 -8.01
CA ASN F 113 14.28 -31.00 -7.57
C ASN F 113 13.39 -30.63 -8.75
N ALA F 114 14.01 -30.22 -9.87
CA ALA F 114 13.23 -29.86 -11.05
C ALA F 114 12.59 -31.07 -11.71
N LEU F 115 13.34 -32.17 -11.83
CA LEU F 115 12.81 -33.39 -12.43
C LEU F 115 11.72 -34.02 -11.57
N LEU F 116 11.67 -33.70 -10.28
CA LEU F 116 10.68 -34.30 -9.39
C LEU F 116 9.25 -33.97 -9.84
N HIS F 117 9.03 -32.75 -10.29
CA HIS F 117 7.68 -32.26 -10.60
C HIS F 117 7.18 -32.71 -11.97
N LYS F 118 7.89 -33.61 -12.64
CA LYS F 118 7.41 -34.17 -13.89
C LYS F 118 6.42 -35.31 -13.69
N ARG F 119 6.30 -35.84 -12.48
CA ARG F 119 5.33 -36.85 -12.14
C ARG F 119 4.59 -36.44 -10.88
N ALA F 120 3.50 -37.14 -10.59
CA ALA F 120 2.69 -36.89 -9.40
C ALA F 120 3.03 -37.84 -8.26
N HIS F 121 4.16 -38.55 -8.35
CA HIS F 121 4.53 -39.52 -7.33
C HIS F 121 5.15 -38.88 -6.09
N GLY F 122 5.63 -37.65 -6.20
CA GLY F 122 6.25 -36.99 -5.08
C GLY F 122 7.60 -37.55 -4.67
N ALA F 123 8.17 -38.45 -5.47
CA ALA F 123 9.47 -39.03 -5.16
C ALA F 123 10.10 -39.54 -6.44
N ALA F 124 11.42 -39.39 -6.55
CA ALA F 124 12.20 -39.90 -7.67
C ALA F 124 13.11 -41.01 -7.18
N VAL F 125 13.26 -42.05 -8.00
CA VAL F 125 14.08 -43.20 -7.66
C VAL F 125 15.44 -43.04 -8.33
N VAL F 126 16.50 -43.10 -7.52
CA VAL F 126 17.85 -43.04 -8.05
C VAL F 126 18.23 -44.43 -8.58
N VAL F 127 18.74 -44.47 -9.81
CA VAL F 127 18.98 -45.71 -10.53
C VAL F 127 20.48 -45.95 -10.61
N PHE F 128 20.90 -47.18 -10.34
CA PHE F 128 22.29 -47.60 -10.43
C PHE F 128 22.35 -48.83 -11.33
N GLU F 129 22.85 -48.63 -12.55
CA GLU F 129 22.96 -49.69 -13.55
C GLU F 129 21.65 -50.47 -13.69
N GLY F 130 20.55 -49.71 -13.82
CA GLY F 130 19.23 -50.29 -13.95
C GLY F 130 18.59 -50.73 -12.66
N ARG F 131 19.30 -50.69 -11.54
CA ARG F 131 18.79 -51.16 -10.25
C ARG F 131 18.38 -49.98 -9.39
N PRO F 132 17.17 -49.97 -8.85
CA PRO F 132 16.77 -48.91 -7.91
C PRO F 132 17.54 -49.06 -6.59
N ILE F 133 18.10 -47.96 -6.11
CA ILE F 133 18.89 -47.96 -4.89
C ILE F 133 18.38 -46.99 -3.84
N GLY F 134 17.39 -46.17 -4.15
CA GLY F 134 16.86 -45.25 -3.17
C GLY F 134 15.83 -44.32 -3.77
N LEU F 135 15.24 -43.50 -2.91
CA LEU F 135 14.23 -42.54 -3.30
C LEU F 135 14.66 -41.14 -2.91
N VAL F 136 14.27 -40.17 -3.73
CA VAL F 136 14.56 -38.75 -3.49
C VAL F 136 13.24 -37.99 -3.46
N THR F 137 13.00 -37.25 -2.39
CA THR F 137 11.81 -36.44 -2.23
C THR F 137 12.18 -34.97 -2.20
N GLU F 138 11.16 -34.11 -2.31
CA GLU F 138 11.39 -32.67 -2.21
C GLU F 138 11.90 -32.28 -0.83
N ALA F 139 11.44 -32.97 0.21
CA ALA F 139 11.94 -32.71 1.56
C ALA F 139 13.43 -33.02 1.66
N ASN F 140 13.90 -34.06 0.95
CA ASN F 140 15.31 -34.38 0.95
C ASN F 140 16.14 -33.28 0.29
N CYS F 141 15.54 -32.53 -0.63
CA CYS F 141 16.23 -31.43 -1.32
C CYS F 141 16.17 -30.12 -0.55
N ALA F 142 15.34 -30.02 0.49
CA ALA F 142 15.25 -28.81 1.28
C ALA F 142 16.43 -28.68 2.23
N GLY F 143 16.99 -27.47 2.30
CA GLY F 143 18.07 -27.19 3.23
C GLY F 143 19.42 -27.76 2.85
N VAL F 144 19.53 -28.40 1.69
CA VAL F 144 20.79 -28.98 1.24
C VAL F 144 21.31 -28.16 0.07
N ASP F 145 22.63 -28.17 -0.10
CA ASP F 145 23.27 -27.48 -1.22
C ASP F 145 22.67 -27.94 -2.54
N ARG F 146 22.20 -26.97 -3.34
CA ARG F 146 21.55 -27.28 -4.60
C ARG F 146 22.49 -27.89 -5.63
N PHE F 147 23.80 -27.83 -5.41
CA PHE F 147 24.76 -28.48 -6.30
C PHE F 147 25.33 -29.77 -5.74
N ALA F 148 24.83 -30.23 -4.59
CA ALA F 148 25.24 -31.52 -4.06
C ALA F 148 24.75 -32.65 -4.96
N ARG F 149 25.35 -33.82 -4.79
CA ARG F 149 24.96 -34.98 -5.57
C ARG F 149 23.74 -35.66 -4.96
N VAL F 150 22.95 -36.30 -5.83
CA VAL F 150 21.78 -37.08 -5.38
C VAL F 150 22.20 -38.14 -4.38
N ARG F 151 23.41 -38.68 -4.52
CA ARG F 151 23.91 -39.70 -3.59
C ARG F 151 23.88 -39.23 -2.15
N ASP F 152 24.03 -37.92 -1.91
CA ASP F 152 24.16 -37.40 -0.55
C ASP F 152 22.83 -37.20 0.16
N ILE F 153 21.70 -37.22 -0.56
CA ILE F 153 20.40 -36.97 0.03
C ILE F 153 19.43 -38.13 -0.18
N ALA F 154 19.81 -39.16 -0.91
CA ALA F 154 18.90 -40.25 -1.21
C ALA F 154 18.64 -41.11 0.02
N LEU F 155 17.40 -41.57 0.16
CA LEU F 155 17.01 -42.47 1.23
C LEU F 155 17.08 -43.90 0.71
N SER F 156 17.97 -44.70 1.28
CA SER F 156 18.22 -46.05 0.79
C SER F 156 17.17 -47.06 1.24
N ASP F 157 16.32 -46.71 2.21
CA ASP F 157 15.28 -47.60 2.69
C ASP F 157 13.96 -47.25 2.00
N PHE F 158 13.33 -48.26 1.38
CA PHE F 158 12.10 -48.04 0.65
C PHE F 158 11.37 -49.37 0.50
N VAL F 159 10.05 -49.30 0.40
CA VAL F 159 9.23 -50.49 0.16
C VAL F 159 9.36 -50.90 -1.29
N THR F 160 9.62 -52.18 -1.51
CA THR F 160 9.78 -52.73 -2.86
C THR F 160 8.99 -54.02 -2.98
N ALA F 161 8.53 -54.31 -4.19
CA ALA F 161 7.75 -55.51 -4.49
C ALA F 161 7.93 -55.85 -5.95
N PRO F 162 7.88 -57.13 -6.32
CA PRO F 162 8.04 -57.50 -7.73
C PRO F 162 6.85 -57.03 -8.56
N VAL F 163 7.13 -56.72 -9.83
CA VAL F 163 6.07 -56.36 -10.75
C VAL F 163 5.13 -57.55 -10.94
N GLY F 164 3.84 -57.26 -11.03
CA GLY F 164 2.83 -58.29 -11.09
C GLY F 164 2.15 -58.57 -9.77
N THR F 165 2.71 -58.09 -8.66
CA THR F 165 2.04 -58.21 -7.36
C THR F 165 0.67 -57.56 -7.41
N ASP F 166 -0.30 -58.19 -6.76
CA ASP F 166 -1.66 -57.67 -6.74
C ASP F 166 -1.67 -56.27 -6.14
N PRO F 167 -2.33 -55.30 -6.79
CA PRO F 167 -2.31 -53.93 -6.26
C PRO F 167 -2.92 -53.79 -4.88
N ARG F 168 -3.85 -54.66 -4.51
CA ARG F 168 -4.41 -54.62 -3.16
C ARG F 168 -3.34 -54.91 -2.11
N GLU F 169 -2.41 -55.81 -2.42
CA GLU F 169 -1.35 -56.11 -1.47
C GLU F 169 -0.34 -54.95 -1.39
N VAL F 170 -0.02 -54.35 -2.53
CA VAL F 170 0.87 -53.19 -2.53
C VAL F 170 0.30 -52.06 -1.67
N PHE F 171 -1.02 -51.86 -1.75
CA PHE F 171 -1.68 -50.88 -0.89
C PHE F 171 -1.41 -51.19 0.58
N ASP F 172 -1.48 -52.46 0.96
CA ASP F 172 -1.19 -52.84 2.35
C ASP F 172 0.29 -52.71 2.66
N LEU F 173 1.17 -52.96 1.69
CA LEU F 173 2.61 -52.84 1.94
C LEU F 173 3.01 -51.40 2.27
N LEU F 174 2.27 -50.43 1.75
CA LEU F 174 2.59 -49.01 1.94
C LEU F 174 1.78 -48.36 3.05
N GLU F 175 0.96 -49.13 3.78
CA GLU F 175 0.10 -48.55 4.80
C GLU F 175 0.91 -47.77 5.83
N HIS F 176 2.00 -48.37 6.32
CA HIS F 176 2.85 -47.74 7.34
C HIS F 176 4.19 -47.31 6.76
N ALA F 177 4.27 -47.09 5.46
CA ALA F 177 5.53 -46.65 4.85
C ALA F 177 5.65 -45.13 4.95
N PRO F 178 6.81 -44.61 5.38
CA PRO F 178 6.96 -43.15 5.48
C PRO F 178 6.85 -42.45 4.14
N ILE F 179 7.24 -43.09 3.04
CA ILE F 179 7.17 -42.52 1.70
C ILE F 179 6.14 -43.31 0.91
N ASP F 180 5.13 -42.62 0.39
CA ASP F 180 4.04 -43.28 -0.32
C ASP F 180 4.43 -43.57 -1.78
N VAL F 181 5.51 -44.33 -1.92
CA VAL F 181 5.99 -44.79 -3.22
C VAL F 181 6.56 -46.19 -3.07
N ALA F 182 6.02 -47.15 -3.81
CA ALA F 182 6.54 -48.52 -3.83
C ALA F 182 7.23 -48.77 -5.16
N VAL F 183 8.48 -49.20 -5.10
CA VAL F 183 9.29 -49.45 -6.29
C VAL F 183 9.01 -50.86 -6.79
N MET F 184 8.59 -50.98 -8.04
CA MET F 184 8.33 -52.28 -8.65
C MET F 184 9.56 -52.74 -9.41
N THR F 185 9.95 -53.99 -9.20
CA THR F 185 11.17 -54.54 -9.76
C THR F 185 10.84 -55.67 -10.72
N ALA F 186 11.64 -55.78 -11.79
CA ALA F 186 11.53 -56.88 -12.73
C ALA F 186 12.09 -58.14 -12.09
N PRO F 187 11.85 -59.32 -12.69
CA PRO F 187 12.39 -60.56 -12.12
C PRO F 187 13.90 -60.53 -11.87
N ASP F 188 14.66 -59.82 -12.70
CA ASP F 188 16.11 -59.70 -12.48
C ASP F 188 16.47 -58.61 -11.49
N GLY F 189 15.49 -58.01 -10.81
CA GLY F 189 15.75 -57.00 -9.82
C GLY F 189 15.90 -55.58 -10.34
N THR F 190 15.87 -55.39 -11.65
CA THR F 190 16.02 -54.06 -12.22
C THR F 190 14.72 -53.27 -12.09
N LEU F 191 14.82 -51.97 -12.34
CA LEU F 191 13.68 -51.08 -12.17
C LEU F 191 12.61 -51.36 -13.24
N ALA F 192 11.39 -51.61 -12.80
CA ALA F 192 10.24 -51.72 -13.69
C ALA F 192 9.29 -50.54 -13.60
N GLY F 193 9.34 -49.79 -12.51
CA GLY F 193 8.49 -48.63 -12.34
C GLY F 193 8.23 -48.40 -10.85
N VAL F 194 7.25 -47.55 -10.57
CA VAL F 194 6.80 -47.31 -9.21
C VAL F 194 5.29 -47.38 -9.16
N LEU F 195 4.77 -47.69 -7.97
CA LEU F 195 3.33 -47.73 -7.74
C LEU F 195 3.08 -47.15 -6.35
N THR F 196 2.46 -45.98 -6.30
CA THR F 196 2.09 -45.40 -5.02
C THR F 196 0.84 -46.09 -4.49
N ARG F 197 0.45 -45.73 -3.27
CA ARG F 197 -0.85 -46.19 -2.77
C ARG F 197 -1.96 -45.80 -3.73
N THR F 198 -2.17 -44.49 -3.92
CA THR F 198 -3.30 -44.01 -4.69
C THR F 198 -3.32 -44.58 -6.11
N GLY F 199 -2.15 -44.79 -6.70
CA GLY F 199 -2.10 -45.33 -8.06
C GLY F 199 -2.61 -46.76 -8.17
N ALA F 200 -2.47 -47.55 -7.09
CA ALA F 200 -2.89 -48.94 -7.13
C ALA F 200 -4.40 -49.08 -7.30
N ILE F 201 -5.17 -48.22 -6.64
CA ILE F 201 -6.63 -48.38 -6.66
C ILE F 201 -7.21 -47.96 -8.00
N ARG F 202 -6.59 -46.99 -8.68
CA ARG F 202 -7.08 -46.58 -9.99
C ARG F 202 -7.08 -47.74 -10.97
N ALA F 203 -6.19 -48.72 -10.78
CA ALA F 203 -6.24 -49.93 -11.59
C ALA F 203 -7.53 -50.71 -11.35
N GLY F 204 -8.10 -50.60 -10.16
CA GLY F 204 -9.37 -51.23 -9.85
C GLY F 204 -10.58 -50.37 -10.09
N ILE F 205 -10.39 -49.11 -10.44
CA ILE F 205 -11.48 -48.21 -10.79
C ILE F 205 -11.51 -47.91 -12.28
N TYR F 206 -10.35 -47.67 -12.88
CA TYR F 206 -10.23 -47.37 -14.29
C TYR F 206 -9.76 -48.61 -15.04
N THR F 207 -10.40 -48.89 -16.17
CA THR F 207 -9.94 -49.96 -17.05
C THR F 207 -8.96 -49.36 -18.06
N PRO F 208 -7.70 -49.81 -18.09
CA PRO F 208 -6.75 -49.23 -19.05
C PRO F 208 -7.19 -49.46 -20.48
N ALA F 209 -7.11 -48.40 -21.28
CA ALA F 209 -7.44 -48.49 -22.69
C ALA F 209 -6.29 -49.17 -23.44
N VAL F 210 -6.58 -50.31 -24.06
CA VAL F 210 -5.57 -51.11 -24.73
C VAL F 210 -6.06 -51.47 -26.12
N ASP F 211 -5.11 -51.67 -27.03
CA ASP F 211 -5.43 -52.12 -28.38
C ASP F 211 -5.63 -53.62 -28.37
N ALA F 212 -5.69 -54.24 -29.56
CA ALA F 212 -5.87 -55.68 -29.64
C ALA F 212 -4.69 -56.44 -29.05
N LYS F 213 -3.53 -55.80 -28.96
CA LYS F 213 -2.31 -56.43 -28.46
C LYS F 213 -2.06 -56.15 -26.97
N GLY F 214 -3.00 -55.49 -26.30
CA GLY F 214 -2.86 -55.21 -24.88
C GLY F 214 -1.91 -54.09 -24.53
N ARG F 215 -1.61 -53.20 -25.48
CA ARG F 215 -0.72 -52.08 -25.25
C ARG F 215 -1.53 -50.79 -25.12
N LEU F 216 -0.97 -49.82 -24.39
CA LEU F 216 -1.65 -48.55 -24.19
C LEU F 216 -1.98 -47.89 -25.52
N ARG F 217 -3.17 -47.29 -25.60
CA ARG F 217 -3.61 -46.66 -26.83
C ARG F 217 -3.02 -45.26 -26.95
N ILE F 218 -2.95 -44.78 -28.19
CA ILE F 218 -2.43 -43.45 -28.48
C ILE F 218 -2.97 -43.03 -29.84
N ALA F 219 -3.31 -41.76 -29.96
CA ALA F 219 -3.82 -41.20 -31.21
C ALA F 219 -2.84 -40.14 -31.72
N ALA F 220 -3.05 -39.74 -32.97
CA ALA F 220 -2.18 -38.77 -33.62
C ALA F 220 -3.00 -37.96 -34.61
N ALA F 221 -2.68 -36.68 -34.73
CA ALA F 221 -3.40 -35.76 -35.59
C ALA F 221 -2.59 -35.45 -36.83
N VAL F 222 -3.29 -34.97 -37.86
CA VAL F 222 -2.66 -34.62 -39.13
C VAL F 222 -3.43 -33.44 -39.72
N GLY F 223 -2.68 -32.45 -40.21
CA GLY F 223 -3.29 -31.31 -40.87
C GLY F 223 -3.65 -31.60 -42.31
N ILE F 224 -4.34 -30.65 -42.93
CA ILE F 224 -4.82 -30.78 -44.30
C ILE F 224 -3.84 -30.19 -45.31
N ASN F 225 -2.65 -29.79 -44.86
CA ASN F 225 -1.63 -29.25 -45.75
C ASN F 225 -0.72 -30.35 -46.26
N GLY F 226 -0.14 -30.12 -47.43
CA GLY F 226 0.78 -31.09 -48.02
C GLY F 226 0.05 -32.35 -48.47
N ASP F 227 0.77 -33.47 -48.41
CA ASP F 227 0.25 -34.77 -48.82
C ASP F 227 -0.36 -35.44 -47.60
N VAL F 228 -1.68 -35.26 -47.42
CA VAL F 228 -2.36 -35.79 -46.26
C VAL F 228 -2.34 -37.31 -46.29
N GLY F 229 -2.51 -37.90 -47.47
CA GLY F 229 -2.50 -39.36 -47.58
C GLY F 229 -1.18 -39.97 -47.15
N ALA F 230 -0.06 -39.38 -47.60
CA ALA F 230 1.26 -39.88 -47.22
C ALA F 230 1.50 -39.71 -45.73
N LYS F 231 1.05 -38.60 -45.15
CA LYS F 231 1.22 -38.37 -43.72
C LYS F 231 0.39 -39.38 -42.92
N ALA F 232 -0.84 -39.64 -43.33
CA ALA F 232 -1.70 -40.55 -42.59
C ALA F 232 -1.14 -41.97 -42.58
N GLN F 233 -0.53 -42.39 -43.69
CA GLN F 233 0.08 -43.71 -43.75
C GLN F 233 1.28 -43.81 -42.82
N ALA F 234 2.15 -42.80 -42.83
CA ALA F 234 3.34 -42.83 -41.97
C ALA F 234 2.95 -42.78 -40.51
N LEU F 235 1.91 -42.02 -40.17
CA LEU F 235 1.45 -41.96 -38.78
C LEU F 235 0.84 -43.28 -38.35
N ALA F 236 0.06 -43.91 -39.23
CA ALA F 236 -0.52 -45.22 -38.91
C ALA F 236 0.55 -46.29 -38.81
N GLU F 237 1.53 -46.28 -39.71
CA GLU F 237 2.62 -47.24 -39.65
C GLU F 237 3.46 -47.08 -38.40
N ALA F 238 3.49 -45.88 -37.82
CA ALA F 238 4.24 -45.66 -36.58
C ALA F 238 3.58 -46.28 -35.36
N GLY F 239 2.35 -46.77 -35.50
CA GLY F 239 1.65 -47.42 -34.41
C GLY F 239 0.47 -46.67 -33.84
N ALA F 240 0.00 -45.62 -34.52
CA ALA F 240 -1.15 -44.88 -34.03
C ALA F 240 -2.41 -45.73 -34.07
N ASP F 241 -3.20 -45.67 -33.00
CA ASP F 241 -4.46 -46.39 -32.93
C ASP F 241 -5.64 -45.60 -33.46
N LEU F 242 -5.47 -44.29 -33.69
CA LEU F 242 -6.54 -43.45 -34.17
C LEU F 242 -5.92 -42.24 -34.87
N LEU F 243 -6.58 -41.78 -35.93
CA LEU F 243 -6.12 -40.65 -36.72
C LEU F 243 -7.11 -39.51 -36.64
N VAL F 244 -6.59 -38.30 -36.44
CA VAL F 244 -7.39 -37.09 -36.37
C VAL F 244 -6.96 -36.15 -37.48
N ILE F 245 -7.86 -35.89 -38.42
CA ILE F 245 -7.63 -34.85 -39.43
C ILE F 245 -8.28 -33.58 -38.90
N ASP F 246 -7.45 -32.61 -38.51
CA ASP F 246 -7.88 -31.46 -37.75
C ASP F 246 -7.56 -30.18 -38.50
N THR F 247 -8.52 -29.27 -38.54
CA THR F 247 -8.33 -27.95 -39.14
C THR F 247 -9.30 -26.98 -38.49
N ALA F 248 -9.02 -25.69 -38.68
CA ALA F 248 -9.85 -24.65 -38.07
C ALA F 248 -11.27 -24.69 -38.61
N HIS F 249 -11.42 -24.71 -39.93
CA HIS F 249 -12.73 -24.73 -40.59
C HIS F 249 -12.88 -26.09 -41.27
N GLY F 250 -13.48 -27.04 -40.54
CA GLY F 250 -13.66 -28.38 -41.07
C GLY F 250 -14.62 -28.47 -42.23
N HIS F 251 -15.55 -27.52 -42.35
CA HIS F 251 -16.56 -27.55 -43.41
C HIS F 251 -16.06 -26.76 -44.63
N GLN F 252 -15.05 -27.33 -45.29
CA GLN F 252 -14.49 -26.71 -46.48
C GLN F 252 -14.07 -27.79 -47.47
N ALA F 253 -13.89 -27.37 -48.72
CA ALA F 253 -13.64 -28.32 -49.80
C ALA F 253 -12.29 -29.01 -49.64
N LYS F 254 -11.25 -28.26 -49.29
CA LYS F 254 -9.92 -28.86 -49.15
C LYS F 254 -9.89 -29.88 -48.03
N MET F 255 -10.69 -29.67 -46.98
CA MET F 255 -10.79 -30.68 -45.92
C MET F 255 -11.46 -31.95 -46.43
N LEU F 256 -12.57 -31.80 -47.17
CA LEU F 256 -13.29 -32.97 -47.70
C LEU F 256 -12.37 -33.88 -48.49
N ASP F 257 -11.52 -33.30 -49.34
CA ASP F 257 -10.59 -34.10 -50.12
C ASP F 257 -9.60 -34.83 -49.23
N ALA F 258 -9.20 -34.20 -48.12
CA ALA F 258 -8.25 -34.85 -47.20
C ALA F 258 -8.86 -36.09 -46.57
N ILE F 259 -10.14 -36.03 -46.20
CA ILE F 259 -10.80 -37.21 -45.64
C ILE F 259 -10.92 -38.30 -46.68
N LYS F 260 -11.18 -37.92 -47.94
CA LYS F 260 -11.30 -38.90 -49.01
C LYS F 260 -9.99 -39.66 -49.22
N ALA F 261 -8.87 -38.94 -49.22
CA ALA F 261 -7.58 -39.58 -49.46
C ALA F 261 -7.23 -40.58 -48.37
N VAL F 262 -7.45 -40.20 -47.11
CA VAL F 262 -7.11 -41.09 -46.00
C VAL F 262 -8.03 -42.30 -45.98
N ALA F 263 -9.33 -42.08 -46.21
CA ALA F 263 -10.29 -43.19 -46.20
C ALA F 263 -10.02 -44.15 -47.36
N SER F 264 -9.65 -43.64 -48.52
CA SER F 264 -9.44 -44.48 -49.69
C SER F 264 -8.23 -45.40 -49.53
N LEU F 265 -7.35 -45.13 -48.58
CA LEU F 265 -6.18 -45.98 -48.37
C LEU F 265 -6.48 -47.17 -47.46
N ASP F 266 -7.62 -47.18 -46.78
CA ASP F 266 -8.11 -48.33 -46.02
C ASP F 266 -7.11 -48.74 -44.94
N LEU F 267 -6.85 -47.83 -44.01
CA LEU F 267 -5.94 -48.12 -42.91
C LEU F 267 -6.59 -48.95 -41.81
N GLY F 268 -7.92 -49.01 -41.76
CA GLY F 268 -8.59 -49.79 -40.75
C GLY F 268 -8.62 -49.16 -39.38
N LEU F 269 -8.41 -47.85 -39.28
CA LEU F 269 -8.39 -47.15 -38.01
C LEU F 269 -9.46 -46.07 -37.98
N PRO F 270 -9.98 -45.72 -36.80
CA PRO F 270 -11.03 -44.69 -36.72
C PRO F 270 -10.56 -43.35 -37.28
N LEU F 271 -11.48 -42.67 -37.95
CA LEU F 271 -11.19 -41.40 -38.62
C LEU F 271 -11.96 -40.29 -37.95
N VAL F 272 -11.23 -39.33 -37.38
CA VAL F 272 -11.81 -38.12 -36.79
C VAL F 272 -11.57 -36.95 -37.72
N ALA F 273 -12.59 -36.13 -37.92
CA ALA F 273 -12.50 -34.95 -38.78
C ALA F 273 -13.20 -33.78 -38.13
N GLY F 274 -12.58 -32.61 -38.20
CA GLY F 274 -13.15 -31.41 -37.62
C GLY F 274 -12.39 -30.18 -38.09
N ASN F 275 -12.90 -29.01 -37.71
CA ASN F 275 -14.07 -28.91 -36.82
C ASN F 275 -15.24 -28.25 -37.53
N VAL F 276 -16.45 -28.69 -37.17
CA VAL F 276 -17.69 -28.09 -37.65
C VAL F 276 -18.63 -27.91 -36.46
N VAL F 277 -19.68 -27.13 -36.66
CA VAL F 277 -20.68 -26.88 -35.62
C VAL F 277 -22.07 -26.93 -36.23
N SER F 278 -22.17 -27.42 -37.46
CA SER F 278 -23.44 -27.46 -38.18
C SER F 278 -23.78 -28.89 -38.58
N ALA F 279 -25.08 -29.16 -38.69
CA ALA F 279 -25.52 -30.47 -39.13
C ALA F 279 -25.08 -30.76 -40.55
N GLU F 280 -25.19 -29.78 -41.44
CA GLU F 280 -24.71 -29.96 -42.80
C GLU F 280 -23.19 -30.16 -42.83
N GLY F 281 -22.46 -29.38 -42.03
CA GLY F 281 -21.03 -29.61 -41.90
C GLY F 281 -20.71 -31.01 -41.40
N THR F 282 -21.54 -31.53 -40.50
CA THR F 282 -21.31 -32.88 -39.98
C THR F 282 -21.54 -33.93 -41.06
N ARG F 283 -22.69 -33.89 -41.73
CA ARG F 283 -23.03 -34.91 -42.71
C ARG F 283 -22.02 -34.95 -43.86
N ASP F 284 -21.43 -33.80 -44.20
CA ASP F 284 -20.45 -33.78 -45.28
C ASP F 284 -19.16 -34.50 -44.89
N LEU F 285 -18.78 -34.43 -43.61
CA LEU F 285 -17.55 -35.09 -43.18
C LEU F 285 -17.73 -36.61 -43.09
N ILE F 286 -18.94 -37.07 -42.73
CA ILE F 286 -19.15 -38.50 -42.58
C ILE F 286 -19.10 -39.20 -43.94
N GLU F 287 -19.71 -38.60 -44.96
CA GLU F 287 -19.65 -39.17 -46.30
C GLU F 287 -18.22 -39.18 -46.83
N ALA F 288 -17.46 -38.11 -46.54
CA ALA F 288 -16.10 -38.01 -47.04
C ALA F 288 -15.19 -39.12 -46.56
N GLY F 289 -15.58 -39.84 -45.49
CA GLY F 289 -14.82 -40.99 -45.04
C GLY F 289 -14.60 -41.02 -43.54
N ALA F 290 -15.09 -40.01 -42.83
CA ALA F 290 -14.92 -39.95 -41.39
C ALA F 290 -15.99 -40.75 -40.67
N SER F 291 -15.60 -41.42 -39.59
CA SER F 291 -16.55 -42.11 -38.72
C SER F 291 -16.91 -41.30 -37.48
N ILE F 292 -16.05 -40.36 -37.08
CA ILE F 292 -16.32 -39.46 -35.97
C ILE F 292 -16.01 -38.04 -36.43
N VAL F 293 -16.90 -37.10 -36.07
CA VAL F 293 -16.75 -35.69 -36.44
C VAL F 293 -16.43 -34.90 -35.18
N LYS F 294 -15.34 -34.14 -35.22
CA LYS F 294 -14.92 -33.32 -34.09
C LYS F 294 -15.64 -31.97 -34.16
N VAL F 295 -16.30 -31.61 -33.07
CA VAL F 295 -17.18 -30.44 -33.03
C VAL F 295 -16.57 -29.39 -32.12
N GLY F 296 -16.50 -28.15 -32.60
CA GLY F 296 -16.01 -27.05 -31.80
C GLY F 296 -15.36 -25.96 -32.62
N VAL F 297 -16.05 -24.83 -32.77
CA VAL F 297 -15.53 -23.67 -33.49
C VAL F 297 -15.86 -22.44 -32.66
N GLY F 298 -14.84 -21.78 -32.11
CA GLY F 298 -15.01 -20.61 -31.28
C GLY F 298 -16.08 -20.75 -30.22
N PRO F 299 -15.88 -21.68 -29.27
CA PRO F 299 -16.90 -21.87 -28.22
C PRO F 299 -16.96 -20.69 -27.24
N GLY F 300 -15.87 -19.96 -27.07
CA GLY F 300 -15.85 -18.82 -26.18
C GLY F 300 -16.36 -17.57 -26.85
N ALA F 301 -17.32 -16.91 -26.20
CA ALA F 301 -17.91 -15.69 -26.76
C ALA F 301 -16.87 -14.60 -26.91
N MET F 302 -15.88 -14.54 -26.00
CA MET F 302 -14.85 -13.52 -26.03
C MET F 302 -13.46 -14.10 -26.28
N CYS F 303 -13.38 -15.27 -26.92
CA CYS F 303 -12.10 -15.87 -27.25
C CYS F 303 -11.55 -15.27 -28.54
N THR F 304 -10.36 -15.73 -28.94
CA THR F 304 -9.66 -15.10 -30.06
C THR F 304 -10.37 -15.35 -31.39
N THR F 305 -10.86 -16.58 -31.61
CA THR F 305 -11.54 -16.89 -32.87
C THR F 305 -12.81 -16.06 -33.02
N ARG F 306 -13.64 -16.04 -31.97
CA ARG F 306 -14.87 -15.26 -32.02
C ARG F 306 -14.59 -13.77 -32.14
N MET F 307 -13.50 -13.29 -31.52
CA MET F 307 -13.25 -11.85 -31.53
C MET F 307 -12.61 -11.36 -32.82
N MET F 308 -11.89 -12.20 -33.55
CA MET F 308 -11.28 -11.74 -34.79
C MET F 308 -12.24 -11.83 -35.98
N THR F 309 -13.19 -12.77 -35.95
CA THR F 309 -14.07 -13.01 -37.09
C THR F 309 -15.54 -12.92 -36.77
N GLY F 310 -15.93 -13.02 -35.50
CA GLY F 310 -17.34 -13.16 -35.18
C GLY F 310 -17.91 -14.53 -35.47
N VAL F 311 -17.09 -15.46 -35.95
CA VAL F 311 -17.53 -16.79 -36.35
C VAL F 311 -17.43 -17.72 -35.16
N GLY F 312 -18.46 -18.53 -34.96
CA GLY F 312 -18.50 -19.48 -33.87
C GLY F 312 -19.93 -19.88 -33.57
N ARG F 313 -20.07 -20.64 -32.50
CA ARG F 313 -21.38 -21.09 -32.04
C ARG F 313 -21.25 -21.69 -30.65
N PRO F 314 -22.15 -21.34 -29.73
CA PRO F 314 -22.16 -21.99 -28.42
C PRO F 314 -22.04 -23.50 -28.54
N GLN F 315 -21.15 -24.08 -27.73
CA GLN F 315 -20.72 -25.45 -27.95
C GLN F 315 -21.87 -26.44 -27.73
N PHE F 316 -22.70 -26.20 -26.72
CA PHE F 316 -23.76 -27.16 -26.40
C PHE F 316 -24.76 -27.28 -27.56
N SER F 317 -25.21 -26.14 -28.09
CA SER F 317 -26.10 -26.18 -29.25
C SER F 317 -25.41 -26.78 -30.47
N ALA F 318 -24.09 -26.58 -30.59
CA ALA F 318 -23.34 -27.21 -31.67
C ALA F 318 -23.33 -28.72 -31.52
N VAL F 319 -23.15 -29.21 -30.30
CA VAL F 319 -23.05 -30.66 -30.08
C VAL F 319 -24.40 -31.33 -30.32
N VAL F 320 -25.48 -30.77 -29.76
CA VAL F 320 -26.79 -31.40 -29.89
C VAL F 320 -27.20 -31.51 -31.35
N GLU F 321 -26.89 -30.49 -32.16
CA GLU F 321 -27.23 -30.53 -33.57
C GLU F 321 -26.33 -31.52 -34.32
N CYS F 322 -25.03 -31.53 -34.01
CA CYS F 322 -24.12 -32.43 -34.69
C CYS F 322 -24.32 -33.87 -34.25
N ALA F 323 -24.64 -34.10 -32.97
CA ALA F 323 -24.86 -35.45 -32.49
C ALA F 323 -26.08 -36.08 -33.14
N ALA F 324 -27.14 -35.31 -33.35
CA ALA F 324 -28.32 -35.85 -34.01
C ALA F 324 -28.03 -36.16 -35.48
N ALA F 325 -27.26 -35.30 -36.15
CA ALA F 325 -26.92 -35.54 -37.55
C ALA F 325 -26.02 -36.77 -37.70
N ALA F 326 -25.00 -36.88 -36.84
CA ALA F 326 -24.10 -38.03 -36.91
C ALA F 326 -24.79 -39.32 -36.50
N ARG F 327 -25.75 -39.24 -35.56
CA ARG F 327 -26.47 -40.43 -35.13
C ARG F 327 -27.32 -41.00 -36.26
N GLN F 328 -27.97 -40.13 -37.04
CA GLN F 328 -28.80 -40.59 -38.15
C GLN F 328 -27.97 -41.25 -39.25
N LEU F 329 -26.67 -40.95 -39.33
CA LEU F 329 -25.78 -41.56 -40.30
C LEU F 329 -24.86 -42.60 -39.68
N GLY F 330 -25.11 -42.99 -38.43
CA GLY F 330 -24.25 -43.95 -37.78
C GLY F 330 -22.88 -43.44 -37.40
N GLY F 331 -22.72 -42.13 -37.29
CA GLY F 331 -21.46 -41.53 -36.90
C GLY F 331 -21.43 -41.12 -35.44
N HIS F 332 -20.31 -40.52 -35.05
CA HIS F 332 -20.09 -40.08 -33.69
C HIS F 332 -19.51 -38.66 -33.70
N VAL F 333 -19.55 -38.02 -32.54
CA VAL F 333 -19.08 -36.64 -32.41
C VAL F 333 -18.25 -36.50 -31.14
N TRP F 334 -17.17 -35.73 -31.23
CA TRP F 334 -16.33 -35.38 -30.09
C TRP F 334 -16.57 -33.92 -29.72
N ALA F 335 -16.79 -33.67 -28.43
CA ALA F 335 -16.97 -32.31 -27.93
C ALA F 335 -15.60 -31.69 -27.67
N ASP F 336 -15.21 -30.73 -28.52
CA ASP F 336 -13.89 -30.12 -28.47
C ASP F 336 -14.04 -28.63 -28.18
N GLY F 337 -13.63 -28.22 -26.98
CA GLY F 337 -13.60 -26.80 -26.65
C GLY F 337 -14.50 -26.41 -25.51
N GLY F 338 -14.05 -25.44 -24.71
CA GLY F 338 -14.84 -24.90 -23.62
C GLY F 338 -14.92 -25.77 -22.39
N VAL F 339 -14.20 -26.89 -22.34
CA VAL F 339 -14.27 -27.80 -21.20
C VAL F 339 -13.44 -27.22 -20.07
N ARG F 340 -14.11 -26.83 -18.98
CA ARG F 340 -13.44 -26.28 -17.81
C ARG F 340 -13.87 -26.91 -16.50
N HIS F 341 -14.97 -27.64 -16.46
CA HIS F 341 -15.48 -28.27 -15.26
C HIS F 341 -16.04 -29.63 -15.62
N PRO F 342 -16.14 -30.55 -14.66
CA PRO F 342 -16.81 -31.83 -14.94
C PRO F 342 -18.23 -31.67 -15.45
N ARG F 343 -18.90 -30.58 -15.07
CA ARG F 343 -20.23 -30.30 -15.64
C ARG F 343 -20.17 -30.21 -17.16
N ASP F 344 -19.10 -29.61 -17.69
CA ASP F 344 -18.96 -29.48 -19.14
C ASP F 344 -18.87 -30.85 -19.80
N VAL F 345 -18.21 -31.81 -19.14
CA VAL F 345 -18.12 -33.16 -19.69
C VAL F 345 -19.48 -33.84 -19.68
N ALA F 346 -20.18 -33.75 -18.56
CA ALA F 346 -21.47 -34.42 -18.43
C ALA F 346 -22.50 -33.84 -19.40
N LEU F 347 -22.53 -32.51 -19.53
CA LEU F 347 -23.48 -31.89 -20.44
C LEU F 347 -23.14 -32.19 -21.89
N ALA F 348 -21.85 -32.30 -22.23
CA ALA F 348 -21.47 -32.69 -23.58
C ALA F 348 -21.92 -34.12 -23.89
N LEU F 349 -21.79 -35.02 -22.92
CA LEU F 349 -22.26 -36.39 -23.12
C LEU F 349 -23.78 -36.45 -23.18
N ALA F 350 -24.46 -35.73 -22.28
CA ALA F 350 -25.91 -35.62 -22.35
C ALA F 350 -26.36 -34.99 -23.65
N ALA F 351 -25.54 -34.09 -24.21
CA ALA F 351 -25.86 -33.47 -25.49
C ALA F 351 -25.81 -34.46 -26.65
N GLY F 352 -25.17 -35.60 -26.47
CA GLY F 352 -25.09 -36.61 -27.50
C GLY F 352 -23.70 -36.96 -27.98
N ALA F 353 -22.66 -36.29 -27.50
CA ALA F 353 -21.30 -36.62 -27.91
C ALA F 353 -20.87 -37.96 -27.34
N SER F 354 -20.14 -38.73 -28.14
CA SER F 354 -19.60 -40.01 -27.68
C SER F 354 -18.32 -39.85 -26.90
N ASN F 355 -17.64 -38.71 -27.04
CA ASN F 355 -16.41 -38.43 -26.32
C ASN F 355 -16.30 -36.93 -26.13
N VAL F 356 -15.60 -36.54 -25.07
CA VAL F 356 -15.37 -35.13 -24.75
C VAL F 356 -13.87 -34.89 -24.83
N MET F 357 -13.46 -33.97 -25.69
CA MET F 357 -12.05 -33.66 -25.85
C MET F 357 -11.70 -32.53 -24.90
N ILE F 358 -10.78 -32.80 -23.97
CA ILE F 358 -10.33 -31.83 -23.00
C ILE F 358 -8.88 -31.50 -23.34
N GLY F 359 -8.63 -30.25 -23.67
CA GLY F 359 -7.34 -29.90 -24.24
C GLY F 359 -6.44 -29.13 -23.30
N SER F 360 -6.65 -27.82 -23.22
CA SER F 360 -5.81 -26.97 -22.39
C SER F 360 -5.84 -27.42 -20.94
N TRP F 361 -7.04 -27.58 -20.38
CA TRP F 361 -7.26 -27.84 -18.96
C TRP F 361 -6.24 -28.81 -18.36
N PHE F 362 -5.79 -29.78 -19.16
CA PHE F 362 -4.76 -30.72 -18.73
C PHE F 362 -3.35 -30.19 -18.90
N ALA F 363 -3.17 -28.93 -19.32
CA ALA F 363 -1.82 -28.36 -19.36
C ALA F 363 -1.32 -28.02 -17.96
N GLY F 364 -2.22 -27.65 -17.05
CA GLY F 364 -1.81 -27.34 -15.70
C GLY F 364 -1.73 -28.57 -14.82
N THR F 365 -0.95 -29.56 -15.25
CA THR F 365 -0.72 -30.77 -14.49
C THR F 365 0.77 -31.09 -14.47
N TYR F 366 1.15 -32.02 -13.59
CA TYR F 366 2.53 -32.52 -13.57
C TYR F 366 2.89 -33.22 -14.87
N GLU F 367 1.93 -33.89 -15.51
CA GLU F 367 2.20 -34.73 -16.68
C GLU F 367 2.29 -33.95 -17.97
N SER F 368 1.92 -32.66 -17.98
CA SER F 368 2.02 -31.87 -19.19
C SER F 368 3.49 -31.59 -19.53
N PRO F 369 3.80 -31.39 -20.82
CA PRO F 369 5.21 -31.22 -21.20
C PRO F 369 5.84 -29.93 -20.70
N GLY F 370 5.05 -28.89 -20.43
CA GLY F 370 5.61 -27.61 -20.03
C GLY F 370 6.26 -27.65 -18.67
N ASP F 371 7.05 -26.62 -18.39
CA ASP F 371 7.72 -26.48 -17.10
C ASP F 371 6.77 -25.85 -16.09
N LEU F 372 6.96 -26.25 -14.82
CA LEU F 372 6.17 -25.69 -13.73
C LEU F 372 6.76 -24.34 -13.30
N LEU F 373 5.91 -23.33 -13.20
CA LEU F 373 6.31 -22.01 -12.77
C LEU F 373 5.41 -21.56 -11.62
N PHE F 374 5.89 -20.57 -10.87
CA PHE F 374 5.16 -20.03 -9.73
C PHE F 374 4.98 -18.53 -9.93
N ASP F 375 3.75 -18.06 -9.70
CA ASP F 375 3.40 -16.66 -9.97
C ASP F 375 3.87 -15.78 -8.81
N ARG F 376 3.38 -14.53 -8.78
CA ARG F 376 3.77 -13.60 -7.73
C ARG F 376 3.26 -14.01 -6.36
N ASP F 377 2.26 -14.90 -6.30
CA ASP F 377 1.74 -15.44 -5.06
C ASP F 377 2.37 -16.78 -4.72
N ASP F 378 3.39 -17.20 -5.47
CA ASP F 378 4.08 -18.48 -5.29
C ASP F 378 3.17 -19.67 -5.59
N ARG F 379 2.10 -19.45 -6.34
CA ARG F 379 1.18 -20.53 -6.71
C ARG F 379 1.66 -21.20 -8.00
N PRO F 380 1.71 -22.52 -8.05
CA PRO F 380 2.23 -23.20 -9.24
C PRO F 380 1.26 -23.16 -10.40
N TYR F 381 1.82 -23.09 -11.60
CA TYR F 381 1.03 -23.12 -12.82
C TYR F 381 1.91 -23.50 -14.00
N LYS F 382 1.26 -23.78 -15.13
CA LYS F 382 1.94 -23.96 -16.40
C LYS F 382 1.20 -23.19 -17.48
N GLU F 383 1.92 -22.85 -18.55
CA GLU F 383 1.38 -22.02 -19.61
C GLU F 383 0.78 -22.88 -20.72
N SER F 384 -0.49 -22.65 -21.02
CA SER F 384 -1.13 -23.22 -22.20
C SER F 384 -0.99 -22.27 -23.39
N TYR F 385 -1.03 -22.84 -24.59
CA TYR F 385 -0.99 -22.05 -25.80
C TYR F 385 -1.59 -22.84 -26.96
N GLY F 386 -2.16 -22.11 -27.94
CA GLY F 386 -2.80 -22.75 -29.07
C GLY F 386 -1.85 -23.11 -30.18
N MET F 387 -2.33 -23.96 -31.08
CA MET F 387 -1.54 -24.39 -32.23
C MET F 387 -1.46 -23.32 -33.32
N ALA F 388 -2.33 -22.31 -33.29
CA ALA F 388 -2.26 -21.13 -34.15
C ALA F 388 -2.22 -21.57 -35.62
N SER F 389 -1.18 -21.27 -36.39
CA SER F 389 -1.25 -21.55 -37.83
C SER F 389 -1.21 -23.01 -38.16
N LYS F 390 -0.77 -23.89 -37.26
CA LYS F 390 -0.75 -25.32 -37.52
C LYS F 390 -2.15 -25.92 -37.64
N ARG F 391 -3.18 -25.14 -37.34
CA ARG F 391 -4.57 -25.50 -37.60
C ARG F 391 -5.14 -24.77 -38.80
N ALA F 392 -4.32 -23.97 -39.51
CA ALA F 392 -4.79 -23.13 -40.59
C ALA F 392 -4.34 -23.69 -41.94
N VAL F 393 -5.11 -23.35 -42.98
CA VAL F 393 -4.77 -23.77 -44.33
C VAL F 393 -3.57 -22.98 -44.83
N ALA F 394 -2.61 -23.67 -45.43
CA ALA F 394 -1.42 -23.02 -45.97
C ALA F 394 -1.22 -23.38 -47.44
N SER F 401 9.54 -17.21 -51.39
CA SER F 401 10.52 -16.17 -51.07
C SER F 401 10.26 -15.60 -49.68
N SER F 402 11.23 -14.83 -49.17
CA SER F 402 11.05 -14.17 -47.88
C SER F 402 9.91 -13.17 -47.92
N PHE F 403 9.66 -12.56 -49.08
CA PHE F 403 8.52 -11.68 -49.23
C PHE F 403 7.22 -12.42 -48.96
N ASP F 404 7.04 -13.58 -49.59
CA ASP F 404 5.84 -14.38 -49.35
C ASP F 404 5.76 -14.85 -47.91
N ARG F 405 6.88 -15.30 -47.34
CA ARG F 405 6.89 -15.78 -45.97
C ARG F 405 6.43 -14.70 -45.00
N ALA F 406 7.01 -13.50 -45.12
CA ALA F 406 6.63 -12.40 -44.23
C ALA F 406 5.21 -11.92 -44.50
N ARG F 407 4.71 -12.05 -45.73
CA ARG F 407 3.31 -11.76 -46.00
C ARG F 407 2.39 -12.61 -45.13
N LYS F 408 2.61 -13.93 -45.13
CA LYS F 408 1.74 -14.83 -44.38
C LYS F 408 1.85 -14.56 -42.88
N GLY F 409 3.05 -14.26 -42.39
CA GLY F 409 3.22 -13.97 -40.98
C GLY F 409 2.51 -12.71 -40.53
N LEU F 410 2.43 -11.71 -41.41
CA LEU F 410 1.75 -10.45 -41.07
C LEU F 410 0.29 -10.70 -40.72
N PHE F 411 -0.40 -11.51 -41.50
CA PHE F 411 -1.81 -11.82 -41.25
C PHE F 411 -2.00 -13.11 -40.45
N GLU F 412 -0.91 -13.73 -39.98
CA GLU F 412 -1.01 -14.99 -39.27
C GLU F 412 -1.71 -14.81 -37.92
N GLU F 413 -2.34 -15.89 -37.45
CA GLU F 413 -2.94 -15.91 -36.13
C GLU F 413 -1.85 -16.08 -35.07
N GLY F 414 -1.79 -15.17 -34.11
CA GLY F 414 -0.79 -15.26 -33.07
C GLY F 414 -1.10 -16.35 -32.06
N ILE F 415 -0.08 -16.72 -31.29
CA ILE F 415 -0.21 -17.71 -30.25
C ILE F 415 -0.65 -17.02 -28.97
N SER F 416 -1.82 -17.41 -28.46
CA SER F 416 -2.35 -16.87 -27.22
C SER F 416 -1.94 -17.76 -26.04
N THR F 417 -1.46 -17.13 -24.97
CA THR F 417 -0.97 -17.82 -23.80
C THR F 417 -1.90 -17.58 -22.62
N SER F 418 -2.18 -18.64 -21.85
CA SER F 418 -3.05 -18.55 -20.70
C SER F 418 -2.42 -19.29 -19.53
N ARG F 419 -2.54 -18.71 -18.34
CA ARG F 419 -1.97 -19.29 -17.14
C ARG F 419 -2.92 -20.33 -16.56
N MET F 420 -2.41 -21.55 -16.36
CA MET F 420 -3.20 -22.67 -15.87
C MET F 420 -2.69 -23.06 -14.47
N SER F 421 -3.39 -22.64 -13.42
CA SER F 421 -2.93 -22.89 -12.06
C SER F 421 -3.06 -24.38 -11.71
N LEU F 422 -2.08 -24.89 -10.97
CA LEU F 422 -2.13 -26.26 -10.48
C LEU F 422 -2.93 -26.35 -9.18
N ASP F 423 -3.79 -27.35 -9.10
CA ASP F 423 -4.49 -27.61 -7.85
C ASP F 423 -3.50 -28.18 -6.84
N PRO F 424 -3.35 -27.58 -5.66
CA PRO F 424 -2.41 -28.13 -4.68
C PRO F 424 -2.78 -29.52 -4.20
N ALA F 425 -4.05 -29.91 -4.30
CA ALA F 425 -4.48 -31.25 -3.95
C ALA F 425 -4.77 -32.13 -5.17
N ARG F 426 -4.90 -31.52 -6.35
CA ARG F 426 -5.14 -32.24 -7.60
C ARG F 426 -4.13 -31.82 -8.66
N GLY F 427 -2.84 -31.89 -8.29
CA GLY F 427 -1.80 -31.46 -9.22
C GLY F 427 -1.65 -32.36 -10.43
N GLY F 428 -2.00 -33.63 -10.29
CA GLY F 428 -1.90 -34.55 -11.40
C GLY F 428 -3.19 -34.67 -12.19
N VAL F 429 -3.05 -35.06 -13.46
CA VAL F 429 -4.23 -35.24 -14.30
C VAL F 429 -5.07 -36.40 -13.80
N GLU F 430 -4.44 -37.40 -13.18
CA GLU F 430 -5.21 -38.52 -12.62
C GLU F 430 -6.19 -38.03 -11.55
N ASP F 431 -5.80 -37.00 -10.79
CA ASP F 431 -6.75 -36.38 -9.87
C ASP F 431 -7.83 -35.63 -10.62
N LEU F 432 -7.48 -35.00 -11.74
CA LEU F 432 -8.49 -34.39 -12.59
C LEU F 432 -9.40 -35.45 -13.21
N LEU F 433 -8.84 -36.58 -13.62
CA LEU F 433 -9.66 -37.67 -14.13
C LEU F 433 -10.63 -38.16 -13.06
N ASP F 434 -10.20 -38.17 -11.81
CA ASP F 434 -11.13 -38.44 -10.70
C ASP F 434 -12.21 -37.38 -10.64
N HIS F 435 -11.83 -36.11 -10.75
CA HIS F 435 -12.79 -35.01 -10.65
C HIS F 435 -13.84 -35.09 -11.76
N ILE F 436 -13.40 -35.34 -13.00
CA ILE F 436 -14.33 -35.39 -14.13
C ILE F 436 -15.23 -36.61 -14.02
N THR F 437 -14.63 -37.79 -13.81
CA THR F 437 -15.41 -39.03 -13.86
C THR F 437 -16.36 -39.15 -12.67
N SER F 438 -15.97 -38.64 -11.50
CA SER F 438 -16.88 -38.65 -10.35
C SER F 438 -18.14 -37.86 -10.64
N GLY F 439 -17.98 -36.69 -11.26
CA GLY F 439 -19.15 -35.89 -11.61
C GLY F 439 -20.02 -36.53 -12.68
N VAL F 440 -19.38 -37.08 -13.72
CA VAL F 440 -20.13 -37.73 -14.79
C VAL F 440 -20.86 -38.96 -14.24
N ARG F 441 -20.18 -39.75 -13.41
CA ARG F 441 -20.83 -40.90 -12.79
C ARG F 441 -21.97 -40.46 -11.87
N SER F 442 -21.76 -39.37 -11.13
CA SER F 442 -22.83 -38.84 -10.29
C SER F 442 -23.98 -38.32 -11.16
N THR F 443 -23.66 -37.71 -12.30
CA THR F 443 -24.70 -37.27 -13.22
C THR F 443 -25.59 -38.42 -13.64
N CYS F 444 -24.98 -39.56 -13.99
CA CYS F 444 -25.76 -40.73 -14.42
C CYS F 444 -26.67 -41.23 -13.30
N THR F 445 -26.24 -41.10 -12.04
CA THR F 445 -27.11 -41.48 -10.94
C THR F 445 -28.34 -40.58 -10.85
N TYR F 446 -28.17 -39.28 -11.11
CA TYR F 446 -29.30 -38.36 -11.03
C TYR F 446 -30.31 -38.60 -12.15
N VAL F 447 -29.83 -38.91 -13.35
CA VAL F 447 -30.74 -39.16 -14.46
C VAL F 447 -31.27 -40.59 -14.41
N GLY F 448 -30.47 -41.53 -13.91
CA GLY F 448 -30.84 -42.92 -13.90
C GLY F 448 -30.28 -43.74 -15.03
N ALA F 449 -29.11 -43.38 -15.57
CA ALA F 449 -28.51 -44.08 -16.69
C ALA F 449 -27.38 -44.98 -16.19
N ALA F 450 -27.30 -46.18 -16.77
CA ALA F 450 -26.26 -47.14 -16.42
C ALA F 450 -25.02 -47.02 -17.28
N ASN F 451 -25.06 -46.23 -18.35
CA ASN F 451 -23.90 -46.02 -19.21
C ASN F 451 -24.11 -44.73 -19.99
N LEU F 452 -23.19 -44.43 -20.90
CA LEU F 452 -23.21 -43.22 -21.70
C LEU F 452 -24.35 -43.22 -22.74
N PRO F 453 -24.59 -44.33 -23.46
CA PRO F 453 -25.74 -44.32 -24.39
C PRO F 453 -27.07 -44.05 -23.71
N GLU F 454 -27.28 -44.59 -22.51
CA GLU F 454 -28.50 -44.28 -21.78
C GLU F 454 -28.53 -42.83 -21.31
N LEU F 455 -27.37 -42.27 -20.96
CA LEU F 455 -27.31 -40.88 -20.52
C LEU F 455 -27.93 -39.94 -21.55
N HIS F 456 -27.55 -40.10 -22.82
CA HIS F 456 -28.15 -39.30 -23.88
C HIS F 456 -29.63 -39.61 -24.07
N GLU F 457 -30.04 -40.83 -23.72
CA GLU F 457 -31.42 -41.24 -23.98
C GLU F 457 -32.37 -40.80 -22.88
N LYS F 458 -31.92 -40.76 -21.63
CA LYS F 458 -32.80 -40.52 -20.50
C LYS F 458 -32.68 -39.11 -19.92
N VAL F 459 -31.73 -38.31 -20.39
CA VAL F 459 -31.48 -37.00 -19.78
C VAL F 459 -32.62 -36.05 -20.12
N VAL F 460 -33.01 -35.24 -19.13
CA VAL F 460 -33.97 -34.16 -19.32
C VAL F 460 -33.27 -32.86 -18.93
N LEU F 461 -33.22 -31.92 -19.87
CA LEU F 461 -32.43 -30.69 -19.70
C LEU F 461 -33.35 -29.48 -19.74
N GLY F 462 -32.94 -28.43 -19.02
CA GLY F 462 -33.69 -27.20 -18.97
C GLY F 462 -32.79 -26.00 -19.18
N VAL F 463 -33.42 -24.86 -19.43
CA VAL F 463 -32.73 -23.60 -19.70
C VAL F 463 -32.89 -22.69 -18.49
N GLN F 464 -31.81 -22.00 -18.12
CA GLN F 464 -31.79 -21.08 -17.01
C GLN F 464 -31.41 -19.68 -17.49
N SER F 465 -31.79 -18.68 -16.69
CA SER F 465 -31.54 -17.29 -17.03
C SER F 465 -30.14 -16.87 -16.59
N ALA F 466 -29.82 -15.59 -16.79
CA ALA F 466 -28.52 -15.05 -16.40
C ALA F 466 -28.33 -15.00 -14.90
N ALA F 467 -29.41 -15.13 -14.12
CA ALA F 467 -29.31 -15.11 -12.66
C ALA F 467 -28.41 -16.21 -12.14
N VAL G 2 -49.88 -20.32 -8.64
CA VAL G 2 -49.26 -19.05 -9.01
C VAL G 2 -49.88 -18.52 -10.29
N ARG G 3 -49.98 -17.20 -10.39
CA ARG G 3 -50.50 -16.52 -11.57
C ARG G 3 -49.45 -15.55 -12.08
N PHE G 4 -49.18 -15.60 -13.38
CA PHE G 4 -48.19 -14.74 -14.01
C PHE G 4 -48.87 -13.62 -14.79
N LEU G 5 -48.18 -12.49 -14.90
CA LEU G 5 -48.67 -11.40 -15.75
C LEU G 5 -48.79 -11.86 -17.19
N ASP G 6 -49.73 -11.27 -17.91
CA ASP G 6 -49.96 -11.64 -19.30
C ASP G 6 -48.69 -11.48 -20.13
N GLY G 7 -48.34 -12.54 -20.85
CA GLY G 7 -47.14 -12.56 -21.66
C GLY G 7 -45.88 -13.02 -20.96
N HIS G 8 -45.94 -13.25 -19.65
CA HIS G 8 -44.76 -13.65 -18.88
C HIS G 8 -44.65 -15.17 -18.86
N THR G 9 -44.38 -15.73 -20.03
CA THR G 9 -44.14 -17.16 -20.22
C THR G 9 -42.74 -17.30 -20.83
N PRO G 10 -41.71 -17.22 -20.00
CA PRO G 10 -40.34 -17.28 -20.53
C PRO G 10 -39.98 -18.68 -21.01
N ALA G 11 -38.96 -18.73 -21.88
CA ALA G 11 -38.42 -19.99 -22.38
C ALA G 11 -37.37 -20.59 -21.45
N TYR G 12 -37.53 -20.40 -20.14
CA TYR G 12 -36.56 -20.90 -19.17
C TYR G 12 -37.25 -20.96 -17.81
N ASP G 13 -36.58 -21.63 -16.87
CA ASP G 13 -37.09 -21.72 -15.50
C ASP G 13 -36.55 -20.56 -14.67
N LEU G 14 -37.19 -20.34 -13.53
CA LEU G 14 -37.03 -19.11 -12.76
C LEU G 14 -36.33 -19.38 -11.44
N THR G 15 -35.37 -18.51 -11.09
CA THR G 15 -34.78 -18.47 -9.77
C THR G 15 -35.56 -17.47 -8.91
N TYR G 16 -35.13 -17.30 -7.66
CA TYR G 16 -35.72 -16.28 -6.81
C TYR G 16 -35.39 -14.87 -7.30
N ASN G 17 -34.29 -14.71 -8.03
CA ASN G 17 -33.93 -13.41 -8.61
C ASN G 17 -34.68 -13.09 -9.88
N ASP G 18 -35.45 -14.03 -10.43
CA ASP G 18 -36.12 -13.83 -11.71
C ASP G 18 -37.54 -13.31 -11.60
N VAL G 19 -38.16 -13.40 -10.42
CA VAL G 19 -39.58 -13.13 -10.28
C VAL G 19 -39.81 -12.06 -9.23
N PHE G 20 -40.98 -11.42 -9.31
CA PHE G 20 -41.40 -10.38 -8.38
C PHE G 20 -42.91 -10.50 -8.16
N VAL G 21 -43.38 -9.85 -7.10
CA VAL G 21 -44.80 -9.83 -6.74
C VAL G 21 -45.34 -8.43 -7.03
N VAL G 22 -46.37 -8.35 -7.86
CA VAL G 22 -47.08 -7.10 -8.10
C VAL G 22 -48.14 -6.95 -7.02
N PRO G 23 -48.24 -5.78 -6.37
CA PRO G 23 -49.24 -5.61 -5.32
C PRO G 23 -50.66 -5.81 -5.83
N GLY G 24 -51.51 -6.36 -4.96
CA GLY G 24 -52.92 -6.56 -5.24
C GLY G 24 -53.78 -5.88 -4.20
N ARG G 25 -55.09 -6.02 -4.40
CA ARG G 25 -56.05 -5.41 -3.48
C ARG G 25 -55.90 -6.02 -2.10
N SER G 26 -55.91 -5.17 -1.07
CA SER G 26 -55.62 -5.60 0.29
C SER G 26 -56.57 -4.96 1.28
N ASP G 27 -57.12 -5.77 2.18
CA ASP G 27 -57.86 -5.28 3.33
C ASP G 27 -57.16 -5.60 4.65
N VAL G 28 -55.92 -6.08 4.58
CA VAL G 28 -55.13 -6.40 5.77
C VAL G 28 -54.14 -5.25 5.96
N ALA G 29 -54.45 -4.36 6.90
CA ALA G 29 -53.64 -3.16 7.09
C ALA G 29 -52.31 -3.48 7.77
N SER G 30 -52.37 -4.12 8.94
CA SER G 30 -51.20 -4.33 9.77
C SER G 30 -50.58 -5.70 9.51
N ARG G 31 -49.25 -5.76 9.64
CA ARG G 31 -48.54 -7.03 9.54
C ARG G 31 -49.02 -8.04 10.57
N PHE G 32 -49.49 -7.56 11.74
CA PHE G 32 -49.91 -8.46 12.80
C PHE G 32 -51.22 -9.16 12.50
N ASP G 33 -51.97 -8.70 11.51
CA ASP G 33 -53.20 -9.38 11.11
C ASP G 33 -52.93 -10.64 10.29
N VAL G 34 -51.68 -10.88 9.92
CA VAL G 34 -51.31 -12.04 9.11
C VAL G 34 -51.07 -13.23 10.02
N ASP G 35 -51.65 -14.38 9.66
CA ASP G 35 -51.45 -15.63 10.37
C ASP G 35 -50.43 -16.46 9.59
N LEU G 36 -49.23 -16.60 10.15
CA LEU G 36 -48.15 -17.32 9.49
C LEU G 36 -48.20 -18.82 9.78
N SER G 37 -49.29 -19.32 10.34
CA SER G 37 -49.38 -20.73 10.70
C SER G 37 -49.38 -21.61 9.46
N THR G 38 -48.80 -22.79 9.60
CA THR G 38 -48.70 -23.76 8.51
C THR G 38 -49.74 -24.87 8.70
N VAL G 39 -50.06 -25.53 7.60
CA VAL G 39 -51.12 -26.53 7.58
C VAL G 39 -50.61 -27.84 7.00
N ASP G 40 -49.30 -28.06 7.08
CA ASP G 40 -48.69 -29.26 6.50
C ASP G 40 -48.50 -30.38 7.52
N GLY G 41 -48.98 -30.21 8.75
CA GLY G 41 -48.83 -31.20 9.78
C GLY G 41 -47.56 -31.09 10.60
N SER G 42 -46.65 -30.16 10.26
CA SER G 42 -45.45 -29.97 11.03
C SER G 42 -45.72 -29.33 12.39
N GLY G 43 -46.84 -28.62 12.53
CA GLY G 43 -47.17 -27.96 13.78
C GLY G 43 -46.56 -26.60 13.98
N THR G 44 -45.86 -26.06 12.97
CA THR G 44 -45.24 -24.76 13.09
C THR G 44 -46.24 -23.65 12.79
N THR G 45 -46.12 -22.54 13.53
CA THR G 45 -46.88 -21.32 13.27
C THR G 45 -46.10 -20.31 12.45
N ILE G 46 -44.91 -20.67 12.00
CA ILE G 46 -44.06 -19.84 11.14
C ILE G 46 -43.60 -20.68 9.95
N PRO G 47 -43.27 -20.05 8.78
CA PRO G 47 -42.90 -20.80 7.57
C PRO G 47 -41.40 -20.96 7.35
N VAL G 48 -40.69 -21.33 8.39
CA VAL G 48 -39.24 -21.53 8.34
C VAL G 48 -38.89 -22.80 9.11
N VAL G 49 -38.13 -23.69 8.47
CA VAL G 49 -37.61 -24.90 9.10
C VAL G 49 -36.08 -24.88 9.02
N VAL G 50 -35.43 -25.28 10.11
CA VAL G 50 -33.97 -25.31 10.15
C VAL G 50 -33.48 -26.62 9.55
N ALA G 51 -32.56 -26.53 8.59
CA ALA G 51 -32.12 -27.69 7.83
C ALA G 51 -31.34 -28.67 8.70
N ASN G 52 -31.30 -29.93 8.26
CA ASN G 52 -30.60 -31.00 8.97
C ASN G 52 -29.12 -30.96 8.64
N MET G 53 -28.42 -30.00 9.24
CA MET G 53 -26.98 -29.88 9.07
C MET G 53 -26.33 -29.62 10.42
N THR G 54 -25.24 -30.34 10.70
CA THR G 54 -24.52 -30.17 11.97
C THR G 54 -23.99 -28.75 12.14
N ALA G 55 -23.88 -27.98 11.06
CA ALA G 55 -23.43 -26.60 11.14
C ALA G 55 -24.49 -25.66 11.69
N VAL G 56 -25.76 -26.09 11.74
CA VAL G 56 -26.83 -25.20 12.14
C VAL G 56 -27.76 -25.89 13.14
N ALA G 57 -27.91 -27.21 13.01
CA ALA G 57 -28.88 -27.96 13.80
C ALA G 57 -28.25 -28.33 15.15
N GLY G 58 -28.15 -27.32 16.02
CA GLY G 58 -27.60 -27.49 17.34
C GLY G 58 -28.68 -27.65 18.41
N ARG G 59 -28.22 -27.77 19.66
CA ARG G 59 -29.13 -27.96 20.78
C ARG G 59 -29.75 -26.63 21.19
N ARG G 60 -28.95 -25.58 21.30
CA ARG G 60 -29.49 -24.25 21.58
C ARG G 60 -30.33 -23.75 20.41
N MET G 61 -30.00 -24.18 19.19
CA MET G 61 -30.79 -23.78 18.03
C MET G 61 -32.18 -24.40 18.09
N ALA G 62 -32.28 -25.65 18.55
CA ALA G 62 -33.58 -26.31 18.62
C ALA G 62 -34.51 -25.60 19.59
N GLU G 63 -34.00 -25.20 20.76
CA GLU G 63 -34.82 -24.50 21.74
C GLU G 63 -35.20 -23.11 21.25
N THR G 64 -34.24 -22.39 20.66
CA THR G 64 -34.47 -20.99 20.32
C THR G 64 -35.51 -20.82 19.22
N VAL G 65 -35.50 -21.70 18.22
CA VAL G 65 -36.41 -21.54 17.09
C VAL G 65 -37.79 -22.09 17.42
N ALA G 66 -37.86 -23.22 18.14
CA ALA G 66 -39.15 -23.79 18.50
C ALA G 66 -39.96 -22.82 19.35
N ARG G 67 -39.29 -22.07 20.23
CA ARG G 67 -40.00 -21.10 21.06
C ARG G 67 -40.65 -20.00 20.23
N ARG G 68 -40.03 -19.61 19.13
CA ARG G 68 -40.60 -18.61 18.22
C ARG G 68 -41.48 -19.22 17.15
N GLY G 69 -41.83 -20.50 17.28
CA GLY G 69 -42.74 -21.15 16.37
C GLY G 69 -42.06 -21.99 15.30
N GLY G 70 -40.74 -21.91 15.19
CA GLY G 70 -40.01 -22.66 14.19
C GLY G 70 -39.79 -24.09 14.61
N ILE G 71 -39.00 -24.78 13.80
CA ILE G 71 -38.68 -26.19 14.05
C ILE G 71 -37.31 -26.48 13.47
N VAL G 72 -36.50 -27.22 14.23
CA VAL G 72 -35.14 -27.58 13.82
C VAL G 72 -35.12 -29.08 13.55
N VAL G 73 -34.48 -29.46 12.45
CA VAL G 73 -34.46 -30.86 12.03
C VAL G 73 -33.19 -31.52 12.56
N LEU G 74 -33.36 -32.60 13.32
CA LEU G 74 -32.22 -33.35 13.85
C LEU G 74 -31.37 -33.85 12.68
N PRO G 75 -30.05 -33.66 12.72
CA PRO G 75 -29.21 -34.10 11.60
C PRO G 75 -29.11 -35.62 11.54
N GLN G 76 -29.07 -36.14 10.32
CA GLN G 76 -29.01 -37.58 10.12
C GLN G 76 -27.68 -38.16 10.63
N ASP G 77 -27.71 -39.47 10.90
CA ASP G 77 -26.56 -40.22 11.40
C ASP G 77 -26.13 -39.80 12.80
N LEU G 78 -26.86 -38.87 13.42
CA LEU G 78 -26.62 -38.56 14.82
C LEU G 78 -26.93 -39.78 15.67
N PRO G 79 -26.05 -40.15 16.61
CA PRO G 79 -26.29 -41.36 17.42
C PRO G 79 -27.62 -41.30 18.15
N ILE G 80 -28.21 -42.49 18.33
CA ILE G 80 -29.53 -42.59 18.95
C ILE G 80 -29.50 -42.04 20.37
N THR G 81 -28.37 -42.17 21.07
CA THR G 81 -28.24 -41.53 22.36
C THR G 81 -28.29 -40.01 22.24
N ALA G 82 -27.57 -39.46 21.26
CA ALA G 82 -27.49 -38.01 21.13
C ALA G 82 -28.84 -37.39 20.74
N VAL G 83 -29.61 -38.07 19.89
CA VAL G 83 -30.95 -37.59 19.57
C VAL G 83 -31.83 -37.57 20.81
N SER G 84 -31.64 -38.55 21.70
CA SER G 84 -32.34 -38.56 22.98
C SER G 84 -31.91 -37.38 23.85
N GLU G 85 -30.60 -37.25 24.08
CA GLU G 85 -30.08 -36.15 24.88
C GLU G 85 -30.58 -34.79 24.41
N THR G 86 -30.83 -34.64 23.10
CA THR G 86 -31.30 -33.36 22.59
C THR G 86 -32.76 -33.13 22.93
N VAL G 87 -33.63 -34.08 22.62
CA VAL G 87 -35.05 -33.90 22.84
C VAL G 87 -35.36 -33.80 24.34
N ASP G 88 -34.58 -34.48 25.17
CA ASP G 88 -34.73 -34.31 26.62
C ASP G 88 -34.49 -32.87 27.02
N PHE G 89 -33.52 -32.21 26.39
CA PHE G 89 -33.28 -30.79 26.65
C PHE G 89 -34.44 -29.95 26.14
N VAL G 90 -34.74 -30.05 24.84
CA VAL G 90 -35.66 -29.10 24.21
C VAL G 90 -37.03 -29.17 24.85
N LYS G 91 -37.56 -30.37 25.07
CA LYS G 91 -38.89 -30.52 25.61
C LYS G 91 -38.98 -30.23 27.10
N SER G 92 -37.87 -29.81 27.72
CA SER G 92 -37.86 -29.44 29.13
C SER G 92 -37.74 -27.94 29.36
N ARG G 93 -37.58 -27.15 28.31
CA ARG G 93 -37.38 -25.71 28.46
C ARG G 93 -38.72 -24.97 28.54
N ASP G 94 -38.69 -23.82 29.18
CA ASP G 94 -39.88 -23.00 29.34
C ASP G 94 -40.32 -22.40 28.00
N LEU G 95 -41.63 -22.26 27.83
CA LEU G 95 -42.17 -21.74 26.58
C LEU G 95 -41.92 -20.24 26.41
N VAL G 96 -41.57 -19.54 27.48
CA VAL G 96 -41.28 -18.10 27.44
C VAL G 96 -39.88 -17.79 27.92
N VAL G 97 -39.44 -18.43 29.00
CA VAL G 97 -38.13 -18.15 29.58
C VAL G 97 -37.06 -18.90 28.81
N ASP G 98 -35.98 -18.21 28.48
CA ASP G 98 -34.90 -18.78 27.69
C ASP G 98 -33.81 -19.34 28.60
N THR G 99 -32.99 -20.22 28.01
CA THR G 99 -31.90 -20.85 28.74
C THR G 99 -30.65 -19.99 28.65
N PRO G 100 -30.12 -19.49 29.76
CA PRO G 100 -28.93 -18.64 29.70
C PRO G 100 -27.63 -19.44 29.80
N VAL G 101 -26.54 -18.79 29.41
CA VAL G 101 -25.22 -19.35 29.64
C VAL G 101 -24.88 -19.22 31.12
N THR G 102 -24.41 -20.30 31.71
CA THR G 102 -24.14 -20.36 33.14
C THR G 102 -22.63 -20.39 33.40
N LEU G 103 -22.23 -19.85 34.55
CA LEU G 103 -20.83 -19.81 34.93
C LEU G 103 -20.71 -20.18 36.41
N SER G 104 -19.59 -20.82 36.73
CA SER G 104 -19.24 -21.09 38.12
C SER G 104 -18.32 -19.98 38.64
N PRO G 105 -18.39 -19.68 39.94
CA PRO G 105 -17.53 -18.62 40.50
C PRO G 105 -16.05 -18.88 40.33
N GLU G 106 -15.64 -20.14 40.11
CA GLU G 106 -14.24 -20.49 39.97
C GLU G 106 -13.79 -20.60 38.51
N ASP G 107 -14.70 -20.35 37.56
CA ASP G 107 -14.33 -20.35 36.16
C ASP G 107 -13.46 -19.14 35.83
N SER G 108 -12.66 -19.26 34.78
CA SER G 108 -11.77 -18.20 34.37
C SER G 108 -12.51 -17.15 33.52
N VAL G 109 -11.95 -15.94 33.51
CA VAL G 109 -12.50 -14.88 32.67
C VAL G 109 -12.34 -15.22 31.20
N SER G 110 -11.24 -15.90 30.84
CA SER G 110 -11.05 -16.31 29.45
C SER G 110 -12.20 -17.18 28.97
N ASP G 111 -12.62 -18.15 29.79
CA ASP G 111 -13.80 -18.94 29.45
C ASP G 111 -15.07 -18.10 29.49
N ALA G 112 -15.21 -17.26 30.51
CA ALA G 112 -16.42 -16.45 30.65
C ALA G 112 -16.64 -15.58 29.42
N ASN G 113 -15.58 -14.99 28.88
CA ASN G 113 -15.70 -14.21 27.66
C ASN G 113 -16.03 -15.10 26.47
N ALA G 114 -15.45 -16.30 26.44
CA ALA G 114 -15.72 -17.22 25.33
C ALA G 114 -17.11 -17.82 25.43
N LEU G 115 -17.51 -18.27 26.62
CA LEU G 115 -18.84 -18.85 26.80
C LEU G 115 -19.95 -17.82 26.67
N LEU G 116 -19.65 -16.53 26.80
CA LEU G 116 -20.69 -15.51 26.78
C LEU G 116 -21.45 -15.53 25.46
N HIS G 117 -20.74 -15.72 24.34
CA HIS G 117 -21.35 -15.64 23.02
C HIS G 117 -22.10 -16.91 22.63
N LYS G 118 -22.50 -17.75 23.59
CA LYS G 118 -23.31 -18.92 23.28
C LYS G 118 -24.78 -18.56 23.09
N ARG G 119 -25.23 -17.43 23.62
CA ARG G 119 -26.60 -16.96 23.48
C ARG G 119 -26.59 -15.49 23.10
N ALA G 120 -27.78 -14.98 22.79
CA ALA G 120 -27.96 -13.58 22.41
C ALA G 120 -28.35 -12.71 23.60
N HIS G 121 -28.11 -13.17 24.82
CA HIS G 121 -28.52 -12.44 26.01
C HIS G 121 -27.53 -11.35 26.41
N GLY G 122 -26.28 -11.45 25.96
CA GLY G 122 -25.27 -10.47 26.32
C GLY G 122 -24.82 -10.51 27.76
N ALA G 123 -25.23 -11.53 28.53
CA ALA G 123 -24.83 -11.64 29.92
C ALA G 123 -24.97 -13.10 30.35
N ALA G 124 -24.10 -13.52 31.25
CA ALA G 124 -24.12 -14.87 31.80
C ALA G 124 -24.50 -14.82 33.28
N VAL G 125 -25.20 -15.86 33.72
CA VAL G 125 -25.67 -15.95 35.10
C VAL G 125 -24.70 -16.83 35.89
N VAL G 126 -24.15 -16.27 36.96
CA VAL G 126 -23.29 -17.04 37.85
C VAL G 126 -24.14 -17.91 38.76
N VAL G 127 -23.86 -19.20 38.78
CA VAL G 127 -24.64 -20.17 39.52
C VAL G 127 -23.76 -20.79 40.60
N PHE G 128 -24.28 -20.84 41.83
CA PHE G 128 -23.63 -21.54 42.94
C PHE G 128 -24.70 -22.41 43.60
N GLU G 129 -24.56 -23.73 43.43
CA GLU G 129 -25.53 -24.70 43.92
C GLU G 129 -26.93 -24.40 43.36
N GLY G 130 -26.98 -24.12 42.05
CA GLY G 130 -28.23 -23.89 41.36
C GLY G 130 -28.84 -22.52 41.54
N ARG G 131 -28.25 -21.65 42.36
CA ARG G 131 -28.87 -20.36 42.62
C ARG G 131 -28.12 -19.24 41.92
N PRO G 132 -28.83 -18.31 41.28
CA PRO G 132 -28.17 -17.17 40.65
C PRO G 132 -27.66 -16.20 41.71
N ILE G 133 -26.40 -15.79 41.58
CA ILE G 133 -25.77 -14.93 42.57
C ILE G 133 -25.12 -13.72 41.93
N GLY G 134 -25.06 -13.70 40.60
CA GLY G 134 -24.43 -12.58 39.92
C GLY G 134 -24.50 -12.74 38.41
N LEU G 135 -24.07 -11.68 37.72
CA LEU G 135 -24.05 -11.63 36.27
C LEU G 135 -22.66 -11.25 35.79
N VAL G 136 -22.29 -11.76 34.61
CA VAL G 136 -21.04 -11.43 33.94
C VAL G 136 -21.35 -10.95 32.54
N THR G 137 -20.82 -9.78 32.18
CA THR G 137 -20.98 -9.22 30.84
C THR G 137 -19.62 -9.13 30.16
N GLU G 138 -19.65 -8.83 28.86
CA GLU G 138 -18.41 -8.63 28.13
C GLU G 138 -17.64 -7.42 28.66
N ALA G 139 -18.36 -6.38 29.09
CA ALA G 139 -17.71 -5.20 29.64
C ALA G 139 -16.96 -5.53 30.93
N ASN G 140 -17.52 -6.43 31.75
CA ASN G 140 -16.84 -6.83 32.97
C ASN G 140 -15.55 -7.60 32.72
N CYS G 141 -15.44 -8.25 31.55
CA CYS G 141 -14.25 -9.02 31.24
C CYS G 141 -13.13 -8.16 30.66
N ALA G 142 -13.44 -6.99 30.12
CA ALA G 142 -12.43 -6.14 29.52
C ALA G 142 -11.55 -5.52 30.59
N GLY G 143 -10.25 -5.41 30.28
CA GLY G 143 -9.30 -4.81 31.20
C GLY G 143 -8.96 -5.66 32.41
N VAL G 144 -9.48 -6.88 32.51
CA VAL G 144 -9.22 -7.76 33.64
C VAL G 144 -8.35 -8.91 33.17
N ASP G 145 -7.56 -9.45 34.10
CA ASP G 145 -6.74 -10.63 33.83
C ASP G 145 -7.60 -11.75 33.27
N ARG G 146 -7.18 -12.30 32.13
CA ARG G 146 -7.96 -13.35 31.48
C ARG G 146 -8.04 -14.62 32.32
N PHE G 147 -7.18 -14.78 33.33
CA PHE G 147 -7.22 -15.93 34.21
C PHE G 147 -7.73 -15.58 35.60
N ALA G 148 -8.26 -14.37 35.79
CA ALA G 148 -8.99 -14.06 37.01
C ALA G 148 -10.24 -14.91 37.10
N ARG G 149 -10.77 -15.03 38.31
CA ARG G 149 -11.96 -15.83 38.53
C ARG G 149 -13.23 -15.04 38.18
N VAL G 150 -14.25 -15.78 37.75
CA VAL G 150 -15.54 -15.17 37.43
C VAL G 150 -16.08 -14.39 38.63
N ARG G 151 -15.83 -14.89 39.84
CA ARG G 151 -16.26 -14.20 41.06
C ARG G 151 -15.71 -12.78 41.12
N ASP G 152 -14.48 -12.57 40.62
CA ASP G 152 -13.83 -11.28 40.76
C ASP G 152 -14.44 -10.20 39.87
N ILE G 153 -15.22 -10.58 38.86
CA ILE G 153 -15.81 -9.62 37.94
C ILE G 153 -17.34 -9.66 37.93
N ALA G 154 -17.95 -10.58 38.67
CA ALA G 154 -19.40 -10.73 38.63
C ALA G 154 -20.10 -9.56 39.31
N LEU G 155 -21.21 -9.13 38.73
CA LEU G 155 -22.04 -8.07 39.29
C LEU G 155 -23.13 -8.69 40.14
N SER G 156 -23.14 -8.37 41.43
CA SER G 156 -24.07 -9.00 42.36
C SER G 156 -25.47 -8.41 42.30
N ASP G 157 -25.64 -7.25 41.70
CA ASP G 157 -26.95 -6.60 41.61
C ASP G 157 -27.57 -6.91 40.25
N PHE G 158 -28.80 -7.43 40.27
CA PHE G 158 -29.49 -7.79 39.04
C PHE G 158 -30.98 -7.88 39.31
N VAL G 159 -31.77 -7.65 38.25
CA VAL G 159 -33.22 -7.75 38.34
C VAL G 159 -33.62 -9.23 38.43
N THR G 160 -34.52 -9.55 39.35
CA THR G 160 -35.00 -10.90 39.55
C THR G 160 -36.52 -10.90 39.60
N ALA G 161 -37.11 -12.01 39.12
CA ALA G 161 -38.55 -12.18 39.12
C ALA G 161 -38.85 -13.66 39.06
N PRO G 162 -39.96 -14.11 39.64
CA PRO G 162 -40.30 -15.53 39.58
C PRO G 162 -40.76 -15.94 38.20
N VAL G 163 -40.45 -17.18 37.83
CA VAL G 163 -40.90 -17.71 36.55
C VAL G 163 -42.43 -17.79 36.55
N GLY G 164 -43.03 -17.45 35.40
CA GLY G 164 -44.46 -17.35 35.28
C GLY G 164 -44.99 -15.93 35.36
N THR G 165 -44.16 -14.98 35.78
CA THR G 165 -44.56 -13.58 35.79
C THR G 165 -44.95 -13.13 34.40
N ASP G 166 -45.99 -12.29 34.33
CA ASP G 166 -46.45 -11.77 33.05
C ASP G 166 -45.30 -11.06 32.34
N PRO G 167 -45.07 -11.34 31.05
CA PRO G 167 -43.92 -10.74 30.37
C PRO G 167 -43.98 -9.22 30.28
N ARG G 168 -45.18 -8.64 30.26
CA ARG G 168 -45.30 -7.18 30.23
C ARG G 168 -44.74 -6.57 31.51
N GLU G 169 -44.94 -7.24 32.64
CA GLU G 169 -44.40 -6.73 33.90
C GLU G 169 -42.88 -6.89 33.96
N VAL G 170 -42.37 -8.02 33.47
CA VAL G 170 -40.92 -8.21 33.39
C VAL G 170 -40.30 -7.15 32.52
N PHE G 171 -41.00 -6.74 31.45
CA PHE G 171 -40.56 -5.61 30.64
C PHE G 171 -40.40 -4.36 31.50
N ASP G 172 -41.45 -3.99 32.25
CA ASP G 172 -41.41 -2.75 33.01
C ASP G 172 -40.36 -2.78 34.11
N LEU G 173 -40.07 -3.95 34.66
CA LEU G 173 -39.02 -4.05 35.67
C LEU G 173 -37.64 -3.75 35.07
N LEU G 174 -37.47 -3.96 33.77
CA LEU G 174 -36.20 -3.73 33.09
C LEU G 174 -36.13 -2.36 32.44
N GLU G 175 -37.12 -1.49 32.66
CA GLU G 175 -37.14 -0.18 32.03
C GLU G 175 -35.89 0.62 32.36
N HIS G 176 -35.54 0.67 33.64
CA HIS G 176 -34.38 1.44 34.10
C HIS G 176 -33.24 0.53 34.58
N ALA G 177 -33.21 -0.72 34.14
CA ALA G 177 -32.15 -1.63 34.53
C ALA G 177 -30.93 -1.40 33.63
N PRO G 178 -29.72 -1.32 34.20
CA PRO G 178 -28.54 -1.06 33.36
C PRO G 178 -28.24 -2.18 32.38
N ILE G 179 -28.46 -3.44 32.77
CA ILE G 179 -28.18 -4.60 31.93
C ILE G 179 -29.51 -5.28 31.60
N ASP G 180 -29.73 -5.52 30.31
CA ASP G 180 -31.04 -5.96 29.81
C ASP G 180 -31.19 -7.48 29.89
N VAL G 181 -31.16 -8.00 31.12
CA VAL G 181 -31.54 -9.38 31.40
C VAL G 181 -32.23 -9.42 32.76
N ALA G 182 -33.40 -10.07 32.82
CA ALA G 182 -34.09 -10.32 34.07
C ALA G 182 -34.03 -11.83 34.35
N VAL G 183 -33.47 -12.19 35.49
CA VAL G 183 -33.31 -13.60 35.84
C VAL G 183 -34.62 -14.14 36.37
N MET G 184 -35.03 -15.31 35.88
CA MET G 184 -36.27 -15.95 36.30
C MET G 184 -35.96 -17.10 37.24
N THR G 185 -36.61 -17.11 38.38
CA THR G 185 -36.30 -18.05 39.45
C THR G 185 -37.47 -19.00 39.69
N ALA G 186 -37.13 -20.23 40.04
CA ALA G 186 -38.12 -21.23 40.41
C ALA G 186 -38.68 -20.89 41.79
N PRO G 187 -39.79 -21.52 42.19
CA PRO G 187 -40.34 -21.24 43.53
C PRO G 187 -39.36 -21.46 44.66
N ASP G 188 -38.44 -22.41 44.54
CA ASP G 188 -37.43 -22.65 45.57
C ASP G 188 -36.22 -21.72 45.43
N GLY G 189 -36.27 -20.74 44.55
CA GLY G 189 -35.22 -19.77 44.41
C GLY G 189 -34.09 -20.14 43.48
N THR G 190 -34.10 -21.36 42.92
CA THR G 190 -33.04 -21.77 42.02
C THR G 190 -33.27 -21.18 40.63
N LEU G 191 -32.23 -21.25 39.80
CA LEU G 191 -32.27 -20.63 38.49
C LEU G 191 -33.20 -21.42 37.56
N ALA G 192 -34.17 -20.70 36.96
CA ALA G 192 -35.01 -21.26 35.92
C ALA G 192 -34.68 -20.74 34.53
N GLY G 193 -34.02 -19.59 34.44
CA GLY G 193 -33.64 -19.02 33.17
C GLY G 193 -33.60 -17.50 33.28
N VAL G 194 -33.57 -16.86 32.12
CA VAL G 194 -33.61 -15.40 32.03
C VAL G 194 -34.62 -14.97 30.99
N LEU G 195 -34.98 -13.70 31.04
CA LEU G 195 -35.85 -13.08 30.04
C LEU G 195 -35.36 -11.66 29.79
N THR G 196 -35.00 -11.37 28.55
CA THR G 196 -34.60 -10.02 28.17
C THR G 196 -35.83 -9.21 27.79
N ARG G 197 -35.63 -7.90 27.65
CA ARG G 197 -36.72 -7.01 27.23
C ARG G 197 -37.29 -7.46 25.88
N THR G 198 -36.42 -7.59 24.88
CA THR G 198 -36.87 -7.96 23.54
C THR G 198 -37.47 -9.36 23.52
N GLY G 199 -36.99 -10.26 24.37
CA GLY G 199 -37.51 -11.62 24.40
C GLY G 199 -38.97 -11.70 24.83
N ALA G 200 -39.41 -10.77 25.68
CA ALA G 200 -40.80 -10.77 26.11
C ALA G 200 -41.75 -10.42 24.98
N ILE G 201 -41.32 -9.55 24.05
CA ILE G 201 -42.20 -9.11 22.97
C ILE G 201 -42.54 -10.27 22.05
N ARG G 202 -41.52 -10.99 21.57
CA ARG G 202 -41.75 -12.07 20.62
C ARG G 202 -42.60 -13.18 21.22
N ALA G 203 -42.62 -13.31 22.54
CA ALA G 203 -43.53 -14.26 23.17
C ALA G 203 -44.98 -13.91 22.89
N GLY G 204 -45.29 -12.63 22.68
CA GLY G 204 -46.60 -12.19 22.29
C GLY G 204 -46.81 -12.05 20.79
N ILE G 205 -45.73 -12.15 20.01
CA ILE G 205 -45.82 -12.12 18.57
C ILE G 205 -45.70 -13.51 17.96
N TYR G 206 -44.75 -14.30 18.44
CA TYR G 206 -44.54 -15.67 17.97
C TYR G 206 -45.17 -16.65 18.94
N THR G 207 -45.89 -17.62 18.41
CA THR G 207 -46.50 -18.65 19.24
C THR G 207 -45.54 -19.83 19.39
N PRO G 208 -45.30 -20.31 20.60
CA PRO G 208 -44.41 -21.47 20.77
C PRO G 208 -44.95 -22.68 20.03
N ALA G 209 -44.07 -23.32 19.26
CA ALA G 209 -44.43 -24.53 18.52
C ALA G 209 -44.36 -25.72 19.47
N VAL G 210 -45.52 -26.28 19.81
CA VAL G 210 -45.62 -27.30 20.85
C VAL G 210 -46.37 -28.51 20.32
N ASP G 211 -46.11 -29.65 20.94
CA ASP G 211 -46.81 -30.89 20.64
C ASP G 211 -48.08 -30.96 21.50
N ALA G 212 -48.68 -32.16 21.60
CA ALA G 212 -49.89 -32.33 22.40
C ALA G 212 -49.63 -32.12 23.89
N LYS G 213 -48.38 -32.24 24.33
CA LYS G 213 -48.01 -32.01 25.73
C LYS G 213 -47.58 -30.58 26.00
N GLY G 214 -47.56 -29.72 24.98
CA GLY G 214 -47.07 -28.38 25.16
C GLY G 214 -45.57 -28.28 25.24
N ARG G 215 -44.85 -29.27 24.74
CA ARG G 215 -43.40 -29.28 24.73
C ARG G 215 -42.89 -28.84 23.36
N LEU G 216 -41.75 -28.15 23.37
CA LEU G 216 -41.19 -27.59 22.15
C LEU G 216 -40.97 -28.67 21.09
N ARG G 217 -41.42 -28.40 19.87
CA ARG G 217 -41.42 -29.38 18.79
C ARG G 217 -40.04 -29.55 18.19
N ILE G 218 -39.87 -30.64 17.46
CA ILE G 218 -38.60 -30.97 16.83
C ILE G 218 -38.86 -31.95 15.69
N ALA G 219 -38.04 -31.86 14.64
CA ALA G 219 -38.10 -32.76 13.49
C ALA G 219 -36.75 -33.44 13.32
N ALA G 220 -36.76 -34.61 12.67
CA ALA G 220 -35.58 -35.47 12.67
C ALA G 220 -35.31 -35.98 11.27
N ALA G 221 -34.03 -36.09 10.93
CA ALA G 221 -33.59 -36.57 9.64
C ALA G 221 -32.96 -37.95 9.77
N VAL G 222 -33.06 -38.72 8.70
CA VAL G 222 -32.49 -40.07 8.64
C VAL G 222 -32.10 -40.36 7.21
N GLY G 223 -30.92 -40.97 7.03
CA GLY G 223 -30.47 -41.34 5.71
C GLY G 223 -31.14 -42.61 5.21
N ILE G 224 -30.90 -42.92 3.93
CA ILE G 224 -31.54 -44.06 3.29
C ILE G 224 -30.63 -45.29 3.28
N ASN G 225 -29.50 -45.23 3.97
CA ASN G 225 -28.61 -46.38 4.08
C ASN G 225 -28.96 -47.20 5.32
N GLY G 226 -28.60 -48.48 5.28
CA GLY G 226 -28.88 -49.37 6.40
C GLY G 226 -30.36 -49.71 6.53
N ASP G 227 -30.78 -49.94 7.76
CA ASP G 227 -32.16 -50.33 8.07
C ASP G 227 -32.94 -49.06 8.40
N VAL G 228 -33.49 -48.42 7.37
CA VAL G 228 -34.13 -47.12 7.53
C VAL G 228 -35.31 -47.22 8.48
N GLY G 229 -36.07 -48.31 8.41
CA GLY G 229 -37.22 -48.47 9.30
C GLY G 229 -36.83 -48.52 10.75
N ALA G 230 -35.77 -49.27 11.08
CA ALA G 230 -35.33 -49.40 12.46
C ALA G 230 -34.83 -48.07 13.01
N LYS G 231 -34.12 -47.29 12.19
CA LYS G 231 -33.58 -46.02 12.67
C LYS G 231 -34.69 -45.00 12.91
N ALA G 232 -35.66 -44.92 12.00
CA ALA G 232 -36.77 -43.99 12.19
C ALA G 232 -37.61 -44.36 13.40
N GLN G 233 -37.75 -45.66 13.68
CA GLN G 233 -38.49 -46.08 14.87
C GLN G 233 -37.79 -45.65 16.15
N ALA G 234 -36.46 -45.72 16.17
CA ALA G 234 -35.72 -45.31 17.36
C ALA G 234 -35.83 -43.80 17.58
N LEU G 235 -35.84 -43.02 16.51
CA LEU G 235 -35.95 -41.57 16.66
C LEU G 235 -37.34 -41.17 17.14
N ALA G 236 -38.38 -41.82 16.59
CA ALA G 236 -39.74 -41.55 17.05
C ALA G 236 -39.92 -41.99 18.51
N GLU G 237 -39.38 -43.15 18.86
CA GLU G 237 -39.44 -43.59 20.25
C GLU G 237 -38.65 -42.67 21.18
N ALA G 238 -37.64 -41.98 20.64
CA ALA G 238 -36.88 -41.01 21.43
C ALA G 238 -37.67 -39.75 21.71
N GLY G 239 -38.79 -39.52 21.02
CA GLY G 239 -39.61 -38.35 21.24
C GLY G 239 -39.65 -37.37 20.09
N ALA G 240 -39.17 -37.73 18.90
CA ALA G 240 -39.26 -36.83 17.76
C ALA G 240 -40.71 -36.60 17.37
N ASP G 241 -41.02 -35.36 16.99
CA ASP G 241 -42.35 -35.00 16.53
C ASP G 241 -42.50 -35.05 15.01
N LEU G 242 -41.40 -35.23 14.27
CA LEU G 242 -41.43 -35.24 12.82
C LEU G 242 -40.19 -35.98 12.32
N LEU G 243 -40.37 -36.77 11.27
CA LEU G 243 -39.28 -37.53 10.65
C LEU G 243 -39.09 -37.05 9.22
N VAL G 244 -37.84 -36.80 8.85
CA VAL G 244 -37.46 -36.36 7.51
C VAL G 244 -36.48 -37.37 6.94
N ILE G 245 -36.80 -37.95 5.79
CA ILE G 245 -35.86 -38.79 5.07
C ILE G 245 -35.17 -37.93 4.02
N ASP G 246 -33.86 -37.76 4.15
CA ASP G 246 -33.10 -36.79 3.37
C ASP G 246 -32.04 -37.51 2.54
N THR G 247 -31.95 -37.15 1.27
CA THR G 247 -30.90 -37.64 0.40
C THR G 247 -30.68 -36.65 -0.73
N ALA G 248 -29.54 -36.79 -1.40
CA ALA G 248 -29.18 -35.87 -2.48
C ALA G 248 -30.15 -36.00 -3.66
N HIS G 249 -30.40 -37.23 -4.10
CA HIS G 249 -31.26 -37.52 -5.24
C HIS G 249 -32.51 -38.24 -4.73
N GLY G 250 -33.57 -37.48 -4.48
CA GLY G 250 -34.81 -38.07 -3.97
C GLY G 250 -35.56 -38.92 -4.97
N HIS G 251 -35.32 -38.73 -6.26
CA HIS G 251 -36.08 -39.46 -7.29
C HIS G 251 -35.33 -40.72 -7.71
N GLN G 252 -35.30 -41.68 -6.80
CA GLN G 252 -34.61 -42.95 -7.06
C GLN G 252 -35.33 -44.07 -6.31
N ALA G 253 -35.03 -45.30 -6.74
CA ALA G 253 -35.75 -46.47 -6.23
C ALA G 253 -35.49 -46.70 -4.75
N LYS G 254 -34.24 -46.52 -4.31
CA LYS G 254 -33.92 -46.71 -2.89
C LYS G 254 -34.66 -45.72 -2.02
N MET G 255 -34.97 -44.53 -2.56
CA MET G 255 -35.78 -43.58 -1.82
C MET G 255 -37.20 -44.09 -1.64
N LEU G 256 -37.79 -44.64 -2.71
CA LEU G 256 -39.14 -45.19 -2.62
C LEU G 256 -39.22 -46.31 -1.58
N ASP G 257 -38.22 -47.20 -1.56
CA ASP G 257 -38.21 -48.29 -0.59
C ASP G 257 -38.11 -47.75 0.83
N ALA G 258 -37.33 -46.68 1.03
CA ALA G 258 -37.19 -46.12 2.37
C ALA G 258 -38.50 -45.54 2.89
N ILE G 259 -39.28 -44.91 2.01
CA ILE G 259 -40.56 -44.34 2.42
C ILE G 259 -41.55 -45.43 2.79
N LYS G 260 -41.64 -46.48 1.97
CA LYS G 260 -42.59 -47.55 2.21
C LYS G 260 -42.28 -48.30 3.50
N ALA G 261 -40.99 -48.47 3.81
CA ALA G 261 -40.60 -49.20 5.01
C ALA G 261 -41.04 -48.46 6.27
N VAL G 262 -40.77 -47.16 6.34
CA VAL G 262 -41.13 -46.40 7.54
C VAL G 262 -42.62 -46.13 7.59
N ALA G 263 -43.27 -45.93 6.45
CA ALA G 263 -44.71 -45.68 6.44
C ALA G 263 -45.48 -46.91 6.92
N SER G 264 -45.02 -48.10 6.56
CA SER G 264 -45.70 -49.33 6.98
C SER G 264 -45.62 -49.57 8.48
N LEU G 265 -44.76 -48.85 9.19
CA LEU G 265 -44.62 -49.02 10.63
C LEU G 265 -45.67 -48.25 11.42
N ASP G 266 -46.41 -47.35 10.77
CA ASP G 266 -47.50 -46.60 11.37
C ASP G 266 -47.06 -45.90 12.66
N LEU G 267 -46.03 -45.06 12.53
CA LEU G 267 -45.50 -44.34 13.68
C LEU G 267 -46.37 -43.15 14.07
N GLY G 268 -47.19 -42.64 13.14
CA GLY G 268 -48.04 -41.51 13.44
C GLY G 268 -47.35 -40.16 13.34
N LEU G 269 -46.24 -40.06 12.60
CA LEU G 269 -45.50 -38.82 12.44
C LEU G 269 -45.55 -38.37 10.99
N PRO G 270 -45.58 -37.05 10.74
CA PRO G 270 -45.48 -36.56 9.37
C PRO G 270 -44.11 -36.88 8.77
N LEU G 271 -44.13 -37.26 7.49
CA LEU G 271 -42.93 -37.70 6.78
C LEU G 271 -42.57 -36.70 5.70
N VAL G 272 -41.35 -36.17 5.76
CA VAL G 272 -40.78 -35.35 4.70
C VAL G 272 -39.77 -36.20 3.92
N ALA G 273 -39.78 -36.05 2.60
CA ALA G 273 -38.87 -36.80 1.73
C ALA G 273 -38.34 -35.90 0.64
N GLY G 274 -37.07 -36.07 0.31
CA GLY G 274 -36.44 -35.29 -0.74
C GLY G 274 -35.11 -35.90 -1.13
N ASN G 275 -34.51 -35.32 -2.17
CA ASN G 275 -35.05 -34.15 -2.85
C ASN G 275 -35.38 -34.42 -4.30
N VAL G 276 -36.47 -33.80 -4.78
CA VAL G 276 -36.83 -33.81 -6.18
C VAL G 276 -37.14 -32.37 -6.60
N VAL G 277 -37.16 -32.15 -7.91
CA VAL G 277 -37.44 -30.83 -8.46
C VAL G 277 -38.38 -30.95 -9.66
N SER G 278 -38.95 -32.15 -9.84
CA SER G 278 -39.83 -32.42 -10.97
C SER G 278 -41.22 -32.79 -10.48
N ALA G 279 -42.22 -32.50 -11.31
CA ALA G 279 -43.59 -32.91 -11.00
C ALA G 279 -43.69 -34.41 -10.85
N GLU G 280 -42.94 -35.16 -11.66
CA GLU G 280 -42.91 -36.61 -11.54
C GLU G 280 -42.34 -37.03 -10.18
N GLY G 281 -41.17 -36.48 -9.82
CA GLY G 281 -40.51 -36.87 -8.59
C GLY G 281 -41.37 -36.74 -7.35
N THR G 282 -42.23 -35.71 -7.31
CA THR G 282 -43.12 -35.53 -6.16
C THR G 282 -44.14 -36.65 -6.07
N ARG G 283 -44.79 -36.99 -7.20
CA ARG G 283 -45.86 -37.98 -7.19
C ARG G 283 -45.37 -39.33 -6.71
N ASP G 284 -44.07 -39.63 -6.90
CA ASP G 284 -43.54 -40.90 -6.41
C ASP G 284 -43.45 -40.92 -4.89
N LEU G 285 -43.07 -39.80 -4.29
CA LEU G 285 -42.82 -39.78 -2.85
C LEU G 285 -44.12 -39.78 -2.05
N ILE G 286 -45.14 -39.04 -2.52
CA ILE G 286 -46.42 -39.05 -1.82
C ILE G 286 -47.09 -40.43 -1.94
N GLU G 287 -47.05 -41.01 -3.14
CA GLU G 287 -47.61 -42.35 -3.32
C GLU G 287 -46.84 -43.39 -2.51
N ALA G 288 -45.54 -43.17 -2.27
CA ALA G 288 -44.76 -44.11 -1.49
C ALA G 288 -45.11 -44.09 -0.01
N GLY G 289 -45.70 -42.99 0.48
CA GLY G 289 -46.12 -42.92 1.87
C GLY G 289 -45.73 -41.64 2.58
N ALA G 290 -45.00 -40.76 1.89
CA ALA G 290 -44.59 -39.50 2.47
C ALA G 290 -45.70 -38.46 2.35
N SER G 291 -45.81 -37.60 3.36
CA SER G 291 -46.81 -36.54 3.37
C SER G 291 -46.28 -35.20 2.88
N ILE G 292 -44.96 -34.99 2.93
CA ILE G 292 -44.34 -33.75 2.47
C ILE G 292 -43.14 -34.11 1.62
N VAL G 293 -43.00 -33.45 0.47
CA VAL G 293 -41.88 -33.63 -0.43
C VAL G 293 -40.96 -32.42 -0.30
N LYS G 294 -39.71 -32.65 0.07
CA LYS G 294 -38.73 -31.58 0.22
C LYS G 294 -38.10 -31.29 -1.14
N VAL G 295 -38.14 -30.03 -1.55
CA VAL G 295 -37.75 -29.62 -2.89
C VAL G 295 -36.43 -28.88 -2.82
N GLY G 296 -35.49 -29.26 -3.69
CA GLY G 296 -34.22 -28.57 -3.77
C GLY G 296 -33.06 -29.47 -4.19
N VAL G 297 -32.62 -29.32 -5.43
CA VAL G 297 -31.47 -30.02 -5.96
C VAL G 297 -30.66 -29.04 -6.78
N GLY G 298 -29.43 -28.78 -6.34
CA GLY G 298 -28.57 -27.79 -6.96
C GLY G 298 -29.27 -26.48 -7.26
N PRO G 299 -29.81 -25.83 -6.23
CA PRO G 299 -30.52 -24.56 -6.48
C PRO G 299 -29.58 -23.42 -6.84
N GLY G 300 -28.32 -23.48 -6.41
CA GLY G 300 -27.38 -22.43 -6.74
C GLY G 300 -26.88 -22.59 -8.16
N ALA G 301 -26.96 -21.51 -8.93
CA ALA G 301 -26.56 -21.58 -10.33
C ALA G 301 -25.10 -22.00 -10.48
N MET G 302 -24.25 -21.63 -9.53
CA MET G 302 -22.83 -21.94 -9.60
C MET G 302 -22.33 -22.67 -8.35
N CYS G 303 -23.19 -23.47 -7.72
CA CYS G 303 -22.81 -24.21 -6.53
C CYS G 303 -22.04 -25.48 -6.92
N THR G 304 -21.68 -26.27 -5.90
CA THR G 304 -20.84 -27.45 -6.11
C THR G 304 -21.58 -28.52 -6.90
N THR G 305 -22.83 -28.80 -6.53
CA THR G 305 -23.59 -29.84 -7.20
C THR G 305 -23.76 -29.54 -8.69
N ARG G 306 -24.03 -28.28 -9.03
CA ARG G 306 -24.25 -27.92 -10.42
C ARG G 306 -22.96 -28.02 -11.24
N MET G 307 -21.83 -27.62 -10.65
CA MET G 307 -20.57 -27.58 -11.38
C MET G 307 -19.89 -28.93 -11.50
N MET G 308 -20.24 -29.90 -10.66
CA MET G 308 -19.67 -31.22 -10.77
C MET G 308 -20.46 -32.12 -11.71
N THR G 309 -21.78 -31.98 -11.74
CA THR G 309 -22.64 -32.90 -12.48
C THR G 309 -23.53 -32.24 -13.52
N GLY G 310 -23.75 -30.92 -13.44
CA GLY G 310 -24.74 -30.29 -14.27
C GLY G 310 -26.17 -30.56 -13.86
N VAL G 311 -26.38 -31.28 -12.77
CA VAL G 311 -27.71 -31.64 -12.32
C VAL G 311 -28.22 -30.59 -11.35
N GLY G 312 -29.46 -30.18 -11.53
CA GLY G 312 -30.07 -29.21 -10.66
C GLY G 312 -31.26 -28.56 -11.33
N ARG G 313 -31.83 -27.58 -10.64
CA ARG G 313 -32.95 -26.81 -11.16
C ARG G 313 -33.14 -25.56 -10.31
N PRO G 314 -33.40 -24.41 -10.93
CA PRO G 314 -33.73 -23.22 -10.16
C PRO G 314 -34.90 -23.48 -9.21
N GLN G 315 -34.76 -22.99 -7.98
CA GLN G 315 -35.65 -23.41 -6.90
C GLN G 315 -37.07 -22.91 -7.11
N PHE G 316 -37.22 -21.69 -7.64
CA PHE G 316 -38.56 -21.10 -7.73
C PHE G 316 -39.44 -21.87 -8.70
N SER G 317 -38.95 -22.14 -9.91
CA SER G 317 -39.74 -22.94 -10.85
C SER G 317 -39.92 -24.37 -10.35
N ALA G 318 -38.91 -24.91 -9.66
CA ALA G 318 -39.04 -26.25 -9.10
C ALA G 318 -40.17 -26.31 -8.08
N VAL G 319 -40.20 -25.35 -7.16
CA VAL G 319 -41.22 -25.34 -6.12
C VAL G 319 -42.60 -25.16 -6.74
N VAL G 320 -42.73 -24.25 -7.71
CA VAL G 320 -44.01 -24.03 -8.38
C VAL G 320 -44.52 -25.34 -8.99
N GLU G 321 -43.65 -26.04 -9.73
CA GLU G 321 -44.04 -27.31 -10.32
C GLU G 321 -44.29 -28.36 -9.24
N CYS G 322 -43.46 -28.38 -8.20
CA CYS G 322 -43.63 -29.37 -7.14
C CYS G 322 -44.83 -29.06 -6.27
N ALA G 323 -45.08 -27.78 -5.97
CA ALA G 323 -46.23 -27.42 -5.15
C ALA G 323 -47.53 -27.75 -5.88
N ALA G 324 -47.59 -27.52 -7.19
CA ALA G 324 -48.78 -27.87 -7.94
C ALA G 324 -49.01 -29.38 -7.93
N ALA G 325 -47.94 -30.16 -8.09
CA ALA G 325 -48.08 -31.62 -8.09
C ALA G 325 -48.38 -32.15 -6.70
N ALA G 326 -47.71 -31.63 -5.68
CA ALA G 326 -47.94 -32.10 -4.32
C ALA G 326 -49.34 -31.74 -3.84
N ARG G 327 -49.79 -30.51 -4.14
CA ARG G 327 -51.18 -30.16 -3.88
C ARG G 327 -52.13 -31.03 -4.70
N GLN G 328 -51.68 -31.47 -5.88
CA GLN G 328 -52.49 -32.37 -6.68
C GLN G 328 -52.61 -33.76 -6.07
N LEU G 329 -51.76 -34.10 -5.10
CA LEU G 329 -51.86 -35.35 -4.36
C LEU G 329 -52.25 -35.15 -2.91
N GLY G 330 -52.66 -33.93 -2.54
CA GLY G 330 -53.00 -33.65 -1.16
C GLY G 330 -51.82 -33.52 -0.22
N GLY G 331 -50.61 -33.37 -0.75
CA GLY G 331 -49.42 -33.22 0.06
C GLY G 331 -48.93 -31.78 0.11
N HIS G 332 -47.73 -31.62 0.68
CA HIS G 332 -47.12 -30.31 0.85
C HIS G 332 -45.65 -30.39 0.44
N VAL G 333 -45.05 -29.22 0.23
CA VAL G 333 -43.66 -29.13 -0.17
C VAL G 333 -42.92 -28.14 0.71
N TRP G 334 -41.65 -28.44 0.97
CA TRP G 334 -40.75 -27.55 1.69
C TRP G 334 -39.73 -26.98 0.72
N ALA G 335 -39.55 -25.66 0.76
CA ALA G 335 -38.56 -24.99 -0.08
C ALA G 335 -37.21 -25.05 0.63
N ASP G 336 -36.29 -25.85 0.09
CA ASP G 336 -34.99 -26.10 0.71
C ASP G 336 -33.88 -25.73 -0.24
N GLY G 337 -33.08 -24.74 0.14
CA GLY G 337 -31.88 -24.40 -0.60
C GLY G 337 -31.87 -22.99 -1.16
N GLY G 338 -30.70 -22.34 -1.13
CA GLY G 338 -30.56 -21.03 -1.71
C GLY G 338 -31.22 -19.90 -0.96
N VAL G 339 -31.78 -20.17 0.22
CA VAL G 339 -32.50 -19.15 0.97
C VAL G 339 -31.49 -18.24 1.67
N ARG G 340 -31.49 -16.97 1.29
CA ARG G 340 -30.56 -15.98 1.87
C ARG G 340 -31.23 -14.69 2.29
N HIS G 341 -32.46 -14.42 1.87
CA HIS G 341 -33.14 -13.17 2.17
C HIS G 341 -34.62 -13.47 2.45
N PRO G 342 -35.30 -12.59 3.17
CA PRO G 342 -36.76 -12.75 3.32
C PRO G 342 -37.51 -12.75 2.00
N ARG G 343 -36.94 -12.17 0.94
CA ARG G 343 -37.52 -12.31 -0.38
C ARG G 343 -37.59 -13.78 -0.80
N ASP G 344 -36.62 -14.58 -0.39
CA ASP G 344 -36.58 -15.98 -0.82
C ASP G 344 -37.71 -16.77 -0.20
N VAL G 345 -37.93 -16.61 1.11
CA VAL G 345 -39.01 -17.36 1.76
C VAL G 345 -40.37 -16.86 1.27
N ALA G 346 -40.50 -15.55 1.06
CA ALA G 346 -41.79 -15.00 0.64
C ALA G 346 -42.21 -15.54 -0.71
N LEU G 347 -41.28 -15.56 -1.68
CA LEU G 347 -41.61 -16.10 -2.98
C LEU G 347 -41.72 -17.61 -2.95
N ALA G 348 -40.99 -18.27 -2.04
CA ALA G 348 -41.13 -19.71 -1.87
C ALA G 348 -42.54 -20.07 -1.41
N LEU G 349 -43.09 -19.29 -0.47
CA LEU G 349 -44.46 -19.51 -0.04
C LEU G 349 -45.46 -19.12 -1.11
N ALA G 350 -45.20 -18.01 -1.81
CA ALA G 350 -46.02 -17.64 -2.95
C ALA G 350 -45.99 -18.71 -4.04
N ALA G 351 -44.84 -19.37 -4.20
CA ALA G 351 -44.73 -20.45 -5.19
C ALA G 351 -45.58 -21.65 -4.83
N GLY G 352 -46.04 -21.75 -3.58
CA GLY G 352 -46.91 -22.84 -3.16
C GLY G 352 -46.36 -23.71 -2.04
N ALA G 353 -45.14 -23.47 -1.57
CA ALA G 353 -44.61 -24.27 -0.48
C ALA G 353 -45.32 -23.95 0.83
N SER G 354 -45.45 -24.96 1.69
CA SER G 354 -46.04 -24.76 3.02
C SER G 354 -45.00 -24.28 4.03
N ASN G 355 -43.72 -24.53 3.78
CA ASN G 355 -42.64 -24.07 4.65
C ASN G 355 -41.39 -23.90 3.81
N VAL G 356 -40.44 -23.13 4.37
CA VAL G 356 -39.15 -22.90 3.72
C VAL G 356 -38.06 -23.40 4.66
N MET G 357 -37.18 -24.24 4.13
CA MET G 357 -36.07 -24.80 4.92
C MET G 357 -34.83 -23.94 4.70
N ILE G 358 -34.28 -23.43 5.79
CA ILE G 358 -33.15 -22.50 5.76
C ILE G 358 -31.96 -23.16 6.46
N GLY G 359 -30.80 -23.07 5.83
CA GLY G 359 -29.63 -23.74 6.36
C GLY G 359 -28.45 -22.85 6.71
N SER G 360 -27.60 -22.57 5.71
CA SER G 360 -26.35 -21.85 5.97
C SER G 360 -26.60 -20.44 6.50
N TRP G 361 -27.73 -19.83 6.16
CA TRP G 361 -28.03 -18.50 6.66
C TRP G 361 -28.05 -18.46 8.18
N PHE G 362 -28.66 -19.47 8.81
CA PHE G 362 -28.71 -19.53 10.26
C PHE G 362 -27.43 -20.03 10.90
N ALA G 363 -26.46 -20.48 10.10
CA ALA G 363 -25.19 -20.93 10.68
C ALA G 363 -24.43 -19.76 11.31
N GLY G 364 -24.59 -18.56 10.77
CA GLY G 364 -23.98 -17.38 11.37
C GLY G 364 -24.84 -16.76 12.45
N THR G 365 -25.12 -17.54 13.49
CA THR G 365 -25.96 -17.08 14.60
C THR G 365 -25.33 -17.51 15.91
N TYR G 366 -25.67 -16.78 16.98
CA TYR G 366 -25.19 -17.13 18.31
C TYR G 366 -25.65 -18.53 18.70
N GLU G 367 -26.82 -18.95 18.25
CA GLU G 367 -27.40 -20.23 18.65
C GLU G 367 -26.84 -21.41 17.85
N SER G 368 -26.08 -21.15 16.79
CA SER G 368 -25.48 -22.24 16.03
C SER G 368 -24.35 -22.88 16.85
N PRO G 369 -24.10 -24.18 16.64
CA PRO G 369 -23.10 -24.87 17.46
C PRO G 369 -21.67 -24.44 17.18
N GLY G 370 -21.40 -23.87 16.01
CA GLY G 370 -20.04 -23.52 15.66
C GLY G 370 -19.47 -22.40 16.50
N ASP G 371 -18.15 -22.33 16.52
CA ASP G 371 -17.43 -21.31 17.29
C ASP G 371 -17.37 -19.99 16.54
N LEU G 372 -17.45 -18.90 17.30
CA LEU G 372 -17.40 -17.56 16.71
C LEU G 372 -15.97 -17.22 16.35
N LEU G 373 -15.76 -16.74 15.13
CA LEU G 373 -14.42 -16.45 14.62
C LEU G 373 -14.41 -15.06 13.99
N PHE G 374 -13.22 -14.49 13.86
CA PHE G 374 -13.03 -13.13 13.39
C PHE G 374 -12.07 -13.12 12.20
N ASP G 375 -12.45 -12.42 11.14
CA ASP G 375 -11.64 -12.33 9.94
C ASP G 375 -10.49 -11.35 10.15
N ARG G 376 -9.82 -10.98 9.05
CA ARG G 376 -8.73 -10.01 9.12
C ARG G 376 -9.24 -8.61 9.45
N ASP G 377 -10.53 -8.34 9.26
CA ASP G 377 -11.15 -7.09 9.64
C ASP G 377 -11.77 -7.15 11.04
N ASP G 378 -11.53 -8.23 11.78
CA ASP G 378 -12.05 -8.43 13.13
C ASP G 378 -13.57 -8.55 13.16
N ARG G 379 -14.18 -8.92 12.03
CA ARG G 379 -15.63 -9.04 12.12
C ARG G 379 -16.02 -10.48 12.47
N PRO G 380 -16.97 -10.65 13.38
CA PRO G 380 -17.37 -12.01 13.79
C PRO G 380 -18.17 -12.72 12.72
N TYR G 381 -17.95 -14.03 12.62
CA TYR G 381 -18.74 -14.88 11.73
C TYR G 381 -18.49 -16.33 12.12
N LYS G 382 -19.21 -17.24 11.44
CA LYS G 382 -19.11 -18.66 11.71
C LYS G 382 -19.03 -19.42 10.39
N GLU G 383 -18.44 -20.62 10.45
CA GLU G 383 -18.20 -21.44 9.27
C GLU G 383 -19.38 -22.40 9.06
N SER G 384 -20.05 -22.26 7.91
CA SER G 384 -21.04 -23.23 7.49
C SER G 384 -20.40 -24.26 6.57
N TYR G 385 -20.93 -25.48 6.61
CA TYR G 385 -20.41 -26.54 5.76
C TYR G 385 -21.49 -27.60 5.55
N GLY G 386 -21.42 -28.26 4.40
CA GLY G 386 -22.47 -29.17 3.98
C GLY G 386 -22.37 -30.54 4.65
N MET G 387 -23.42 -31.33 4.42
CA MET G 387 -23.50 -32.68 5.00
C MET G 387 -22.69 -33.70 4.21
N ALA G 388 -22.41 -33.42 2.93
CA ALA G 388 -21.53 -34.23 2.09
C ALA G 388 -22.07 -35.66 2.00
N SER G 389 -21.33 -36.67 2.45
CA SER G 389 -21.71 -38.06 2.18
C SER G 389 -22.92 -38.52 2.98
N LYS G 390 -23.32 -37.78 4.02
CA LYS G 390 -24.49 -38.19 4.79
C LYS G 390 -25.77 -38.11 3.97
N ARG G 391 -25.75 -37.42 2.83
CA ARG G 391 -26.89 -37.35 1.93
C ARG G 391 -26.70 -38.19 0.68
N ALA G 392 -25.61 -38.95 0.60
CA ALA G 392 -25.29 -39.76 -0.57
C ALA G 392 -25.45 -41.24 -0.25
N VAL G 393 -25.80 -42.02 -1.28
CA VAL G 393 -25.94 -43.46 -1.13
C VAL G 393 -24.56 -44.09 -0.99
N ALA G 394 -24.42 -44.98 -0.02
CA ALA G 394 -23.15 -45.67 0.21
C ALA G 394 -23.34 -47.19 0.18
N SER G 401 -12.53 -53.88 2.03
CA SER G 401 -11.38 -53.72 2.89
C SER G 401 -10.92 -52.26 2.92
N SER G 402 -9.72 -52.03 3.45
CA SER G 402 -9.13 -50.70 3.41
C SER G 402 -8.96 -50.21 1.97
N PHE G 403 -8.64 -51.13 1.05
CA PHE G 403 -8.60 -50.80 -0.36
C PHE G 403 -9.93 -50.23 -0.84
N ASP G 404 -11.03 -50.91 -0.54
CA ASP G 404 -12.34 -50.48 -1.02
C ASP G 404 -12.78 -49.17 -0.36
N ARG G 405 -12.65 -49.08 0.97
CA ARG G 405 -13.13 -47.89 1.67
C ARG G 405 -12.35 -46.64 1.28
N ALA G 406 -11.07 -46.79 0.90
CA ALA G 406 -10.30 -45.63 0.46
C ALA G 406 -10.85 -45.05 -0.83
N ARG G 407 -11.13 -45.91 -1.81
CA ARG G 407 -11.60 -45.42 -3.10
C ARG G 407 -12.99 -44.79 -3.01
N LYS G 408 -13.86 -45.26 -2.10
CA LYS G 408 -15.15 -44.59 -1.91
C LYS G 408 -14.96 -43.16 -1.43
N GLY G 409 -14.10 -42.95 -0.43
CA GLY G 409 -13.75 -41.60 -0.02
C GLY G 409 -13.07 -40.79 -1.12
N LEU G 410 -12.34 -41.46 -2.02
CA LEU G 410 -11.68 -40.77 -3.12
C LEU G 410 -12.70 -40.08 -4.02
N PHE G 411 -13.65 -40.84 -4.54
CA PHE G 411 -14.71 -40.28 -5.37
C PHE G 411 -15.83 -39.63 -4.55
N GLU G 412 -15.64 -39.44 -3.25
CA GLU G 412 -16.67 -38.84 -2.41
C GLU G 412 -16.63 -37.32 -2.53
N GLU G 413 -17.80 -36.68 -2.45
CA GLU G 413 -17.85 -35.22 -2.53
C GLU G 413 -17.38 -34.62 -1.20
N GLY G 414 -16.28 -33.86 -1.30
CA GLY G 414 -15.67 -33.28 -0.14
C GLY G 414 -16.57 -32.23 0.51
N ILE G 415 -16.16 -31.85 1.71
CA ILE G 415 -16.90 -30.88 2.52
C ILE G 415 -16.48 -29.47 2.15
N SER G 416 -17.41 -28.69 1.63
CA SER G 416 -17.16 -27.30 1.28
C SER G 416 -17.45 -26.40 2.47
N THR G 417 -16.58 -25.43 2.69
CA THR G 417 -16.68 -24.49 3.80
C THR G 417 -17.07 -23.12 3.28
N SER G 418 -18.02 -22.48 3.97
CA SER G 418 -18.53 -21.18 3.57
C SER G 418 -18.58 -20.26 4.79
N ARG G 419 -18.16 -19.01 4.59
CA ARG G 419 -18.10 -18.03 5.66
C ARG G 419 -19.41 -17.23 5.68
N MET G 420 -20.11 -17.28 6.81
CA MET G 420 -21.39 -16.59 6.99
C MET G 420 -21.22 -15.49 8.03
N SER G 421 -21.22 -14.23 7.57
CA SER G 421 -20.99 -13.10 8.45
C SER G 421 -22.16 -12.89 9.40
N LEU G 422 -21.84 -12.42 10.61
CA LEU G 422 -22.84 -12.08 11.60
C LEU G 422 -23.20 -10.60 11.51
N ASP G 423 -24.49 -10.30 11.53
CA ASP G 423 -24.96 -8.93 11.53
C ASP G 423 -24.75 -8.33 12.92
N PRO G 424 -24.08 -7.17 13.03
CA PRO G 424 -23.90 -6.55 14.36
C PRO G 424 -25.21 -6.26 15.08
N ALA G 425 -26.31 -6.05 14.35
CA ALA G 425 -27.60 -5.80 14.95
C ALA G 425 -28.50 -7.04 14.97
N ARG G 426 -28.15 -8.08 14.22
CA ARG G 426 -28.92 -9.31 14.14
C ARG G 426 -28.02 -10.52 14.38
N GLY G 427 -27.24 -10.47 15.45
CA GLY G 427 -26.34 -11.57 15.75
C GLY G 427 -27.06 -12.83 16.19
N GLY G 428 -28.21 -12.68 16.86
CA GLY G 428 -29.00 -13.82 17.25
C GLY G 428 -30.05 -14.16 16.20
N VAL G 429 -30.44 -15.44 16.16
CA VAL G 429 -31.43 -15.87 15.19
C VAL G 429 -32.82 -15.33 15.53
N GLU G 430 -33.07 -14.98 16.80
CA GLU G 430 -34.30 -14.29 17.15
C GLU G 430 -34.33 -12.90 16.53
N ASP G 431 -33.20 -12.20 16.56
CA ASP G 431 -33.09 -10.94 15.84
C ASP G 431 -33.23 -11.17 14.35
N LEU G 432 -32.82 -12.33 13.86
CA LEU G 432 -33.11 -12.69 12.47
C LEU G 432 -34.61 -12.83 12.27
N LEU G 433 -35.22 -13.84 12.91
CA LEU G 433 -36.62 -14.18 12.66
C LEU G 433 -37.54 -12.97 12.64
N ASP G 434 -37.19 -11.92 13.38
CA ASP G 434 -37.90 -10.64 13.23
C ASP G 434 -37.73 -10.08 11.83
N HIS G 435 -36.50 -10.14 11.29
CA HIS G 435 -36.23 -9.60 9.96
C HIS G 435 -37.00 -10.37 8.88
N ILE G 436 -36.92 -11.70 8.90
CA ILE G 436 -37.51 -12.48 7.82
C ILE G 436 -39.04 -12.45 7.88
N THR G 437 -39.61 -12.67 9.06
CA THR G 437 -41.06 -12.74 9.16
C THR G 437 -41.72 -11.38 8.92
N SER G 438 -41.02 -10.29 9.24
CA SER G 438 -41.55 -8.96 8.93
C SER G 438 -41.78 -8.81 7.43
N GLY G 439 -40.85 -9.30 6.61
CA GLY G 439 -41.04 -9.23 5.17
C GLY G 439 -42.19 -10.10 4.70
N VAL G 440 -42.30 -11.31 5.24
CA VAL G 440 -43.38 -12.21 4.86
C VAL G 440 -44.72 -11.61 5.24
N ARG G 441 -44.83 -11.07 6.46
CA ARG G 441 -46.05 -10.40 6.87
C ARG G 441 -46.34 -9.19 5.98
N SER G 442 -45.30 -8.41 5.65
CA SER G 442 -45.48 -7.29 4.75
C SER G 442 -45.83 -7.75 3.33
N THR G 443 -45.29 -8.90 2.91
CA THR G 443 -45.68 -9.46 1.62
C THR G 443 -47.17 -9.73 1.55
N CYS G 444 -47.73 -10.30 2.63
CA CYS G 444 -49.17 -10.58 2.65
C CYS G 444 -49.98 -9.30 2.56
N THR G 445 -49.56 -8.25 3.27
CA THR G 445 -50.27 -6.98 3.23
C THR G 445 -50.22 -6.37 1.83
N TYR G 446 -49.13 -6.60 1.09
CA TYR G 446 -49.06 -6.07 -0.27
C TYR G 446 -50.03 -6.78 -1.21
N VAL G 447 -50.15 -8.11 -1.08
CA VAL G 447 -51.02 -8.87 -1.97
C VAL G 447 -52.46 -8.95 -1.46
N GLY G 448 -52.68 -8.78 -0.16
CA GLY G 448 -54.00 -8.88 0.41
C GLY G 448 -54.35 -10.22 1.03
N ALA G 449 -53.37 -10.96 1.54
CA ALA G 449 -53.58 -12.27 2.12
C ALA G 449 -53.52 -12.20 3.64
N ALA G 450 -54.38 -12.99 4.30
CA ALA G 450 -54.42 -13.04 5.76
C ALA G 450 -53.65 -14.21 6.35
N ASN G 451 -53.27 -15.19 5.54
CA ASN G 451 -52.49 -16.34 6.03
C ASN G 451 -51.75 -16.96 4.87
N LEU G 452 -51.05 -18.06 5.14
CA LEU G 452 -50.20 -18.72 4.16
C LEU G 452 -50.98 -19.47 3.08
N PRO G 453 -52.00 -20.28 3.43
CA PRO G 453 -52.86 -20.80 2.36
C PRO G 453 -53.45 -19.72 1.50
N GLU G 454 -53.68 -18.53 2.06
CA GLU G 454 -54.12 -17.40 1.25
C GLU G 454 -52.99 -16.90 0.36
N LEU G 455 -51.79 -16.71 0.93
CA LEU G 455 -50.67 -16.11 0.21
C LEU G 455 -50.45 -16.76 -1.14
N HIS G 456 -50.54 -18.09 -1.20
CA HIS G 456 -50.34 -18.79 -2.47
C HIS G 456 -51.48 -18.56 -3.45
N GLU G 457 -52.69 -18.23 -2.96
CA GLU G 457 -53.87 -18.23 -3.81
C GLU G 457 -53.99 -16.95 -4.64
N LYS G 458 -53.69 -15.80 -4.06
CA LYS G 458 -53.91 -14.52 -4.75
C LYS G 458 -52.65 -13.93 -5.36
N VAL G 459 -51.47 -14.50 -5.10
CA VAL G 459 -50.23 -13.87 -5.53
C VAL G 459 -50.17 -13.87 -7.05
N VAL G 460 -49.80 -12.72 -7.62
CA VAL G 460 -49.59 -12.58 -9.06
C VAL G 460 -48.14 -12.18 -9.27
N LEU G 461 -47.46 -12.91 -10.14
CA LEU G 461 -46.02 -12.78 -10.30
C LEU G 461 -45.69 -12.24 -11.68
N GLY G 462 -44.48 -11.69 -11.79
CA GLY G 462 -43.95 -11.25 -13.07
C GLY G 462 -42.49 -11.65 -13.20
N VAL G 463 -41.99 -11.52 -14.42
CA VAL G 463 -40.60 -11.83 -14.74
C VAL G 463 -39.87 -10.53 -15.04
N GLN G 464 -38.63 -10.43 -14.59
CA GLN G 464 -37.79 -9.27 -14.83
C GLN G 464 -36.53 -9.68 -15.56
N SER G 465 -35.90 -8.70 -16.20
CA SER G 465 -34.68 -8.95 -16.96
C SER G 465 -33.46 -8.92 -16.04
N ALA G 466 -32.29 -9.18 -16.63
CA ALA G 466 -31.04 -9.16 -15.87
C ALA G 466 -30.64 -7.77 -15.40
N ALA G 467 -31.25 -6.72 -15.95
CA ALA G 467 -30.96 -5.35 -15.53
C ALA G 467 -31.24 -5.15 -14.04
N VAL H 2 -47.86 3.83 -26.38
CA VAL H 2 -46.53 3.50 -26.86
C VAL H 2 -46.60 2.43 -27.95
N ARG H 3 -45.63 2.45 -28.86
CA ARG H 3 -45.48 1.42 -29.87
C ARG H 3 -44.09 0.82 -29.77
N PHE H 4 -44.01 -0.51 -29.80
CA PHE H 4 -42.76 -1.22 -29.77
C PHE H 4 -42.38 -1.71 -31.16
N LEU H 5 -41.08 -1.92 -31.36
CA LEU H 5 -40.60 -2.48 -32.61
C LEU H 5 -41.24 -3.84 -32.87
N ASP H 6 -41.37 -4.19 -34.15
CA ASP H 6 -42.01 -5.43 -34.54
C ASP H 6 -41.33 -6.62 -33.89
N GLY H 7 -42.11 -7.43 -33.17
CA GLY H 7 -41.59 -8.60 -32.48
C GLY H 7 -41.05 -8.34 -31.09
N HIS H 8 -40.96 -7.08 -30.67
CA HIS H 8 -40.40 -6.74 -29.37
C HIS H 8 -41.48 -6.85 -28.30
N THR H 9 -41.91 -8.09 -28.06
CA THR H 9 -42.87 -8.43 -27.01
C THR H 9 -42.18 -9.41 -26.08
N PRO H 10 -41.31 -8.94 -25.19
CA PRO H 10 -40.54 -9.85 -24.34
C PRO H 10 -41.42 -10.55 -23.32
N ALA H 11 -40.90 -11.69 -22.84
CA ALA H 11 -41.59 -12.49 -21.83
C ALA H 11 -41.26 -12.04 -20.42
N TYR H 12 -41.12 -10.73 -20.21
CA TYR H 12 -40.79 -10.18 -18.91
C TYR H 12 -41.11 -8.69 -18.91
N ASP H 13 -41.12 -8.09 -17.74
CA ASP H 13 -41.36 -6.67 -17.60
C ASP H 13 -40.06 -5.90 -17.76
N LEU H 14 -40.20 -4.64 -18.16
CA LEU H 14 -39.06 -3.83 -18.59
C LEU H 14 -38.84 -2.68 -17.61
N THR H 15 -37.59 -2.49 -17.19
CA THR H 15 -37.21 -1.34 -16.39
C THR H 15 -36.65 -0.26 -17.32
N TYR H 16 -36.15 0.83 -16.73
CA TYR H 16 -35.61 1.93 -17.53
C TYR H 16 -34.41 1.49 -18.36
N ASN H 17 -33.67 0.47 -17.89
CA ASN H 17 -32.50 -0.01 -18.62
C ASN H 17 -32.84 -0.98 -19.74
N ASP H 18 -34.09 -1.41 -19.84
CA ASP H 18 -34.47 -2.44 -20.81
C ASP H 18 -34.95 -1.89 -22.15
N VAL H 19 -35.21 -0.58 -22.25
CA VAL H 19 -35.84 -0.02 -23.43
C VAL H 19 -34.97 1.10 -23.99
N PHE H 20 -35.20 1.39 -25.28
CA PHE H 20 -34.55 2.50 -25.97
C PHE H 20 -35.56 3.13 -26.91
N VAL H 21 -35.28 4.37 -27.30
CA VAL H 21 -36.19 5.15 -28.15
C VAL H 21 -35.63 5.18 -29.56
N VAL H 22 -36.44 4.73 -30.52
CA VAL H 22 -36.04 4.74 -31.93
C VAL H 22 -36.37 6.10 -32.53
N PRO H 23 -35.41 6.77 -33.17
CA PRO H 23 -35.71 8.07 -33.78
C PRO H 23 -36.72 7.96 -34.90
N GLY H 24 -37.54 9.00 -35.04
CA GLY H 24 -38.48 9.12 -36.13
C GLY H 24 -38.29 10.43 -36.86
N ARG H 25 -39.05 10.60 -37.94
CA ARG H 25 -38.98 11.83 -38.71
C ARG H 25 -39.42 13.01 -37.84
N SER H 26 -38.66 14.10 -37.93
CA SER H 26 -38.86 15.24 -37.05
C SER H 26 -38.77 16.54 -37.83
N ASP H 27 -39.63 17.49 -37.48
CA ASP H 27 -39.51 18.87 -37.93
C ASP H 27 -39.26 19.81 -36.77
N VAL H 28 -38.85 19.27 -35.62
CA VAL H 28 -38.54 20.07 -34.44
C VAL H 28 -37.02 20.21 -34.40
N ALA H 29 -36.52 21.34 -34.91
CA ALA H 29 -35.08 21.53 -35.03
C ALA H 29 -34.43 21.89 -33.69
N SER H 30 -35.01 22.85 -32.98
CA SER H 30 -34.39 23.39 -31.78
C SER H 30 -34.98 22.77 -30.53
N ARG H 31 -34.14 22.57 -29.51
CA ARG H 31 -34.61 22.11 -28.22
C ARG H 31 -35.58 23.09 -27.58
N PHE H 32 -35.42 24.38 -27.89
CA PHE H 32 -36.29 25.42 -27.31
C PHE H 32 -37.67 25.45 -27.95
N ASP H 33 -37.85 24.82 -29.11
CA ASP H 33 -39.15 24.76 -29.74
C ASP H 33 -40.08 23.76 -29.07
N VAL H 34 -39.58 22.94 -28.15
CA VAL H 34 -40.37 21.93 -27.48
C VAL H 34 -41.07 22.55 -26.29
N ASP H 35 -42.33 22.18 -26.07
CA ASP H 35 -43.12 22.63 -24.93
C ASP H 35 -43.10 21.53 -23.88
N LEU H 36 -42.46 21.80 -22.74
CA LEU H 36 -42.36 20.85 -21.64
C LEU H 36 -43.50 20.99 -20.63
N SER H 37 -44.53 21.79 -20.95
CA SER H 37 -45.62 22.01 -20.02
C SER H 37 -46.42 20.71 -19.81
N THR H 38 -46.95 20.58 -18.60
CA THR H 38 -47.75 19.41 -18.23
C THR H 38 -49.23 19.70 -18.36
N VAL H 39 -50.01 18.63 -18.44
CA VAL H 39 -51.45 18.73 -18.68
C VAL H 39 -52.20 17.99 -17.57
N ASP H 40 -51.51 17.72 -16.46
CA ASP H 40 -52.09 16.98 -15.35
C ASP H 40 -52.65 17.89 -14.27
N GLY H 41 -52.66 19.20 -14.50
CA GLY H 41 -53.21 20.14 -13.55
C GLY H 41 -52.27 20.56 -12.44
N SER H 42 -51.05 20.01 -12.39
CA SER H 42 -50.10 20.41 -11.36
C SER H 42 -49.63 21.85 -11.53
N GLY H 43 -49.72 22.41 -12.73
CA GLY H 43 -49.28 23.75 -12.99
C GLY H 43 -47.83 23.90 -13.37
N THR H 44 -47.12 22.80 -13.61
CA THR H 44 -45.72 22.84 -13.96
C THR H 44 -45.54 23.03 -15.47
N THR H 45 -44.48 23.76 -15.83
CA THR H 45 -44.05 23.88 -17.22
C THR H 45 -42.93 22.92 -17.56
N ILE H 46 -42.52 22.08 -16.61
CA ILE H 46 -41.52 21.04 -16.85
C ILE H 46 -42.00 19.75 -16.18
N PRO H 47 -41.52 18.60 -16.68
CA PRO H 47 -41.95 17.31 -16.14
C PRO H 47 -41.07 16.76 -15.02
N VAL H 48 -40.81 17.60 -14.01
CA VAL H 48 -40.00 17.20 -12.85
C VAL H 48 -40.78 17.49 -11.58
N VAL H 49 -40.90 16.47 -10.72
CA VAL H 49 -41.55 16.59 -9.42
C VAL H 49 -40.54 16.19 -8.36
N VAL H 50 -40.45 16.98 -7.29
CA VAL H 50 -39.57 16.67 -6.17
C VAL H 50 -40.35 15.85 -5.14
N ALA H 51 -39.78 14.72 -4.75
CA ALA H 51 -40.49 13.77 -3.90
C ALA H 51 -40.66 14.30 -2.48
N ASN H 52 -41.72 13.82 -1.82
CA ASN H 52 -42.05 14.22 -0.45
C ASN H 52 -41.14 13.49 0.54
N MET H 53 -39.88 13.93 0.56
CA MET H 53 -38.85 13.32 1.41
C MET H 53 -38.17 14.41 2.22
N THR H 54 -38.01 14.17 3.52
CA THR H 54 -37.34 15.14 4.38
C THR H 54 -35.89 15.37 3.96
N ALA H 55 -35.28 14.43 3.23
CA ALA H 55 -33.93 14.62 2.74
C ALA H 55 -33.87 15.61 1.59
N VAL H 56 -35.00 15.89 0.94
CA VAL H 56 -35.00 16.68 -0.28
C VAL H 56 -35.94 17.87 -0.17
N ALA H 57 -37.12 17.66 0.43
CA ALA H 57 -38.21 18.62 0.35
C ALA H 57 -38.08 19.64 1.47
N GLY H 58 -37.16 20.60 1.25
CA GLY H 58 -37.00 21.73 2.14
C GLY H 58 -37.66 22.98 1.59
N ARG H 59 -37.50 24.07 2.34
CA ARG H 59 -38.09 25.34 1.93
C ARG H 59 -37.30 26.00 0.80
N ARG H 60 -35.96 25.97 0.90
CA ARG H 60 -35.15 26.49 -0.19
C ARG H 60 -35.28 25.64 -1.45
N MET H 61 -35.49 24.33 -1.27
CA MET H 61 -35.72 23.46 -2.40
C MET H 61 -37.02 23.84 -3.13
N ALA H 62 -38.06 24.15 -2.37
CA ALA H 62 -39.33 24.52 -2.99
C ALA H 62 -39.21 25.81 -3.79
N GLU H 63 -38.48 26.80 -3.25
CA GLU H 63 -38.32 28.06 -3.96
C GLU H 63 -37.51 27.88 -5.24
N THR H 64 -36.38 27.16 -5.15
CA THR H 64 -35.47 27.04 -6.29
C THR H 64 -36.10 26.23 -7.40
N VAL H 65 -36.82 25.16 -7.06
CA VAL H 65 -37.39 24.27 -8.08
C VAL H 65 -38.61 24.91 -8.74
N ALA H 66 -39.48 25.56 -7.94
CA ALA H 66 -40.69 26.15 -8.50
C ALA H 66 -40.38 27.28 -9.47
N ARG H 67 -39.32 28.05 -9.22
CA ARG H 67 -38.98 29.14 -10.13
C ARG H 67 -38.61 28.62 -11.51
N ARG H 68 -37.99 27.44 -11.58
CA ARG H 68 -37.62 26.83 -12.85
C ARG H 68 -38.75 26.00 -13.45
N GLY H 69 -39.96 26.11 -12.90
CA GLY H 69 -41.12 25.43 -13.42
C GLY H 69 -41.54 24.18 -12.68
N GLY H 70 -40.80 23.78 -11.65
CA GLY H 70 -41.07 22.55 -10.95
C GLY H 70 -42.05 22.72 -9.80
N ILE H 71 -42.20 21.64 -9.04
CA ILE H 71 -43.06 21.62 -7.86
C ILE H 71 -42.45 20.66 -6.84
N VAL H 72 -42.45 21.08 -5.59
CA VAL H 72 -41.87 20.30 -4.50
C VAL H 72 -43.00 19.90 -3.55
N VAL H 73 -43.06 18.62 -3.21
CA VAL H 73 -44.06 18.08 -2.31
C VAL H 73 -43.45 18.04 -0.91
N LEU H 74 -44.03 18.80 0.01
CA LEU H 74 -43.54 18.79 1.39
C LEU H 74 -43.76 17.41 2.01
N PRO H 75 -42.84 16.96 2.86
CA PRO H 75 -42.99 15.62 3.43
C PRO H 75 -44.19 15.54 4.37
N GLN H 76 -44.88 14.41 4.33
CA GLN H 76 -46.04 14.20 5.18
C GLN H 76 -45.62 14.18 6.64
N ASP H 77 -46.60 14.43 7.51
CA ASP H 77 -46.46 14.50 8.98
C ASP H 77 -45.63 15.69 9.43
N LEU H 78 -45.22 16.58 8.52
CA LEU H 78 -44.59 17.82 8.92
C LEU H 78 -45.59 18.66 9.72
N PRO H 79 -45.19 19.24 10.85
CA PRO H 79 -46.13 20.02 11.66
C PRO H 79 -46.78 21.13 10.84
N ILE H 80 -48.08 21.35 11.11
CA ILE H 80 -48.86 22.32 10.33
C ILE H 80 -48.31 23.72 10.51
N THR H 81 -47.71 24.00 11.67
CA THR H 81 -47.07 25.30 11.86
C THR H 81 -45.92 25.50 10.88
N ALA H 82 -45.09 24.47 10.70
CA ALA H 82 -43.99 24.57 9.74
C ALA H 82 -44.49 24.63 8.31
N VAL H 83 -45.61 23.97 8.01
CA VAL H 83 -46.17 24.03 6.67
C VAL H 83 -46.55 25.46 6.32
N SER H 84 -47.22 26.15 7.24
CA SER H 84 -47.62 27.53 6.98
C SER H 84 -46.40 28.43 6.79
N GLU H 85 -45.37 28.26 7.61
CA GLU H 85 -44.15 29.05 7.46
C GLU H 85 -43.50 28.80 6.11
N THR H 86 -43.55 27.55 5.64
CA THR H 86 -42.94 27.22 4.35
C THR H 86 -43.73 27.83 3.19
N VAL H 87 -45.06 27.72 3.24
CA VAL H 87 -45.90 28.29 2.18
C VAL H 87 -45.66 29.78 2.04
N ASP H 88 -45.60 30.49 3.17
CA ASP H 88 -45.43 31.94 3.14
C ASP H 88 -44.11 32.35 2.51
N PHE H 89 -43.06 31.54 2.68
CA PHE H 89 -41.79 31.82 2.01
C PHE H 89 -41.93 31.66 0.50
N VAL H 90 -42.35 30.46 0.06
CA VAL H 90 -42.33 30.14 -1.37
C VAL H 90 -43.19 31.11 -2.16
N LYS H 91 -44.35 31.47 -1.62
CA LYS H 91 -45.28 32.35 -2.34
C LYS H 91 -44.96 33.82 -2.18
N SER H 92 -43.94 34.18 -1.41
CA SER H 92 -43.50 35.57 -1.28
C SER H 92 -42.26 35.88 -2.11
N ARG H 93 -41.77 34.91 -2.88
CA ARG H 93 -40.53 35.07 -3.63
C ARG H 93 -40.77 35.72 -4.98
N ASP H 94 -39.75 36.44 -5.45
CA ASP H 94 -39.79 37.00 -6.80
C ASP H 94 -39.65 35.88 -7.83
N LEU H 95 -40.36 36.03 -8.95
CA LEU H 95 -40.35 35.01 -9.97
C LEU H 95 -39.02 34.91 -10.71
N VAL H 96 -38.15 35.91 -10.57
CA VAL H 96 -36.85 35.93 -11.23
C VAL H 96 -35.70 35.99 -10.23
N VAL H 97 -35.83 36.82 -9.20
CA VAL H 97 -34.74 37.05 -8.26
C VAL H 97 -34.74 35.95 -7.20
N ASP H 98 -33.55 35.44 -6.91
CA ASP H 98 -33.37 34.35 -5.96
C ASP H 98 -33.00 34.89 -4.58
N THR H 99 -33.24 34.06 -3.55
CA THR H 99 -32.94 34.44 -2.18
C THR H 99 -31.52 34.01 -1.84
N PRO H 100 -30.61 34.94 -1.54
CA PRO H 100 -29.24 34.59 -1.23
C PRO H 100 -29.05 34.23 0.23
N VAL H 101 -27.88 33.66 0.53
CA VAL H 101 -27.45 33.51 1.91
C VAL H 101 -27.09 34.88 2.46
N THR H 102 -27.58 35.18 3.66
CA THR H 102 -27.36 36.47 4.30
C THR H 102 -26.43 36.30 5.49
N LEU H 103 -25.67 37.36 5.78
CA LEU H 103 -24.68 37.34 6.85
C LEU H 103 -24.77 38.62 7.65
N SER H 104 -24.50 38.51 8.94
CA SER H 104 -24.36 39.67 9.80
C SER H 104 -22.90 40.06 9.93
N PRO H 105 -22.61 41.36 10.08
CA PRO H 105 -21.20 41.78 10.25
C PRO H 105 -20.51 41.17 11.46
N GLU H 106 -21.26 40.68 12.44
CA GLU H 106 -20.70 40.10 13.65
C GLU H 106 -20.56 38.58 13.57
N ASP H 107 -21.02 37.95 12.49
CA ASP H 107 -20.92 36.52 12.36
C ASP H 107 -19.47 36.09 12.17
N SER H 108 -19.21 34.82 12.48
CA SER H 108 -17.87 34.26 12.36
C SER H 108 -17.59 33.79 10.94
N VAL H 109 -16.31 33.69 10.61
CA VAL H 109 -15.90 33.09 9.34
C VAL H 109 -16.33 31.63 9.28
N SER H 110 -16.32 30.94 10.43
CA SER H 110 -16.79 29.55 10.47
C SER H 110 -18.22 29.44 9.98
N ASP H 111 -19.11 30.32 10.47
CA ASP H 111 -20.49 30.32 10.00
C ASP H 111 -20.57 30.70 8.54
N ALA H 112 -19.85 31.75 8.13
CA ALA H 112 -19.90 32.21 6.75
C ALA H 112 -19.51 31.10 5.78
N ASN H 113 -18.47 30.32 6.13
CA ASN H 113 -18.06 29.22 5.27
C ASN H 113 -19.12 28.13 5.24
N ALA H 114 -19.75 27.84 6.38
CA ALA H 114 -20.79 26.82 6.41
C ALA H 114 -22.06 27.31 5.74
N LEU H 115 -22.47 28.56 6.00
CA LEU H 115 -23.68 29.11 5.42
C LEU H 115 -23.56 29.33 3.92
N LEU H 116 -22.33 29.46 3.40
CA LEU H 116 -22.15 29.77 1.98
C LEU H 116 -22.75 28.68 1.09
N HIS H 117 -22.55 27.42 1.46
CA HIS H 117 -23.00 26.30 0.63
C HIS H 117 -24.49 26.02 0.77
N LYS H 118 -25.26 26.93 1.37
CA LYS H 118 -26.70 26.78 1.42
C LYS H 118 -27.36 27.11 0.09
N ARG H 119 -26.67 27.83 -0.79
CA ARG H 119 -27.15 28.16 -2.12
C ARG H 119 -26.04 27.88 -3.13
N ALA H 120 -26.39 27.99 -4.41
CA ALA H 120 -25.43 27.79 -5.49
C ALA H 120 -24.89 29.11 -6.04
N HIS H 121 -25.08 30.21 -5.30
CA HIS H 121 -24.66 31.51 -5.77
C HIS H 121 -23.16 31.74 -5.63
N GLY H 122 -22.49 30.95 -4.79
CA GLY H 122 -21.06 31.12 -4.58
C GLY H 122 -20.66 32.36 -3.82
N ALA H 123 -21.62 33.10 -3.27
CA ALA H 123 -21.32 34.30 -2.50
C ALA H 123 -22.51 34.63 -1.62
N ALA H 124 -22.23 35.13 -0.42
CA ALA H 124 -23.25 35.55 0.53
C ALA H 124 -23.17 37.06 0.72
N VAL H 125 -24.32 37.70 0.88
CA VAL H 125 -24.42 39.15 1.00
C VAL H 125 -24.48 39.52 2.48
N VAL H 126 -23.61 40.44 2.90
CA VAL H 126 -23.64 40.93 4.27
C VAL H 126 -24.75 41.95 4.40
N VAL H 127 -25.61 41.77 5.41
CA VAL H 127 -26.78 42.60 5.61
C VAL H 127 -26.65 43.33 6.95
N PHE H 128 -26.90 44.63 6.92
CA PHE H 128 -26.92 45.46 8.12
C PHE H 128 -28.18 46.31 8.08
N GLU H 129 -29.13 46.02 8.98
CA GLU H 129 -30.42 46.71 9.03
C GLU H 129 -31.16 46.60 7.70
N GLY H 130 -31.16 45.40 7.12
CA GLY H 130 -31.83 45.16 5.86
C GLY H 130 -31.09 45.65 4.64
N ARG H 131 -29.93 46.29 4.81
CA ARG H 131 -29.18 46.89 3.71
C ARG H 131 -28.00 46.02 3.33
N PRO H 132 -27.81 45.75 2.03
CA PRO H 132 -26.59 45.03 1.61
C PRO H 132 -25.38 45.95 1.70
N ILE H 133 -24.31 45.45 2.32
CA ILE H 133 -23.14 46.27 2.56
C ILE H 133 -21.88 45.60 2.01
N GLY H 134 -21.99 44.34 1.59
CA GLY H 134 -20.85 43.65 1.05
C GLY H 134 -21.19 42.23 0.68
N LEU H 135 -20.22 41.56 0.06
CA LEU H 135 -20.32 40.17 -0.35
C LEU H 135 -19.19 39.36 0.26
N VAL H 136 -19.48 38.10 0.59
CA VAL H 136 -18.50 37.18 1.14
C VAL H 136 -18.44 35.94 0.26
N THR H 137 -17.23 35.55 -0.13
CA THR H 137 -17.00 34.35 -0.92
C THR H 137 -16.14 33.38 -0.12
N GLU H 138 -16.05 32.15 -0.64
CA GLU H 138 -15.19 31.15 0.00
C GLU H 138 -13.73 31.58 -0.02
N ALA H 139 -13.31 32.34 -1.03
CA ALA H 139 -11.94 32.83 -1.09
C ALA H 139 -11.65 33.76 0.07
N ASN H 140 -12.63 34.57 0.48
CA ASN H 140 -12.42 35.46 1.62
C ASN H 140 -12.27 34.69 2.93
N CYS H 141 -12.84 33.49 3.02
CA CYS H 141 -12.75 32.69 4.23
C CYS H 141 -11.45 31.90 4.32
N ALA H 142 -10.78 31.67 3.19
CA ALA H 142 -9.53 30.92 3.18
C ALA H 142 -8.38 31.77 3.72
N GLY H 143 -7.52 31.16 4.53
CA GLY H 143 -6.34 31.81 5.02
C GLY H 143 -6.57 32.84 6.12
N VAL H 144 -7.80 33.00 6.58
CA VAL H 144 -8.12 33.95 7.63
C VAL H 144 -8.49 33.18 8.90
N ASP H 145 -8.50 33.90 10.02
CA ASP H 145 -8.88 33.31 11.29
C ASP H 145 -10.29 32.76 11.23
N ARG H 146 -10.46 31.52 11.72
CA ARG H 146 -11.78 30.89 11.67
C ARG H 146 -12.81 31.66 12.50
N PHE H 147 -12.36 32.39 13.51
CA PHE H 147 -13.25 33.18 14.34
C PHE H 147 -13.16 34.67 14.04
N ALA H 148 -12.50 35.05 12.95
CA ALA H 148 -12.59 36.42 12.48
C ALA H 148 -14.02 36.75 12.10
N ARG H 149 -14.34 38.04 12.12
CA ARG H 149 -15.69 38.48 11.83
C ARG H 149 -15.89 38.69 10.33
N VAL H 150 -17.12 38.46 9.87
CA VAL H 150 -17.51 38.73 8.49
C VAL H 150 -17.17 40.16 8.11
N ARG H 151 -17.25 41.08 9.08
CA ARG H 151 -16.85 42.47 8.87
C ARG H 151 -15.45 42.59 8.29
N ASP H 152 -14.55 41.70 8.67
CA ASP H 152 -13.14 41.82 8.31
C ASP H 152 -12.80 41.23 6.94
N ILE H 153 -13.67 40.40 6.38
CA ILE H 153 -13.40 39.73 5.11
C ILE H 153 -14.39 40.11 4.02
N ALA H 154 -15.40 40.92 4.32
CA ALA H 154 -16.42 41.24 3.33
C ALA H 154 -15.86 42.16 2.26
N LEU H 155 -16.30 41.92 1.01
CA LEU H 155 -15.94 42.77 -0.12
C LEU H 155 -17.03 43.83 -0.28
N SER H 156 -16.67 45.09 -0.08
CA SER H 156 -17.63 46.18 -0.11
C SER H 156 -18.03 46.60 -1.53
N ASP H 157 -17.30 46.16 -2.54
CA ASP H 157 -17.60 46.50 -3.93
C ASP H 157 -18.38 45.37 -4.58
N PHE H 158 -19.52 45.71 -5.17
CA PHE H 158 -20.35 44.72 -5.85
C PHE H 158 -21.29 45.44 -6.82
N VAL H 159 -21.72 44.70 -7.83
CA VAL H 159 -22.70 45.21 -8.78
C VAL H 159 -24.08 45.18 -8.13
N THR H 160 -24.82 46.28 -8.27
CA THR H 160 -26.17 46.39 -7.73
C THR H 160 -27.10 46.92 -8.81
N ALA H 161 -28.36 46.50 -8.73
CA ALA H 161 -29.38 46.92 -9.68
C ALA H 161 -30.74 46.79 -9.01
N PRO H 162 -31.69 47.67 -9.34
CA PRO H 162 -33.01 47.57 -8.72
C PRO H 162 -33.76 46.33 -9.17
N VAL H 163 -34.57 45.79 -8.25
CA VAL H 163 -35.40 44.64 -8.58
C VAL H 163 -36.42 45.04 -9.64
N GLY H 164 -36.67 44.13 -10.58
CA GLY H 164 -37.53 44.40 -11.72
C GLY H 164 -36.78 44.73 -12.99
N THR H 165 -35.48 45.04 -12.90
CA THR H 165 -34.67 45.27 -14.07
C THR H 165 -34.68 44.04 -14.98
N ASP H 166 -34.61 44.29 -16.28
CA ASP H 166 -34.64 43.20 -17.25
C ASP H 166 -33.48 42.24 -16.98
N PRO H 167 -33.76 40.94 -16.83
CA PRO H 167 -32.64 39.98 -16.62
C PRO H 167 -31.64 39.96 -17.75
N ARG H 168 -32.07 40.29 -18.97
CA ARG H 168 -31.12 40.44 -20.07
C ARG H 168 -30.13 41.56 -19.79
N GLU H 169 -30.57 42.61 -19.10
CA GLU H 169 -29.66 43.69 -18.73
C GLU H 169 -28.70 43.24 -17.64
N VAL H 170 -29.24 42.60 -16.58
CA VAL H 170 -28.39 42.15 -15.48
C VAL H 170 -27.27 41.25 -15.98
N PHE H 171 -27.54 40.45 -17.01
CA PHE H 171 -26.52 39.56 -17.55
C PHE H 171 -25.29 40.33 -18.01
N ASP H 172 -25.48 41.37 -18.84
CA ASP H 172 -24.36 42.13 -19.36
C ASP H 172 -23.71 43.02 -18.32
N LEU H 173 -24.42 43.36 -17.24
CA LEU H 173 -23.81 44.13 -16.16
C LEU H 173 -22.75 43.34 -15.41
N LEU H 174 -22.81 42.00 -15.48
CA LEU H 174 -21.99 41.14 -14.64
C LEU H 174 -20.79 40.53 -15.34
N GLU H 175 -20.53 40.88 -16.60
CA GLU H 175 -19.37 40.32 -17.29
C GLU H 175 -18.08 40.70 -16.58
N HIS H 176 -17.84 42.00 -16.43
CA HIS H 176 -16.57 42.48 -15.89
C HIS H 176 -16.62 42.65 -14.38
N ALA H 177 -17.59 42.03 -13.72
CA ALA H 177 -17.62 42.00 -12.26
C ALA H 177 -16.82 40.81 -11.76
N PRO H 178 -15.90 41.01 -10.82
CA PRO H 178 -15.11 39.87 -10.31
C PRO H 178 -15.95 38.77 -9.68
N ILE H 179 -17.10 39.13 -9.11
CA ILE H 179 -18.01 38.17 -8.48
C ILE H 179 -19.27 38.11 -9.33
N ASP H 180 -19.61 36.92 -9.81
CA ASP H 180 -20.76 36.74 -10.71
C ASP H 180 -22.06 36.66 -9.91
N VAL H 181 -22.30 37.69 -9.11
CA VAL H 181 -23.51 37.82 -8.31
C VAL H 181 -23.95 39.28 -8.36
N ALA H 182 -25.17 39.54 -8.82
CA ALA H 182 -25.74 40.88 -8.85
C ALA H 182 -26.73 41.01 -7.70
N VAL H 183 -26.47 41.98 -6.82
CA VAL H 183 -27.30 42.19 -5.65
C VAL H 183 -28.46 43.11 -6.03
N MET H 184 -29.68 42.60 -5.92
CA MET H 184 -30.87 43.31 -6.33
C MET H 184 -31.51 43.99 -5.12
N THR H 185 -31.91 45.25 -5.29
CA THR H 185 -32.33 46.10 -4.18
C THR H 185 -33.80 46.48 -4.29
N ALA H 186 -34.41 46.65 -3.12
CA ALA H 186 -35.77 47.15 -3.01
C ALA H 186 -35.81 48.65 -3.32
N PRO H 187 -36.99 49.27 -3.50
CA PRO H 187 -37.01 50.71 -3.81
C PRO H 187 -36.32 51.55 -2.74
N ASP H 188 -36.45 51.20 -1.47
CA ASP H 188 -35.81 51.92 -0.39
C ASP H 188 -34.35 51.52 -0.18
N GLY H 189 -33.78 50.76 -1.11
CA GLY H 189 -32.39 50.35 -1.03
C GLY H 189 -32.13 49.09 -0.24
N THR H 190 -33.14 48.49 0.36
CA THR H 190 -32.94 47.28 1.14
C THR H 190 -32.78 46.07 0.21
N LEU H 191 -32.30 44.97 0.78
CA LEU H 191 -32.01 43.78 0.00
C LEU H 191 -33.30 43.13 -0.51
N ALA H 192 -33.36 42.91 -1.82
CA ALA H 192 -34.47 42.20 -2.44
C ALA H 192 -34.10 40.79 -2.92
N GLY H 193 -32.83 40.55 -3.19
CA GLY H 193 -32.37 39.25 -3.64
C GLY H 193 -31.13 39.40 -4.48
N VAL H 194 -30.78 38.31 -5.18
CA VAL H 194 -29.63 38.30 -6.07
C VAL H 194 -29.99 37.61 -7.37
N LEU H 195 -29.19 37.88 -8.40
CA LEU H 195 -29.36 37.24 -9.70
C LEU H 195 -27.99 37.07 -10.34
N THR H 196 -27.68 35.86 -10.76
CA THR H 196 -26.40 35.57 -11.40
C THR H 196 -26.56 35.66 -12.92
N ARG H 197 -25.40 35.63 -13.61
CA ARG H 197 -25.42 35.59 -15.07
C ARG H 197 -26.19 34.39 -15.58
N THR H 198 -25.85 33.19 -15.09
CA THR H 198 -26.55 31.99 -15.50
C THR H 198 -28.00 32.02 -15.03
N GLY H 199 -28.25 32.52 -13.82
CA GLY H 199 -29.62 32.65 -13.34
C GLY H 199 -30.43 33.63 -14.15
N ALA H 200 -29.80 34.67 -14.68
CA ALA H 200 -30.51 35.59 -15.57
C ALA H 200 -30.92 34.91 -16.86
N ILE H 201 -30.07 34.02 -17.39
CA ILE H 201 -30.41 33.26 -18.58
C ILE H 201 -31.58 32.32 -18.30
N ARG H 202 -31.59 31.71 -17.11
CA ARG H 202 -32.66 30.78 -16.76
C ARG H 202 -34.02 31.46 -16.72
N ALA H 203 -34.05 32.78 -16.48
CA ALA H 203 -35.33 33.49 -16.46
C ALA H 203 -36.01 33.48 -17.83
N GLY H 204 -35.22 33.47 -18.90
CA GLY H 204 -35.74 33.41 -20.26
C GLY H 204 -35.91 32.02 -20.81
N ILE H 205 -35.60 30.99 -20.04
CA ILE H 205 -35.72 29.61 -20.49
C ILE H 205 -36.79 28.86 -19.70
N TYR H 206 -36.83 29.04 -18.38
CA TYR H 206 -37.78 28.36 -17.52
C TYR H 206 -38.90 29.32 -17.13
N THR H 207 -40.14 28.86 -17.28
CA THR H 207 -41.32 29.62 -16.90
C THR H 207 -41.69 29.34 -15.45
N PRO H 208 -41.88 30.36 -14.61
CA PRO H 208 -42.21 30.09 -13.20
C PRO H 208 -43.57 29.41 -13.09
N ALA H 209 -43.61 28.37 -12.26
CA ALA H 209 -44.86 27.68 -11.97
C ALA H 209 -45.60 28.47 -10.90
N VAL H 210 -46.68 29.14 -11.29
CA VAL H 210 -47.37 30.07 -10.42
C VAL H 210 -48.84 29.69 -10.33
N ASP H 211 -49.47 30.10 -9.23
CA ASP H 211 -50.89 29.90 -9.03
C ASP H 211 -51.67 31.02 -9.73
N ALA H 212 -52.96 31.13 -9.44
CA ALA H 212 -53.79 32.15 -10.05
C ALA H 212 -53.38 33.56 -9.65
N LYS H 213 -52.71 33.72 -8.51
CA LYS H 213 -52.27 35.03 -8.04
C LYS H 213 -50.82 35.34 -8.41
N GLY H 214 -50.18 34.47 -9.20
CA GLY H 214 -48.79 34.68 -9.55
C GLY H 214 -47.79 34.34 -8.48
N ARG H 215 -48.17 33.51 -7.51
CA ARG H 215 -47.27 33.06 -6.46
C ARG H 215 -46.74 31.68 -6.80
N LEU H 216 -45.49 31.43 -6.43
CA LEU H 216 -44.85 30.15 -6.73
C LEU H 216 -45.68 29.00 -6.19
N ARG H 217 -45.84 27.98 -7.03
CA ARG H 217 -46.69 26.84 -6.66
C ARG H 217 -46.00 25.98 -5.60
N ILE H 218 -46.83 25.18 -4.92
CA ILE H 218 -46.35 24.35 -3.82
C ILE H 218 -47.29 23.16 -3.68
N ALA H 219 -46.76 22.05 -3.19
CA ALA H 219 -47.49 20.81 -3.02
C ALA H 219 -47.54 20.45 -1.54
N ALA H 220 -48.15 19.30 -1.25
CA ALA H 220 -48.22 18.81 0.12
C ALA H 220 -48.52 17.31 0.12
N ALA H 221 -47.88 16.59 1.03
CA ALA H 221 -48.12 15.17 1.22
C ALA H 221 -48.83 14.94 2.55
N VAL H 222 -49.59 13.86 2.61
CA VAL H 222 -50.36 13.51 3.80
C VAL H 222 -50.43 12.00 3.92
N GLY H 223 -50.24 11.51 5.16
CA GLY H 223 -50.38 10.09 5.42
C GLY H 223 -51.82 9.67 5.57
N ILE H 224 -52.01 8.36 5.70
CA ILE H 224 -53.35 7.77 5.75
C ILE H 224 -53.73 7.34 7.16
N ASN H 225 -52.91 7.65 8.15
CA ASN H 225 -53.26 7.37 9.54
C ASN H 225 -53.96 8.56 10.16
N GLY H 226 -54.81 8.29 11.16
CA GLY H 226 -55.53 9.36 11.81
C GLY H 226 -56.62 9.94 10.93
N ASP H 227 -56.83 11.25 11.08
CA ASP H 227 -57.90 11.96 10.39
C ASP H 227 -57.34 12.53 9.08
N VAL H 228 -57.52 11.79 7.99
CA VAL H 228 -57.02 12.24 6.70
C VAL H 228 -57.75 13.48 6.23
N GLY H 229 -59.06 13.57 6.47
CA GLY H 229 -59.82 14.73 6.05
C GLY H 229 -59.36 16.01 6.74
N ALA H 230 -59.14 15.94 8.05
CA ALA H 230 -58.70 17.13 8.78
C ALA H 230 -57.30 17.56 8.35
N LYS H 231 -56.40 16.60 8.17
CA LYS H 231 -55.04 16.95 7.74
C LYS H 231 -55.03 17.51 6.33
N ALA H 232 -55.83 16.94 5.42
CA ALA H 232 -55.88 17.45 4.06
C ALA H 232 -56.47 18.85 4.01
N GLN H 233 -57.48 19.13 4.83
CA GLN H 233 -58.05 20.48 4.88
C GLN H 233 -57.08 21.46 5.51
N ALA H 234 -56.37 21.03 6.57
CA ALA H 234 -55.45 21.93 7.26
C ALA H 234 -54.31 22.36 6.36
N LEU H 235 -53.84 21.45 5.49
CA LEU H 235 -52.79 21.83 4.55
C LEU H 235 -53.32 22.64 3.38
N ALA H 236 -54.55 22.35 2.94
CA ALA H 236 -55.16 23.12 1.85
C ALA H 236 -55.34 24.58 2.24
N GLU H 237 -55.86 24.83 3.44
CA GLU H 237 -56.00 26.20 3.92
C GLU H 237 -54.65 26.84 4.23
N ALA H 238 -53.60 26.04 4.42
CA ALA H 238 -52.27 26.57 4.65
C ALA H 238 -51.62 27.11 3.38
N GLY H 239 -52.22 26.87 2.22
CA GLY H 239 -51.71 27.41 0.97
C GLY H 239 -51.16 26.41 -0.03
N ALA H 240 -51.35 25.11 0.20
CA ALA H 240 -50.88 24.12 -0.75
C ALA H 240 -51.70 24.16 -2.03
N ASP H 241 -51.01 24.08 -3.17
CA ASP H 241 -51.68 24.02 -4.47
C ASP H 241 -51.88 22.58 -4.95
N LEU H 242 -51.36 21.60 -4.25
CA LEU H 242 -51.45 20.21 -4.67
C LEU H 242 -51.37 19.32 -3.44
N LEU H 243 -52.13 18.23 -3.45
CA LEU H 243 -52.20 17.30 -2.34
C LEU H 243 -51.74 15.92 -2.79
N VAL H 244 -50.90 15.28 -1.99
CA VAL H 244 -50.39 13.95 -2.27
C VAL H 244 -50.80 13.02 -1.14
N ILE H 245 -51.62 12.02 -1.47
CA ILE H 245 -51.93 10.94 -0.54
C ILE H 245 -50.94 9.81 -0.85
N ASP H 246 -50.00 9.60 0.07
CA ASP H 246 -48.84 8.76 -0.18
C ASP H 246 -48.77 7.64 0.84
N THR H 247 -48.53 6.42 0.36
CA THR H 247 -48.33 5.27 1.23
C THR H 247 -47.53 4.23 0.45
N ALA H 248 -47.04 3.23 1.18
CA ALA H 248 -46.27 2.16 0.56
C ALA H 248 -47.13 1.33 -0.38
N HIS H 249 -48.29 0.89 0.08
CA HIS H 249 -49.20 0.04 -0.69
C HIS H 249 -50.47 0.82 -0.99
N GLY H 250 -50.50 1.50 -2.14
CA GLY H 250 -51.65 2.30 -2.53
C GLY H 250 -52.89 1.51 -2.87
N HIS H 251 -52.73 0.23 -3.23
CA HIS H 251 -53.88 -0.59 -3.61
C HIS H 251 -54.44 -1.30 -2.37
N GLN H 252 -55.09 -0.50 -1.53
CA GLN H 252 -55.64 -0.97 -0.27
C GLN H 252 -56.96 -0.26 0.01
N ALA H 253 -57.89 -0.98 0.64
CA ALA H 253 -59.20 -0.41 0.94
C ALA H 253 -59.09 0.81 1.85
N LYS H 254 -58.20 0.75 2.85
CA LYS H 254 -58.00 1.90 3.73
C LYS H 254 -57.50 3.11 2.94
N MET H 255 -56.79 2.88 1.84
CA MET H 255 -56.41 3.98 0.96
C MET H 255 -57.62 4.56 0.25
N LEU H 256 -58.46 3.70 -0.34
CA LEU H 256 -59.65 4.17 -1.04
C LEU H 256 -60.54 5.01 -0.14
N ASP H 257 -60.67 4.63 1.14
CA ASP H 257 -61.44 5.43 2.08
C ASP H 257 -60.83 6.81 2.26
N ALA H 258 -59.50 6.90 2.26
CA ALA H 258 -58.85 8.19 2.47
C ALA H 258 -59.06 9.13 1.29
N ILE H 259 -58.95 8.61 0.07
CA ILE H 259 -59.16 9.46 -1.10
C ILE H 259 -60.61 9.93 -1.18
N LYS H 260 -61.56 9.04 -0.86
CA LYS H 260 -62.96 9.44 -0.84
C LYS H 260 -63.22 10.49 0.24
N ALA H 261 -62.53 10.38 1.38
CA ALA H 261 -62.72 11.36 2.44
C ALA H 261 -62.23 12.75 2.01
N VAL H 262 -61.07 12.81 1.35
CA VAL H 262 -60.54 14.10 0.91
C VAL H 262 -61.34 14.64 -0.26
N ALA H 263 -61.74 13.77 -1.20
CA ALA H 263 -62.51 14.21 -2.35
C ALA H 263 -63.86 14.78 -1.95
N SER H 264 -64.48 14.20 -0.92
CA SER H 264 -65.77 14.69 -0.43
C SER H 264 -65.69 16.07 0.18
N LEU H 265 -64.49 16.59 0.43
CA LEU H 265 -64.34 17.93 0.99
C LEU H 265 -64.44 19.03 -0.06
N ASP H 266 -64.28 18.68 -1.34
CA ASP H 266 -64.35 19.63 -2.46
C ASP H 266 -63.41 20.82 -2.23
N LEU H 267 -62.13 20.49 -2.06
CA LEU H 267 -61.12 21.50 -1.82
C LEU H 267 -60.73 22.26 -3.08
N GLY H 268 -61.11 21.79 -4.26
CA GLY H 268 -60.78 22.50 -5.48
C GLY H 268 -59.34 22.38 -5.91
N LEU H 269 -58.61 21.40 -5.38
CA LEU H 269 -57.20 21.23 -5.69
C LEU H 269 -56.96 19.84 -6.26
N PRO H 270 -55.93 19.68 -7.11
CA PRO H 270 -55.63 18.34 -7.64
C PRO H 270 -55.27 17.36 -6.54
N LEU H 271 -55.75 16.13 -6.70
CA LEU H 271 -55.51 15.06 -5.72
C LEU H 271 -54.59 14.01 -6.35
N VAL H 272 -53.42 13.81 -5.74
CA VAL H 272 -52.49 12.76 -6.14
C VAL H 272 -52.57 11.65 -5.12
N ALA H 273 -52.59 10.40 -5.61
CA ALA H 273 -52.73 9.24 -4.76
C ALA H 273 -51.84 8.11 -5.25
N GLY H 274 -51.26 7.38 -4.32
CA GLY H 274 -50.39 6.27 -4.67
C GLY H 274 -50.09 5.42 -3.44
N ASN H 275 -49.31 4.38 -3.66
CA ASN H 275 -48.74 4.06 -4.96
C ASN H 275 -49.23 2.70 -5.46
N VAL H 276 -49.45 2.60 -6.77
CA VAL H 276 -49.81 1.34 -7.40
C VAL H 276 -48.96 1.15 -8.65
N VAL H 277 -48.91 -0.10 -9.12
CA VAL H 277 -48.13 -0.44 -10.31
C VAL H 277 -48.96 -1.38 -11.19
N SER H 278 -50.25 -1.50 -10.89
CA SER H 278 -51.13 -2.39 -11.61
C SER H 278 -52.25 -1.59 -12.27
N ALA H 279 -52.80 -2.18 -13.35
CA ALA H 279 -53.92 -1.54 -14.04
C ALA H 279 -55.13 -1.39 -13.11
N GLU H 280 -55.42 -2.43 -12.32
CA GLU H 280 -56.52 -2.35 -11.37
C GLU H 280 -56.27 -1.29 -10.32
N GLY H 281 -55.03 -1.18 -9.84
CA GLY H 281 -54.72 -0.17 -8.84
C GLY H 281 -54.99 1.23 -9.32
N THR H 282 -54.65 1.53 -10.58
CA THR H 282 -54.92 2.86 -11.11
C THR H 282 -56.42 3.11 -11.24
N ARG H 283 -57.17 2.08 -11.65
CA ARG H 283 -58.62 2.24 -11.78
C ARG H 283 -59.28 2.52 -10.44
N ASP H 284 -58.87 1.80 -9.39
CA ASP H 284 -59.53 1.93 -8.10
C ASP H 284 -59.22 3.28 -7.44
N LEU H 285 -57.99 3.77 -7.62
CA LEU H 285 -57.63 5.05 -6.98
C LEU H 285 -58.33 6.22 -7.65
N ILE H 286 -58.47 6.18 -8.98
CA ILE H 286 -59.21 7.23 -9.67
C ILE H 286 -60.69 7.17 -9.35
N GLU H 287 -61.25 5.95 -9.30
CA GLU H 287 -62.65 5.80 -8.90
C GLU H 287 -62.89 6.33 -7.50
N ALA H 288 -61.88 6.27 -6.63
CA ALA H 288 -62.04 6.80 -5.27
C ALA H 288 -62.14 8.31 -5.25
N GLY H 289 -61.67 8.99 -6.29
CA GLY H 289 -61.78 10.43 -6.36
C GLY H 289 -60.47 11.12 -6.70
N ALA H 290 -59.41 10.33 -6.88
CA ALA H 290 -58.11 10.89 -7.22
C ALA H 290 -58.04 11.24 -8.69
N SER H 291 -57.35 12.35 -9.00
CA SER H 291 -57.13 12.77 -10.37
C SER H 291 -55.77 12.36 -10.91
N ILE H 292 -54.77 12.22 -10.04
CA ILE H 292 -53.43 11.81 -10.42
C ILE H 292 -53.06 10.57 -9.61
N VAL H 293 -52.54 9.55 -10.28
CA VAL H 293 -52.12 8.31 -9.65
C VAL H 293 -50.60 8.24 -9.69
N LYS H 294 -49.98 8.13 -8.53
CA LYS H 294 -48.53 8.06 -8.43
C LYS H 294 -48.09 6.60 -8.54
N VAL H 295 -47.17 6.34 -9.47
CA VAL H 295 -46.75 4.99 -9.82
C VAL H 295 -45.35 4.77 -9.27
N GLY H 296 -45.15 3.65 -8.58
CA GLY H 296 -43.83 3.30 -8.07
C GLY H 296 -43.87 2.50 -6.79
N VAL H 297 -43.61 1.19 -6.90
CA VAL H 297 -43.53 0.30 -5.75
C VAL H 297 -42.37 -0.66 -6.00
N GLY H 298 -41.32 -0.55 -5.20
CA GLY H 298 -40.13 -1.37 -5.33
C GLY H 298 -39.60 -1.49 -6.75
N PRO H 299 -39.21 -0.36 -7.36
CA PRO H 299 -38.70 -0.43 -8.73
C PRO H 299 -37.32 -1.05 -8.83
N GLY H 300 -36.50 -0.95 -7.79
CA GLY H 300 -35.17 -1.52 -7.80
C GLY H 300 -35.16 -2.97 -7.40
N ALA H 301 -34.62 -3.83 -8.26
CA ALA H 301 -34.59 -5.27 -7.99
C ALA H 301 -33.79 -5.59 -6.73
N MET H 302 -32.76 -4.79 -6.43
CA MET H 302 -31.89 -5.03 -5.29
C MET H 302 -32.11 -4.02 -4.16
N CYS H 303 -33.25 -3.34 -4.15
CA CYS H 303 -33.53 -2.34 -3.12
C CYS H 303 -34.13 -3.02 -1.89
N THR H 304 -34.46 -2.21 -0.89
CA THR H 304 -34.92 -2.74 0.39
C THR H 304 -36.28 -3.42 0.27
N THR H 305 -37.22 -2.77 -0.41
CA THR H 305 -38.56 -3.33 -0.53
C THR H 305 -38.53 -4.68 -1.25
N ARG H 306 -37.79 -4.78 -2.35
CA ARG H 306 -37.74 -6.03 -3.09
C ARG H 306 -37.01 -7.12 -2.32
N MET H 307 -35.97 -6.76 -1.56
CA MET H 307 -35.19 -7.75 -0.84
C MET H 307 -35.88 -8.24 0.42
N MET H 308 -36.78 -7.45 1.01
CA MET H 308 -37.47 -7.86 2.22
C MET H 308 -38.77 -8.62 1.94
N THR H 309 -39.49 -8.24 0.88
CA THR H 309 -40.80 -8.81 0.63
C THR H 309 -40.95 -9.46 -0.74
N GLY H 310 -40.06 -9.17 -1.69
CA GLY H 310 -40.23 -9.63 -3.04
C GLY H 310 -41.28 -8.90 -3.84
N VAL H 311 -41.90 -7.88 -3.25
CA VAL H 311 -42.98 -7.13 -3.90
C VAL H 311 -42.39 -5.96 -4.66
N GLY H 312 -42.85 -5.77 -5.88
CA GLY H 312 -42.37 -4.68 -6.70
C GLY H 312 -42.74 -4.92 -8.16
N ARG H 313 -42.24 -4.02 -9.01
CA ARG H 313 -42.47 -4.10 -10.44
C ARG H 313 -41.52 -3.16 -11.17
N PRO H 314 -40.94 -3.57 -12.30
CA PRO H 314 -40.14 -2.65 -13.09
C PRO H 314 -40.91 -1.39 -13.43
N GLN H 315 -40.25 -0.24 -13.25
CA GLN H 315 -40.96 1.04 -13.25
C GLN H 315 -41.52 1.36 -14.62
N PHE H 316 -40.80 1.02 -15.69
CA PHE H 316 -41.27 1.36 -17.03
C PHE H 316 -42.52 0.57 -17.40
N SER H 317 -42.49 -0.75 -17.18
CA SER H 317 -43.68 -1.57 -17.41
C SER H 317 -44.82 -1.19 -16.46
N ALA H 318 -44.48 -0.80 -15.23
CA ALA H 318 -45.49 -0.35 -14.28
C ALA H 318 -46.16 0.93 -14.77
N VAL H 319 -45.36 1.90 -15.24
CA VAL H 319 -45.91 3.19 -15.65
C VAL H 319 -46.76 3.03 -16.90
N VAL H 320 -46.23 2.32 -17.91
CA VAL H 320 -46.94 2.24 -19.20
C VAL H 320 -48.29 1.55 -19.02
N GLU H 321 -48.37 0.57 -18.13
CA GLU H 321 -49.66 -0.07 -17.85
C GLU H 321 -50.57 0.87 -17.08
N CYS H 322 -50.03 1.54 -16.04
CA CYS H 322 -50.83 2.48 -15.27
C CYS H 322 -51.19 3.72 -16.09
N ALA H 323 -50.32 4.13 -17.01
CA ALA H 323 -50.65 5.24 -17.89
C ALA H 323 -51.79 4.87 -18.84
N ALA H 324 -51.77 3.64 -19.38
CA ALA H 324 -52.82 3.21 -20.28
C ALA H 324 -54.17 3.16 -19.58
N ALA H 325 -54.20 2.66 -18.34
CA ALA H 325 -55.45 2.61 -17.58
C ALA H 325 -55.95 4.01 -17.23
N ALA H 326 -55.04 4.89 -16.81
CA ALA H 326 -55.46 6.22 -16.38
C ALA H 326 -56.03 7.04 -17.52
N ARG H 327 -55.53 6.84 -18.74
CA ARG H 327 -56.03 7.58 -19.89
C ARG H 327 -57.51 7.26 -20.15
N GLN H 328 -57.89 6.00 -20.02
CA GLN H 328 -59.27 5.60 -20.29
C GLN H 328 -60.25 6.23 -19.31
N LEU H 329 -59.78 6.70 -18.16
CA LEU H 329 -60.61 7.42 -17.21
C LEU H 329 -60.33 8.92 -17.18
N GLY H 330 -59.54 9.41 -18.12
CA GLY H 330 -59.24 10.83 -18.16
C GLY H 330 -58.30 11.31 -17.09
N GLY H 331 -57.55 10.40 -16.45
CA GLY H 331 -56.59 10.76 -15.44
C GLY H 331 -55.15 10.74 -15.97
N HIS H 332 -54.23 11.04 -15.06
CA HIS H 332 -52.81 11.09 -15.36
C HIS H 332 -52.03 10.36 -14.28
N VAL H 333 -50.76 10.06 -14.56
CA VAL H 333 -49.92 9.27 -13.66
C VAL H 333 -48.58 9.96 -13.48
N TRP H 334 -48.01 9.78 -12.29
CA TRP H 334 -46.67 10.25 -11.98
C TRP H 334 -45.72 9.07 -11.82
N ALA H 335 -44.57 9.15 -12.47
CA ALA H 335 -43.53 8.12 -12.36
C ALA H 335 -42.64 8.47 -11.17
N ASP H 336 -42.75 7.69 -10.10
CA ASP H 336 -42.06 7.96 -8.84
C ASP H 336 -41.10 6.82 -8.53
N GLY H 337 -39.80 7.10 -8.57
CA GLY H 337 -38.81 6.15 -8.12
C GLY H 337 -37.81 5.70 -9.16
N GLY H 338 -36.57 5.45 -8.73
CA GLY H 338 -35.56 4.86 -9.58
C GLY H 338 -34.95 5.79 -10.61
N VAL H 339 -35.33 7.06 -10.63
CA VAL H 339 -34.84 8.00 -11.62
C VAL H 339 -33.46 8.49 -11.20
N ARG H 340 -32.46 8.27 -12.05
CA ARG H 340 -31.10 8.70 -11.78
C ARG H 340 -30.44 9.46 -12.92
N HIS H 341 -31.03 9.46 -14.11
CA HIS H 341 -30.47 10.11 -15.28
C HIS H 341 -31.59 10.75 -16.07
N PRO H 342 -31.29 11.73 -16.92
CA PRO H 342 -32.33 12.29 -17.81
C PRO H 342 -32.99 11.23 -18.68
N ARG H 343 -32.29 10.12 -18.97
CA ARG H 343 -32.92 9.03 -19.69
C ARG H 343 -34.14 8.50 -18.97
N ASP H 344 -34.07 8.39 -17.64
CA ASP H 344 -35.20 7.88 -16.88
C ASP H 344 -36.39 8.83 -16.95
N VAL H 345 -36.13 10.13 -16.94
CA VAL H 345 -37.21 11.11 -17.09
C VAL H 345 -37.84 11.00 -18.47
N ALA H 346 -36.99 10.93 -19.51
CA ALA H 346 -37.51 10.86 -20.88
C ALA H 346 -38.32 9.59 -21.11
N LEU H 347 -37.85 8.46 -20.59
CA LEU H 347 -38.58 7.20 -20.79
C LEU H 347 -39.87 7.20 -19.99
N ALA H 348 -39.88 7.80 -18.81
CA ALA H 348 -41.10 7.90 -18.02
C ALA H 348 -42.17 8.68 -18.78
N LEU H 349 -41.77 9.77 -19.44
CA LEU H 349 -42.73 10.54 -20.23
C LEU H 349 -43.18 9.77 -21.46
N ALA H 350 -42.24 9.12 -22.15
CA ALA H 350 -42.61 8.30 -23.31
C ALA H 350 -43.56 7.18 -22.91
N ALA H 351 -43.37 6.61 -21.71
CA ALA H 351 -44.24 5.53 -21.25
C ALA H 351 -45.66 6.00 -20.97
N GLY H 352 -45.88 7.31 -20.83
CA GLY H 352 -47.21 7.85 -20.61
C GLY H 352 -47.39 8.65 -19.34
N ALA H 353 -46.37 8.76 -18.48
CA ALA H 353 -46.51 9.56 -17.27
C ALA H 353 -46.58 11.04 -17.61
N SER H 354 -47.39 11.77 -16.84
CA SER H 354 -47.51 13.21 -17.01
C SER H 354 -46.45 13.98 -16.23
N ASN H 355 -45.85 13.37 -15.21
CA ASN H 355 -44.81 14.00 -14.43
C ASN H 355 -43.93 12.91 -13.83
N VAL H 356 -42.68 13.27 -13.55
CA VAL H 356 -41.70 12.33 -13.02
C VAL H 356 -41.30 12.84 -11.64
N MET H 357 -41.48 12.00 -10.62
CA MET H 357 -41.15 12.37 -9.26
C MET H 357 -39.71 12.00 -8.95
N ILE H 358 -38.94 12.98 -8.49
CA ILE H 358 -37.51 12.82 -8.25
C ILE H 358 -37.22 13.18 -6.80
N GLY H 359 -36.56 12.27 -6.09
CA GLY H 359 -36.25 12.52 -4.70
C GLY H 359 -34.77 12.44 -4.37
N SER H 360 -34.29 11.22 -4.13
CA SER H 360 -32.93 11.04 -3.60
C SER H 360 -31.87 11.64 -4.51
N TRP H 361 -32.08 11.61 -5.83
CA TRP H 361 -31.12 12.21 -6.75
C TRP H 361 -30.90 13.68 -6.43
N PHE H 362 -31.97 14.40 -6.11
CA PHE H 362 -31.87 15.82 -5.80
C PHE H 362 -31.33 16.10 -4.41
N ALA H 363 -31.16 15.07 -3.57
CA ALA H 363 -30.62 15.30 -2.23
C ALA H 363 -29.19 15.78 -2.27
N GLY H 364 -28.43 15.38 -3.28
CA GLY H 364 -27.06 15.85 -3.43
C GLY H 364 -26.97 17.18 -4.15
N THR H 365 -27.68 18.18 -3.62
CA THR H 365 -27.68 19.53 -4.19
C THR H 365 -27.59 20.54 -3.05
N TYR H 366 -27.11 21.74 -3.40
CA TYR H 366 -27.00 22.81 -2.41
C TYR H 366 -28.35 23.13 -1.77
N GLU H 367 -29.44 22.96 -2.52
CA GLU H 367 -30.76 23.37 -2.05
C GLU H 367 -31.41 22.34 -1.13
N SER H 368 -30.85 21.14 -1.01
CA SER H 368 -31.42 20.14 -0.12
C SER H 368 -31.18 20.53 1.33
N PRO H 369 -32.07 20.12 2.24
CA PRO H 369 -31.91 20.53 3.65
C PRO H 369 -30.73 19.90 4.36
N GLY H 370 -30.23 18.77 3.88
CA GLY H 370 -29.16 18.08 4.57
C GLY H 370 -27.86 18.86 4.56
N ASP H 371 -26.95 18.44 5.43
CA ASP H 371 -25.65 19.08 5.57
C ASP H 371 -24.68 18.58 4.51
N LEU H 372 -23.85 19.48 4.01
CA LEU H 372 -22.82 19.11 3.04
C LEU H 372 -21.68 18.42 3.78
N LEU H 373 -21.34 17.20 3.34
CA LEU H 373 -20.31 16.40 3.98
C LEU H 373 -19.24 16.03 2.97
N PHE H 374 -18.10 15.56 3.47
CA PHE H 374 -16.96 15.19 2.64
C PHE H 374 -16.51 13.78 3.00
N ASP H 375 -16.13 13.00 1.99
CA ASP H 375 -15.72 11.63 2.18
C ASP H 375 -14.22 11.57 2.47
N ARG H 376 -13.65 10.37 2.43
CA ARG H 376 -12.21 10.22 2.64
C ARG H 376 -11.39 10.83 1.51
N ASP H 377 -11.99 11.04 0.34
CA ASP H 377 -11.35 11.71 -0.77
C ASP H 377 -11.66 13.20 -0.81
N ASP H 378 -12.30 13.73 0.23
CA ASP H 378 -12.70 15.13 0.34
C ASP H 378 -13.72 15.53 -0.72
N ARG H 379 -14.47 14.56 -1.25
CA ARG H 379 -15.43 14.99 -2.26
C ARG H 379 -16.78 15.27 -1.62
N PRO H 380 -17.46 16.33 -2.05
CA PRO H 380 -18.73 16.71 -1.41
C PRO H 380 -19.83 15.71 -1.70
N TYR H 381 -20.69 15.50 -0.70
CA TYR H 381 -21.85 14.63 -0.84
C TYR H 381 -22.83 14.94 0.30
N LYS H 382 -24.04 14.44 0.16
CA LYS H 382 -25.05 14.54 1.20
C LYS H 382 -25.74 13.19 1.38
N GLU H 383 -26.28 12.97 2.57
CA GLU H 383 -26.91 11.70 2.92
C GLU H 383 -28.40 11.79 2.61
N SER H 384 -28.84 11.00 1.64
CA SER H 384 -30.27 10.82 1.40
C SER H 384 -30.76 9.63 2.22
N TYR H 385 -32.05 9.65 2.56
CA TYR H 385 -32.63 8.59 3.36
C TYR H 385 -34.12 8.48 3.09
N GLY H 386 -34.65 7.27 3.24
CA GLY H 386 -36.03 7.01 2.96
C GLY H 386 -36.95 7.43 4.10
N MET H 387 -38.26 7.44 3.80
CA MET H 387 -39.25 7.86 4.78
C MET H 387 -39.63 6.75 5.76
N ALA H 388 -39.39 5.49 5.40
CA ALA H 388 -39.65 4.36 6.29
C ALA H 388 -41.11 4.30 6.72
N SER H 389 -41.39 4.49 8.01
CA SER H 389 -42.72 4.25 8.55
C SER H 389 -43.72 5.34 8.20
N LYS H 390 -43.27 6.54 7.84
CA LYS H 390 -44.20 7.61 7.52
C LYS H 390 -44.96 7.34 6.22
N ARG H 391 -44.57 6.32 5.47
CA ARG H 391 -45.34 5.85 4.31
C ARG H 391 -46.04 4.53 4.59
N ALA H 392 -46.00 4.05 5.83
CA ALA H 392 -46.60 2.77 6.21
C ALA H 392 -47.83 3.00 7.07
N VAL H 393 -48.78 2.08 6.94
CA VAL H 393 -50.01 2.17 7.74
C VAL H 393 -49.71 1.74 9.17
N ALA H 394 -50.19 2.54 10.13
CA ALA H 394 -49.98 2.26 11.54
C ALA H 394 -51.30 2.19 12.30
N SER H 401 -49.10 -0.36 25.68
CA SER H 401 -48.28 0.52 26.51
C SER H 401 -46.86 0.59 25.98
N SER H 402 -45.88 0.52 26.89
CA SER H 402 -44.49 0.41 26.47
C SER H 402 -44.23 -0.90 25.76
N PHE H 403 -44.93 -1.98 26.16
CA PHE H 403 -44.88 -3.23 25.41
C PHE H 403 -45.33 -3.01 23.97
N ASP H 404 -46.38 -2.22 23.77
CA ASP H 404 -46.85 -1.91 22.42
C ASP H 404 -45.80 -1.14 21.63
N ARG H 405 -45.17 -0.14 22.27
CA ARG H 405 -44.12 0.63 21.60
C ARG H 405 -43.00 -0.28 21.09
N ALA H 406 -42.56 -1.22 21.91
CA ALA H 406 -41.43 -2.07 21.53
C ALA H 406 -41.79 -3.00 20.38
N ARG H 407 -42.90 -3.72 20.48
CA ARG H 407 -43.27 -4.68 19.45
C ARG H 407 -43.42 -4.02 18.09
N LYS H 408 -44.09 -2.85 18.04
CA LYS H 408 -44.20 -2.11 16.79
C LYS H 408 -42.83 -1.69 16.28
N GLY H 409 -42.03 -1.07 17.16
CA GLY H 409 -40.70 -0.63 16.76
C GLY H 409 -39.79 -1.75 16.32
N LEU H 410 -39.99 -2.94 16.87
CA LEU H 410 -39.18 -4.10 16.49
C LEU H 410 -39.33 -4.41 15.01
N PHE H 411 -40.55 -4.47 14.51
CA PHE H 411 -40.82 -4.82 13.12
C PHE H 411 -40.76 -3.65 12.16
N GLU H 412 -40.54 -2.43 12.65
CA GLU H 412 -40.52 -1.26 11.78
C GLU H 412 -39.47 -1.41 10.69
N GLU H 413 -39.74 -0.80 9.54
CA GLU H 413 -38.76 -0.72 8.47
C GLU H 413 -37.70 0.32 8.83
N GLY H 414 -36.44 -0.10 8.82
CA GLY H 414 -35.37 0.81 9.20
C GLY H 414 -35.14 1.89 8.15
N ILE H 415 -34.45 2.94 8.58
CA ILE H 415 -34.10 4.05 7.70
C ILE H 415 -32.80 3.69 6.99
N SER H 416 -32.86 3.62 5.66
CA SER H 416 -31.69 3.33 4.84
C SER H 416 -31.04 4.64 4.43
N THR H 417 -29.71 4.70 4.56
CA THR H 417 -28.94 5.89 4.23
C THR H 417 -28.11 5.63 2.99
N SER H 418 -28.13 6.58 2.06
CA SER H 418 -27.39 6.47 0.80
C SER H 418 -26.67 7.78 0.53
N ARG H 419 -25.44 7.68 0.07
CA ARG H 419 -24.62 8.86 -0.21
C ARG H 419 -24.87 9.33 -1.64
N MET H 420 -25.32 10.57 -1.78
CA MET H 420 -25.57 11.20 -3.07
C MET H 420 -24.49 12.24 -3.30
N SER H 421 -23.51 11.90 -4.13
CA SER H 421 -22.38 12.80 -4.36
C SER H 421 -22.81 14.02 -5.15
N LEU H 422 -22.22 15.16 -4.81
CA LEU H 422 -22.47 16.41 -5.53
C LEU H 422 -21.54 16.48 -6.74
N ASP H 423 -22.10 16.80 -7.90
CA ASP H 423 -21.31 17.00 -9.10
C ASP H 423 -20.54 18.31 -8.97
N PRO H 424 -19.21 18.30 -9.03
CA PRO H 424 -18.46 19.56 -8.92
C PRO H 424 -18.81 20.59 -9.99
N ALA H 425 -19.40 20.16 -11.10
CA ALA H 425 -19.87 21.09 -12.13
C ALA H 425 -21.37 21.31 -12.07
N ARG H 426 -22.12 20.48 -11.34
CA ARG H 426 -23.56 20.58 -11.21
C ARG H 426 -23.96 20.49 -9.74
N GLY H 427 -23.38 21.34 -8.92
CA GLY H 427 -23.62 21.27 -7.48
C GLY H 427 -25.03 21.68 -7.08
N GLY H 428 -25.66 22.57 -7.84
CA GLY H 428 -27.01 23.01 -7.53
C GLY H 428 -28.08 22.20 -8.24
N VAL H 429 -29.27 22.22 -7.65
CA VAL H 429 -30.40 21.50 -8.25
C VAL H 429 -30.77 22.09 -9.59
N GLU H 430 -30.56 23.40 -9.78
CA GLU H 430 -30.86 24.02 -11.07
C GLU H 430 -29.98 23.46 -12.18
N ASP H 431 -28.75 23.07 -11.85
CA ASP H 431 -27.90 22.43 -12.86
C ASP H 431 -28.41 21.06 -13.24
N LEU H 432 -28.96 20.32 -12.27
CA LEU H 432 -29.58 19.04 -12.59
C LEU H 432 -30.83 19.22 -13.43
N LEU H 433 -31.58 20.29 -13.21
CA LEU H 433 -32.74 20.57 -14.06
C LEU H 433 -32.31 20.91 -15.48
N ASP H 434 -31.20 21.64 -15.63
CA ASP H 434 -30.64 21.87 -16.95
C ASP H 434 -30.25 20.55 -17.61
N HIS H 435 -29.63 19.65 -16.83
CA HIS H 435 -29.23 18.35 -17.37
C HIS H 435 -30.44 17.53 -17.79
N ILE H 436 -31.50 17.54 -16.98
CA ILE H 436 -32.69 16.73 -17.28
C ILE H 436 -33.43 17.30 -18.49
N THR H 437 -33.72 18.61 -18.47
CA THR H 437 -34.53 19.20 -19.53
C THR H 437 -33.80 19.19 -20.88
N SER H 438 -32.48 19.34 -20.87
CA SER H 438 -31.73 19.27 -22.12
C SER H 438 -31.90 17.91 -22.78
N GLY H 439 -31.87 16.83 -21.99
CA GLY H 439 -32.07 15.50 -22.56
C GLY H 439 -33.49 15.29 -23.05
N VAL H 440 -34.49 15.71 -22.26
CA VAL H 440 -35.88 15.53 -22.65
C VAL H 440 -36.20 16.35 -23.89
N ARG H 441 -35.73 17.61 -23.94
CA ARG H 441 -35.92 18.42 -25.13
C ARG H 441 -35.25 17.78 -26.34
N SER H 442 -34.05 17.22 -26.14
CA SER H 442 -33.37 16.54 -27.24
C SER H 442 -34.09 15.25 -27.61
N THR H 443 -34.65 14.55 -26.63
CA THR H 443 -35.43 13.36 -26.91
C THR H 443 -36.59 13.66 -27.85
N CYS H 444 -37.36 14.71 -27.54
CA CYS H 444 -38.51 15.06 -28.37
C CYS H 444 -38.08 15.39 -29.80
N THR H 445 -36.94 16.06 -29.96
CA THR H 445 -36.42 16.33 -31.29
C THR H 445 -36.07 15.03 -32.02
N TYR H 446 -35.58 14.03 -31.29
CA TYR H 446 -35.31 12.73 -31.92
C TYR H 446 -36.61 12.04 -32.30
N VAL H 447 -37.66 12.18 -31.48
CA VAL H 447 -38.91 11.51 -31.76
C VAL H 447 -39.74 12.30 -32.77
N GLY H 448 -39.56 13.62 -32.82
CA GLY H 448 -40.37 14.47 -33.66
C GLY H 448 -41.56 15.11 -32.99
N ALA H 449 -41.54 15.25 -31.67
CA ALA H 449 -42.65 15.82 -30.91
C ALA H 449 -42.30 17.23 -30.48
N ALA H 450 -43.28 18.14 -30.58
CA ALA H 450 -43.13 19.51 -30.13
C ALA H 450 -43.61 19.72 -28.71
N ASN H 451 -44.18 18.70 -28.07
CA ASN H 451 -44.66 18.81 -26.71
C ASN H 451 -44.72 17.42 -26.09
N LEU H 452 -45.09 17.37 -24.82
CA LEU H 452 -45.10 16.12 -24.05
C LEU H 452 -46.23 15.17 -24.47
N PRO H 453 -47.46 15.65 -24.70
CA PRO H 453 -48.49 14.74 -25.24
C PRO H 453 -48.10 14.13 -26.58
N GLU H 454 -47.46 14.91 -27.46
CA GLU H 454 -46.99 14.36 -28.72
C GLU H 454 -45.84 13.38 -28.50
N LEU H 455 -45.09 13.54 -27.42
CA LEU H 455 -44.01 12.60 -27.12
C LEU H 455 -44.55 11.19 -26.90
N HIS H 456 -45.54 11.05 -26.02
CA HIS H 456 -46.14 9.75 -25.77
C HIS H 456 -46.87 9.21 -27.00
N GLU H 457 -47.33 10.10 -27.88
CA GLU H 457 -48.09 9.66 -29.04
C GLU H 457 -47.19 9.19 -30.18
N LYS H 458 -46.02 9.81 -30.37
CA LYS H 458 -45.15 9.53 -31.49
C LYS H 458 -43.98 8.61 -31.14
N VAL H 459 -43.81 8.25 -29.88
CA VAL H 459 -42.63 7.50 -29.46
C VAL H 459 -42.72 6.07 -29.99
N VAL H 460 -41.61 5.57 -30.52
CA VAL H 460 -41.45 4.18 -30.92
C VAL H 460 -40.25 3.63 -30.18
N LEU H 461 -40.46 2.53 -29.45
CA LEU H 461 -39.44 1.99 -28.56
C LEU H 461 -39.05 0.58 -28.99
N GLY H 462 -37.89 0.14 -28.48
CA GLY H 462 -37.46 -1.23 -28.66
C GLY H 462 -36.84 -1.76 -27.38
N VAL H 463 -36.64 -3.07 -27.36
CA VAL H 463 -36.03 -3.76 -26.23
C VAL H 463 -34.61 -4.14 -26.62
N GLN H 464 -33.70 -4.08 -25.65
CA GLN H 464 -32.31 -4.45 -25.86
C GLN H 464 -31.90 -5.55 -24.89
N SER H 465 -30.83 -6.26 -25.25
CA SER H 465 -30.34 -7.35 -24.44
C SER H 465 -29.47 -6.82 -23.30
N ALA H 466 -28.98 -7.75 -22.46
CA ALA H 466 -28.13 -7.36 -21.33
C ALA H 466 -26.76 -6.86 -21.78
N ALA H 467 -26.36 -7.17 -23.01
CA ALA H 467 -25.07 -6.71 -23.54
C ALA H 467 -24.96 -5.20 -23.52
#